data_9GOS
#
_entry.id   9GOS
#
_cell.length_a   1.00
_cell.length_b   1.00
_cell.length_c   1.00
_cell.angle_alpha   90.00
_cell.angle_beta   90.00
_cell.angle_gamma   90.00
#
_symmetry.space_group_name_H-M   'P 1'
#
_entity_poly.entity_id   1
_entity_poly.type   'polypeptide(L)'
_entity_poly.pdbx_seq_one_letter_code
;MAASSPLVRLRRLALPLALVVLCAAAAHGQTLSSAVLTASNTIMATLSNVTTSTDCRAAFAYFDSNNATKAASPFANCTV
SGTTSVTLILASGVSYAAGDQLNIKVNQTTLNTTAGVPFVPAAAAAAVQPVLGAATLTTASSLVVKLPLSSGNTMPDGYA
TNMTICGAAVQLLSAAGAVKASPFSACLLAADTLTLTLTSSGTYAPGDVVNVVAGQSTLKNGATSYTKSAAGSVIRPTLT
TVSLATTTTILIGASAPVSLPANASADVCNSIFTVALKSGTALPTALSACMAGPAVTAITATFANGTTYSDGLTVTIKAN
QTLLRTGDQSASSPLFLPPASALVIAPTVLSASLTSATSITVQLPVSSTASGTLDAAGCNGAFELRAAGSSASKSSPFSA
CALASNNTALVLTLASASTYTAGDIFNVKSGQSLLQVGSTAYVPQAVSVLPTLSTAILVAASVVRVGLPVVSSIPAPYSA
DDCARSVIIAAANSTAAKAISGCVLSADGKALLVTLGAAYAAGDTVNVRTGQWQLRAGASVTLGPNYIAASTPVAIVPGF
SSAVLTSATQVTVQLPLASALPATISASECGDAFDLLDASGTTSRVSPWTGCSIGSNNTLVLNMTAGIYVVGDQVTPKSG
QTKLTFANTTAYGVLLTPINPILTAATTAMLTASSTIVVALPYAANLPASTNNGTVCNAAFDLVSAAGASRTAPFSACSI
SGGTTLTLTIASTASYTAGDRINVKSGNSAFLGSLSASGPAFVHAGTAIVITPTVVSTALISNTNVFVSLSAPTSASAFN
QSICNGAFDVSGLATPFTNCTLSADGTGISFLLASAGSVTSGVTTINVKSSQLFLLAAGSGSSDSPAFVPRGSALTISEA
KLAGAYLTAANTIIVKLSVAAAAVDGFSSSCNNVFTLFNSSGTARASPFSACTLSTDGLTVTLTTSSWVSTDKLNIRSDQ
TLLKVLGAANGPSYPALSSATEVSPAITSAHITSPTTIIVPLPVASDLTGSSCSFLVLTAATSNCALSNNGTLLTVTLSG
SYTIGDTININALNSALRGTSSTGALYQPVSGATAATIQPTIGAVQVTTSTRLLVTLPAAMSSPVPNPLTADACNAALDL
SGKSSPFAACTASGTTLTLDLASAFVPGDRLNVKSTNTALRLGTGASALFFQPLATSPANILNPTFVSAKATSTSVVVVS
LPAASTFVKSGSATAGLVKADCDTVLAMSSGSLVGSGNACDLNTTSSSQLIVTLAGTTYAPGQTINVLTTNTMLLAGSSS
GPAYQPRTITINPAYLSSDVVATAPDTVVVTLPVTSGLFAADGSSLGSTLTAAQCATVLEVKAGTTAKGLASCSLAGTTL
TVKLLGNNSDVYTGGDTFNFKDTNALLLAGSANTAPAYKALATAAVIVPNLYKAVASAGDTILITLPAASTFVVSGSAVL
SVSDTVCNTILTFTNSKTVKSGTNCVITGAVLSLTLNSAITDQTTVTINSGGQTTLVSGTGTTGPAYKAGTAAPISPAYL
TSAAARSATSIVVTLPFTSTVNGATLTKATCDTIVEVLNGGDATKPRTLDSGTPCTLATTLLTVNLAATESFAPGDTVRI
KSGNTVLLIGSAGGNAPYVQATTATPIALGYVTSSIATKATEIKVTLPVPITLIKAGVSVASLDKTDCDTLLTVASGTLA
ATGSCALSGTVLTITTTSTYTPGTTTVQFTAVASSASVKILGGAGTTGTIIAALSAASSVLPGYLTSAVISGANTFTLTL
PYAVTSGGNPTCSDIIEIKAANGAMKTFNGVCSVASATTVTGTTNEALLASDTVTLKGAQNALTTTTGSKIYAATAAINI
QPAYLTGAYAIDDKKFVVVLPYASTLAAGTCSSIVSVTDNNNGPAESGCSLALDGTGIYLTVTVSASLTATAWKVDFKAA
QTALTVGSTAWAPMATGTAKSLNAGATTWGSSIMTATAVATNVLEVTLPMSSYMADISSGCSPVTFSTANTAASCKLIGT
TSSPNSILQITLTAGYVAGAVSLANAAGLIKAGSASGTAIGAASTVTIKPTFVSAVATGPRTIVVALPIQSKIIKGAPTC
TGGAVTCSSGTATCQSGSPACSAAGTYTCTATDPTVGLTCAAPTVTCPASTTAACITGGSPGSIATAGNGPGCAAATTDG
GTAACGAGISAVCYSSSLTTAARCASGSAFSAANGNNCDDSASSIDLDPTCYTSSTMTATAVSDAALCTGWISGMPTCSS
SGKFACVSATGPTCTASTAPTCKSPFTGTANCAITFSCGGTGLVVPTCTGSFTGCSKGTTGDTCDDDIASPADCSTIFSL
TGGTATIAGCSNPGSDFTAPYTTTVTLATANWVPGTTLSVAADQAAAAATNYLKPTAAITLLYTTKPSGAVVIYPSISSA
TLTGPKSLQVTLPVAASVPSSGLSPADCNNIFQLYATGTTTPKTAAVFSACYLGADKQTFYLTLAAAAASTTNANTYAVK
DLINIKAGQSLLKADSATAANRLAFAPLPDALLIRPAITSAVATTIASAAVIKMQLPLTSNLGTVNCATTGIKVRVDDAT
DKTQANTGACSISSDANGAVLTLTLNQALGASDFTTGKGVSVVVVATSSADATKLQLFGGSDNTGPLYVTGSIPVYDVVT
PGQSIVSAKAIASNQVEIKLPAPSTITTGNTCANFLAFTPTRTISSCVYDAETQLVTATVDQFAAGDAVNIAGAPNLLKY
ATAAATLTDYAALAAAATVSPALVSAYTVDSTTIAVVLPATSSFYSGATNSATKVASLTDVECADVLTVLLAGKTNSAGV
SACATPSNCRTLFSGAACLLGTTSAGDTLLTIKLGASYAAGDAVDVWDKNAGLNGATAAAKPLRVGTNVQALYVPRRMPV
VIEPRIVSASATGARTIAVTLPVTSQLIDSTGTVISAPTQQQCASLVALPAGKSVASCAISSDFLTLTLTLAADFAPGDT
VNIASGQTLLRAWKSDVGPGYELSGPLYTPSASAVTVTLSFFVSATSTAANTIVVTLPFPVKMYDLAASPAEILAADGAT
PTKDNCDSVIRVIPSGSTIARTLVAPGAGVAPCVLSGSGTTITLTLDTTVSSYATGDRIDVGFGNSANLRGAATAAAVAN
TSPKYTTVATLNAAASAAVVTIGPSIVSAAAASPTQVKVTLSATGTITTTPATVDDCNKIVTFTPAKTLAATSPCSVAGT
TLTVNLDKATPYAGTDAVNIAAANSLAATTNPLKAGSLAFVAKATAVTIDPNLYTATAIDSLVYEVALPAASSVGSTALT
AAQCGAILSLTGGRTISSTVTAPCVLDTTKTLLTVSLGTAYADGDTVTLQSTQATPWLRAASDTGPAYKVGSTLIVKPTI
ASAKATTATTIEVTLPVTSVIWSTSGGAAVSTALTATECGKILSVKRGSGTVALSASGACSLSSSGSTTLTVTLASDQVF
QAGDKINILASNTDSANTDKYLVATTSSSGQAYIARSSDVVIAPGFINAAYAVGPNTLSVALPVVSSIATDNDCSTVVTV
RASATPTTTRTVSGACTVASDATGYYLVVTLAAGTPFVSGDEVLIKSGNTALVGSIAYASGAAGATKPIYANFDDAILTA
PTTVLVTMAAVTTVSFTSKADCDAVFVFSGAGNTTKTTSPIASCALAPDGLSVTITLSSADAYVPGDAINVVKDQTSAKV
GGVGGTNLVPYPTATTISPRPFGAKATLVAPTSVAFSLPAVSSLPAATAAADCNAAVRYTDVAGVDAVNPFTSCALTPDT
KGVVLNTASPIYKAGDVMNIKSGNAAVRWGPQASGAAYYPAAADVPVFATVATATLVDPSTVVLNLPTVSAIPDNFTVPD
CLRAIEFKTAAGVTKNGTVASCMLMPDRLGLQVKLLSAGNFSAGDTVNIKPEQAELRSSALATGPSYVPKLAAQVVNPAL
FANANLTSATAITVRLPFASALATGADCKAVLALLGAGGVAKNVSSCSLGADGVTLAVTIPAASFVGGDVLNIVPGQRAL
TLADGTTAYVPSKAGVLVTPNIVSATLTNATIVTVALPTASVLTSTAAADCNAAVVIARNGSAVASPLSACAVSADGLSL
TLTAAATYKPMAGDTVDVAVSQTVLRAGSATGPAYVPRPSPALITVPSPPPSPPPSPAPSPPPSPPLSTANYSARGLATG
PLSCNVLIGDLTVTTTAGNFTTIGMASYAGKDASYKGSCKDAVTGAVYTDDTVASTLPAGLTGLVLSPVTALASVWDLKS
VADLANTNKDYLRLFGVPVNASAYGTAVQLLAYDYYVKGFVALETPAVAVLNVEGMVAANLLMYTKFFDGLNTSVAGRDI
TAAQALAAGQYALAAVLEDSIAPINTTDPASILALLNVTYSVLTANATSAAGRRLLQTAPAPFTQLQAQATALAAAAAGS
NALVAAQQARLITAINAGTSISAAELTNIINEASKVIVAQSTVIATAATGLGSGAISPASFTSSYTGSALSTLVAQQQLA
ATPGSDVTAGPAPSPPSDKKKSNTGLIVGLVVGLVGGAIVITLIVVFIVMRRRKQNVAAAGQATA
;
_entity_poly.pdbx_strand_id   A
#
# COMPACT_ATOMS: atom_id res chain seq x y z
N GLY A 29 55.45 -18.22 54.72
CA GLY A 29 55.01 -18.92 55.91
C GLY A 29 54.34 -18.02 56.93
N GLN A 30 53.83 -16.88 56.44
CA GLN A 30 53.16 -15.92 57.31
C GLN A 30 51.73 -15.70 56.83
N THR A 31 51.53 -15.66 55.51
CA THR A 31 50.19 -15.59 54.95
C THR A 31 50.28 -15.99 53.48
N LEU A 32 49.68 -17.12 53.13
CA LEU A 32 49.71 -17.67 51.78
C LEU A 32 48.41 -18.42 51.55
N SER A 33 48.13 -18.78 50.29
CA SER A 33 46.82 -19.30 49.92
C SER A 33 46.80 -20.72 49.35
N SER A 34 47.58 -20.97 48.31
CA SER A 34 47.23 -22.01 47.35
C SER A 34 47.61 -23.40 47.83
N ALA A 35 47.14 -24.39 47.08
CA ALA A 35 47.42 -25.81 47.33
C ALA A 35 46.79 -26.61 46.21
N VAL A 36 47.28 -27.84 46.02
CA VAL A 36 46.71 -28.78 45.06
C VAL A 36 46.28 -30.03 45.84
N LEU A 37 44.99 -30.39 45.71
CA LEU A 37 44.43 -31.58 46.33
C LEU A 37 44.20 -32.60 45.22
N THR A 38 45.02 -33.64 45.19
CA THR A 38 45.07 -34.53 44.03
C THR A 38 44.15 -35.74 44.20
N ALA A 39 44.02 -36.27 45.40
CA ALA A 39 43.26 -37.49 45.63
C ALA A 39 42.43 -37.35 46.89
N SER A 40 41.70 -38.41 47.23
CA SER A 40 40.86 -38.40 48.41
C SER A 40 41.64 -38.55 49.71
N ASN A 41 42.97 -38.65 49.64
CA ASN A 41 43.77 -38.78 50.86
C ASN A 41 45.10 -38.04 50.80
N THR A 42 45.28 -37.08 49.89
CA THR A 42 46.57 -36.41 49.77
C THR A 42 46.36 -34.95 49.39
N ILE A 43 47.17 -34.08 49.99
CA ILE A 43 47.16 -32.65 49.72
C ILE A 43 48.60 -32.21 49.50
N MET A 44 48.77 -31.06 48.85
CA MET A 44 50.08 -30.43 48.71
C MET A 44 49.90 -28.93 48.80
N ALA A 45 50.86 -28.25 49.43
CA ALA A 45 50.79 -26.82 49.66
C ALA A 45 51.80 -26.10 48.77
N THR A 46 51.36 -24.96 48.23
CA THR A 46 52.22 -24.10 47.41
C THR A 46 52.56 -22.85 48.22
N LEU A 47 53.84 -22.53 48.30
CA LEU A 47 54.31 -21.44 49.14
C LEU A 47 55.17 -20.49 48.30
N SER A 48 55.66 -19.43 48.96
CA SER A 48 56.33 -18.36 48.24
C SER A 48 57.81 -18.64 48.03
N ASN A 49 58.50 -19.15 49.06
CA ASN A 49 59.95 -19.27 49.05
C ASN A 49 60.36 -20.74 49.02
N VAL A 50 61.48 -21.01 48.36
CA VAL A 50 62.01 -22.37 48.22
C VAL A 50 62.34 -22.91 49.61
N THR A 51 62.44 -24.24 49.71
CA THR A 51 62.68 -24.89 50.99
C THR A 51 63.43 -26.20 50.77
N THR A 52 64.13 -26.64 51.82
CA THR A 52 64.76 -27.96 51.86
C THR A 52 64.36 -28.72 53.11
N SER A 53 63.15 -28.51 53.61
CA SER A 53 62.72 -29.14 54.84
C SER A 53 62.60 -30.65 54.67
N THR A 54 62.82 -31.37 55.78
CA THR A 54 62.75 -32.83 55.76
C THR A 54 61.48 -33.35 56.42
N ASP A 55 60.84 -32.57 57.29
CA ASP A 55 59.67 -33.02 58.02
C ASP A 55 58.64 -31.89 58.08
N CYS A 56 57.36 -32.26 57.97
CA CYS A 56 56.27 -31.29 58.08
C CYS A 56 55.08 -31.85 58.86
N ARG A 57 55.20 -33.06 59.42
CA ARG A 57 54.02 -33.83 59.77
C ARG A 57 53.18 -33.13 60.83
N ALA A 58 53.83 -32.57 61.85
CA ALA A 58 53.14 -31.98 62.99
C ALA A 58 53.09 -30.46 62.94
N ALA A 59 52.91 -29.87 61.75
CA ALA A 59 52.93 -28.42 61.58
C ALA A 59 51.66 -27.88 60.96
N PHE A 60 50.51 -28.54 61.16
CA PHE A 60 49.28 -28.08 60.56
C PHE A 60 48.09 -28.47 61.43
N ALA A 61 47.00 -27.72 61.27
CA ALA A 61 45.75 -27.96 61.99
C ALA A 61 44.58 -27.81 61.03
N TYR A 62 43.50 -28.54 61.32
CA TYR A 62 42.40 -28.73 60.38
C TYR A 62 41.14 -28.11 60.97
N PHE A 63 40.60 -27.12 60.27
CA PHE A 63 39.24 -26.63 60.55
C PHE A 63 38.43 -26.62 59.25
N ASP A 64 37.26 -26.00 59.28
CA ASP A 64 36.45 -25.83 58.08
C ASP A 64 35.78 -24.47 58.12
N SER A 65 35.06 -24.15 57.03
CA SER A 65 34.28 -22.92 57.00
C SER A 65 33.18 -22.92 58.04
N ASN A 66 32.54 -24.06 58.28
CA ASN A 66 31.51 -24.18 59.31
C ASN A 66 32.07 -24.10 60.71
N ASN A 67 33.39 -24.17 60.87
CA ASN A 67 34.05 -24.07 62.16
C ASN A 67 33.79 -25.32 63.01
N ALA A 68 33.87 -26.49 62.38
CA ALA A 68 33.84 -27.78 63.07
C ALA A 68 35.21 -28.42 62.91
N THR A 69 35.89 -28.64 64.03
CA THR A 69 37.29 -29.03 64.00
C THR A 69 37.48 -30.41 63.37
N LYS A 70 38.66 -30.61 62.78
CA LYS A 70 39.03 -31.86 62.14
C LYS A 70 40.42 -32.30 62.57
N ALA A 71 41.01 -33.26 61.86
CA ALA A 71 42.20 -33.97 62.32
C ALA A 71 43.27 -33.05 62.88
N ALA A 72 43.64 -33.29 64.14
CA ALA A 72 44.66 -32.47 64.79
C ALA A 72 46.00 -32.59 64.07
N SER A 73 46.40 -33.82 63.73
CA SER A 73 47.60 -34.09 62.93
C SER A 73 47.12 -34.69 61.61
N PRO A 74 46.62 -33.87 60.69
CA PRO A 74 46.02 -34.43 59.48
C PRO A 74 46.96 -35.31 58.69
N PHE A 75 48.27 -35.10 58.81
CA PHE A 75 49.25 -35.69 57.91
C PHE A 75 50.14 -36.67 58.66
N ALA A 76 50.54 -37.73 57.98
CA ALA A 76 51.43 -38.75 58.53
C ALA A 76 52.86 -38.58 58.04
N ASN A 77 53.06 -38.00 56.86
CA ASN A 77 54.38 -37.89 56.26
C ASN A 77 54.45 -36.63 55.42
N CYS A 78 55.67 -36.12 55.22
CA CYS A 78 55.91 -34.98 54.35
C CYS A 78 57.23 -35.15 53.62
N THR A 79 57.28 -34.62 52.40
CA THR A 79 58.51 -34.54 51.63
C THR A 79 58.44 -33.29 50.75
N VAL A 80 59.62 -32.81 50.36
CA VAL A 80 59.69 -31.67 49.44
C VAL A 80 59.19 -32.12 48.07
N SER A 81 58.27 -31.34 47.48
CA SER A 81 57.61 -31.74 46.25
C SER A 81 57.59 -30.63 45.20
N GLY A 82 58.66 -29.84 45.11
CA GLY A 82 58.72 -28.82 44.09
C GLY A 82 59.71 -27.73 44.48
N THR A 83 59.63 -26.62 43.74
CA THR A 83 60.49 -25.48 44.03
C THR A 83 60.26 -24.96 45.44
N THR A 84 59.00 -24.84 45.84
CA THR A 84 58.63 -24.43 47.19
C THR A 84 57.57 -25.31 47.82
N SER A 85 56.95 -26.21 47.07
CA SER A 85 55.82 -26.98 47.59
C SER A 85 56.25 -27.90 48.72
N VAL A 86 55.29 -28.19 49.60
CA VAL A 86 55.45 -29.23 50.62
C VAL A 86 54.25 -30.15 50.52
N THR A 87 54.51 -31.42 50.19
CA THR A 87 53.44 -32.41 50.16
C THR A 87 53.01 -32.75 51.59
N LEU A 88 51.73 -33.09 51.74
CA LEU A 88 51.12 -33.32 53.05
C LEU A 88 50.11 -34.45 52.90
N ILE A 89 50.53 -35.67 53.23
CA ILE A 89 49.71 -36.85 53.00
C ILE A 89 48.83 -37.08 54.23
N LEU A 90 47.53 -37.15 54.02
CA LEU A 90 46.59 -37.35 55.13
C LEU A 90 46.65 -38.78 55.64
N ALA A 91 46.48 -38.94 56.95
CA ALA A 91 46.39 -40.25 57.56
C ALA A 91 44.98 -40.82 57.40
N SER A 92 44.79 -42.04 57.89
CA SER A 92 43.53 -42.74 57.73
C SER A 92 42.44 -42.08 58.58
N GLY A 93 41.19 -42.36 58.20
CA GLY A 93 40.05 -41.81 58.90
C GLY A 93 39.76 -40.36 58.59
N VAL A 94 40.30 -39.84 57.48
CA VAL A 94 40.13 -38.44 57.11
C VAL A 94 39.64 -38.37 55.67
N SER A 95 38.59 -37.59 55.44
CA SER A 95 38.05 -37.39 54.10
C SER A 95 37.78 -35.90 53.90
N TYR A 96 37.81 -35.47 52.64
CA TYR A 96 37.70 -34.06 52.34
C TYR A 96 36.31 -33.53 52.65
N ALA A 97 36.24 -32.24 52.95
CA ALA A 97 34.99 -31.53 53.14
C ALA A 97 35.12 -30.14 52.52
N ALA A 98 33.99 -29.55 52.17
CA ALA A 98 33.98 -28.24 51.52
C ALA A 98 34.67 -27.21 52.39
N GLY A 99 35.45 -26.34 51.75
CA GLY A 99 36.10 -25.26 52.47
C GLY A 99 37.08 -25.73 53.52
N ASP A 100 37.60 -26.94 53.38
CA ASP A 100 38.64 -27.43 54.29
C ASP A 100 39.71 -26.35 54.45
N GLN A 101 40.22 -26.23 55.67
CA GLN A 101 41.22 -25.21 55.96
C GLN A 101 42.38 -25.83 56.73
N LEU A 102 43.58 -25.36 56.42
CA LEU A 102 44.81 -25.84 57.02
C LEU A 102 45.63 -24.65 57.47
N ASN A 103 46.10 -24.67 58.72
CA ASN A 103 46.87 -23.57 59.28
C ASN A 103 48.07 -24.12 60.02
N ILE A 104 49.16 -23.34 60.01
CA ILE A 104 50.39 -23.77 60.67
C ILE A 104 50.14 -23.87 62.17
N LYS A 105 50.62 -24.95 62.77
CA LYS A 105 50.43 -25.18 64.19
C LYS A 105 51.51 -24.47 65.00
N VAL A 106 51.40 -24.57 66.33
CA VAL A 106 52.28 -23.83 67.22
C VAL A 106 53.61 -24.55 67.36
N ASN A 107 54.69 -23.77 67.45
CA ASN A 107 56.04 -24.29 67.70
C ASN A 107 56.44 -25.36 66.68
N GLN A 108 56.23 -25.05 65.40
CA GLN A 108 56.75 -25.88 64.32
C GLN A 108 58.12 -25.34 63.91
N THR A 109 59.14 -26.20 63.97
CA THR A 109 60.52 -25.77 63.76
C THR A 109 61.22 -26.48 62.62
N THR A 110 60.60 -27.49 62.00
CA THR A 110 61.26 -28.22 60.92
C THR A 110 61.10 -27.52 59.59
N LEU A 111 59.91 -27.02 59.29
CA LEU A 111 59.65 -26.35 58.02
C LEU A 111 60.23 -24.94 58.08
N ASN A 112 61.05 -24.59 57.08
CA ASN A 112 61.71 -23.30 57.02
C ASN A 112 61.92 -22.90 55.57
N THR A 113 61.94 -21.59 55.35
CA THR A 113 62.40 -21.06 54.07
C THR A 113 63.92 -21.05 54.03
N THR A 114 64.47 -20.98 52.82
CA THR A 114 65.93 -20.89 52.69
C THR A 114 66.47 -19.59 53.28
N ALA A 115 65.61 -18.59 53.47
CA ALA A 115 66.03 -17.34 54.11
C ALA A 115 66.29 -17.49 55.60
N GLY A 116 65.93 -18.64 56.19
CA GLY A 116 66.14 -18.85 57.61
C GLY A 116 64.95 -18.51 58.48
N VAL A 117 63.77 -18.34 57.90
CA VAL A 117 62.57 -17.95 58.63
C VAL A 117 61.65 -19.17 58.72
N PRO A 118 61.43 -19.74 59.90
CA PRO A 118 60.41 -20.79 60.02
C PRO A 118 59.01 -20.21 59.88
N PHE A 119 58.09 -21.09 59.49
CA PHE A 119 56.70 -20.66 59.35
C PHE A 119 56.12 -20.32 60.72
N VAL A 120 55.23 -19.34 60.73
CA VAL A 120 54.48 -18.98 61.93
C VAL A 120 53.00 -19.05 61.57
N PRO A 121 52.13 -19.18 62.57
CA PRO A 121 50.69 -19.26 62.28
C PRO A 121 50.22 -18.04 61.49
N ALA A 122 49.31 -18.28 60.55
CA ALA A 122 48.82 -17.25 59.66
C ALA A 122 47.52 -16.65 60.19
N ALA A 123 47.24 -15.42 59.75
CA ALA A 123 46.00 -14.75 60.14
C ALA A 123 44.78 -15.36 59.44
N ALA A 124 44.97 -15.97 58.28
CA ALA A 124 43.89 -16.64 57.57
C ALA A 124 44.40 -17.98 57.06
N ALA A 125 43.70 -19.05 57.45
CA ALA A 125 44.11 -20.40 57.08
C ALA A 125 43.93 -20.63 55.58
N ALA A 126 44.88 -21.33 54.98
CA ALA A 126 44.79 -21.65 53.55
C ALA A 126 43.60 -22.57 53.29
N ALA A 127 43.00 -22.44 52.12
CA ALA A 127 41.83 -23.21 51.74
C ALA A 127 42.26 -24.34 50.81
N VAL A 128 41.83 -25.56 51.12
CA VAL A 128 42.15 -26.73 50.31
C VAL A 128 41.13 -26.82 49.18
N GLN A 129 41.61 -26.79 47.94
CA GLN A 129 40.76 -26.84 46.77
C GLN A 129 41.27 -27.89 45.78
N PRO A 130 40.40 -28.45 44.95
CA PRO A 130 40.75 -29.65 44.21
C PRO A 130 41.38 -29.37 42.84
N VAL A 131 41.83 -30.45 42.21
CA VAL A 131 42.36 -30.43 40.85
C VAL A 131 41.99 -31.74 40.18
N LEU A 132 41.72 -31.68 38.87
CA LEU A 132 41.17 -32.82 38.15
C LEU A 132 42.02 -34.08 38.36
N GLY A 133 41.39 -35.23 38.14
CA GLY A 133 42.08 -36.51 38.24
C GLY A 133 42.77 -36.88 36.94
N ALA A 134 43.14 -38.15 36.84
CA ALA A 134 43.92 -38.62 35.71
C ALA A 134 43.10 -38.54 34.42
N ALA A 135 43.79 -38.76 33.30
CA ALA A 135 43.16 -38.72 31.98
C ALA A 135 43.80 -39.79 31.09
N THR A 136 42.97 -40.33 30.18
CA THR A 136 43.43 -41.27 29.17
C THR A 136 42.48 -41.21 27.99
N LEU A 137 43.02 -41.39 26.78
CA LEU A 137 42.23 -41.31 25.55
C LEU A 137 41.95 -42.74 25.09
N THR A 138 40.84 -43.30 25.59
CA THR A 138 40.52 -44.69 25.29
C THR A 138 40.23 -44.90 23.81
N THR A 139 39.48 -43.98 23.21
CA THR A 139 39.11 -44.08 21.80
C THR A 139 39.53 -42.80 21.09
N ALA A 140 39.74 -42.90 19.77
CA ALA A 140 40.28 -41.80 18.99
C ALA A 140 39.44 -40.53 19.07
N SER A 141 38.24 -40.59 19.63
CA SER A 141 37.39 -39.40 19.72
C SER A 141 36.73 -39.27 21.09
N SER A 142 37.22 -39.96 22.11
CA SER A 142 36.67 -39.87 23.45
C SER A 142 37.79 -39.67 24.45
N LEU A 143 37.60 -38.75 25.39
CA LEU A 143 38.54 -38.47 26.45
C LEU A 143 37.85 -38.76 27.77
N VAL A 144 38.47 -39.60 28.60
CA VAL A 144 37.94 -39.93 29.91
C VAL A 144 38.89 -39.38 30.96
N VAL A 145 38.32 -38.73 31.98
CA VAL A 145 39.08 -38.08 33.03
C VAL A 145 38.48 -38.49 34.37
N LYS A 146 39.30 -39.10 35.22
CA LYS A 146 38.89 -39.33 36.59
C LYS A 146 39.00 -38.03 37.38
N LEU A 147 38.43 -38.03 38.58
CA LEU A 147 38.36 -36.80 39.36
C LEU A 147 38.99 -37.04 40.74
N PRO A 148 39.54 -36.00 41.37
CA PRO A 148 40.19 -36.22 42.66
C PRO A 148 39.23 -36.71 43.73
N LEU A 149 37.98 -36.27 43.67
CA LEU A 149 36.97 -36.59 44.67
C LEU A 149 35.74 -37.15 43.96
N SER A 150 35.10 -38.13 44.58
CA SER A 150 34.09 -38.95 43.92
C SER A 150 32.66 -38.52 44.23
N SER A 151 32.48 -37.38 44.90
CA SER A 151 31.13 -36.93 45.23
C SER A 151 31.07 -35.42 45.21
N GLY A 152 29.86 -34.90 44.98
CA GLY A 152 29.60 -33.48 45.01
C GLY A 152 29.78 -32.77 43.69
N ASN A 153 30.36 -33.40 42.68
CA ASN A 153 30.63 -32.73 41.42
C ASN A 153 29.31 -32.47 40.68
N THR A 154 29.04 -31.20 40.40
CA THR A 154 27.83 -30.79 39.71
C THR A 154 28.15 -29.61 38.81
N MET A 155 27.31 -29.41 37.80
CA MET A 155 27.54 -28.41 36.77
C MET A 155 26.22 -27.77 36.38
N PRO A 156 26.26 -26.61 35.76
CA PRO A 156 25.01 -25.96 35.33
C PRO A 156 24.24 -26.84 34.37
N ASP A 157 22.91 -26.78 34.47
CA ASP A 157 22.07 -27.56 33.59
C ASP A 157 22.27 -27.14 32.15
N GLY A 158 22.23 -28.12 31.25
CA GLY A 158 22.50 -27.90 29.84
C GLY A 158 23.89 -28.26 29.39
N TYR A 159 24.75 -28.76 30.30
CA TYR A 159 26.09 -29.15 29.91
C TYR A 159 26.09 -30.26 28.88
N ALA A 160 25.01 -31.04 28.80
CA ALA A 160 24.95 -32.14 27.85
C ALA A 160 24.80 -31.67 26.42
N THR A 161 24.38 -30.42 26.21
CA THR A 161 24.14 -29.91 24.87
C THR A 161 24.68 -28.51 24.61
N ASN A 162 25.21 -27.81 25.62
CA ASN A 162 25.63 -26.43 25.47
C ASN A 162 27.15 -26.37 25.49
N MET A 163 27.75 -25.92 24.39
CA MET A 163 29.19 -25.72 24.37
C MET A 163 29.61 -24.54 25.23
N THR A 164 28.67 -23.66 25.58
CA THR A 164 28.95 -22.61 26.54
C THR A 164 28.99 -23.14 27.97
N ILE A 165 28.52 -24.37 28.19
CA ILE A 165 28.50 -24.96 29.52
C ILE A 165 29.64 -25.97 29.65
N CYS A 166 29.59 -27.04 28.85
CA CYS A 166 30.63 -28.07 28.93
C CYS A 166 31.99 -27.51 28.54
N GLY A 167 32.03 -26.71 27.47
CA GLY A 167 33.30 -26.22 26.96
C GLY A 167 34.00 -25.21 27.85
N ALA A 168 33.29 -24.64 28.82
CA ALA A 168 33.87 -23.68 29.74
C ALA A 168 34.44 -24.33 31.00
N ALA A 169 34.42 -25.66 31.08
CA ALA A 169 34.89 -26.33 32.29
C ALA A 169 36.41 -26.59 32.24
N VAL A 170 36.92 -27.00 31.08
CA VAL A 170 38.33 -27.34 30.94
C VAL A 170 38.85 -26.80 29.60
N GLN A 171 40.10 -26.35 29.61
CA GLN A 171 40.78 -25.84 28.43
C GLN A 171 41.76 -26.89 27.92
N LEU A 172 41.81 -27.07 26.60
CA LEU A 172 42.74 -27.98 25.95
C LEU A 172 43.84 -27.17 25.30
N LEU A 173 45.08 -27.44 25.67
CA LEU A 173 46.22 -26.61 25.28
C LEU A 173 47.28 -27.45 24.59
N SER A 174 47.85 -26.87 23.54
CA SER A 174 48.98 -27.50 22.88
C SER A 174 50.20 -27.48 23.81
N ALA A 175 51.32 -28.01 23.31
CA ALA A 175 52.56 -27.95 24.07
C ALA A 175 53.03 -26.51 24.24
N ALA A 176 52.72 -25.64 23.29
CA ALA A 176 53.10 -24.24 23.34
C ALA A 176 52.07 -23.38 24.09
N GLY A 177 50.94 -23.95 24.50
CA GLY A 177 49.95 -23.22 25.25
C GLY A 177 48.84 -22.59 24.42
N ALA A 178 48.71 -22.95 23.16
CA ALA A 178 47.67 -22.41 22.30
C ALA A 178 46.40 -23.22 22.51
N VAL A 179 45.41 -22.63 23.18
CA VAL A 179 44.17 -23.34 23.47
C VAL A 179 43.40 -23.57 22.17
N LYS A 180 42.68 -24.70 22.12
CA LYS A 180 41.94 -25.08 20.93
C LYS A 180 40.54 -24.49 20.95
N ALA A 181 40.00 -24.24 19.75
CA ALA A 181 38.70 -23.59 19.60
C ALA A 181 37.60 -24.64 19.59
N SER A 182 37.13 -24.97 20.80
CA SER A 182 35.99 -25.84 21.00
C SER A 182 36.10 -27.14 20.17
N PRO A 183 37.19 -27.90 20.34
CA PRO A 183 37.23 -29.23 19.73
C PRO A 183 36.28 -30.22 20.37
N PHE A 184 35.72 -29.89 21.54
CA PHE A 184 34.85 -30.79 22.25
C PHE A 184 33.43 -30.66 21.73
N SER A 185 32.56 -31.58 22.16
CA SER A 185 31.15 -31.50 21.78
C SER A 185 30.22 -31.67 22.98
N ALA A 186 30.63 -32.44 23.97
CA ALA A 186 29.73 -32.75 25.08
C ALA A 186 30.52 -33.22 26.29
N CYS A 187 29.85 -33.20 27.44
CA CYS A 187 30.43 -33.60 28.71
C CYS A 187 29.51 -34.64 29.36
N LEU A 188 30.10 -35.65 29.98
CA LEU A 188 29.35 -36.69 30.66
C LEU A 188 29.97 -36.92 32.04
N LEU A 189 29.14 -36.84 33.07
CA LEU A 189 29.61 -36.85 34.44
C LEU A 189 28.79 -37.82 35.27
N ALA A 190 29.49 -38.61 36.09
CA ALA A 190 28.83 -39.55 37.00
C ALA A 190 29.80 -39.92 38.10
N ALA A 191 29.49 -39.52 39.34
CA ALA A 191 30.34 -39.82 40.48
C ALA A 191 31.76 -39.31 40.27
N ASP A 192 32.74 -40.22 40.19
CA ASP A 192 34.14 -39.85 40.09
C ASP A 192 34.65 -39.74 38.66
N THR A 193 33.83 -40.10 37.68
CA THR A 193 34.25 -40.14 36.29
C THR A 193 33.67 -38.96 35.53
N LEU A 194 34.43 -38.49 34.54
CA LEU A 194 34.02 -37.41 33.66
C LEU A 194 34.51 -37.75 32.27
N THR A 195 33.84 -37.22 31.25
CA THR A 195 34.17 -37.59 29.89
C THR A 195 33.87 -36.43 28.96
N LEU A 196 34.82 -36.15 28.06
CA LEU A 196 34.67 -35.12 27.05
C LEU A 196 34.96 -35.70 25.68
N THR A 197 34.01 -35.54 24.77
CA THR A 197 34.06 -36.16 23.45
C THR A 197 34.49 -35.14 22.42
N LEU A 198 35.50 -35.49 21.64
CA LEU A 198 36.03 -34.59 20.62
C LEU A 198 35.10 -34.60 19.41
N THR A 199 35.57 -34.02 18.30
CA THR A 199 34.79 -33.93 17.08
C THR A 199 35.67 -34.26 15.89
N SER A 200 35.03 -34.49 14.74
CA SER A 200 35.78 -34.75 13.52
C SER A 200 36.63 -33.55 13.14
N SER A 201 36.07 -32.34 13.22
CA SER A 201 36.85 -31.14 12.97
C SER A 201 37.97 -30.98 13.98
N GLY A 202 37.66 -31.23 15.25
CA GLY A 202 38.66 -31.14 16.31
C GLY A 202 39.42 -32.43 16.50
N THR A 203 40.11 -32.87 15.44
CA THR A 203 40.86 -34.11 15.50
C THR A 203 41.95 -34.02 16.56
N TYR A 204 42.20 -35.13 17.24
CA TYR A 204 43.18 -35.19 18.30
C TYR A 204 44.60 -35.01 17.74
N ALA A 205 45.52 -34.66 18.62
CA ALA A 205 46.93 -34.55 18.28
C ALA A 205 47.75 -35.09 19.42
N PRO A 206 48.98 -35.54 19.17
CA PRO A 206 49.85 -35.97 20.25
C PRO A 206 50.42 -34.79 21.03
N GLY A 207 50.81 -35.06 22.26
CA GLY A 207 51.56 -34.09 23.05
C GLY A 207 50.73 -32.99 23.67
N ASP A 208 49.41 -33.07 23.61
CA ASP A 208 48.57 -32.02 24.17
C ASP A 208 48.39 -32.22 25.68
N VAL A 209 47.83 -31.20 26.32
CA VAL A 209 47.64 -31.19 27.78
C VAL A 209 46.24 -30.64 28.06
N VAL A 210 45.74 -30.94 29.26
CA VAL A 210 44.44 -30.46 29.70
C VAL A 210 44.58 -29.90 31.11
N ASN A 211 44.00 -28.72 31.33
CA ASN A 211 44.01 -28.09 32.64
C ASN A 211 42.77 -27.20 32.76
N VAL A 212 42.44 -26.86 34.00
CA VAL A 212 41.23 -26.09 34.28
C VAL A 212 41.53 -24.60 34.17
N VAL A 213 40.51 -23.80 33.87
CA VAL A 213 40.63 -22.36 33.76
C VAL A 213 40.31 -21.73 35.11
N ALA A 214 41.01 -20.65 35.44
CA ALA A 214 40.83 -20.01 36.74
C ALA A 214 39.44 -19.39 36.85
N GLY A 215 38.80 -19.62 38.00
CA GLY A 215 37.52 -18.99 38.28
C GLY A 215 36.33 -19.58 37.56
N GLN A 216 36.52 -20.69 36.85
CA GLN A 216 35.41 -21.30 36.13
C GLN A 216 34.28 -21.65 37.09
N SER A 217 33.07 -21.20 36.76
CA SER A 217 31.91 -21.38 37.62
C SER A 217 31.09 -22.61 37.27
N THR A 218 31.54 -23.42 36.31
CA THR A 218 30.76 -24.57 35.89
C THR A 218 30.96 -25.76 36.83
N LEU A 219 32.20 -26.21 36.98
CA LEU A 219 32.46 -27.44 37.73
C LEU A 219 32.51 -27.14 39.23
N LYS A 220 31.70 -27.85 39.99
CA LYS A 220 31.68 -27.77 41.44
C LYS A 220 32.24 -29.05 42.05
N ASN A 221 32.49 -28.99 43.36
CA ASN A 221 33.12 -30.07 44.10
C ASN A 221 32.42 -30.27 45.43
N GLY A 222 31.10 -30.25 45.40
CA GLY A 222 30.29 -30.20 46.61
C GLY A 222 29.77 -28.79 46.87
N ALA A 223 30.15 -28.23 48.01
CA ALA A 223 30.02 -26.79 48.24
C ALA A 223 31.30 -26.05 47.92
N THR A 224 31.87 -26.27 46.74
CA THR A 224 33.17 -25.72 46.38
C THR A 224 33.27 -25.67 44.86
N SER A 225 34.49 -25.47 44.35
CA SER A 225 34.70 -25.39 42.91
C SER A 225 36.12 -25.85 42.59
N TYR A 226 36.35 -26.15 41.31
CA TYR A 226 37.66 -26.58 40.84
C TYR A 226 38.46 -25.41 40.27
N THR A 227 39.76 -25.39 40.58
CA THR A 227 40.65 -24.31 40.17
C THR A 227 41.84 -24.88 39.41
N LYS A 228 42.37 -24.07 38.50
CA LYS A 228 43.49 -24.49 37.67
C LYS A 228 44.59 -25.13 38.51
N SER A 229 45.29 -26.09 37.92
CA SER A 229 46.30 -26.87 38.62
C SER A 229 47.69 -26.38 38.26
N ALA A 230 48.69 -26.97 38.92
CA ALA A 230 50.07 -26.49 38.78
C ALA A 230 50.60 -26.73 37.37
N ALA A 231 50.47 -27.96 36.87
CA ALA A 231 51.05 -28.33 35.59
C ALA A 231 50.06 -28.93 34.60
N GLY A 232 48.88 -29.36 35.04
CA GLY A 232 47.97 -30.05 34.16
C GLY A 232 48.32 -31.51 33.98
N SER A 233 47.57 -32.18 33.11
CA SER A 233 47.75 -33.59 32.83
C SER A 233 47.98 -33.77 31.34
N VAL A 234 49.13 -34.37 30.98
CA VAL A 234 49.44 -34.63 29.58
C VAL A 234 48.71 -35.89 29.15
N ILE A 235 48.02 -35.79 28.01
CA ILE A 235 47.20 -36.90 27.54
C ILE A 235 48.07 -37.98 26.91
N ARG A 236 47.69 -39.23 27.13
CA ARG A 236 48.39 -40.39 26.62
C ARG A 236 47.47 -41.20 25.71
N PRO A 237 47.91 -41.61 24.54
CA PRO A 237 47.13 -42.56 23.74
C PRO A 237 47.29 -43.97 24.31
N THR A 238 46.68 -44.93 23.62
CA THR A 238 46.61 -46.30 24.12
C THR A 238 46.28 -47.21 22.93
N LEU A 239 45.93 -48.47 23.24
CA LEU A 239 45.61 -49.46 22.23
C LEU A 239 44.09 -49.66 22.13
N THR A 240 43.65 -50.05 20.93
CA THR A 240 42.22 -50.23 20.68
C THR A 240 41.87 -51.61 20.13
N THR A 241 42.68 -52.15 19.21
CA THR A 241 42.35 -53.41 18.56
C THR A 241 43.63 -54.09 18.08
N VAL A 242 43.50 -55.39 17.79
CA VAL A 242 44.61 -56.21 17.34
C VAL A 242 44.05 -57.34 16.48
N SER A 243 44.82 -57.73 15.46
CA SER A 243 44.38 -58.75 14.51
C SER A 243 45.61 -59.39 13.88
N LEU A 244 45.37 -60.35 12.99
CA LEU A 244 46.45 -61.02 12.24
C LEU A 244 46.75 -60.25 10.97
N ALA A 245 47.97 -59.76 10.84
CA ALA A 245 48.37 -59.08 9.61
C ALA A 245 48.66 -60.09 8.50
N THR A 246 49.45 -61.11 8.81
CA THR A 246 49.70 -62.20 7.87
C THR A 246 49.45 -63.52 8.59
N THR A 247 49.80 -64.63 7.94
CA THR A 247 49.57 -65.95 8.54
C THR A 247 50.39 -66.18 9.79
N THR A 248 51.41 -65.35 10.04
CA THR A 248 52.23 -65.53 11.23
C THR A 248 52.59 -64.20 11.90
N THR A 249 51.84 -63.12 11.62
CA THR A 249 52.10 -61.82 12.22
C THR A 249 50.77 -61.21 12.63
N ILE A 250 50.86 -60.10 13.38
CA ILE A 250 49.68 -59.46 13.96
C ILE A 250 49.78 -57.95 13.78
N LEU A 251 48.66 -57.35 13.36
CA LEU A 251 48.50 -55.90 13.31
C LEU A 251 47.99 -55.38 14.66
N ILE A 252 48.31 -54.12 14.95
CA ILE A 252 47.96 -53.49 16.22
C ILE A 252 47.54 -52.05 15.92
N GLY A 253 46.30 -51.72 16.24
CA GLY A 253 45.75 -50.39 15.99
C GLY A 253 45.85 -49.51 17.21
N ALA A 254 46.27 -48.26 16.98
CA ALA A 254 46.51 -47.29 18.05
C ALA A 254 45.63 -46.07 17.84
N SER A 255 45.39 -45.36 18.93
CA SER A 255 44.55 -44.17 18.92
C SER A 255 45.30 -42.90 18.57
N ALA A 256 46.61 -42.99 18.31
CA ALA A 256 47.40 -41.83 17.94
C ALA A 256 48.59 -42.31 17.13
N PRO A 257 49.26 -41.41 16.42
CA PRO A 257 50.44 -41.82 15.64
C PRO A 257 51.47 -42.50 16.54
N VAL A 258 52.10 -43.54 16.01
CA VAL A 258 52.99 -44.39 16.78
C VAL A 258 54.43 -44.08 16.44
N SER A 259 55.34 -44.55 17.29
CA SER A 259 56.77 -44.45 17.04
C SER A 259 57.48 -45.50 17.89
N LEU A 260 58.41 -46.20 17.27
CA LEU A 260 59.17 -47.25 17.93
C LEU A 260 60.64 -47.08 17.58
N PRO A 261 61.55 -47.60 18.41
CA PRO A 261 62.98 -47.46 18.12
C PRO A 261 63.31 -48.02 16.75
N ALA A 262 64.17 -47.30 16.02
CA ALA A 262 64.54 -47.72 14.68
C ALA A 262 65.20 -49.08 14.71
N ASN A 263 64.74 -49.98 13.84
CA ASN A 263 65.27 -51.34 13.75
C ASN A 263 65.48 -51.94 15.13
N ALA A 264 64.43 -51.84 15.95
CA ALA A 264 64.53 -52.26 17.34
C ALA A 264 64.97 -53.71 17.45
N SER A 265 65.64 -54.02 18.56
CA SER A 265 66.08 -55.39 18.82
C SER A 265 64.91 -56.23 19.32
N ALA A 266 65.10 -57.55 19.22
CA ALA A 266 64.05 -58.47 19.66
C ALA A 266 63.73 -58.29 21.13
N ASP A 267 64.77 -58.14 21.96
CA ASP A 267 64.55 -57.98 23.39
C ASP A 267 63.63 -56.79 23.68
N VAL A 268 63.85 -55.68 22.99
CA VAL A 268 62.98 -54.52 23.16
C VAL A 268 61.53 -54.91 22.89
N CYS A 269 61.29 -55.61 21.77
CA CYS A 269 59.93 -55.99 21.43
C CYS A 269 59.32 -56.90 22.49
N ASN A 270 60.11 -57.84 23.01
CA ASN A 270 59.61 -58.79 23.99
C ASN A 270 59.35 -58.15 25.35
N SER A 271 59.84 -56.93 25.58
CA SER A 271 59.69 -56.26 26.85
C SER A 271 58.49 -55.32 26.90
N ILE A 272 57.67 -55.28 25.84
CA ILE A 272 56.55 -54.37 25.75
C ILE A 272 55.21 -55.10 25.81
N PHE A 273 54.99 -56.03 24.90
CA PHE A 273 53.70 -56.70 24.75
C PHE A 273 53.75 -58.01 25.52
N THR A 274 53.23 -58.01 26.75
CA THR A 274 53.09 -59.25 27.48
C THR A 274 51.98 -60.07 26.84
N VAL A 275 52.31 -61.32 26.50
CA VAL A 275 51.47 -62.18 25.70
C VAL A 275 51.20 -63.46 26.49
N ALA A 276 49.93 -63.82 26.64
CA ALA A 276 49.54 -64.89 27.55
C ALA A 276 48.69 -65.93 26.84
N LEU A 277 48.95 -67.19 27.17
CA LEU A 277 48.16 -68.30 26.67
C LEU A 277 46.69 -68.13 27.06
N LYS A 278 45.84 -68.99 26.49
CA LYS A 278 44.40 -68.83 26.64
C LYS A 278 44.00 -68.69 28.11
N SER A 279 44.57 -69.50 28.99
CA SER A 279 44.17 -69.52 30.39
C SER A 279 44.90 -68.50 31.24
N GLY A 280 45.97 -67.88 30.72
CA GLY A 280 46.67 -66.83 31.44
C GLY A 280 48.13 -67.09 31.71
N THR A 281 48.70 -68.20 31.27
CA THR A 281 50.13 -68.42 31.48
C THR A 281 50.94 -67.51 30.56
N ALA A 282 52.01 -66.94 31.09
CA ALA A 282 52.80 -66.01 30.31
C ALA A 282 53.60 -66.74 29.23
N LEU A 283 53.95 -66.00 28.18
CA LEU A 283 54.80 -66.49 27.10
C LEU A 283 56.10 -65.70 27.11
N PRO A 284 57.21 -66.26 27.60
CA PRO A 284 58.43 -65.45 27.72
C PRO A 284 58.88 -64.80 26.43
N THR A 285 58.77 -65.49 25.29
CA THR A 285 59.21 -64.96 24.01
C THR A 285 58.11 -65.12 22.99
N ALA A 286 57.69 -64.02 22.38
CA ALA A 286 56.62 -64.06 21.39
C ALA A 286 56.99 -63.29 20.13
N LEU A 287 57.80 -62.24 20.26
CA LEU A 287 58.12 -61.35 19.15
C LEU A 287 59.61 -61.43 18.83
N SER A 288 59.92 -61.47 17.53
CA SER A 288 61.30 -61.41 17.06
C SER A 288 61.70 -60.03 16.57
N ALA A 289 60.77 -59.29 15.96
CA ALA A 289 61.02 -57.92 15.56
C ALA A 289 59.69 -57.17 15.54
N CYS A 290 59.76 -55.86 15.80
CA CYS A 290 58.58 -55.03 15.87
C CYS A 290 58.83 -53.74 15.12
N MET A 291 57.86 -53.31 14.31
CA MET A 291 58.02 -52.12 13.49
C MET A 291 56.64 -51.62 13.08
N ALA A 292 56.62 -50.44 12.45
CA ALA A 292 55.38 -49.74 12.16
C ALA A 292 54.47 -50.58 11.26
N GLY A 293 53.26 -50.08 11.06
CA GLY A 293 52.26 -50.75 10.26
C GLY A 293 51.98 -50.04 8.95
N PRO A 294 50.99 -50.52 8.20
CA PRO A 294 50.66 -49.86 6.94
C PRO A 294 50.29 -48.39 7.11
N ALA A 295 49.65 -48.04 8.21
CA ALA A 295 49.27 -46.67 8.51
C ALA A 295 50.12 -46.14 9.65
N VAL A 296 50.13 -44.82 9.79
CA VAL A 296 50.93 -44.17 10.83
C VAL A 296 50.45 -44.52 12.23
N THR A 297 49.22 -45.03 12.39
CA THR A 297 48.68 -45.43 13.67
C THR A 297 48.48 -46.93 13.77
N ALA A 298 49.34 -47.70 13.10
CA ALA A 298 49.27 -49.16 13.13
C ALA A 298 50.66 -49.73 13.36
N ILE A 299 50.70 -50.97 13.86
CA ILE A 299 51.94 -51.66 14.14
C ILE A 299 51.79 -53.11 13.71
N THR A 300 52.90 -53.74 13.35
CA THR A 300 52.91 -55.14 12.95
C THR A 300 54.11 -55.83 13.60
N ALA A 301 53.86 -56.99 14.21
CA ALA A 301 54.88 -57.73 14.93
C ALA A 301 54.77 -59.21 14.61
N THR A 302 55.78 -59.97 15.01
CA THR A 302 55.87 -61.38 14.68
C THR A 302 54.83 -62.19 15.45
N PHE A 303 54.74 -63.47 15.09
CA PHE A 303 53.80 -64.41 15.71
C PHE A 303 52.36 -63.98 15.49
N ALA A 304 51.42 -64.90 15.72
CA ALA A 304 50.02 -64.65 15.49
C ALA A 304 49.21 -65.50 16.45
N ASN A 305 47.92 -65.22 16.53
CA ASN A 305 47.02 -66.03 17.34
C ASN A 305 46.08 -66.84 16.44
N GLY A 306 45.17 -66.19 15.72
CA GLY A 306 44.23 -66.90 14.86
C GLY A 306 43.63 -68.12 15.51
N THR A 307 43.66 -68.18 16.83
CA THR A 307 43.40 -69.36 17.66
C THR A 307 44.30 -70.54 17.29
N THR A 308 45.28 -70.34 16.41
CA THR A 308 46.45 -71.19 16.38
C THR A 308 47.49 -70.66 17.36
N TYR A 309 48.42 -71.54 17.72
CA TYR A 309 49.56 -71.23 18.58
C TYR A 309 49.17 -71.03 20.05
N SER A 310 47.89 -70.74 20.33
CA SER A 310 47.38 -70.84 21.70
C SER A 310 45.92 -71.24 21.77
N ASP A 311 45.15 -70.92 20.71
CA ASP A 311 43.70 -71.12 20.68
C ASP A 311 42.94 -70.06 21.46
N GLY A 312 43.62 -69.19 22.20
CA GLY A 312 42.95 -68.13 22.93
C GLY A 312 43.74 -66.85 23.10
N LEU A 313 44.86 -66.74 22.39
CA LEU A 313 45.89 -65.75 22.73
C LEU A 313 45.30 -64.37 22.97
N THR A 314 46.00 -63.59 23.80
CA THR A 314 45.67 -62.19 24.05
C THR A 314 46.96 -61.40 24.23
N VAL A 315 46.87 -60.10 23.99
CA VAL A 315 48.01 -59.19 24.05
C VAL A 315 47.65 -58.03 24.98
N THR A 316 48.68 -57.41 25.55
CA THR A 316 48.49 -56.20 26.34
C THR A 316 49.84 -55.61 26.66
N ILE A 317 49.88 -54.29 26.76
CA ILE A 317 51.11 -53.58 27.11
C ILE A 317 51.41 -53.80 28.59
N LYS A 318 52.69 -53.88 28.92
CA LYS A 318 53.09 -54.13 30.29
C LYS A 318 52.86 -52.88 31.14
N ALA A 319 52.73 -53.11 32.45
CA ALA A 319 52.33 -52.04 33.36
C ALA A 319 53.33 -50.88 33.33
N ASN A 320 54.62 -51.20 33.37
CA ASN A 320 55.68 -50.19 33.43
C ASN A 320 56.37 -50.03 32.08
N GLN A 321 55.62 -50.09 30.99
CA GLN A 321 56.22 -50.04 29.67
C GLN A 321 57.07 -48.77 29.52
N THR A 322 57.96 -48.80 28.56
CA THR A 322 58.97 -47.76 28.47
C THR A 322 59.10 -47.12 27.10
N LEU A 323 58.93 -47.88 26.01
CA LEU A 323 59.41 -47.46 24.70
C LEU A 323 58.33 -47.16 23.67
N LEU A 324 57.08 -47.53 23.92
CA LEU A 324 55.99 -47.26 22.96
C LEU A 324 55.45 -45.86 23.23
N ARG A 325 55.76 -44.92 22.33
CA ARG A 325 55.42 -43.52 22.53
C ARG A 325 54.78 -42.95 21.28
N THR A 326 54.11 -41.81 21.47
CA THR A 326 53.38 -41.12 20.41
C THR A 326 54.04 -39.79 20.09
N GLY A 327 53.86 -39.33 18.85
CA GLY A 327 54.47 -38.09 18.40
C GLY A 327 55.91 -38.31 17.98
N ASP A 328 56.73 -38.80 18.90
CA ASP A 328 58.12 -39.12 18.61
C ASP A 328 58.66 -39.95 19.78
N GLN A 329 59.90 -40.37 19.65
CA GLN A 329 60.60 -41.12 20.69
C GLN A 329 61.24 -40.22 21.74
N SER A 330 60.87 -38.94 21.76
CA SER A 330 61.42 -38.01 22.74
C SER A 330 60.88 -38.32 24.13
N ALA A 331 61.60 -37.82 25.14
CA ALA A 331 61.24 -38.13 26.52
C ALA A 331 59.99 -37.38 26.97
N SER A 332 59.77 -36.18 26.44
CA SER A 332 58.64 -35.37 26.91
C SER A 332 57.30 -35.88 26.41
N SER A 333 57.27 -36.54 25.27
CA SER A 333 56.01 -36.96 24.68
C SER A 333 55.37 -38.07 25.52
N PRO A 334 54.04 -38.18 25.50
CA PRO A 334 53.36 -39.15 26.36
C PRO A 334 53.63 -40.59 25.94
N LEU A 335 53.40 -41.49 26.89
CA LEU A 335 53.53 -42.93 26.67
C LEU A 335 52.17 -43.54 26.34
N PHE A 336 52.19 -44.81 25.98
CA PHE A 336 50.97 -45.55 25.71
C PHE A 336 50.55 -46.33 26.96
N LEU A 337 49.50 -45.87 27.62
CA LEU A 337 49.03 -46.54 28.82
C LEU A 337 48.50 -47.93 28.47
N PRO A 338 48.67 -48.91 29.35
CA PRO A 338 48.09 -50.23 29.10
C PRO A 338 46.57 -50.15 29.07
N PRO A 339 45.91 -51.03 28.31
CA PRO A 339 44.45 -50.97 28.23
C PRO A 339 43.76 -51.37 29.52
N ALA A 340 42.43 -51.38 29.52
CA ALA A 340 41.69 -51.82 30.69
C ALA A 340 41.97 -53.29 30.98
N SER A 341 42.00 -54.12 29.95
CA SER A 341 42.35 -55.53 30.08
C SER A 341 42.92 -55.99 28.74
N ALA A 342 43.54 -57.17 28.77
CA ALA A 342 44.22 -57.66 27.57
C ALA A 342 43.26 -57.79 26.41
N LEU A 343 43.68 -57.31 25.25
CA LEU A 343 42.91 -57.41 24.03
C LEU A 343 43.04 -58.80 23.43
N VAL A 344 41.99 -59.26 22.77
CA VAL A 344 41.99 -60.56 22.11
C VAL A 344 42.40 -60.36 20.65
N ILE A 345 43.42 -61.10 20.21
CA ILE A 345 43.86 -61.00 18.83
C ILE A 345 42.75 -61.54 17.94
N ALA A 346 42.18 -60.68 17.11
CA ALA A 346 41.00 -61.02 16.34
C ALA A 346 41.40 -61.83 15.10
N PRO A 347 40.85 -63.03 14.90
CA PRO A 347 41.30 -63.90 13.82
C PRO A 347 40.72 -63.51 12.46
N THR A 348 41.24 -64.17 11.43
CA THR A 348 40.83 -63.94 10.04
C THR A 348 40.78 -65.29 9.33
N VAL A 349 40.72 -65.26 8.00
CA VAL A 349 40.70 -66.47 7.18
C VAL A 349 42.00 -66.54 6.37
N LEU A 350 42.28 -67.75 5.87
CA LEU A 350 43.55 -68.00 5.18
C LEU A 350 43.41 -67.82 3.67
N SER A 351 42.52 -68.58 3.03
CA SER A 351 42.40 -68.53 1.58
C SER A 351 41.09 -69.18 1.16
N ALA A 352 40.71 -68.90 -0.09
CA ALA A 352 39.60 -69.58 -0.74
C ALA A 352 40.05 -69.98 -2.14
N SER A 353 39.54 -71.12 -2.61
CA SER A 353 39.97 -71.66 -3.88
C SER A 353 38.81 -72.38 -4.56
N LEU A 354 38.56 -72.02 -5.82
CA LEU A 354 37.51 -72.66 -6.60
C LEU A 354 37.92 -74.08 -6.96
N THR A 355 37.03 -75.03 -6.71
CA THR A 355 37.27 -76.43 -7.01
C THR A 355 36.37 -76.92 -8.14
N SER A 356 35.06 -76.73 -8.01
CA SER A 356 34.09 -77.08 -9.03
C SER A 356 33.36 -75.82 -9.47
N ALA A 357 32.34 -76.01 -10.30
CA ALA A 357 31.53 -74.89 -10.78
C ALA A 357 30.46 -74.48 -9.78
N THR A 358 30.34 -75.18 -8.65
CA THR A 358 29.31 -74.89 -7.65
C THR A 358 29.84 -74.99 -6.23
N SER A 359 31.12 -74.65 -6.01
CA SER A 359 31.69 -74.81 -4.69
C SER A 359 32.98 -74.01 -4.56
N ILE A 360 33.12 -73.31 -3.43
CA ILE A 360 34.37 -72.70 -3.01
C ILE A 360 34.70 -73.24 -1.64
N THR A 361 35.97 -73.58 -1.42
CA THR A 361 36.45 -74.07 -0.14
C THR A 361 37.38 -73.04 0.48
N VAL A 362 37.19 -72.74 1.76
CA VAL A 362 37.93 -71.71 2.46
C VAL A 362 38.66 -72.35 3.63
N GLN A 363 39.97 -72.15 3.69
CA GLN A 363 40.78 -72.62 4.81
C GLN A 363 40.65 -71.66 5.98
N LEU A 364 40.42 -72.20 7.18
CA LEU A 364 40.38 -71.41 8.39
C LEU A 364 41.43 -71.92 9.37
N PRO A 365 42.18 -71.03 10.02
CA PRO A 365 43.25 -71.49 10.91
C PRO A 365 42.72 -72.29 12.10
N VAL A 366 43.10 -73.56 12.17
CA VAL A 366 42.73 -74.48 13.25
C VAL A 366 41.23 -74.53 13.46
N SER A 367 40.80 -75.34 14.42
CA SER A 367 39.38 -75.63 14.60
C SER A 367 38.59 -74.35 14.81
N SER A 368 37.28 -74.46 14.61
CA SER A 368 36.36 -73.35 14.83
C SER A 368 35.01 -73.88 15.31
N THR A 369 33.99 -73.04 15.32
CA THR A 369 32.67 -73.45 15.78
C THR A 369 31.60 -72.68 15.02
N ALA A 370 30.38 -73.22 15.03
CA ALA A 370 29.22 -72.58 14.44
C ALA A 370 28.16 -72.39 15.51
N SER A 371 27.61 -71.18 15.59
CA SER A 371 26.68 -70.81 16.66
C SER A 371 25.22 -70.84 16.22
N GLY A 372 24.94 -71.22 14.97
CA GLY A 372 23.56 -71.21 14.53
C GLY A 372 23.39 -71.97 13.22
N THR A 373 22.17 -71.92 12.71
CA THR A 373 21.86 -72.58 11.46
C THR A 373 22.63 -71.94 10.30
N LEU A 374 22.99 -72.76 9.32
CA LEU A 374 23.78 -72.33 8.18
C LEU A 374 22.92 -72.18 6.93
N ASP A 375 21.70 -71.67 7.10
CA ASP A 375 20.81 -71.45 5.98
C ASP A 375 21.38 -70.35 5.07
N ALA A 376 20.83 -70.27 3.85
CA ALA A 376 21.36 -69.34 2.87
C ALA A 376 21.33 -67.91 3.37
N ALA A 377 20.23 -67.50 4.01
CA ALA A 377 20.16 -66.16 4.56
C ALA A 377 21.20 -65.97 5.65
N GLY A 378 21.41 -66.98 6.49
CA GLY A 378 22.38 -66.85 7.57
C GLY A 378 23.79 -66.69 7.05
N CYS A 379 24.18 -67.53 6.08
CA CYS A 379 25.54 -67.46 5.55
C CYS A 379 25.78 -66.11 4.87
N ASN A 380 24.84 -65.67 4.04
CA ASN A 380 25.02 -64.41 3.34
C ASN A 380 25.04 -63.22 4.29
N GLY A 381 24.50 -63.37 5.49
CA GLY A 381 24.55 -62.30 6.47
C GLY A 381 25.88 -62.12 7.16
N ALA A 382 26.85 -62.98 6.86
CA ALA A 382 28.16 -62.92 7.49
C ALA A 382 29.28 -62.91 6.46
N PHE A 383 29.05 -63.54 5.31
CA PHE A 383 30.03 -63.66 4.24
C PHE A 383 29.59 -62.83 3.03
N GLU A 384 30.48 -62.71 2.06
CA GLU A 384 30.17 -61.97 0.85
C GLU A 384 31.12 -62.36 -0.27
N LEU A 385 30.76 -61.99 -1.49
CA LEU A 385 31.55 -62.27 -2.68
C LEU A 385 31.37 -61.12 -3.65
N ARG A 386 32.41 -60.31 -3.80
CA ARG A 386 32.32 -59.05 -4.53
C ARG A 386 33.25 -59.09 -5.73
N ALA A 387 32.85 -58.42 -6.81
CA ALA A 387 33.65 -58.31 -8.01
C ALA A 387 34.59 -57.12 -7.92
N ALA A 388 35.50 -57.05 -8.88
CA ALA A 388 36.49 -55.97 -8.88
C ALA A 388 35.82 -54.65 -9.20
N GLY A 389 35.83 -53.74 -8.22
CA GLY A 389 35.22 -52.43 -8.38
C GLY A 389 33.74 -52.37 -8.09
N SER A 390 33.11 -53.50 -7.77
CA SER A 390 31.67 -53.50 -7.53
C SER A 390 31.34 -52.68 -6.30
N SER A 391 30.37 -51.77 -6.44
CA SER A 391 29.93 -50.96 -5.30
C SER A 391 28.99 -51.72 -4.38
N ALA A 392 28.49 -52.88 -4.78
CA ALA A 392 27.62 -53.70 -3.95
C ALA A 392 28.03 -55.17 -4.11
N SER A 393 27.73 -55.95 -3.08
CA SER A 393 28.07 -57.37 -3.07
C SER A 393 27.01 -58.16 -3.82
N LYS A 394 27.41 -59.35 -4.28
CA LYS A 394 26.48 -60.24 -4.96
C LYS A 394 25.40 -60.68 -3.97
N SER A 395 24.15 -60.70 -4.43
CA SER A 395 23.03 -60.94 -3.55
C SER A 395 22.75 -62.44 -3.43
N SER A 396 22.76 -62.95 -2.21
CA SER A 396 22.43 -64.34 -1.93
C SER A 396 23.23 -65.30 -2.81
N PRO A 397 24.56 -65.28 -2.72
CA PRO A 397 25.37 -66.17 -3.58
C PRO A 397 25.53 -67.57 -3.02
N PHE A 398 25.43 -67.71 -1.70
CA PHE A 398 25.73 -68.97 -1.02
C PHE A 398 24.43 -69.73 -0.77
N SER A 399 24.37 -70.96 -1.27
CA SER A 399 23.19 -71.80 -1.11
C SER A 399 23.19 -72.56 0.22
N ALA A 400 24.31 -73.14 0.60
CA ALA A 400 24.40 -73.85 1.87
C ALA A 400 25.85 -73.89 2.32
N CYS A 401 26.23 -73.01 3.23
CA CYS A 401 27.58 -72.98 3.78
C CYS A 401 27.73 -74.09 4.83
N ALA A 402 28.89 -74.74 4.83
CA ALA A 402 29.11 -75.89 5.69
C ALA A 402 30.56 -75.90 6.17
N LEU A 403 30.85 -76.82 7.09
CA LEU A 403 32.18 -77.02 7.65
C LEU A 403 32.55 -78.50 7.56
N ALA A 404 33.84 -78.77 7.47
CA ALA A 404 34.34 -80.13 7.31
C ALA A 404 35.75 -80.21 7.88
N SER A 405 36.43 -81.31 7.59
CA SER A 405 37.80 -81.53 8.09
C SER A 405 37.75 -81.51 9.62
N ASN A 406 38.86 -81.13 10.26
CA ASN A 406 38.89 -80.94 11.71
C ASN A 406 38.39 -79.52 12.04
N ASN A 407 37.17 -79.25 11.60
CA ASN A 407 36.57 -77.91 11.74
C ASN A 407 37.47 -76.85 11.11
N THR A 408 38.04 -77.16 9.95
CA THR A 408 38.93 -76.25 9.25
C THR A 408 38.56 -76.01 7.80
N ALA A 409 37.61 -76.76 7.24
CA ALA A 409 37.25 -76.67 5.83
C ALA A 409 35.86 -76.04 5.71
N LEU A 410 35.83 -74.74 5.43
CA LEU A 410 34.57 -74.03 5.20
C LEU A 410 34.15 -74.26 3.76
N VAL A 411 33.31 -75.27 3.55
CA VAL A 411 32.84 -75.63 2.21
C VAL A 411 31.58 -74.81 1.93
N LEU A 412 31.75 -73.71 1.22
CA LEU A 412 30.62 -72.85 0.83
C LEU A 412 30.03 -73.39 -0.46
N THR A 413 28.90 -74.07 -0.35
CA THR A 413 28.19 -74.53 -1.54
C THR A 413 27.54 -73.33 -2.23
N LEU A 414 27.84 -73.15 -3.50
CA LEU A 414 27.25 -72.08 -4.29
C LEU A 414 25.96 -72.58 -4.96
N ALA A 415 25.37 -71.74 -5.81
CA ALA A 415 24.22 -72.15 -6.58
C ALA A 415 24.61 -73.20 -7.61
N SER A 416 23.65 -74.04 -7.98
CA SER A 416 23.92 -75.09 -8.95
C SER A 416 24.38 -74.53 -10.30
N ALA A 417 24.01 -73.29 -10.61
CA ALA A 417 24.39 -72.63 -11.85
C ALA A 417 24.94 -71.24 -11.57
N SER A 418 25.76 -71.12 -10.52
CA SER A 418 26.33 -69.84 -10.16
C SER A 418 27.30 -69.36 -11.24
N THR A 419 27.91 -68.20 -11.01
CA THR A 419 28.89 -67.65 -11.92
C THR A 419 29.99 -66.94 -11.17
N TYR A 420 31.23 -67.19 -11.57
CA TYR A 420 32.40 -66.51 -11.04
C TYR A 420 32.73 -65.30 -11.91
N THR A 421 33.45 -64.34 -11.34
CA THR A 421 33.89 -63.16 -12.06
C THR A 421 35.38 -62.97 -11.84
N ALA A 422 36.09 -62.67 -12.93
CA ALA A 422 37.55 -62.58 -12.92
C ALA A 422 38.06 -61.78 -11.73
N GLY A 423 38.94 -62.38 -10.94
CA GLY A 423 39.48 -61.71 -9.77
C GLY A 423 38.47 -61.44 -8.70
N ASP A 424 37.62 -62.43 -8.40
CA ASP A 424 36.64 -62.27 -7.34
C ASP A 424 37.33 -62.11 -5.99
N ILE A 425 36.65 -61.41 -5.07
CA ILE A 425 37.20 -61.10 -3.76
C ILE A 425 36.25 -61.66 -2.71
N PHE A 426 36.79 -62.45 -1.78
CA PHE A 426 36.06 -62.94 -0.63
C PHE A 426 36.37 -62.08 0.59
N ASN A 427 35.46 -62.10 1.56
CA ASN A 427 35.61 -61.32 2.78
C ASN A 427 34.50 -61.74 3.73
N VAL A 428 34.47 -61.12 4.91
CA VAL A 428 33.44 -61.36 5.91
C VAL A 428 32.88 -60.01 6.34
N LYS A 429 31.55 -59.89 6.28
CA LYS A 429 30.89 -58.64 6.65
C LYS A 429 31.32 -58.19 8.05
N SER A 430 31.18 -56.89 8.29
CA SER A 430 31.64 -56.31 9.53
C SER A 430 30.77 -56.75 10.70
N GLY A 431 31.43 -57.05 11.82
CA GLY A 431 30.71 -57.31 13.07
C GLY A 431 29.76 -58.49 13.01
N GLN A 432 30.19 -59.61 12.44
CA GLN A 432 29.35 -60.79 12.37
C GLN A 432 29.53 -61.64 13.63
N SER A 433 28.67 -62.64 13.78
CA SER A 433 28.78 -63.57 14.89
C SER A 433 28.42 -65.01 14.55
N LEU A 434 28.07 -65.32 13.30
CA LEU A 434 27.61 -66.67 12.99
C LEU A 434 28.74 -67.68 13.10
N LEU A 435 29.92 -67.34 12.59
CA LEU A 435 31.09 -68.20 12.67
C LEU A 435 31.96 -67.73 13.82
N GLN A 436 32.16 -68.60 14.80
CA GLN A 436 32.81 -68.24 16.05
C GLN A 436 34.06 -69.08 16.27
N VAL A 437 35.01 -68.51 17.01
CA VAL A 437 36.30 -69.14 17.24
C VAL A 437 36.77 -68.70 18.62
N GLY A 438 36.93 -69.66 19.54
CA GLY A 438 37.25 -69.31 20.91
C GLY A 438 36.22 -68.32 21.43
N SER A 439 36.69 -67.22 22.02
CA SER A 439 35.84 -66.11 22.39
C SER A 439 35.90 -64.95 21.41
N THR A 440 36.67 -65.09 20.33
CA THR A 440 36.77 -64.06 19.31
C THR A 440 35.82 -64.36 18.15
N ALA A 441 35.74 -63.41 17.22
CA ALA A 441 34.97 -63.59 16.00
C ALA A 441 35.81 -63.07 14.84
N TYR A 442 35.69 -63.75 13.70
CA TYR A 442 36.46 -63.35 12.53
C TYR A 442 36.12 -61.92 12.14
N VAL A 443 37.15 -61.12 11.90
CA VAL A 443 36.98 -59.71 11.53
C VAL A 443 37.38 -59.52 10.06
N PRO A 444 36.95 -58.44 9.42
CA PRO A 444 37.16 -58.33 7.97
C PRO A 444 38.64 -58.36 7.59
N GLN A 445 38.94 -59.16 6.58
CA GLN A 445 40.19 -59.05 5.82
C GLN A 445 40.00 -59.80 4.52
N ALA A 446 40.09 -59.10 3.39
CA ALA A 446 39.69 -59.64 2.10
C ALA A 446 40.80 -60.45 1.45
N VAL A 447 40.40 -61.48 0.72
CA VAL A 447 41.29 -62.34 -0.04
C VAL A 447 40.78 -62.46 -1.46
N SER A 448 41.65 -62.90 -2.36
CA SER A 448 41.28 -63.11 -3.76
C SER A 448 41.18 -64.60 -4.05
N VAL A 449 40.12 -64.99 -4.74
CA VAL A 449 39.89 -66.39 -5.07
C VAL A 449 40.76 -66.78 -6.26
N LEU A 450 41.24 -68.02 -6.26
CA LEU A 450 42.04 -68.55 -7.34
C LEU A 450 41.44 -69.86 -7.83
N PRO A 451 41.57 -70.18 -9.12
CA PRO A 451 40.94 -71.38 -9.67
C PRO A 451 41.85 -72.60 -9.65
N THR A 452 41.25 -73.73 -10.02
CA THR A 452 41.97 -75.00 -10.14
C THR A 452 41.27 -75.85 -11.20
N LEU A 453 41.80 -77.06 -11.42
CA LEU A 453 41.25 -77.94 -12.44
C LEU A 453 39.91 -78.51 -12.00
N SER A 454 39.20 -79.08 -12.97
CA SER A 454 37.90 -79.70 -12.70
C SER A 454 37.82 -81.17 -13.09
N THR A 455 38.37 -81.55 -14.24
CA THR A 455 38.28 -82.93 -14.71
C THR A 455 39.39 -83.18 -15.73
N ALA A 456 39.58 -84.46 -16.06
CA ALA A 456 40.54 -84.84 -17.08
C ALA A 456 40.11 -86.17 -17.67
N ILE A 457 39.99 -86.23 -19.00
CA ILE A 457 39.58 -87.43 -19.71
C ILE A 457 40.65 -87.74 -20.76
N LEU A 458 40.73 -89.02 -21.14
CA LEU A 458 41.51 -89.44 -22.31
C LEU A 458 40.52 -89.69 -23.45
N VAL A 459 40.49 -88.78 -24.41
CA VAL A 459 39.49 -88.83 -25.48
C VAL A 459 39.95 -89.68 -26.65
N ALA A 460 41.19 -89.50 -27.08
CA ALA A 460 41.80 -90.33 -28.11
C ALA A 460 42.93 -91.14 -27.48
N ALA A 461 43.60 -91.93 -28.30
CA ALA A 461 44.71 -92.73 -27.80
C ALA A 461 45.77 -91.84 -27.16
N SER A 462 45.94 -90.61 -27.64
CA SER A 462 47.01 -89.73 -27.18
C SER A 462 46.53 -88.30 -26.98
N VAL A 463 45.25 -88.10 -26.68
CA VAL A 463 44.70 -86.77 -26.41
C VAL A 463 43.94 -86.82 -25.09
N VAL A 464 44.10 -85.79 -24.27
CA VAL A 464 43.52 -85.72 -22.95
C VAL A 464 42.74 -84.41 -22.85
N ARG A 465 41.43 -84.52 -22.62
CA ARG A 465 40.55 -83.35 -22.53
C ARG A 465 40.37 -82.98 -21.07
N VAL A 466 41.20 -82.05 -20.59
CA VAL A 466 41.07 -81.55 -19.23
C VAL A 466 39.96 -80.51 -19.19
N GLY A 467 38.98 -80.71 -18.32
CA GLY A 467 37.95 -79.72 -18.13
C GLY A 467 38.40 -78.59 -17.21
N LEU A 468 37.78 -77.43 -17.40
CA LEU A 468 38.01 -76.27 -16.56
C LEU A 468 36.67 -75.70 -16.07
N PRO A 469 36.65 -75.04 -14.92
CA PRO A 469 35.37 -74.56 -14.37
C PRO A 469 34.85 -73.31 -15.07
N VAL A 470 35.74 -72.40 -15.44
CA VAL A 470 35.38 -71.16 -16.10
C VAL A 470 36.27 -70.96 -17.31
N VAL A 471 35.87 -70.03 -18.18
CA VAL A 471 36.65 -69.72 -19.37
C VAL A 471 38.10 -69.45 -18.97
N SER A 472 39.02 -69.83 -19.85
CA SER A 472 40.44 -69.68 -19.57
C SER A 472 41.15 -69.32 -20.87
N SER A 473 42.47 -69.20 -20.79
CA SER A 473 43.25 -68.80 -21.95
C SER A 473 44.72 -69.07 -21.70
N ILE A 474 45.47 -69.17 -22.79
CA ILE A 474 46.92 -69.38 -22.74
C ILE A 474 47.54 -68.34 -23.67
N PRO A 475 48.78 -67.95 -23.46
CA PRO A 475 49.34 -66.78 -24.16
C PRO A 475 49.78 -67.02 -25.60
N ALA A 476 48.80 -67.02 -26.51
CA ALA A 476 49.01 -67.09 -27.95
C ALA A 476 50.11 -68.09 -28.29
N PRO A 477 51.36 -67.72 -28.60
CA PRO A 477 52.35 -68.77 -28.90
C PRO A 477 52.63 -69.58 -27.64
N TYR A 478 52.41 -70.88 -27.72
CA TYR A 478 52.41 -71.74 -26.52
C TYR A 478 52.97 -73.10 -26.91
N SER A 479 54.25 -73.31 -26.63
CA SER A 479 54.97 -74.49 -27.07
C SER A 479 54.61 -75.70 -26.22
N ALA A 480 55.27 -76.82 -26.53
CA ALA A 480 55.16 -78.01 -25.69
C ALA A 480 56.02 -77.90 -24.45
N ASP A 481 57.00 -76.99 -24.46
CA ASP A 481 57.77 -76.73 -23.25
C ASP A 481 56.94 -76.04 -22.20
N ASP A 482 56.16 -75.03 -22.60
CA ASP A 482 55.33 -74.30 -21.64
C ASP A 482 54.27 -75.20 -21.02
N CYS A 483 53.64 -76.05 -21.82
CA CYS A 483 52.66 -76.97 -21.25
C CYS A 483 53.35 -77.93 -20.28
N ALA A 484 54.52 -78.43 -20.64
CA ALA A 484 55.28 -79.25 -19.70
C ALA A 484 55.74 -78.43 -18.50
N ARG A 485 55.78 -77.12 -18.63
CA ARG A 485 56.17 -76.26 -17.51
C ARG A 485 55.02 -76.09 -16.52
N SER A 486 53.78 -76.14 -17.00
CA SER A 486 52.62 -75.80 -16.17
C SER A 486 51.64 -76.94 -15.99
N VAL A 487 51.98 -78.17 -16.37
CA VAL A 487 51.17 -79.34 -16.04
C VAL A 487 52.08 -80.56 -15.97
N ILE A 488 51.79 -81.45 -15.02
CA ILE A 488 52.55 -82.67 -14.81
C ILE A 488 51.59 -83.84 -14.85
N ILE A 489 51.95 -84.86 -15.62
CA ILE A 489 51.29 -86.16 -15.57
C ILE A 489 52.28 -87.16 -15.00
N ALA A 490 51.96 -87.75 -13.86
CA ALA A 490 52.85 -88.65 -13.15
C ALA A 490 52.21 -90.01 -13.00
N ALA A 491 53.05 -91.04 -12.91
CA ALA A 491 52.55 -92.40 -12.83
C ALA A 491 51.84 -92.64 -11.50
N ALA A 492 51.11 -93.75 -11.43
CA ALA A 492 50.36 -94.08 -10.22
C ALA A 492 51.31 -94.25 -9.04
N ASN A 493 50.96 -93.63 -7.91
CA ASN A 493 51.80 -93.67 -6.71
C ASN A 493 53.22 -93.25 -7.02
N SER A 494 53.36 -92.18 -7.81
CA SER A 494 54.65 -91.62 -8.14
C SER A 494 54.51 -90.10 -8.28
N THR A 495 55.64 -89.42 -8.26
CA THR A 495 55.69 -87.97 -8.41
C THR A 495 56.68 -87.56 -9.50
N ALA A 496 56.94 -88.46 -10.45
CA ALA A 496 57.80 -88.19 -11.59
C ALA A 496 56.98 -87.72 -12.78
N ALA A 497 57.64 -87.02 -13.70
CA ALA A 497 56.96 -86.39 -14.82
C ALA A 497 56.87 -87.32 -16.02
N LYS A 498 55.82 -87.14 -16.82
CA LYS A 498 55.64 -87.81 -18.10
C LYS A 498 55.56 -86.76 -19.19
N ALA A 499 56.27 -87.00 -20.30
CA ALA A 499 56.41 -86.00 -21.34
C ALA A 499 55.11 -85.82 -22.14
N ILE A 500 55.02 -84.69 -22.83
CA ILE A 500 53.85 -84.34 -23.62
C ILE A 500 54.32 -83.68 -24.91
N SER A 501 53.60 -83.94 -26.01
CA SER A 501 53.98 -83.41 -27.31
C SER A 501 53.52 -81.97 -27.54
N GLY A 502 52.42 -81.56 -26.93
CA GLY A 502 51.91 -80.22 -27.12
C GLY A 502 50.51 -80.09 -26.56
N CYS A 503 50.04 -78.83 -26.51
CA CYS A 503 48.72 -78.53 -25.98
C CYS A 503 48.10 -77.38 -26.75
N VAL A 504 46.77 -77.37 -26.82
CA VAL A 504 46.02 -76.30 -27.45
C VAL A 504 44.70 -76.13 -26.71
N LEU A 505 44.28 -74.88 -26.53
CA LEU A 505 43.00 -74.59 -25.91
C LEU A 505 41.87 -75.12 -26.78
N SER A 506 40.67 -75.19 -26.20
CA SER A 506 39.50 -75.60 -26.95
C SER A 506 38.81 -74.38 -27.56
N ALA A 507 37.76 -74.64 -28.34
CA ALA A 507 37.07 -73.57 -29.05
C ALA A 507 36.38 -72.62 -28.08
N ASP A 508 35.59 -73.17 -27.15
CA ASP A 508 34.88 -72.34 -26.18
C ASP A 508 35.79 -71.85 -25.05
N GLY A 509 36.96 -72.46 -24.87
CA GLY A 509 37.91 -72.04 -23.88
C GLY A 509 37.78 -72.70 -22.52
N LYS A 510 36.73 -73.46 -22.29
CA LYS A 510 36.52 -74.14 -21.01
C LYS A 510 37.24 -75.48 -20.93
N ALA A 511 37.94 -75.88 -21.98
CA ALA A 511 38.66 -77.14 -21.99
C ALA A 511 40.07 -76.92 -22.51
N LEU A 512 40.96 -77.85 -22.16
CA LEU A 512 42.35 -77.83 -22.60
C LEU A 512 42.70 -79.24 -23.05
N LEU A 513 43.45 -79.34 -24.15
CA LEU A 513 43.75 -80.62 -24.78
C LEU A 513 45.26 -80.88 -24.75
N VAL A 514 45.65 -82.06 -24.27
CA VAL A 514 47.03 -82.43 -24.06
C VAL A 514 47.33 -83.67 -24.87
N THR A 515 48.46 -83.67 -25.57
CA THR A 515 48.89 -84.82 -26.36
C THR A 515 49.88 -85.63 -25.53
N LEU A 516 49.52 -86.87 -25.24
CA LEU A 516 50.39 -87.75 -24.47
C LEU A 516 51.53 -88.26 -25.34
N GLY A 517 52.75 -88.15 -24.81
CA GLY A 517 53.93 -88.64 -25.49
C GLY A 517 54.26 -90.09 -25.22
N ALA A 518 53.36 -90.80 -24.53
CA ALA A 518 53.62 -92.19 -24.17
C ALA A 518 52.30 -92.92 -24.05
N ALA A 519 52.38 -94.24 -23.94
CA ALA A 519 51.19 -95.06 -23.86
C ALA A 519 50.43 -94.78 -22.56
N TYR A 520 49.13 -95.04 -22.59
CA TYR A 520 48.27 -94.84 -21.43
C TYR A 520 48.19 -96.10 -20.59
N ALA A 521 48.37 -95.94 -19.28
CA ALA A 521 48.18 -97.02 -18.32
C ALA A 521 47.27 -96.52 -17.21
N ALA A 522 46.34 -97.37 -16.77
CA ALA A 522 45.39 -96.96 -15.75
C ALA A 522 46.12 -96.47 -14.51
N GLY A 523 45.70 -95.33 -14.00
CA GLY A 523 46.32 -94.71 -12.84
C GLY A 523 47.05 -93.42 -13.12
N ASP A 524 47.40 -93.14 -14.39
CA ASP A 524 48.09 -91.90 -14.69
C ASP A 524 47.26 -90.72 -14.22
N THR A 525 47.92 -89.76 -13.57
CA THR A 525 47.27 -88.62 -12.97
C THR A 525 47.91 -87.34 -13.48
N VAL A 526 47.17 -86.23 -13.41
CA VAL A 526 47.62 -84.93 -13.86
C VAL A 526 47.36 -83.91 -12.77
N ASN A 527 48.23 -82.91 -12.67
CA ASN A 527 48.03 -81.81 -11.74
C ASN A 527 48.66 -80.55 -12.33
N VAL A 528 48.37 -79.43 -11.69
CA VAL A 528 48.87 -78.13 -12.12
C VAL A 528 50.08 -77.78 -11.28
N ARG A 529 51.15 -77.34 -11.94
CA ARG A 529 52.42 -77.16 -11.25
C ARG A 529 52.43 -75.88 -10.43
N THR A 530 52.93 -75.98 -9.20
CA THR A 530 53.04 -74.82 -8.34
C THR A 530 53.92 -73.75 -9.00
N GLY A 531 53.51 -72.50 -8.86
CA GLY A 531 54.21 -71.40 -9.48
C GLY A 531 53.91 -71.18 -10.94
N GLN A 532 52.95 -71.93 -11.49
CA GLN A 532 52.59 -71.75 -12.89
C GLN A 532 51.69 -70.54 -13.07
N TRP A 533 51.96 -69.76 -14.10
CA TRP A 533 51.31 -68.46 -14.28
C TRP A 533 50.81 -68.20 -15.69
N GLN A 534 51.08 -69.07 -16.66
CA GLN A 534 50.64 -68.81 -18.03
C GLN A 534 49.19 -69.19 -18.25
N LEU A 535 48.60 -69.96 -17.34
CA LEU A 535 47.23 -70.43 -17.47
C LEU A 535 46.36 -69.59 -16.54
N ARG A 536 45.57 -68.70 -17.12
CA ARG A 536 44.77 -67.73 -16.38
C ARG A 536 43.31 -67.84 -16.76
N ALA A 537 42.44 -67.92 -15.75
CA ALA A 537 41.03 -67.76 -16.00
C ALA A 537 40.75 -66.39 -16.63
N GLY A 538 39.57 -66.25 -17.22
CA GLY A 538 39.21 -65.02 -17.90
C GLY A 538 39.53 -65.07 -19.38
N ALA A 539 38.82 -64.25 -20.17
CA ALA A 539 38.91 -64.37 -21.63
C ALA A 539 40.26 -63.91 -22.15
N SER A 540 40.92 -62.98 -21.48
CA SER A 540 42.22 -62.46 -21.90
C SER A 540 43.22 -62.63 -20.78
N VAL A 541 44.45 -63.03 -21.13
CA VAL A 541 45.44 -63.35 -20.11
C VAL A 541 45.81 -62.12 -19.29
N THR A 542 45.76 -60.92 -19.87
CA THR A 542 46.20 -59.72 -19.16
C THR A 542 45.28 -59.31 -18.02
N LEU A 543 44.26 -60.10 -17.69
CA LEU A 543 43.37 -59.73 -16.58
C LEU A 543 42.73 -61.01 -16.04
N GLY A 544 43.25 -61.52 -14.93
CA GLY A 544 42.68 -62.69 -14.28
C GLY A 544 43.65 -63.40 -13.36
N PRO A 545 43.13 -64.32 -12.55
CA PRO A 545 43.99 -65.12 -11.66
C PRO A 545 44.68 -66.25 -12.42
N ASN A 546 45.34 -67.12 -11.65
CA ASN A 546 46.09 -68.25 -12.19
C ASN A 546 45.70 -69.53 -11.49
N TYR A 547 45.50 -70.60 -12.27
CA TYR A 547 45.19 -71.89 -11.69
C TYR A 547 46.32 -72.32 -10.75
N ILE A 548 45.97 -73.06 -9.70
CA ILE A 548 46.94 -73.57 -8.75
C ILE A 548 46.61 -75.02 -8.42
N ALA A 549 47.59 -75.73 -7.89
CA ALA A 549 47.48 -77.17 -7.73
C ALA A 549 46.43 -77.51 -6.67
N ALA A 550 45.61 -78.51 -6.98
CA ALA A 550 44.74 -79.10 -5.97
C ALA A 550 45.52 -80.11 -5.14
N SER A 551 45.12 -80.25 -3.88
CA SER A 551 45.81 -81.17 -2.99
C SER A 551 45.86 -82.58 -3.56
N THR A 552 44.80 -83.03 -4.22
CA THR A 552 44.75 -84.34 -4.83
C THR A 552 44.79 -84.19 -6.35
N PRO A 553 45.80 -84.73 -7.04
CA PRO A 553 45.83 -84.62 -8.49
C PRO A 553 44.62 -85.26 -9.15
N VAL A 554 44.24 -84.73 -10.30
CA VAL A 554 43.06 -85.20 -11.01
C VAL A 554 43.40 -86.50 -11.73
N ALA A 555 42.82 -87.60 -11.28
CA ALA A 555 43.03 -88.88 -11.93
C ALA A 555 42.49 -88.84 -13.36
N ILE A 556 43.26 -89.38 -14.29
CA ILE A 556 42.86 -89.43 -15.69
C ILE A 556 42.09 -90.72 -15.94
N VAL A 557 40.93 -90.61 -16.57
CA VAL A 557 40.19 -91.78 -17.02
C VAL A 557 39.79 -91.55 -18.48
N PRO A 558 39.65 -92.58 -19.30
CA PRO A 558 39.28 -92.37 -20.71
C PRO A 558 37.80 -92.06 -20.91
N GLY A 559 37.37 -91.96 -22.16
CA GLY A 559 35.99 -91.66 -22.45
C GLY A 559 35.70 -91.80 -23.92
N PHE A 560 34.46 -91.48 -24.29
CA PHE A 560 34.01 -91.65 -25.67
C PHE A 560 34.79 -90.75 -26.62
N SER A 561 35.08 -91.28 -27.81
CA SER A 561 35.72 -90.54 -28.89
C SER A 561 34.69 -89.88 -29.79
N SER A 562 33.69 -90.64 -30.24
CA SER A 562 32.64 -90.14 -31.11
C SER A 562 31.57 -91.23 -31.21
N ALA A 563 30.55 -90.96 -32.02
CA ALA A 563 29.46 -91.91 -32.22
C ALA A 563 28.68 -91.53 -33.46
N VAL A 564 28.18 -92.53 -34.18
CA VAL A 564 27.55 -92.35 -35.48
C VAL A 564 26.29 -93.20 -35.56
N LEU A 565 25.24 -92.64 -36.13
CA LEU A 565 24.02 -93.42 -36.39
C LEU A 565 24.27 -94.41 -37.53
N THR A 566 23.84 -95.65 -37.32
CA THR A 566 24.03 -96.73 -38.29
C THR A 566 22.73 -97.31 -38.82
N SER A 567 21.61 -97.10 -38.13
CA SER A 567 20.32 -97.55 -38.60
C SER A 567 19.26 -96.87 -37.75
N ALA A 568 18.01 -97.31 -37.91
CA ALA A 568 16.94 -96.77 -37.08
C ALA A 568 17.15 -97.10 -35.60
N THR A 569 17.78 -98.23 -35.31
CA THR A 569 17.90 -98.74 -33.94
C THR A 569 19.32 -99.18 -33.64
N GLN A 570 20.30 -98.35 -33.95
CA GLN A 570 21.68 -98.69 -33.64
C GLN A 570 22.52 -97.42 -33.55
N VAL A 571 23.73 -97.58 -33.02
CA VAL A 571 24.73 -96.52 -33.02
C VAL A 571 26.07 -97.16 -32.71
N THR A 572 27.13 -96.63 -33.32
CA THR A 572 28.47 -97.11 -33.13
C THR A 572 29.24 -96.08 -32.29
N VAL A 573 30.10 -96.56 -31.41
CA VAL A 573 30.87 -95.71 -30.51
C VAL A 573 32.33 -96.13 -30.57
N GLN A 574 33.22 -95.15 -30.52
CA GLN A 574 34.66 -95.36 -30.72
C GLN A 574 35.39 -95.07 -29.42
N LEU A 575 36.24 -96.01 -29.00
CA LEU A 575 37.02 -95.90 -27.77
C LEU A 575 38.48 -96.18 -28.05
N PRO A 576 39.42 -95.45 -27.42
CA PRO A 576 40.83 -95.85 -27.47
C PRO A 576 41.21 -96.77 -26.32
N LEU A 577 40.56 -97.93 -26.26
CA LEU A 577 40.65 -98.81 -25.10
C LEU A 577 40.45 -100.26 -25.49
N ALA A 578 40.49 -101.12 -24.48
CA ALA A 578 39.80 -102.40 -24.49
C ALA A 578 38.53 -102.25 -23.66
N SER A 579 37.82 -103.35 -23.44
CA SER A 579 36.52 -103.25 -22.78
C SER A 579 36.09 -104.62 -22.28
N ALA A 580 35.04 -104.63 -21.45
CA ALA A 580 34.51 -105.84 -20.86
C ALA A 580 32.98 -105.83 -20.95
N LEU A 581 32.40 -107.07 -21.21
CA LEU A 581 30.97 -107.34 -21.30
C LEU A 581 30.40 -107.73 -19.94
N PRO A 582 29.11 -107.47 -19.67
CA PRO A 582 28.52 -107.89 -18.40
C PRO A 582 28.04 -109.34 -18.40
N ALA A 583 28.95 -110.25 -18.77
CA ALA A 583 28.74 -111.70 -18.68
C ALA A 583 27.34 -112.03 -19.20
N THR A 584 26.48 -112.70 -18.43
CA THR A 584 25.12 -112.95 -18.85
C THR A 584 24.33 -111.64 -18.78
N ILE A 585 24.40 -110.85 -19.84
CA ILE A 585 23.83 -109.52 -19.82
C ILE A 585 22.32 -109.60 -19.57
N SER A 586 21.77 -108.49 -19.08
CA SER A 586 20.34 -108.37 -18.80
C SER A 586 19.82 -107.09 -19.44
N ALA A 587 18.55 -107.13 -19.84
CA ALA A 587 17.97 -106.02 -20.58
C ALA A 587 17.95 -104.74 -19.75
N SER A 588 17.63 -104.86 -18.46
CA SER A 588 17.42 -103.69 -17.62
C SER A 588 18.70 -102.96 -17.25
N GLU A 589 19.88 -103.53 -17.52
CA GLU A 589 21.12 -102.96 -17.00
C GLU A 589 21.82 -102.03 -17.97
N CYS A 590 21.70 -102.24 -19.28
CA CYS A 590 22.37 -101.35 -20.22
C CYS A 590 21.99 -99.90 -19.96
N GLY A 591 20.71 -99.65 -19.69
CA GLY A 591 20.28 -98.29 -19.40
C GLY A 591 20.87 -97.75 -18.11
N ASP A 592 21.00 -98.61 -17.10
CA ASP A 592 21.52 -98.16 -15.81
C ASP A 592 22.94 -97.61 -15.91
N ALA A 593 23.67 -97.95 -16.97
CA ALA A 593 25.02 -97.43 -17.16
C ALA A 593 25.01 -96.12 -17.94
N PHE A 594 24.53 -96.16 -19.18
CA PHE A 594 24.57 -95.01 -20.08
C PHE A 594 23.22 -94.31 -20.12
N ASP A 595 23.18 -93.19 -20.84
CA ASP A 595 22.05 -92.27 -20.80
C ASP A 595 21.89 -91.61 -22.16
N LEU A 596 20.72 -91.02 -22.37
CA LEU A 596 20.36 -90.36 -23.61
C LEU A 596 19.93 -88.94 -23.26
N LEU A 597 20.47 -87.95 -23.97
CA LEU A 597 20.24 -86.55 -23.66
C LEU A 597 19.51 -85.84 -24.79
N ASP A 598 18.72 -84.83 -24.41
CA ASP A 598 18.00 -84.01 -25.38
C ASP A 598 18.96 -82.98 -25.98
N ALA A 599 18.40 -82.01 -26.72
CA ALA A 599 19.25 -81.08 -27.47
C ALA A 599 20.15 -80.28 -26.54
N SER A 600 19.58 -79.64 -25.53
CA SER A 600 20.34 -78.81 -24.61
C SER A 600 21.12 -79.62 -23.59
N GLY A 601 20.91 -80.93 -23.52
CA GLY A 601 21.58 -81.75 -22.53
C GLY A 601 20.94 -81.73 -21.16
N THR A 602 19.75 -81.16 -21.02
CA THR A 602 19.08 -81.10 -19.73
C THR A 602 18.34 -82.41 -19.44
N THR A 603 17.34 -82.72 -20.26
CA THR A 603 16.46 -83.85 -19.98
C THR A 603 17.03 -85.13 -20.61
N SER A 604 16.73 -86.25 -19.96
CA SER A 604 17.19 -87.56 -20.41
C SER A 604 16.00 -88.46 -20.64
N ARG A 605 16.06 -89.24 -21.72
CA ARG A 605 14.93 -90.09 -22.09
C ARG A 605 14.70 -91.16 -21.04
N VAL A 606 13.45 -91.64 -20.97
CA VAL A 606 13.03 -92.47 -19.85
C VAL A 606 13.47 -93.91 -20.03
N SER A 607 12.92 -94.59 -21.04
CA SER A 607 13.07 -96.04 -21.11
C SER A 607 14.50 -96.42 -21.49
N PRO A 608 14.98 -97.57 -21.00
CA PRO A 608 16.28 -98.06 -21.44
C PRO A 608 16.18 -98.65 -22.85
N TRP A 609 17.33 -99.11 -23.35
CA TRP A 609 17.40 -99.75 -24.66
C TRP A 609 17.79 -101.22 -24.50
N THR A 610 17.69 -101.94 -25.63
CA THR A 610 17.61 -103.39 -25.57
C THR A 610 18.96 -104.07 -25.32
N GLY A 611 20.06 -103.51 -25.83
CA GLY A 611 21.32 -104.23 -25.72
C GLY A 611 22.51 -103.31 -25.69
N CYS A 612 23.65 -103.91 -25.35
CA CYS A 612 24.93 -103.21 -25.35
C CYS A 612 26.04 -104.24 -25.27
N SER A 613 27.00 -104.16 -26.20
CA SER A 613 28.05 -105.15 -26.32
C SER A 613 29.31 -104.47 -26.85
N ILE A 614 30.26 -105.27 -27.34
CA ILE A 614 31.53 -104.76 -27.84
C ILE A 614 31.75 -105.32 -29.25
N GLY A 615 32.56 -104.59 -30.03
CA GLY A 615 32.82 -104.96 -31.40
C GLY A 615 34.22 -104.60 -31.90
N SER A 616 34.45 -104.79 -33.20
CA SER A 616 35.78 -104.61 -33.77
C SER A 616 36.14 -103.13 -33.85
N ASN A 617 37.45 -102.87 -33.80
CA ASN A 617 38.02 -101.54 -33.76
C ASN A 617 37.72 -100.86 -32.43
N ASN A 618 37.77 -101.62 -31.34
CA ASN A 618 37.56 -101.09 -29.99
C ASN A 618 36.31 -100.22 -29.92
N THR A 619 35.18 -100.82 -30.28
CA THR A 619 33.93 -100.09 -30.41
C THR A 619 32.88 -100.67 -29.47
N LEU A 620 31.79 -99.92 -29.31
CA LEU A 620 30.68 -100.28 -28.44
C LEU A 620 29.38 -99.99 -29.19
N VAL A 621 28.44 -100.93 -29.12
CA VAL A 621 27.20 -100.87 -29.91
C VAL A 621 26.04 -100.66 -28.95
N LEU A 622 25.16 -99.72 -29.28
CA LEU A 622 23.99 -99.40 -28.47
C LEU A 622 22.76 -99.48 -29.35
N ASN A 623 22.16 -100.67 -29.40
CA ASN A 623 20.93 -100.86 -30.16
C ASN A 623 19.76 -100.30 -29.37
N MET A 624 19.02 -99.39 -29.98
CA MET A 624 18.02 -98.59 -29.31
C MET A 624 16.62 -99.12 -29.56
N THR A 625 15.68 -98.73 -28.69
CA THR A 625 14.29 -99.10 -28.87
C THR A 625 13.66 -98.27 -29.99
N ALA A 626 12.60 -98.82 -30.59
CA ALA A 626 11.98 -98.17 -31.73
C ALA A 626 11.42 -96.81 -31.34
N GLY A 627 11.72 -95.81 -32.16
CA GLY A 627 11.20 -94.48 -31.93
C GLY A 627 11.70 -93.79 -30.68
N ILE A 628 12.84 -94.22 -30.14
CA ILE A 628 13.34 -93.67 -28.89
C ILE A 628 14.48 -92.71 -29.18
N TYR A 629 14.50 -92.16 -30.39
CA TYR A 629 15.48 -91.16 -30.79
C TYR A 629 14.80 -89.83 -31.06
N VAL A 630 15.52 -88.75 -30.79
CA VAL A 630 15.06 -87.40 -31.05
C VAL A 630 16.22 -86.62 -31.66
N VAL A 631 15.92 -85.78 -32.64
CA VAL A 631 16.99 -85.14 -33.41
C VAL A 631 17.82 -84.26 -32.48
N GLY A 632 19.14 -84.36 -32.61
CA GLY A 632 20.05 -83.60 -31.79
C GLY A 632 20.45 -84.26 -30.49
N ASP A 633 19.90 -85.43 -30.17
CA ASP A 633 20.15 -86.05 -28.88
C ASP A 633 21.61 -86.48 -28.75
N GLN A 634 22.13 -86.34 -27.54
CA GLN A 634 23.47 -86.76 -27.19
C GLN A 634 23.40 -88.11 -26.46
N VAL A 635 24.54 -88.62 -26.04
CA VAL A 635 24.59 -89.87 -25.30
C VAL A 635 25.85 -89.88 -24.46
N THR A 636 25.76 -90.47 -23.25
CA THR A 636 26.86 -90.39 -22.30
C THR A 636 26.72 -91.51 -21.27
N PRO A 637 27.83 -91.97 -20.69
CA PRO A 637 27.74 -92.79 -19.47
C PRO A 637 27.35 -91.93 -18.27
N LYS A 638 26.86 -92.60 -17.23
CA LYS A 638 26.35 -91.89 -16.07
C LYS A 638 27.46 -91.73 -15.02
N SER A 639 27.30 -90.69 -14.19
CA SER A 639 28.34 -90.32 -13.26
C SER A 639 28.68 -91.49 -12.34
N GLY A 640 29.97 -91.78 -12.25
CA GLY A 640 30.45 -92.80 -11.32
C GLY A 640 30.16 -94.25 -11.66
N GLN A 641 29.92 -94.58 -12.92
CA GLN A 641 29.53 -95.95 -13.24
C GLN A 641 30.73 -96.88 -13.20
N THR A 642 30.47 -98.13 -12.82
CA THR A 642 31.47 -99.17 -12.59
C THR A 642 31.03 -100.46 -13.27
N LYS A 643 30.19 -100.33 -14.30
CA LYS A 643 29.71 -101.48 -15.04
C LYS A 643 30.74 -102.02 -16.02
N LEU A 644 31.71 -101.19 -16.41
CA LEU A 644 32.81 -101.62 -17.26
C LEU A 644 34.11 -101.10 -16.65
N THR A 645 35.21 -101.82 -16.92
CA THR A 645 36.52 -101.40 -16.45
C THR A 645 37.57 -101.82 -17.47
N PHE A 646 38.22 -100.83 -18.08
CA PHE A 646 39.43 -101.10 -18.84
C PHE A 646 40.47 -101.73 -17.92
N ALA A 647 41.10 -102.81 -18.38
CA ALA A 647 42.09 -103.53 -17.60
C ALA A 647 41.56 -103.94 -16.23
N ASN A 648 40.23 -104.01 -16.08
CA ASN A 648 39.57 -104.42 -14.85
C ASN A 648 39.89 -103.50 -13.66
N THR A 649 40.50 -102.34 -13.90
CA THR A 649 40.93 -101.48 -12.80
C THR A 649 40.60 -100.01 -12.97
N THR A 650 40.00 -99.60 -14.08
CA THR A 650 39.62 -98.20 -14.25
C THR A 650 38.54 -98.11 -15.31
N ALA A 651 37.61 -97.17 -15.13
CA ALA A 651 36.46 -97.02 -16.00
C ALA A 651 36.33 -95.57 -16.44
N TYR A 652 35.68 -95.37 -17.58
CA TYR A 652 35.51 -94.03 -18.11
C TYR A 652 34.32 -93.33 -17.46
N GLY A 653 34.40 -91.99 -17.40
CA GLY A 653 33.43 -91.18 -16.72
C GLY A 653 32.41 -90.55 -17.66
N VAL A 654 31.79 -89.48 -17.18
CA VAL A 654 30.69 -88.84 -17.90
C VAL A 654 31.25 -87.91 -18.96
N LEU A 655 30.65 -87.97 -20.15
CA LEU A 655 30.89 -86.98 -21.20
C LEU A 655 29.71 -86.99 -22.16
N LEU A 656 29.12 -85.82 -22.40
CA LEU A 656 27.97 -85.71 -23.28
C LEU A 656 28.44 -85.69 -24.74
N THR A 657 27.92 -86.62 -25.54
CA THR A 657 28.43 -86.87 -26.89
C THR A 657 27.33 -86.74 -27.93
N PRO A 658 27.48 -85.91 -28.96
CA PRO A 658 26.45 -85.82 -30.00
C PRO A 658 26.26 -87.15 -30.71
N ILE A 659 25.30 -87.16 -31.64
CA ILE A 659 25.10 -88.27 -32.55
C ILE A 659 24.95 -87.71 -33.96
N ASN A 660 25.78 -88.20 -34.89
CA ASN A 660 25.75 -87.75 -36.26
C ASN A 660 24.76 -88.60 -37.06
N PRO A 661 23.69 -88.02 -37.60
CA PRO A 661 22.69 -88.83 -38.30
C PRO A 661 23.16 -89.21 -39.69
N ILE A 662 22.33 -90.02 -40.37
CA ILE A 662 22.61 -90.42 -41.75
C ILE A 662 21.29 -90.70 -42.47
N LEU A 663 21.39 -90.86 -43.79
CA LEU A 663 20.24 -91.10 -44.66
C LEU A 663 19.83 -92.57 -44.53
N THR A 664 18.98 -92.84 -43.55
CA THR A 664 18.60 -94.22 -43.28
C THR A 664 17.70 -94.76 -44.39
N ALA A 665 17.22 -95.99 -44.19
CA ALA A 665 16.41 -96.67 -45.19
C ALA A 665 15.05 -96.02 -45.40
N ALA A 666 14.64 -95.09 -44.54
CA ALA A 666 13.39 -94.38 -44.75
C ALA A 666 13.50 -93.28 -45.79
N THR A 667 14.72 -92.93 -46.21
CA THR A 667 14.89 -91.87 -47.19
C THR A 667 14.55 -92.38 -48.58
N THR A 668 13.72 -91.63 -49.31
CA THR A 668 13.29 -92.00 -50.64
C THR A 668 13.63 -90.89 -51.62
N ALA A 669 14.00 -91.28 -52.83
CA ALA A 669 14.41 -90.35 -53.86
C ALA A 669 13.60 -90.59 -55.13
N MET A 670 13.52 -89.56 -55.97
CA MET A 670 12.68 -89.61 -57.15
C MET A 670 13.19 -88.59 -58.17
N LEU A 671 13.16 -88.98 -59.45
CA LEU A 671 13.59 -88.12 -60.54
C LEU A 671 12.35 -87.50 -61.17
N THR A 672 11.89 -86.41 -60.57
CA THR A 672 10.65 -85.78 -60.97
C THR A 672 10.70 -85.22 -62.39
N ALA A 673 11.88 -84.88 -62.88
CA ALA A 673 12.05 -84.36 -64.23
C ALA A 673 13.47 -84.67 -64.68
N SER A 674 13.69 -84.55 -65.99
CA SER A 674 14.98 -84.94 -66.55
C SER A 674 16.14 -84.06 -66.10
N SER A 675 15.91 -83.08 -65.23
CA SER A 675 16.97 -82.21 -64.76
C SER A 675 16.91 -81.88 -63.28
N THR A 676 16.17 -82.63 -62.48
CA THR A 676 15.96 -82.29 -61.07
C THR A 676 15.63 -83.55 -60.29
N ILE A 677 15.93 -83.52 -59.00
CA ILE A 677 15.70 -84.66 -58.11
C ILE A 677 14.90 -84.18 -56.91
N VAL A 678 14.35 -85.13 -56.16
CA VAL A 678 13.68 -84.86 -54.89
C VAL A 678 14.07 -85.97 -53.91
N VAL A 679 14.27 -85.59 -52.65
CA VAL A 679 14.65 -86.52 -51.58
C VAL A 679 13.81 -86.19 -50.37
N ALA A 680 13.27 -87.21 -49.72
CA ALA A 680 12.40 -87.03 -48.55
C ALA A 680 13.23 -87.32 -47.31
N LEU A 681 13.74 -86.27 -46.67
CA LEU A 681 14.58 -86.45 -45.51
C LEU A 681 13.79 -87.17 -44.42
N PRO A 682 14.37 -88.18 -43.76
CA PRO A 682 13.63 -88.84 -42.69
C PRO A 682 13.50 -87.97 -41.44
N TYR A 683 14.58 -87.31 -41.03
CA TYR A 683 14.59 -86.37 -39.93
C TYR A 683 14.59 -84.94 -40.47
N ALA A 684 14.76 -83.99 -39.55
CA ALA A 684 14.84 -82.59 -39.93
C ALA A 684 16.27 -82.21 -40.24
N ALA A 685 16.43 -81.17 -41.06
CA ALA A 685 17.76 -80.74 -41.48
C ALA A 685 17.75 -79.23 -41.68
N ASN A 686 18.80 -78.72 -42.28
CA ASN A 686 18.95 -77.28 -42.51
C ASN A 686 20.22 -77.04 -43.30
N LEU A 687 20.25 -75.94 -44.04
CA LEU A 687 21.37 -75.52 -44.87
C LEU A 687 21.61 -74.03 -44.67
N PRO A 688 22.80 -73.53 -44.99
CA PRO A 688 23.02 -72.08 -44.94
C PRO A 688 22.06 -71.38 -45.89
N ALA A 689 21.53 -70.26 -45.45
CA ALA A 689 20.52 -69.53 -46.22
C ALA A 689 19.43 -70.53 -46.63
N SER A 690 18.83 -70.33 -47.81
CA SER A 690 17.88 -71.31 -48.31
C SER A 690 17.94 -71.59 -49.81
N THR A 691 18.95 -71.10 -50.55
CA THR A 691 18.99 -71.40 -51.98
C THR A 691 20.29 -72.08 -52.41
N ASN A 692 21.40 -71.86 -51.70
CA ASN A 692 22.67 -72.50 -52.04
C ASN A 692 23.14 -72.16 -53.45
N ASN A 693 24.45 -71.91 -53.60
CA ASN A 693 25.03 -71.99 -54.93
C ASN A 693 25.65 -73.38 -55.11
N GLY A 694 26.32 -73.59 -56.24
CA GLY A 694 26.70 -74.92 -56.63
C GLY A 694 27.65 -75.59 -55.64
N THR A 695 28.66 -74.85 -55.20
CA THR A 695 29.72 -75.46 -54.39
C THR A 695 29.22 -75.97 -53.05
N VAL A 696 28.18 -75.37 -52.49
CA VAL A 696 27.67 -75.84 -51.20
C VAL A 696 27.06 -77.22 -51.35
N CYS A 697 26.23 -77.42 -52.38
CA CYS A 697 25.60 -78.72 -52.57
C CYS A 697 26.63 -79.78 -52.93
N ASN A 698 27.62 -79.41 -53.76
CA ASN A 698 28.66 -80.35 -54.13
C ASN A 698 29.45 -80.80 -52.90
N ALA A 699 29.77 -79.87 -52.00
CA ALA A 699 30.58 -80.15 -50.83
C ALA A 699 29.87 -81.01 -49.79
N ALA A 700 28.57 -81.25 -49.95
CA ALA A 700 27.81 -82.07 -49.02
C ALA A 700 27.21 -83.32 -49.64
N PHE A 701 27.03 -83.37 -50.96
CA PHE A 701 26.28 -84.44 -51.59
C PHE A 701 27.05 -84.99 -52.79
N ASP A 702 26.73 -86.24 -53.14
CA ASP A 702 27.42 -86.95 -54.21
C ASP A 702 26.41 -87.62 -55.15
N LEU A 703 26.76 -87.67 -56.43
CA LEU A 703 26.08 -88.53 -57.39
C LEU A 703 27.03 -89.67 -57.70
N VAL A 704 26.82 -90.80 -57.03
CA VAL A 704 27.66 -91.98 -57.17
C VAL A 704 27.11 -92.83 -58.31
N SER A 705 27.99 -93.24 -59.21
CA SER A 705 27.60 -94.17 -60.25
C SER A 705 27.04 -95.45 -59.64
N ALA A 706 26.39 -96.24 -60.49
CA ALA A 706 25.97 -97.57 -60.05
C ALA A 706 27.16 -98.48 -59.74
N ALA A 707 28.36 -98.07 -60.17
CA ALA A 707 29.57 -98.86 -59.93
C ALA A 707 30.31 -98.46 -58.66
N GLY A 708 30.03 -97.29 -58.10
CA GLY A 708 30.65 -96.82 -56.88
C GLY A 708 31.47 -95.56 -57.04
N ALA A 709 31.91 -95.22 -58.24
CA ALA A 709 32.75 -94.06 -58.44
C ALA A 709 31.96 -92.78 -58.17
N SER A 710 32.69 -91.67 -58.06
CA SER A 710 32.11 -90.38 -57.76
C SER A 710 32.23 -89.45 -58.96
N ARG A 711 31.12 -88.83 -59.35
CA ARG A 711 31.10 -87.86 -60.44
C ARG A 711 31.28 -86.45 -59.89
N THR A 712 31.73 -85.55 -60.75
CA THR A 712 32.11 -84.20 -60.36
C THR A 712 30.98 -83.22 -60.64
N ALA A 713 30.82 -82.24 -59.75
CA ALA A 713 29.89 -81.13 -59.89
C ALA A 713 28.54 -81.58 -60.44
N PRO A 714 27.92 -82.63 -59.90
CA PRO A 714 26.59 -82.99 -60.39
C PRO A 714 25.56 -81.90 -60.15
N PHE A 715 25.67 -81.17 -59.04
CA PHE A 715 24.63 -80.25 -58.57
C PHE A 715 25.14 -78.82 -58.60
N SER A 716 24.31 -77.91 -59.10
CA SER A 716 24.61 -76.49 -59.07
C SER A 716 23.65 -75.69 -58.19
N ALA A 717 22.51 -76.26 -57.82
CA ALA A 717 21.57 -75.57 -56.93
C ALA A 717 20.72 -76.62 -56.24
N CYS A 718 20.69 -76.55 -54.91
CA CYS A 718 19.84 -77.40 -54.08
C CYS A 718 19.13 -76.47 -53.09
N SER A 719 18.17 -77.03 -52.36
CA SER A 719 17.53 -76.28 -51.29
C SER A 719 16.72 -77.23 -50.42
N ILE A 720 16.42 -76.79 -49.20
CA ILE A 720 15.54 -77.51 -48.29
C ILE A 720 14.33 -76.64 -48.03
N SER A 721 13.15 -77.17 -48.33
CA SER A 721 11.89 -76.47 -48.08
C SER A 721 11.12 -77.24 -47.02
N GLY A 722 10.78 -76.54 -45.93
CA GLY A 722 10.11 -77.17 -44.81
C GLY A 722 11.02 -77.95 -43.89
N GLY A 723 12.32 -77.97 -44.14
CA GLY A 723 13.23 -78.74 -43.32
C GLY A 723 12.99 -80.23 -43.38
N THR A 724 12.26 -80.72 -44.38
CA THR A 724 12.08 -82.15 -44.59
C THR A 724 12.15 -82.58 -46.05
N THR A 725 12.15 -81.66 -47.01
CA THR A 725 12.17 -81.97 -48.43
C THR A 725 13.38 -81.32 -49.06
N LEU A 726 14.24 -82.13 -49.67
CA LEU A 726 15.46 -81.66 -50.31
C LEU A 726 15.34 -81.84 -51.82
N THR A 727 15.45 -80.74 -52.56
CA THR A 727 15.42 -80.76 -54.02
C THR A 727 16.75 -80.27 -54.55
N LEU A 728 17.39 -81.08 -55.39
CA LEU A 728 18.62 -80.70 -56.07
C LEU A 728 18.33 -80.56 -57.56
N THR A 729 19.32 -80.03 -58.27
CA THR A 729 19.19 -79.76 -59.71
C THR A 729 20.50 -80.09 -60.40
N ILE A 730 20.51 -81.22 -61.11
CA ILE A 730 21.67 -81.58 -61.92
C ILE A 730 22.01 -80.42 -62.84
N ALA A 731 23.28 -80.06 -62.89
CA ALA A 731 23.69 -78.88 -63.65
C ALA A 731 23.67 -79.18 -65.15
N SER A 732 23.78 -78.11 -65.95
CA SER A 732 23.82 -78.28 -67.39
C SER A 732 24.98 -79.15 -67.82
N THR A 733 26.18 -78.88 -67.28
CA THR A 733 27.35 -79.68 -67.59
C THR A 733 27.26 -81.09 -66.99
N ALA A 734 26.35 -81.32 -66.06
CA ALA A 734 26.13 -82.63 -65.48
C ALA A 734 24.93 -83.29 -66.14
N SER A 735 24.76 -84.58 -65.88
CA SER A 735 23.64 -85.33 -66.44
C SER A 735 23.48 -86.63 -65.66
N TYR A 736 22.32 -87.25 -65.85
CA TYR A 736 21.94 -88.42 -65.07
C TYR A 736 22.16 -89.70 -65.87
N THR A 737 22.52 -90.77 -65.17
CA THR A 737 22.69 -92.09 -65.76
C THR A 737 21.97 -93.11 -64.90
N ALA A 738 21.47 -94.16 -65.53
CA ALA A 738 20.67 -95.16 -64.83
C ALA A 738 21.52 -95.88 -63.79
N GLY A 739 20.94 -96.09 -62.61
CA GLY A 739 21.63 -96.74 -61.52
C GLY A 739 22.42 -95.83 -60.61
N ASP A 740 22.35 -94.51 -60.81
CA ASP A 740 23.02 -93.60 -59.89
C ASP A 740 22.45 -93.74 -58.49
N ARG A 741 23.12 -93.10 -57.53
CA ARG A 741 22.66 -93.07 -56.16
C ARG A 741 23.07 -91.77 -55.50
N ILE A 742 22.29 -91.34 -54.51
CA ILE A 742 22.55 -90.13 -53.75
C ILE A 742 22.98 -90.53 -52.35
N ASN A 743 24.21 -90.13 -51.98
CA ASN A 743 24.78 -90.45 -50.67
C ASN A 743 25.48 -89.21 -50.15
N VAL A 744 25.59 -89.12 -48.82
CA VAL A 744 26.21 -87.95 -48.22
C VAL A 744 27.72 -88.03 -48.43
N LYS A 745 28.32 -86.88 -48.66
CA LYS A 745 29.74 -86.81 -48.96
C LYS A 745 30.59 -87.16 -47.74
N SER A 746 31.73 -87.80 -47.99
CA SER A 746 32.74 -87.94 -46.95
C SER A 746 33.37 -86.59 -46.66
N GLY A 747 33.58 -86.30 -45.38
CA GLY A 747 34.00 -84.96 -44.99
C GLY A 747 32.92 -83.92 -45.17
N ASN A 748 31.69 -84.25 -44.84
CA ASN A 748 30.58 -83.29 -44.93
C ASN A 748 30.69 -82.23 -43.85
N SER A 749 30.40 -80.98 -44.21
CA SER A 749 30.58 -79.87 -43.29
C SER A 749 29.49 -78.80 -43.35
N ALA A 750 28.41 -79.00 -44.11
CA ALA A 750 27.41 -77.95 -44.28
C ALA A 750 25.96 -78.41 -44.18
N PHE A 751 25.68 -79.70 -44.20
CA PHE A 751 24.32 -80.23 -44.22
C PHE A 751 24.03 -80.80 -42.82
N LEU A 752 23.29 -80.06 -42.02
CA LEU A 752 23.14 -80.35 -40.60
C LEU A 752 21.89 -81.17 -40.34
N GLY A 753 21.95 -81.96 -39.27
CA GLY A 753 20.86 -82.85 -38.92
C GLY A 753 19.95 -82.25 -37.87
N SER A 754 19.76 -80.94 -37.91
CA SER A 754 18.83 -80.28 -37.02
C SER A 754 18.30 -79.05 -37.72
N LEU A 755 17.16 -78.56 -37.24
CA LEU A 755 16.61 -77.30 -37.74
C LEU A 755 17.46 -76.11 -37.31
N SER A 756 18.44 -76.31 -36.43
CA SER A 756 19.30 -75.26 -35.92
C SER A 756 20.50 -75.08 -36.83
N ALA A 757 21.00 -73.84 -36.89
CA ALA A 757 22.18 -73.54 -37.68
C ALA A 757 23.43 -74.24 -37.16
N SER A 758 23.42 -74.69 -35.90
CA SER A 758 24.55 -75.40 -35.31
C SER A 758 24.03 -76.69 -34.69
N GLY A 759 24.38 -77.83 -35.30
CA GLY A 759 23.88 -79.10 -34.86
C GLY A 759 24.68 -80.26 -35.42
N PRO A 760 24.22 -81.49 -35.14
CA PRO A 760 24.97 -82.70 -35.52
C PRO A 760 24.84 -83.00 -37.01
N ALA A 761 25.96 -82.84 -37.72
CA ALA A 761 25.96 -82.98 -39.17
C ALA A 761 25.89 -84.44 -39.60
N PHE A 762 25.39 -84.64 -40.81
CA PHE A 762 25.43 -85.97 -41.42
C PHE A 762 26.85 -86.34 -41.79
N VAL A 763 27.20 -87.61 -41.57
CA VAL A 763 28.46 -88.17 -42.06
C VAL A 763 28.19 -89.62 -42.44
N HIS A 764 28.30 -89.93 -43.74
CA HIS A 764 27.86 -91.23 -44.23
C HIS A 764 28.65 -91.55 -45.49
N ALA A 765 29.19 -92.76 -45.57
CA ALA A 765 29.86 -93.22 -46.78
C ALA A 765 29.51 -94.67 -47.11
N GLY A 766 28.28 -95.08 -46.82
CA GLY A 766 27.87 -96.47 -46.99
C GLY A 766 26.80 -96.65 -48.04
N THR A 767 25.61 -97.06 -47.63
CA THR A 767 24.52 -97.32 -48.55
C THR A 767 23.87 -96.03 -49.03
N ALA A 768 23.67 -95.91 -50.34
CA ALA A 768 23.04 -94.75 -50.94
C ALA A 768 21.62 -95.08 -51.38
N ILE A 769 20.87 -94.04 -51.73
CA ILE A 769 19.46 -94.21 -52.09
C ILE A 769 19.34 -94.43 -53.60
N VAL A 770 18.28 -95.13 -54.00
CA VAL A 770 18.20 -95.66 -55.36
C VAL A 770 17.99 -94.56 -56.38
N ILE A 771 17.02 -93.68 -56.14
CA ILE A 771 16.48 -92.77 -57.16
C ILE A 771 15.61 -93.58 -58.12
N THR A 772 14.40 -93.12 -58.36
CA THR A 772 13.44 -93.84 -59.20
C THR A 772 12.70 -92.85 -60.09
N PRO A 773 12.73 -92.99 -61.42
CA PRO A 773 12.03 -92.04 -62.28
C PRO A 773 10.52 -92.28 -62.33
N THR A 774 9.83 -91.30 -62.93
CA THR A 774 8.38 -91.27 -63.02
C THR A 774 7.99 -90.47 -64.25
N VAL A 775 6.67 -90.35 -64.47
CA VAL A 775 6.17 -89.56 -65.60
C VAL A 775 6.22 -88.07 -65.26
N VAL A 776 6.11 -87.24 -66.30
CA VAL A 776 6.18 -85.80 -66.11
C VAL A 776 4.97 -85.09 -66.71
N SER A 777 4.75 -85.27 -68.02
CA SER A 777 3.72 -84.53 -68.73
C SER A 777 2.90 -85.49 -69.59
N THR A 778 1.64 -85.12 -69.81
CA THR A 778 0.71 -85.93 -70.58
C THR A 778 -0.24 -85.02 -71.34
N ALA A 779 -0.58 -85.41 -72.57
CA ALA A 779 -1.48 -84.63 -73.41
C ALA A 779 -2.17 -85.54 -74.40
N LEU A 780 -3.39 -85.18 -74.77
CA LEU A 780 -4.21 -85.97 -75.69
C LEU A 780 -3.98 -85.45 -77.11
N ILE A 781 -3.29 -86.24 -77.92
CA ILE A 781 -2.93 -85.79 -79.27
C ILE A 781 -4.18 -85.54 -80.09
N SER A 782 -5.09 -86.50 -80.11
CA SER A 782 -6.38 -86.33 -80.77
C SER A 782 -7.41 -87.16 -79.99
N ASN A 783 -8.64 -87.20 -80.50
CA ASN A 783 -9.68 -88.00 -79.87
C ASN A 783 -9.44 -89.50 -80.03
N THR A 784 -8.33 -89.90 -80.64
CA THR A 784 -8.00 -91.32 -80.81
C THR A 784 -6.52 -91.59 -80.52
N ASN A 785 -5.96 -90.92 -79.52
CA ASN A 785 -4.55 -91.11 -79.21
C ASN A 785 -4.22 -90.40 -77.90
N VAL A 786 -3.33 -90.99 -77.11
CA VAL A 786 -2.83 -90.37 -75.89
C VAL A 786 -1.30 -90.41 -75.94
N PHE A 787 -0.68 -89.45 -75.27
CA PHE A 787 0.77 -89.30 -75.29
C PHE A 787 1.28 -89.00 -73.88
N VAL A 788 2.42 -89.60 -73.54
CA VAL A 788 3.04 -89.44 -72.22
C VAL A 788 4.53 -89.24 -72.41
N SER A 789 5.11 -88.37 -71.60
CA SER A 789 6.53 -88.06 -71.65
C SER A 789 7.20 -88.52 -70.37
N LEU A 790 8.47 -88.94 -70.49
CA LEU A 790 9.19 -89.56 -69.38
C LEU A 790 10.37 -88.69 -68.96
N SER A 791 10.84 -88.93 -67.75
CA SER A 791 11.95 -88.19 -67.16
C SER A 791 13.30 -88.87 -67.39
N ALA A 792 13.33 -89.98 -68.12
CA ALA A 792 14.57 -90.67 -68.42
C ALA A 792 14.32 -91.64 -69.56
N PRO A 793 15.34 -91.99 -70.34
CA PRO A 793 15.14 -92.91 -71.46
C PRO A 793 14.81 -94.32 -71.00
N THR A 794 14.17 -95.07 -71.90
CA THR A 794 14.06 -96.52 -71.80
C THR A 794 14.33 -97.15 -73.16
N SER A 795 15.23 -96.54 -73.93
CA SER A 795 15.44 -96.87 -75.34
C SER A 795 15.97 -98.26 -75.58
N ALA A 796 16.13 -99.10 -74.56
CA ALA A 796 16.51 -100.48 -74.81
C ALA A 796 15.43 -101.18 -75.63
N SER A 797 15.75 -102.41 -76.06
CA SER A 797 14.82 -103.20 -76.86
C SER A 797 13.80 -103.95 -76.02
N ALA A 798 13.89 -103.87 -74.68
CA ALA A 798 13.00 -104.66 -73.83
C ALA A 798 11.54 -104.32 -74.06
N PHE A 799 11.25 -103.13 -74.57
CA PHE A 799 9.88 -102.70 -74.78
C PHE A 799 9.11 -103.74 -75.58
N ASN A 800 8.06 -104.29 -74.98
CA ASN A 800 7.11 -105.15 -75.67
C ASN A 800 5.70 -104.62 -75.42
N GLN A 801 4.71 -105.34 -75.95
CA GLN A 801 3.34 -104.86 -75.89
C GLN A 801 2.76 -104.85 -74.49
N SER A 802 3.36 -105.60 -73.56
CA SER A 802 2.81 -105.66 -72.21
C SER A 802 2.90 -104.30 -71.50
N ILE A 803 3.81 -103.44 -71.93
CA ILE A 803 3.95 -102.13 -71.31
C ILE A 803 2.76 -101.24 -71.64
N CYS A 804 2.02 -101.56 -72.71
CA CYS A 804 0.88 -100.72 -73.10
C CYS A 804 -0.19 -100.72 -72.02
N ASN A 805 -0.55 -101.90 -71.50
CA ASN A 805 -1.62 -102.02 -70.51
C ASN A 805 -1.13 -102.37 -69.12
N GLY A 806 0.18 -102.59 -68.93
CA GLY A 806 0.67 -103.09 -67.66
C GLY A 806 1.34 -102.05 -66.79
N ALA A 807 1.89 -101.00 -67.39
CA ALA A 807 2.69 -100.03 -66.66
C ALA A 807 1.95 -98.74 -66.32
N PHE A 808 0.77 -98.52 -66.86
CA PHE A 808 0.03 -97.29 -66.65
C PHE A 808 -1.41 -97.60 -66.26
N ASP A 809 -2.03 -96.67 -65.55
CA ASP A 809 -3.41 -96.80 -65.10
C ASP A 809 -4.16 -95.53 -65.43
N VAL A 810 -5.32 -95.68 -66.07
CA VAL A 810 -6.24 -94.58 -66.34
C VAL A 810 -7.52 -94.90 -65.59
N SER A 811 -7.99 -93.95 -64.79
CA SER A 811 -9.16 -94.20 -63.95
C SER A 811 -10.48 -94.02 -64.68
N GLY A 812 -10.60 -94.60 -65.87
CA GLY A 812 -11.87 -94.70 -66.55
C GLY A 812 -12.08 -96.03 -67.24
N LEU A 813 -11.02 -96.85 -67.27
CA LEU A 813 -11.07 -98.15 -67.93
C LEU A 813 -9.95 -99.02 -67.37
N ALA A 814 -10.25 -100.30 -67.23
CA ALA A 814 -9.22 -101.24 -66.75
C ALA A 814 -8.13 -101.43 -67.79
N THR A 815 -8.50 -101.50 -69.07
CA THR A 815 -7.56 -101.71 -70.17
C THR A 815 -7.81 -100.65 -71.22
N PRO A 816 -7.40 -99.41 -70.95
CA PRO A 816 -7.77 -98.30 -71.85
C PRO A 816 -7.22 -98.44 -73.26
N PHE A 817 -6.04 -99.02 -73.45
CA PHE A 817 -5.35 -98.98 -74.73
C PHE A 817 -5.37 -100.35 -75.40
N THR A 818 -4.86 -100.39 -76.63
CA THR A 818 -4.77 -101.63 -77.40
C THR A 818 -3.38 -101.79 -78.02
N ASN A 819 -2.68 -100.69 -78.24
CA ASN A 819 -1.34 -100.74 -78.81
C ASN A 819 -0.55 -99.55 -78.29
N CYS A 820 0.79 -99.65 -78.37
CA CYS A 820 1.64 -98.58 -77.89
C CYS A 820 3.01 -98.69 -78.54
N THR A 821 3.63 -97.53 -78.76
CA THR A 821 4.90 -97.44 -79.47
C THR A 821 5.77 -96.37 -78.82
N LEU A 822 7.09 -96.57 -78.87
CA LEU A 822 8.04 -95.66 -78.26
C LEU A 822 8.48 -94.58 -79.23
N SER A 823 9.25 -93.63 -78.71
CA SER A 823 9.90 -92.62 -79.53
C SER A 823 11.34 -93.03 -79.81
N ALA A 824 11.97 -92.28 -80.72
CA ALA A 824 13.36 -92.59 -81.07
C ALA A 824 14.28 -92.41 -79.88
N ASP A 825 14.08 -91.35 -79.11
CA ASP A 825 14.94 -91.05 -77.97
C ASP A 825 14.43 -91.65 -76.67
N GLY A 826 13.36 -92.42 -76.70
CA GLY A 826 12.90 -93.11 -75.51
C GLY A 826 12.31 -92.20 -74.44
N THR A 827 11.90 -90.99 -74.81
CA THR A 827 11.37 -90.03 -73.85
C THR A 827 9.87 -89.79 -74.05
N GLY A 828 9.18 -90.73 -74.68
CA GLY A 828 7.73 -90.59 -74.87
C GLY A 828 7.15 -91.84 -75.46
N ILE A 829 5.85 -92.03 -75.22
CA ILE A 829 5.10 -93.17 -75.72
C ILE A 829 3.80 -92.66 -76.31
N SER A 830 3.34 -93.31 -77.39
CA SER A 830 2.04 -93.03 -77.98
C SER A 830 1.18 -94.28 -77.87
N PHE A 831 0.03 -94.13 -77.23
CA PHE A 831 -0.89 -95.23 -76.99
C PHE A 831 -2.12 -95.04 -77.86
N LEU A 832 -2.52 -96.08 -78.58
CA LEU A 832 -3.82 -96.09 -79.25
C LEU A 832 -4.88 -96.53 -78.25
N LEU A 833 -6.00 -95.82 -78.24
CA LEU A 833 -7.07 -96.12 -77.29
C LEU A 833 -7.91 -97.30 -77.78
N ALA A 834 -8.80 -97.75 -76.91
CA ALA A 834 -9.73 -98.82 -77.27
C ALA A 834 -11.00 -98.25 -77.88
N SER A 835 -11.45 -97.10 -77.39
CA SER A 835 -12.63 -96.44 -77.90
C SER A 835 -12.33 -94.96 -78.10
N ALA A 836 -12.61 -94.45 -79.29
CA ALA A 836 -12.32 -93.04 -79.58
C ALA A 836 -13.11 -92.14 -78.65
N GLY A 837 -12.42 -91.18 -78.05
CA GLY A 837 -13.06 -90.18 -77.22
C GLY A 837 -13.32 -90.59 -75.79
N SER A 838 -12.89 -91.79 -75.39
CA SER A 838 -13.10 -92.23 -74.01
C SER A 838 -12.36 -91.35 -73.02
N VAL A 839 -11.38 -90.57 -73.47
CA VAL A 839 -10.68 -89.62 -72.61
C VAL A 839 -11.49 -88.34 -72.58
N THR A 840 -11.84 -87.89 -71.38
CA THR A 840 -12.58 -86.64 -71.19
C THR A 840 -11.57 -85.54 -70.85
N SER A 841 -11.27 -84.69 -71.82
CA SER A 841 -10.22 -83.69 -71.65
C SER A 841 -10.54 -82.78 -70.47
N GLY A 842 -9.57 -82.61 -69.58
CA GLY A 842 -9.72 -81.78 -68.40
C GLY A 842 -10.12 -82.51 -67.14
N VAL A 843 -10.67 -83.73 -67.25
CA VAL A 843 -11.17 -84.48 -66.10
C VAL A 843 -10.33 -85.73 -65.84
N THR A 844 -10.07 -86.51 -66.88
CA THR A 844 -9.38 -87.78 -66.72
C THR A 844 -8.04 -87.60 -66.03
N THR A 845 -7.50 -88.71 -65.50
CA THR A 845 -6.20 -88.73 -64.86
C THR A 845 -5.44 -89.98 -65.28
N ILE A 846 -4.15 -89.82 -65.57
CA ILE A 846 -3.27 -90.91 -65.95
C ILE A 846 -2.06 -90.89 -65.02
N ASN A 847 -1.73 -92.05 -64.44
CA ASN A 847 -0.62 -92.15 -63.52
C ASN A 847 -0.06 -93.57 -63.56
N VAL A 848 1.18 -93.71 -63.08
CA VAL A 848 1.89 -94.98 -63.22
C VAL A 848 1.44 -95.94 -62.13
N LYS A 849 1.26 -97.21 -62.51
CA LYS A 849 0.82 -98.22 -61.55
C LYS A 849 1.91 -98.48 -60.52
N SER A 850 1.48 -98.78 -59.30
CA SER A 850 2.42 -99.01 -58.20
C SER A 850 3.00 -100.42 -58.28
N SER A 851 4.30 -100.53 -57.99
CA SER A 851 5.00 -101.82 -57.97
C SER A 851 4.91 -102.55 -59.30
N GLN A 852 4.92 -101.81 -60.41
CA GLN A 852 5.01 -102.42 -61.72
C GLN A 852 6.47 -102.72 -62.06
N LEU A 853 6.67 -103.77 -62.87
CA LEU A 853 8.01 -104.22 -63.21
C LEU A 853 8.25 -104.29 -64.71
N PHE A 854 7.31 -103.84 -65.53
CA PHE A 854 7.48 -103.92 -66.98
C PHE A 854 8.43 -102.84 -67.50
N LEU A 855 8.26 -101.61 -67.03
CA LEU A 855 9.01 -100.46 -67.53
C LEU A 855 10.17 -100.20 -66.60
N LEU A 856 11.39 -100.30 -67.13
CA LEU A 856 12.61 -100.13 -66.36
C LEU A 856 13.51 -99.11 -67.06
N ALA A 857 14.23 -98.33 -66.27
CA ALA A 857 15.09 -97.30 -66.84
C ALA A 857 16.05 -97.93 -67.85
N ALA A 858 16.63 -97.07 -68.69
CA ALA A 858 17.54 -97.52 -69.74
C ALA A 858 18.92 -97.82 -69.17
N GLY A 859 19.06 -98.97 -68.51
CA GLY A 859 20.33 -99.35 -67.92
C GLY A 859 21.11 -100.33 -68.78
N SER A 860 22.41 -100.42 -68.50
CA SER A 860 23.26 -101.37 -69.18
C SER A 860 23.15 -102.78 -68.62
N GLY A 861 22.42 -102.96 -67.53
CA GLY A 861 22.28 -104.27 -66.93
C GLY A 861 21.20 -104.28 -65.89
N SER A 862 21.07 -105.41 -65.20
CA SER A 862 20.03 -105.56 -64.19
C SER A 862 20.34 -104.75 -62.94
N SER A 863 21.61 -104.46 -62.68
CA SER A 863 21.98 -103.77 -61.45
C SER A 863 21.69 -102.28 -61.49
N ASP A 864 21.43 -101.72 -62.68
CA ASP A 864 21.30 -100.28 -62.85
C ASP A 864 20.12 -99.94 -63.75
N SER A 865 18.98 -100.59 -63.52
CA SER A 865 17.75 -100.31 -64.27
C SER A 865 16.59 -100.18 -63.29
N PRO A 866 16.61 -99.16 -62.43
CA PRO A 866 15.53 -98.99 -61.46
C PRO A 866 14.18 -98.84 -62.14
N ALA A 867 13.14 -99.41 -61.51
CA ALA A 867 11.81 -99.41 -62.10
C ALA A 867 11.10 -98.07 -61.87
N PHE A 868 10.24 -97.71 -62.82
CA PHE A 868 9.50 -96.46 -62.73
C PHE A 868 8.42 -96.55 -61.66
N VAL A 869 8.07 -95.40 -61.09
CA VAL A 869 7.19 -95.35 -59.93
C VAL A 869 6.20 -94.19 -60.13
N PRO A 870 5.11 -94.19 -59.37
CA PRO A 870 4.07 -93.17 -59.58
C PRO A 870 4.52 -91.77 -59.18
N ARG A 871 3.88 -90.77 -59.80
CA ARG A 871 4.02 -89.39 -59.36
C ARG A 871 3.35 -89.17 -58.01
N GLY A 872 3.65 -88.02 -57.41
CA GLY A 872 2.93 -87.63 -56.21
C GLY A 872 1.47 -87.34 -56.49
N SER A 873 1.20 -86.65 -57.59
CA SER A 873 -0.16 -86.30 -57.99
C SER A 873 -0.39 -86.75 -59.43
N ALA A 874 -1.56 -87.32 -59.68
CA ALA A 874 -1.87 -87.82 -61.02
C ALA A 874 -2.01 -86.67 -62.00
N LEU A 875 -1.55 -86.90 -63.23
CA LEU A 875 -1.62 -85.88 -64.26
C LEU A 875 -2.98 -85.90 -64.95
N THR A 876 -3.47 -84.72 -65.32
CA THR A 876 -4.73 -84.59 -66.03
C THR A 876 -4.46 -84.38 -67.52
N ILE A 877 -5.16 -85.14 -68.35
CA ILE A 877 -4.94 -85.11 -69.79
C ILE A 877 -5.70 -83.95 -70.39
N SER A 878 -5.01 -83.09 -71.13
CA SER A 878 -5.60 -81.93 -71.80
C SER A 878 -5.36 -82.05 -73.30
N GLU A 879 -6.42 -81.85 -74.08
CA GLU A 879 -6.30 -81.96 -75.53
C GLU A 879 -5.42 -80.84 -76.07
N ALA A 880 -4.67 -81.17 -77.12
CA ALA A 880 -3.77 -80.24 -77.79
C ALA A 880 -4.41 -79.83 -79.12
N LYS A 881 -4.87 -78.59 -79.21
CA LYS A 881 -5.56 -78.14 -80.41
C LYS A 881 -5.46 -76.63 -80.53
N LEU A 882 -5.80 -76.14 -81.70
CA LEU A 882 -5.81 -74.70 -81.96
C LEU A 882 -6.95 -74.06 -81.19
N ALA A 883 -6.63 -73.20 -80.23
CA ALA A 883 -7.67 -72.51 -79.48
C ALA A 883 -8.48 -71.59 -80.36
N GLY A 884 -7.81 -70.77 -81.19
CA GLY A 884 -8.50 -69.86 -82.09
C GLY A 884 -7.62 -68.75 -82.62
N ALA A 885 -7.77 -68.44 -83.90
CA ALA A 885 -6.97 -67.41 -84.55
C ALA A 885 -7.56 -66.03 -84.29
N TYR A 886 -6.72 -65.00 -84.39
CA TYR A 886 -7.12 -63.65 -84.09
C TYR A 886 -6.34 -62.66 -84.94
N LEU A 887 -6.85 -61.44 -85.01
CA LEU A 887 -6.24 -60.36 -85.77
C LEU A 887 -6.18 -59.12 -84.88
N THR A 888 -4.98 -58.78 -84.40
CA THR A 888 -4.81 -57.73 -83.40
C THR A 888 -4.19 -56.46 -83.99
N ALA A 889 -4.19 -56.30 -85.30
CA ALA A 889 -3.62 -55.12 -85.94
C ALA A 889 -3.95 -55.19 -87.43
N ALA A 890 -3.42 -54.23 -88.18
CA ALA A 890 -3.67 -54.16 -89.62
C ALA A 890 -2.87 -55.18 -90.42
N ASN A 891 -1.89 -55.83 -89.81
CA ASN A 891 -1.05 -56.79 -90.53
C ASN A 891 -0.71 -58.02 -89.70
N THR A 892 -1.32 -58.20 -88.53
CA THR A 892 -0.90 -59.21 -87.57
C THR A 892 -1.96 -60.29 -87.43
N ILE A 893 -1.51 -61.51 -87.14
CA ILE A 893 -2.37 -62.61 -86.75
C ILE A 893 -1.74 -63.31 -85.55
N ILE A 894 -2.52 -63.48 -84.50
CA ILE A 894 -2.08 -64.18 -83.30
C ILE A 894 -2.94 -65.43 -83.17
N VAL A 895 -2.30 -66.59 -83.09
CA VAL A 895 -2.97 -67.88 -83.05
C VAL A 895 -2.64 -68.55 -81.73
N LYS A 896 -3.66 -69.00 -81.01
CA LYS A 896 -3.53 -69.50 -79.66
C LYS A 896 -3.61 -71.03 -79.65
N LEU A 897 -3.11 -71.62 -78.56
CA LEU A 897 -3.01 -73.07 -78.42
C LEU A 897 -3.44 -73.46 -77.02
N SER A 898 -3.68 -74.76 -76.83
CA SER A 898 -4.19 -75.26 -75.56
C SER A 898 -3.18 -76.10 -74.79
N VAL A 899 -2.12 -76.58 -75.44
CA VAL A 899 -1.08 -77.37 -74.79
C VAL A 899 0.26 -76.93 -75.35
N ALA A 900 1.25 -76.78 -74.47
CA ALA A 900 2.53 -76.25 -74.90
C ALA A 900 3.06 -77.03 -76.10
N ALA A 901 3.53 -76.30 -77.11
CA ALA A 901 4.06 -76.86 -78.33
C ALA A 901 5.55 -76.53 -78.43
N ALA A 902 6.15 -76.95 -79.55
CA ALA A 902 7.59 -76.82 -79.73
C ALA A 902 7.89 -76.52 -81.19
N ALA A 903 9.10 -76.01 -81.42
CA ALA A 903 9.53 -75.62 -82.75
C ALA A 903 10.83 -76.35 -83.10
N VAL A 904 10.98 -76.70 -84.37
CA VAL A 904 12.18 -77.34 -84.86
C VAL A 904 13.03 -76.29 -85.58
N ASP A 905 14.33 -76.54 -85.66
CA ASP A 905 15.24 -75.58 -86.27
C ASP A 905 14.77 -75.21 -87.67
N GLY A 906 14.82 -73.92 -87.99
CA GLY A 906 14.33 -73.42 -89.25
C GLY A 906 12.85 -73.14 -89.29
N PHE A 907 12.16 -73.21 -88.15
CA PHE A 907 10.73 -72.94 -88.13
C PHE A 907 10.43 -71.46 -88.36
N SER A 908 11.37 -70.58 -88.01
CA SER A 908 11.18 -69.17 -88.32
C SER A 908 11.22 -68.89 -89.81
N SER A 909 11.72 -69.83 -90.61
CA SER A 909 11.93 -69.63 -92.04
C SER A 909 11.06 -70.53 -92.90
N SER A 910 10.08 -71.21 -92.33
CA SER A 910 9.21 -72.11 -93.08
C SER A 910 7.77 -71.97 -92.62
N CYS A 911 7.30 -70.73 -92.42
CA CYS A 911 5.97 -70.51 -91.86
C CYS A 911 4.88 -71.08 -92.77
N ASN A 912 5.03 -70.91 -94.08
CA ASN A 912 3.98 -71.36 -95.00
C ASN A 912 3.85 -72.87 -95.03
N ASN A 913 4.79 -73.61 -94.47
CA ASN A 913 4.77 -75.06 -94.47
C ASN A 913 4.05 -75.66 -93.27
N VAL A 914 3.46 -74.83 -92.40
CA VAL A 914 2.74 -75.29 -91.22
C VAL A 914 1.29 -74.83 -91.24
N PHE A 915 1.07 -73.52 -91.40
CA PHE A 915 -0.27 -72.95 -91.49
C PHE A 915 -0.61 -72.65 -92.94
N THR A 916 -1.90 -72.45 -93.20
CA THR A 916 -2.37 -72.05 -94.51
C THR A 916 -3.64 -71.21 -94.35
N LEU A 917 -3.74 -70.16 -95.15
CA LEU A 917 -4.85 -69.22 -95.11
C LEU A 917 -5.79 -69.50 -96.26
N PHE A 918 -7.04 -69.84 -95.96
CA PHE A 918 -8.05 -70.12 -96.96
C PHE A 918 -9.00 -68.93 -97.09
N ASN A 919 -9.84 -68.99 -98.11
CA ASN A 919 -10.93 -68.03 -98.29
C ASN A 919 -12.25 -68.69 -97.93
N SER A 920 -13.34 -67.94 -98.09
CA SER A 920 -14.65 -68.43 -97.69
C SER A 920 -15.09 -69.67 -98.47
N SER A 921 -14.55 -69.88 -99.67
CA SER A 921 -14.93 -71.00 -100.51
C SER A 921 -13.98 -72.19 -100.39
N GLY A 922 -12.97 -72.11 -99.53
CA GLY A 922 -12.03 -73.19 -99.34
C GLY A 922 -10.80 -73.13 -100.23
N THR A 923 -10.74 -72.20 -101.17
CA THR A 923 -9.58 -72.07 -102.05
C THR A 923 -8.43 -71.44 -101.28
N ALA A 924 -7.33 -72.18 -101.16
CA ALA A 924 -6.17 -71.71 -100.41
C ALA A 924 -5.45 -70.60 -101.18
N ARG A 925 -4.96 -69.61 -100.46
CA ARG A 925 -4.18 -68.54 -101.06
C ARG A 925 -2.74 -69.02 -101.30
N ALA A 926 -1.97 -68.18 -101.99
CA ALA A 926 -0.62 -68.51 -102.44
C ALA A 926 0.40 -67.76 -101.59
N SER A 927 1.11 -68.50 -100.74
CA SER A 927 2.20 -67.96 -99.94
C SER A 927 1.81 -66.63 -99.27
N PRO A 928 0.84 -66.65 -98.37
CA PRO A 928 0.38 -65.40 -97.75
C PRO A 928 1.32 -64.85 -96.70
N PHE A 929 1.98 -65.73 -95.94
CA PHE A 929 2.70 -65.33 -94.75
C PHE A 929 4.19 -65.09 -95.05
N SER A 930 4.81 -64.31 -94.17
CA SER A 930 6.20 -63.88 -94.32
C SER A 930 7.12 -64.41 -93.23
N ALA A 931 6.73 -64.34 -91.97
CA ALA A 931 7.60 -64.73 -90.86
C ALA A 931 6.73 -65.12 -89.67
N CYS A 932 7.33 -65.85 -88.74
CA CYS A 932 6.58 -66.36 -87.60
C CYS A 932 7.53 -66.60 -86.43
N THR A 933 6.95 -66.58 -85.23
CA THR A 933 7.69 -66.85 -84.00
C THR A 933 6.74 -67.45 -82.97
N LEU A 934 7.31 -68.09 -81.96
CA LEU A 934 6.55 -68.77 -80.92
C LEU A 934 6.91 -68.18 -79.56
N SER A 935 5.93 -68.06 -78.68
CA SER A 935 6.14 -67.46 -77.38
C SER A 935 6.84 -68.44 -76.43
N THR A 936 7.42 -67.89 -75.37
CA THR A 936 8.15 -68.71 -74.41
C THR A 936 7.21 -69.71 -73.73
N ASP A 937 6.03 -69.27 -73.33
CA ASP A 937 5.06 -70.17 -72.71
C ASP A 937 4.50 -71.18 -73.71
N GLY A 938 4.74 -70.98 -75.00
CA GLY A 938 4.43 -71.97 -76.02
C GLY A 938 2.97 -72.03 -76.43
N LEU A 939 2.11 -71.22 -75.85
CA LEU A 939 0.68 -71.22 -76.16
C LEU A 939 0.29 -70.09 -77.11
N THR A 940 1.27 -69.42 -77.71
CA THR A 940 1.00 -68.29 -78.59
C THR A 940 1.84 -68.42 -79.86
N VAL A 941 1.25 -68.03 -80.98
CA VAL A 941 1.90 -68.03 -82.28
C VAL A 941 1.70 -66.66 -82.91
N THR A 942 2.77 -66.10 -83.46
CA THR A 942 2.74 -64.77 -84.07
C THR A 942 3.10 -64.89 -85.54
N LEU A 943 2.29 -64.28 -86.40
CA LEU A 943 2.51 -64.27 -87.84
C LEU A 943 2.33 -62.85 -88.35
N THR A 944 2.95 -62.57 -89.49
CA THR A 944 2.76 -61.31 -90.20
C THR A 944 2.29 -61.60 -91.62
N THR A 945 1.17 -61.00 -92.00
CA THR A 945 0.62 -61.17 -93.33
C THR A 945 0.12 -59.83 -93.86
N SER A 946 0.09 -59.72 -95.18
CA SER A 946 -0.51 -58.58 -95.85
C SER A 946 -1.63 -58.98 -96.81
N SER A 947 -1.93 -60.28 -96.89
CA SER A 947 -2.91 -60.79 -97.85
C SER A 947 -4.24 -61.15 -97.20
N TRP A 948 -4.48 -60.73 -95.96
CA TRP A 948 -5.73 -61.07 -95.31
C TRP A 948 -6.88 -60.26 -95.89
N VAL A 949 -7.97 -60.94 -96.22
CA VAL A 949 -9.21 -60.30 -96.62
C VAL A 949 -10.30 -60.78 -95.68
N SER A 950 -11.36 -59.98 -95.55
CA SER A 950 -12.37 -60.25 -94.53
C SER A 950 -13.04 -61.59 -94.80
N THR A 951 -13.43 -62.26 -93.71
CA THR A 951 -14.05 -63.58 -93.75
C THR A 951 -13.10 -64.64 -94.29
N ASP A 952 -11.83 -64.58 -93.91
CA ASP A 952 -10.86 -65.59 -94.27
C ASP A 952 -10.64 -66.57 -93.12
N LYS A 953 -10.22 -67.79 -93.46
CA LYS A 953 -10.10 -68.87 -92.49
C LYS A 953 -8.65 -69.36 -92.43
N LEU A 954 -8.36 -70.16 -91.40
CA LEU A 954 -7.02 -70.66 -91.15
C LEU A 954 -7.09 -72.08 -90.64
N ASN A 955 -5.98 -72.81 -90.80
CA ASN A 955 -5.89 -74.19 -90.36
C ASN A 955 -4.44 -74.64 -90.55
N ILE A 956 -4.08 -75.71 -89.85
CA ILE A 956 -2.74 -76.27 -89.93
C ILE A 956 -2.73 -77.41 -90.94
N ARG A 957 -1.79 -77.37 -91.89
CA ARG A 957 -1.67 -78.46 -92.83
C ARG A 957 -1.31 -79.73 -92.08
N SER A 958 -2.06 -80.80 -92.33
CA SER A 958 -2.01 -81.97 -91.48
C SER A 958 -0.61 -82.58 -91.43
N ASP A 959 -0.01 -82.81 -92.59
CA ASP A 959 1.23 -83.58 -92.70
C ASP A 959 2.40 -82.83 -92.07
N GLN A 960 2.21 -81.59 -91.64
CA GLN A 960 3.31 -80.78 -91.16
C GLN A 960 4.08 -81.50 -90.07
N THR A 961 5.41 -81.30 -90.10
CA THR A 961 6.32 -82.03 -89.23
C THR A 961 7.19 -81.12 -88.36
N LEU A 962 6.97 -79.81 -88.40
CA LEU A 962 7.87 -78.86 -87.76
C LEU A 962 7.33 -78.26 -86.48
N LEU A 963 6.22 -78.78 -85.94
CA LEU A 963 5.61 -78.27 -84.72
C LEU A 963 5.18 -79.46 -83.87
N LYS A 964 5.73 -79.56 -82.66
CA LYS A 964 5.65 -80.78 -81.87
C LYS A 964 5.04 -80.52 -80.50
N VAL A 965 4.05 -81.34 -80.15
CA VAL A 965 3.35 -81.24 -78.87
C VAL A 965 4.31 -81.64 -77.76
N LEU A 966 4.57 -80.71 -76.84
CA LEU A 966 5.31 -80.87 -75.60
C LEU A 966 6.82 -81.01 -75.80
N GLY A 967 7.29 -81.18 -77.03
CA GLY A 967 8.72 -81.22 -77.26
C GLY A 967 9.08 -81.52 -78.70
N ALA A 968 10.04 -80.75 -79.22
CA ALA A 968 10.54 -81.01 -80.57
C ALA A 968 11.31 -82.32 -80.66
N ALA A 969 11.84 -82.80 -79.53
CA ALA A 969 12.65 -84.02 -79.56
C ALA A 969 11.79 -85.27 -79.75
N ASN A 970 10.68 -85.37 -79.03
CA ASN A 970 9.99 -86.65 -78.88
C ASN A 970 8.50 -86.64 -79.18
N GLY A 971 7.85 -85.48 -79.23
CA GLY A 971 6.41 -85.43 -79.33
C GLY A 971 5.92 -85.63 -80.75
N PRO A 972 4.61 -85.85 -80.88
CA PRO A 972 3.99 -85.88 -82.20
C PRO A 972 3.75 -84.47 -82.74
N SER A 973 3.26 -84.41 -83.98
CA SER A 973 2.96 -83.13 -84.60
C SER A 973 1.63 -82.60 -84.10
N TYR A 974 1.52 -81.27 -84.03
CA TYR A 974 0.29 -80.65 -83.54
C TYR A 974 -0.84 -80.86 -84.55
N PRO A 975 -1.98 -81.40 -84.13
CA PRO A 975 -3.02 -81.78 -85.10
C PRO A 975 -3.65 -80.57 -85.77
N ALA A 976 -4.58 -80.88 -86.68
CA ALA A 976 -5.37 -79.90 -87.39
C ALA A 976 -6.86 -80.16 -87.13
N LEU A 977 -7.66 -79.10 -87.27
CA LEU A 977 -9.08 -79.17 -86.99
C LEU A 977 -9.84 -79.71 -88.19
N SER A 978 -10.92 -80.45 -87.91
CA SER A 978 -11.75 -81.00 -88.97
C SER A 978 -12.15 -79.91 -89.97
N SER A 979 -12.47 -78.73 -89.47
CA SER A 979 -12.87 -77.60 -90.30
C SER A 979 -12.09 -76.37 -89.87
N ALA A 980 -11.74 -75.54 -90.84
CA ALA A 980 -10.95 -74.35 -90.58
C ALA A 980 -11.68 -73.42 -89.60
N THR A 981 -10.98 -72.38 -89.18
CA THR A 981 -11.51 -71.40 -88.24
C THR A 981 -11.48 -70.01 -88.86
N GLU A 982 -12.36 -69.14 -88.39
CA GLU A 982 -12.51 -67.80 -88.94
C GLU A 982 -11.76 -66.79 -88.09
N VAL A 983 -10.93 -65.97 -88.75
CA VAL A 983 -10.25 -64.88 -88.07
C VAL A 983 -11.28 -63.88 -87.57
N SER A 984 -11.04 -63.29 -86.40
CA SER A 984 -11.98 -62.39 -85.77
C SER A 984 -11.24 -61.20 -85.17
N PRO A 985 -11.46 -59.97 -85.64
CA PRO A 985 -10.67 -58.84 -85.15
C PRO A 985 -10.81 -58.65 -83.64
N ALA A 986 -9.73 -58.18 -83.02
CA ALA A 986 -9.65 -58.05 -81.58
C ALA A 986 -9.30 -56.61 -81.22
N ILE A 987 -9.23 -56.36 -79.91
CA ILE A 987 -8.95 -55.05 -79.34
C ILE A 987 -8.01 -55.24 -78.16
N THR A 988 -7.08 -54.30 -77.99
CA THR A 988 -6.00 -54.50 -77.03
C THR A 988 -5.72 -53.32 -76.10
N SER A 989 -6.22 -52.12 -76.39
CA SER A 989 -5.97 -50.99 -75.50
C SER A 989 -7.07 -49.97 -75.68
N ALA A 990 -7.36 -49.25 -74.60
CA ALA A 990 -8.35 -48.18 -74.63
C ALA A 990 -7.86 -47.05 -73.73
N HIS A 991 -8.31 -45.84 -74.02
CA HIS A 991 -7.98 -44.66 -73.24
C HIS A 991 -9.25 -44.04 -72.69
N ILE A 992 -9.23 -43.66 -71.42
CA ILE A 992 -10.28 -42.86 -70.80
C ILE A 992 -9.78 -41.42 -70.87
N THR A 993 -10.31 -40.66 -71.85
CA THR A 993 -9.81 -39.34 -72.15
C THR A 993 -10.44 -38.25 -71.28
N SER A 994 -11.74 -38.34 -71.05
CA SER A 994 -12.45 -37.36 -70.24
C SER A 994 -13.40 -38.11 -69.31
N PRO A 995 -14.11 -37.41 -68.42
CA PRO A 995 -15.01 -38.11 -67.50
C PRO A 995 -16.11 -38.88 -68.21
N THR A 996 -16.42 -38.55 -69.46
CA THR A 996 -17.52 -39.16 -70.18
C THR A 996 -17.10 -39.86 -71.47
N THR A 997 -15.80 -40.04 -71.71
CA THR A 997 -15.32 -40.57 -72.98
C THR A 997 -14.33 -41.69 -72.75
N ILE A 998 -14.42 -42.74 -73.57
CA ILE A 998 -13.42 -43.79 -73.67
C ILE A 998 -13.25 -44.11 -75.14
N ILE A 999 -12.12 -43.70 -75.71
CA ILE A 999 -11.81 -43.97 -77.12
C ILE A 999 -11.09 -45.31 -77.19
N VAL A 1000 -11.55 -46.16 -78.09
CA VAL A 1000 -10.93 -47.47 -78.32
C VAL A 1000 -10.47 -47.54 -79.77
N PRO A 1001 -9.17 -47.65 -80.05
CA PRO A 1001 -8.75 -47.85 -81.44
C PRO A 1001 -9.27 -49.19 -81.95
N LEU A 1002 -9.45 -49.27 -83.26
CA LEU A 1002 -9.83 -50.51 -83.90
C LEU A 1002 -8.76 -50.91 -84.92
N PRO A 1003 -8.65 -52.21 -85.22
CA PRO A 1003 -7.54 -52.68 -86.05
C PRO A 1003 -7.67 -52.31 -87.52
N VAL A 1004 -8.90 -52.32 -88.04
CA VAL A 1004 -9.16 -52.00 -89.44
C VAL A 1004 -10.53 -51.33 -89.53
N ALA A 1005 -10.88 -50.88 -90.74
CA ALA A 1005 -12.17 -50.26 -90.96
C ALA A 1005 -13.30 -51.21 -90.57
N SER A 1006 -14.32 -50.67 -89.92
CA SER A 1006 -15.37 -51.50 -89.33
C SER A 1006 -16.73 -50.88 -89.56
N ASP A 1007 -17.76 -51.66 -89.24
CA ASP A 1007 -19.15 -51.28 -89.42
C ASP A 1007 -19.93 -51.64 -88.16
N LEU A 1008 -21.00 -50.90 -87.91
CA LEU A 1008 -21.80 -51.10 -86.71
C LEU A 1008 -23.27 -50.82 -87.03
N THR A 1009 -24.14 -51.36 -86.19
CA THR A 1009 -25.58 -51.21 -86.33
C THR A 1009 -26.08 -50.25 -85.26
N GLY A 1010 -26.52 -49.06 -85.70
CA GLY A 1010 -27.06 -48.10 -84.77
C GLY A 1010 -26.00 -47.56 -83.82
N SER A 1011 -26.43 -47.28 -82.59
CA SER A 1011 -25.52 -46.80 -81.55
C SER A 1011 -25.77 -47.46 -80.21
N SER A 1012 -26.56 -48.53 -80.16
CA SER A 1012 -26.67 -49.32 -78.95
C SER A 1012 -25.30 -49.91 -78.61
N CYS A 1013 -25.00 -50.01 -77.32
CA CYS A 1013 -23.64 -50.25 -76.86
C CYS A 1013 -23.56 -51.43 -75.89
N SER A 1014 -24.33 -52.49 -76.17
CA SER A 1014 -24.29 -53.67 -75.33
C SER A 1014 -23.30 -54.72 -75.83
N PHE A 1015 -22.73 -54.52 -77.02
CA PHE A 1015 -21.77 -55.49 -77.55
C PHE A 1015 -20.47 -55.51 -76.76
N LEU A 1016 -20.24 -54.55 -75.88
CA LEU A 1016 -19.06 -54.56 -75.02
C LEU A 1016 -19.34 -55.33 -73.73
N VAL A 1017 -18.40 -55.26 -72.80
CA VAL A 1017 -18.61 -55.74 -71.44
C VAL A 1017 -17.92 -54.76 -70.49
N LEU A 1018 -18.70 -53.88 -69.86
CA LEU A 1018 -18.19 -52.93 -68.90
C LEU A 1018 -18.97 -53.04 -67.60
N THR A 1019 -18.28 -52.81 -66.49
CA THR A 1019 -18.94 -52.78 -65.20
C THR A 1019 -19.94 -51.62 -65.15
N ALA A 1020 -19.49 -50.43 -65.52
CA ALA A 1020 -20.36 -49.26 -65.50
C ALA A 1020 -21.38 -49.34 -66.64
N ALA A 1021 -22.38 -48.46 -66.57
CA ALA A 1021 -23.38 -48.34 -67.61
C ALA A 1021 -22.92 -47.34 -68.67
N THR A 1022 -23.48 -47.48 -69.86
CA THR A 1022 -23.19 -46.56 -70.96
C THR A 1022 -24.50 -46.14 -71.62
N SER A 1023 -24.48 -44.98 -72.24
CA SER A 1023 -25.65 -44.41 -72.90
C SER A 1023 -25.58 -44.48 -74.42
N ASN A 1024 -24.42 -44.22 -75.00
CA ASN A 1024 -24.28 -44.20 -76.45
C ASN A 1024 -22.84 -44.56 -76.82
N CYS A 1025 -22.69 -45.20 -77.97
CA CYS A 1025 -21.38 -45.50 -78.54
C CYS A 1025 -21.52 -45.46 -80.06
N ALA A 1026 -20.58 -44.77 -80.72
CA ALA A 1026 -20.70 -44.54 -82.16
C ALA A 1026 -19.31 -44.50 -82.78
N LEU A 1027 -19.26 -44.71 -84.10
CA LEU A 1027 -18.02 -44.81 -84.84
C LEU A 1027 -17.57 -43.43 -85.33
N SER A 1028 -16.34 -43.40 -85.85
CA SER A 1028 -15.74 -42.19 -86.42
C SER A 1028 -14.46 -42.60 -87.14
N ASN A 1029 -13.78 -41.61 -87.70
CA ASN A 1029 -12.46 -41.80 -88.31
C ASN A 1029 -12.49 -42.85 -89.40
N ASN A 1030 -13.59 -42.89 -90.15
CA ASN A 1030 -13.78 -43.88 -91.22
C ASN A 1030 -13.93 -45.29 -90.66
N GLY A 1031 -14.49 -45.41 -89.46
CA GLY A 1031 -14.69 -46.71 -88.85
C GLY A 1031 -13.50 -47.25 -88.08
N THR A 1032 -12.60 -46.39 -87.60
CA THR A 1032 -11.36 -46.83 -86.98
C THR A 1032 -11.13 -46.22 -85.60
N LEU A 1033 -12.14 -45.57 -85.02
CA LEU A 1033 -11.99 -44.96 -83.70
C LEU A 1033 -13.35 -45.03 -83.00
N LEU A 1034 -13.56 -46.10 -82.25
CA LEU A 1034 -14.79 -46.26 -81.49
C LEU A 1034 -14.82 -45.24 -80.35
N THR A 1035 -16.03 -44.80 -80.00
CA THR A 1035 -16.24 -43.87 -78.90
C THR A 1035 -17.30 -44.43 -77.97
N VAL A 1036 -16.97 -44.47 -76.68
CA VAL A 1036 -17.88 -44.97 -75.66
C VAL A 1036 -18.22 -43.80 -74.75
N THR A 1037 -19.52 -43.49 -74.65
CA THR A 1037 -20.00 -42.32 -73.91
C THR A 1037 -20.51 -42.80 -72.56
N LEU A 1038 -19.70 -42.60 -71.53
CA LEU A 1038 -20.05 -43.06 -70.20
C LEU A 1038 -21.29 -42.34 -69.69
N SER A 1039 -22.13 -43.09 -68.98
CA SER A 1039 -23.27 -42.54 -68.25
C SER A 1039 -23.13 -42.68 -66.74
N GLY A 1040 -22.47 -43.73 -66.27
CA GLY A 1040 -22.29 -43.94 -64.84
C GLY A 1040 -21.03 -43.27 -64.34
N SER A 1041 -20.12 -44.05 -63.77
CA SER A 1041 -18.88 -43.52 -63.21
C SER A 1041 -17.73 -44.46 -63.53
N TYR A 1042 -16.52 -43.91 -63.51
CA TYR A 1042 -15.33 -44.68 -63.77
C TYR A 1042 -14.63 -45.03 -62.46
N THR A 1043 -14.42 -46.32 -62.23
CA THR A 1043 -13.67 -46.81 -61.09
C THR A 1043 -12.28 -47.22 -61.55
N ILE A 1044 -11.26 -46.78 -60.81
CA ILE A 1044 -9.88 -47.04 -61.21
C ILE A 1044 -9.67 -48.54 -61.29
N GLY A 1045 -9.03 -48.99 -62.37
CA GLY A 1045 -8.78 -50.40 -62.58
C GLY A 1045 -9.81 -51.11 -63.42
N ASP A 1046 -10.76 -50.40 -64.02
CA ASP A 1046 -11.78 -51.02 -64.83
C ASP A 1046 -11.20 -51.56 -66.13
N THR A 1047 -11.89 -52.53 -66.71
CA THR A 1047 -11.43 -53.26 -67.88
C THR A 1047 -12.52 -53.29 -68.94
N ILE A 1048 -12.11 -53.23 -70.20
CA ILE A 1048 -13.01 -53.21 -71.34
C ILE A 1048 -12.72 -54.44 -72.20
N ASN A 1049 -13.77 -55.18 -72.55
CA ASN A 1049 -13.65 -56.36 -73.40
C ASN A 1049 -14.99 -56.64 -74.05
N ILE A 1050 -14.95 -57.13 -75.28
CA ILE A 1050 -16.15 -57.42 -76.06
C ILE A 1050 -16.82 -58.68 -75.51
N ASN A 1051 -18.06 -58.91 -75.92
CA ASN A 1051 -18.83 -60.08 -75.50
C ASN A 1051 -18.72 -61.18 -76.54
N ALA A 1052 -18.84 -62.43 -76.07
CA ALA A 1052 -18.84 -63.57 -76.97
C ALA A 1052 -20.14 -63.71 -77.74
N LEU A 1053 -21.18 -62.96 -77.37
CA LEU A 1053 -22.48 -63.00 -78.03
C LEU A 1053 -22.64 -61.90 -79.06
N ASN A 1054 -21.54 -61.27 -79.46
CA ASN A 1054 -21.59 -60.06 -80.27
C ASN A 1054 -22.44 -60.26 -81.52
N SER A 1055 -23.37 -59.31 -81.75
CA SER A 1055 -24.16 -59.30 -82.96
C SER A 1055 -24.33 -57.90 -83.53
N ALA A 1056 -23.41 -56.98 -83.24
CA ALA A 1056 -23.52 -55.60 -83.69
C ALA A 1056 -22.28 -55.10 -84.43
N LEU A 1057 -21.09 -55.51 -84.00
CA LEU A 1057 -19.85 -55.00 -84.59
C LEU A 1057 -19.29 -56.00 -85.59
N ARG A 1058 -18.67 -55.47 -86.64
CA ARG A 1058 -18.19 -56.31 -87.73
C ARG A 1058 -17.00 -55.62 -88.40
N GLY A 1059 -16.30 -56.38 -89.24
CA GLY A 1059 -15.12 -55.90 -89.93
C GLY A 1059 -15.42 -55.61 -91.40
N THR A 1060 -15.07 -54.39 -91.82
CA THR A 1060 -15.00 -53.93 -93.20
C THR A 1060 -16.36 -53.85 -93.91
N SER A 1061 -17.46 -54.24 -93.25
CA SER A 1061 -18.77 -54.18 -93.89
C SER A 1061 -19.82 -54.56 -92.87
N SER A 1062 -21.09 -54.39 -93.26
CA SER A 1062 -22.20 -54.82 -92.43
C SER A 1062 -22.36 -56.34 -92.41
N THR A 1063 -21.60 -57.07 -93.23
CA THR A 1063 -21.68 -58.52 -93.31
C THR A 1063 -20.30 -59.16 -93.17
N GLY A 1064 -19.42 -58.57 -92.38
CA GLY A 1064 -18.06 -59.04 -92.21
C GLY A 1064 -17.87 -59.90 -90.98
N ALA A 1065 -16.61 -60.04 -90.58
CA ALA A 1065 -16.27 -60.86 -89.43
C ALA A 1065 -16.73 -60.21 -88.13
N LEU A 1066 -17.26 -61.02 -87.23
CA LEU A 1066 -17.70 -60.53 -85.94
C LEU A 1066 -16.54 -60.45 -84.96
N TYR A 1067 -16.41 -59.30 -84.31
CA TYR A 1067 -15.40 -59.15 -83.27
C TYR A 1067 -15.63 -60.18 -82.18
N GLN A 1068 -14.55 -60.79 -81.70
CA GLN A 1068 -14.63 -61.83 -80.70
C GLN A 1068 -13.57 -61.62 -79.65
N PRO A 1069 -13.76 -62.17 -78.45
CA PRO A 1069 -12.76 -62.02 -77.39
C PRO A 1069 -11.71 -63.11 -77.44
N VAL A 1070 -10.47 -62.73 -77.13
CA VAL A 1070 -9.35 -63.66 -77.18
C VAL A 1070 -9.46 -64.63 -76.02
N SER A 1071 -9.32 -65.93 -76.33
CA SER A 1071 -9.43 -66.96 -75.31
C SER A 1071 -8.18 -67.00 -74.45
N GLY A 1072 -8.35 -66.83 -73.14
CA GLY A 1072 -7.26 -66.91 -72.20
C GLY A 1072 -6.60 -65.59 -71.87
N ALA A 1073 -6.79 -64.56 -72.68
CA ALA A 1073 -6.20 -63.26 -72.42
C ALA A 1073 -7.06 -62.46 -71.47
N THR A 1074 -6.43 -61.74 -70.55
CA THR A 1074 -7.16 -60.98 -69.56
C THR A 1074 -7.85 -59.78 -70.21
N ALA A 1075 -8.92 -59.33 -69.57
CA ALA A 1075 -9.59 -58.11 -70.02
C ALA A 1075 -8.64 -56.93 -69.93
N ALA A 1076 -8.61 -56.14 -71.01
CA ALA A 1076 -7.67 -55.03 -71.10
C ALA A 1076 -8.03 -53.93 -70.11
N THR A 1077 -7.01 -53.37 -69.47
CA THR A 1077 -7.20 -52.29 -68.51
C THR A 1077 -7.24 -50.94 -69.24
N ILE A 1078 -8.07 -50.04 -68.73
CA ILE A 1078 -8.20 -48.70 -69.29
C ILE A 1078 -7.15 -47.78 -68.67
N GLN A 1079 -6.42 -47.05 -69.52
CA GLN A 1079 -5.42 -46.09 -69.10
C GLN A 1079 -5.93 -44.66 -69.32
N PRO A 1080 -5.50 -43.71 -68.50
CA PRO A 1080 -5.95 -42.32 -68.68
C PRO A 1080 -5.08 -41.55 -69.67
N THR A 1081 -5.63 -40.42 -70.12
CA THR A 1081 -4.89 -39.51 -70.99
C THR A 1081 -5.58 -38.15 -70.99
N ILE A 1082 -4.86 -37.14 -71.47
CA ILE A 1082 -5.37 -35.78 -71.46
C ILE A 1082 -6.55 -35.64 -72.42
N GLY A 1083 -7.44 -34.70 -72.11
CA GLY A 1083 -8.63 -34.43 -72.91
C GLY A 1083 -8.47 -33.18 -73.76
N ALA A 1084 -9.48 -32.32 -73.72
CA ALA A 1084 -9.49 -31.13 -74.54
C ALA A 1084 -8.68 -30.00 -73.91
N VAL A 1085 -8.45 -28.96 -74.70
CA VAL A 1085 -7.66 -27.81 -74.29
C VAL A 1085 -8.42 -26.54 -74.66
N GLN A 1086 -8.16 -25.46 -73.93
CA GLN A 1086 -8.76 -24.17 -74.25
C GLN A 1086 -7.83 -23.04 -73.83
N VAL A 1087 -7.58 -22.10 -74.74
CA VAL A 1087 -6.91 -20.86 -74.38
C VAL A 1087 -7.92 -19.89 -73.80
N THR A 1088 -7.68 -19.44 -72.57
CA THR A 1088 -8.54 -18.46 -71.92
C THR A 1088 -7.89 -17.09 -71.79
N THR A 1089 -6.58 -17.00 -71.96
CA THR A 1089 -5.85 -15.74 -71.91
C THR A 1089 -4.60 -15.92 -72.77
N SER A 1090 -3.95 -14.81 -73.09
CA SER A 1090 -2.73 -14.90 -73.89
C SER A 1090 -1.66 -15.77 -73.27
N THR A 1091 -1.83 -16.19 -72.00
CA THR A 1091 -0.83 -17.00 -71.32
C THR A 1091 -1.38 -18.24 -70.63
N ARG A 1092 -2.69 -18.38 -70.47
CA ARG A 1092 -3.28 -19.43 -69.66
C ARG A 1092 -3.95 -20.48 -70.54
N LEU A 1093 -3.97 -21.72 -70.05
CA LEU A 1093 -4.69 -22.82 -70.69
C LEU A 1093 -5.37 -23.66 -69.63
N LEU A 1094 -6.46 -24.33 -70.03
CA LEU A 1094 -7.21 -25.21 -69.17
C LEU A 1094 -7.36 -26.55 -69.86
N VAL A 1095 -7.06 -27.63 -69.14
CA VAL A 1095 -7.02 -28.98 -69.70
C VAL A 1095 -7.95 -29.86 -68.90
N THR A 1096 -8.86 -30.54 -69.59
CA THR A 1096 -9.76 -31.49 -68.96
C THR A 1096 -9.02 -32.76 -68.59
N LEU A 1097 -9.40 -33.36 -67.47
CA LEU A 1097 -8.78 -34.59 -66.99
C LEU A 1097 -9.80 -35.72 -66.98
N PRO A 1098 -9.35 -36.97 -67.07
CA PRO A 1098 -10.31 -38.08 -67.14
C PRO A 1098 -11.00 -38.36 -65.82
N ALA A 1099 -10.35 -38.05 -64.70
CA ALA A 1099 -10.95 -38.24 -63.39
C ALA A 1099 -10.26 -37.30 -62.42
N ALA A 1100 -10.91 -37.06 -61.29
CA ALA A 1100 -10.40 -36.13 -60.29
C ALA A 1100 -9.10 -36.66 -59.69
N MET A 1101 -7.98 -36.02 -60.01
CA MET A 1101 -6.71 -36.42 -59.44
C MET A 1101 -6.68 -36.09 -57.95
N SER A 1102 -5.80 -36.80 -57.22
CA SER A 1102 -5.67 -36.60 -55.78
C SER A 1102 -4.23 -36.44 -55.31
N SER A 1103 -3.24 -36.95 -56.05
CA SER A 1103 -1.88 -36.93 -55.55
C SER A 1103 -0.86 -37.04 -56.68
N PRO A 1104 -0.61 -35.96 -57.42
CA PRO A 1104 0.51 -35.99 -58.38
C PRO A 1104 1.86 -36.05 -57.67
N VAL A 1105 2.95 -36.00 -58.42
CA VAL A 1105 4.30 -36.10 -57.87
C VAL A 1105 5.12 -34.94 -58.42
N PRO A 1106 5.42 -33.90 -57.63
CA PRO A 1106 5.02 -33.65 -56.23
C PRO A 1106 3.55 -33.29 -56.11
N ASN A 1107 2.98 -33.33 -54.90
CA ASN A 1107 1.60 -32.90 -54.73
C ASN A 1107 1.41 -31.45 -55.15
N PRO A 1108 2.21 -30.49 -54.67
CA PRO A 1108 2.24 -29.17 -55.30
C PRO A 1108 3.11 -29.19 -56.56
N LEU A 1109 2.48 -29.15 -57.73
CA LEU A 1109 3.22 -29.32 -58.97
C LEU A 1109 4.13 -28.12 -59.22
N THR A 1110 5.10 -28.32 -60.11
CA THR A 1110 6.16 -27.36 -60.33
C THR A 1110 6.41 -27.21 -61.83
N ALA A 1111 7.18 -26.18 -62.19
CA ALA A 1111 7.53 -25.97 -63.57
C ALA A 1111 8.39 -27.11 -64.11
N ASP A 1112 9.34 -27.59 -63.30
CA ASP A 1112 10.17 -28.71 -63.73
C ASP A 1112 9.34 -29.97 -63.90
N ALA A 1113 8.42 -30.23 -62.98
CA ALA A 1113 7.62 -31.45 -63.05
C ALA A 1113 6.75 -31.47 -64.31
N CYS A 1114 6.13 -30.34 -64.65
CA CYS A 1114 5.23 -30.31 -65.79
C CYS A 1114 5.99 -30.37 -67.12
N ASN A 1115 7.14 -29.70 -67.20
CA ASN A 1115 7.94 -29.78 -68.42
C ASN A 1115 8.31 -31.22 -68.77
N ALA A 1116 8.48 -32.08 -67.77
CA ALA A 1116 8.92 -33.44 -68.03
C ALA A 1116 7.78 -34.37 -68.40
N ALA A 1117 6.54 -33.89 -68.43
CA ALA A 1117 5.38 -34.73 -68.65
C ALA A 1117 4.58 -34.39 -69.90
N LEU A 1118 4.45 -33.11 -70.23
CA LEU A 1118 3.67 -32.68 -71.39
C LEU A 1118 4.58 -32.02 -72.41
N ASP A 1119 4.14 -32.00 -73.66
CA ASP A 1119 4.95 -31.52 -74.78
C ASP A 1119 4.11 -30.60 -75.65
N LEU A 1120 4.70 -29.47 -76.05
CA LEU A 1120 4.02 -28.44 -76.84
C LEU A 1120 4.91 -28.12 -78.05
N SER A 1121 4.74 -28.89 -79.12
CA SER A 1121 5.49 -28.71 -80.36
C SER A 1121 7.00 -28.81 -80.13
N GLY A 1122 7.42 -29.45 -79.06
CA GLY A 1122 8.83 -29.67 -78.82
C GLY A 1122 9.61 -28.42 -78.45
N LYS A 1123 8.95 -27.40 -77.91
CA LYS A 1123 9.65 -26.18 -77.50
C LYS A 1123 10.37 -26.41 -76.18
N SER A 1124 11.47 -25.67 -75.99
CA SER A 1124 12.30 -25.82 -74.80
C SER A 1124 11.70 -25.01 -73.66
N SER A 1125 11.42 -25.67 -72.54
CA SER A 1125 10.80 -25.05 -71.38
C SER A 1125 9.58 -24.25 -71.83
N PRO A 1126 8.53 -24.92 -72.31
CA PRO A 1126 7.36 -24.20 -72.82
C PRO A 1126 6.41 -23.73 -71.73
N PHE A 1127 6.77 -23.92 -70.48
CA PHE A 1127 5.82 -23.90 -69.37
C PHE A 1127 6.34 -22.95 -68.31
N ALA A 1128 5.44 -22.17 -67.70
CA ALA A 1128 5.85 -21.22 -66.66
C ALA A 1128 5.47 -21.70 -65.27
N ALA A 1129 4.31 -22.32 -65.13
CA ALA A 1129 3.85 -22.83 -63.85
C ALA A 1129 2.55 -23.58 -64.09
N CYS A 1130 2.23 -24.49 -63.17
CA CYS A 1130 1.09 -25.37 -63.38
C CYS A 1130 0.49 -25.78 -62.05
N THR A 1131 -0.85 -25.83 -62.01
CA THR A 1131 -1.60 -26.23 -60.84
C THR A 1131 -2.71 -27.17 -61.25
N ALA A 1132 -3.18 -27.97 -60.29
CA ALA A 1132 -4.23 -28.95 -60.53
C ALA A 1132 -5.30 -28.81 -59.45
N SER A 1133 -6.56 -28.81 -59.87
CA SER A 1133 -7.66 -28.68 -58.93
C SER A 1133 -8.93 -29.21 -59.60
N GLY A 1134 -9.65 -30.07 -58.90
CA GLY A 1134 -10.82 -30.69 -59.50
C GLY A 1134 -10.42 -31.49 -60.71
N THR A 1135 -11.13 -31.28 -61.82
CA THR A 1135 -10.83 -31.93 -63.09
C THR A 1135 -10.17 -30.99 -64.09
N THR A 1136 -9.49 -29.95 -63.61
CA THR A 1136 -8.89 -28.93 -64.45
C THR A 1136 -7.42 -28.77 -64.08
N LEU A 1137 -6.56 -28.73 -65.08
CA LEU A 1137 -5.13 -28.44 -64.90
C LEU A 1137 -4.87 -27.04 -65.45
N THR A 1138 -4.98 -26.03 -64.58
CA THR A 1138 -4.71 -24.65 -64.97
C THR A 1138 -3.23 -24.49 -65.25
N LEU A 1139 -2.89 -23.48 -66.07
CA LEU A 1139 -1.55 -23.43 -66.61
C LEU A 1139 -1.18 -22.03 -67.08
N ASP A 1140 0.13 -21.82 -67.28
CA ASP A 1140 0.71 -20.61 -67.82
C ASP A 1140 1.71 -20.98 -68.90
N LEU A 1141 2.00 -20.03 -69.80
CA LEU A 1141 2.93 -20.25 -70.90
C LEU A 1141 4.18 -19.37 -70.74
N ALA A 1142 5.31 -19.89 -71.22
CA ALA A 1142 6.56 -19.17 -71.09
C ALA A 1142 6.52 -17.84 -71.81
N SER A 1143 6.01 -17.82 -73.04
CA SER A 1143 5.91 -16.60 -73.84
C SER A 1143 4.50 -16.49 -74.38
N ALA A 1144 4.31 -15.53 -75.29
CA ALA A 1144 2.98 -15.31 -75.84
C ALA A 1144 2.52 -16.52 -76.65
N PHE A 1145 1.21 -16.76 -76.62
CA PHE A 1145 0.64 -17.92 -77.29
C PHE A 1145 0.81 -17.79 -78.80
N VAL A 1146 1.42 -18.82 -79.40
CA VAL A 1146 1.73 -18.85 -80.82
C VAL A 1146 0.73 -19.78 -81.49
N PRO A 1147 -0.19 -19.28 -82.31
CA PRO A 1147 -1.23 -20.16 -82.88
C PRO A 1147 -0.62 -21.30 -83.68
N GLY A 1148 -1.18 -22.49 -83.50
CA GLY A 1148 -0.76 -23.65 -84.26
C GLY A 1148 -0.38 -24.85 -83.41
N ASP A 1149 0.20 -24.60 -82.24
CA ASP A 1149 0.78 -25.68 -81.44
C ASP A 1149 -0.28 -26.72 -81.08
N ARG A 1150 0.21 -27.87 -80.59
CA ARG A 1150 -0.64 -28.93 -80.09
C ARG A 1150 0.00 -29.50 -78.83
N LEU A 1151 -0.78 -30.28 -78.08
CA LEU A 1151 -0.37 -30.80 -76.79
C LEU A 1151 -0.48 -32.32 -76.77
N ASN A 1152 0.56 -32.99 -76.29
CA ASN A 1152 0.57 -34.43 -76.14
C ASN A 1152 1.53 -34.80 -75.02
N VAL A 1153 1.29 -35.96 -74.41
CA VAL A 1153 2.07 -36.41 -73.27
C VAL A 1153 3.36 -37.05 -73.76
N LYS A 1154 4.48 -36.67 -73.15
CA LYS A 1154 5.77 -37.23 -73.48
C LYS A 1154 5.81 -38.72 -73.14
N SER A 1155 6.90 -39.38 -73.54
CA SER A 1155 7.03 -40.81 -73.32
C SER A 1155 7.38 -41.12 -71.86
N THR A 1156 8.16 -40.25 -71.22
CA THR A 1156 8.70 -40.50 -69.89
C THR A 1156 7.88 -39.86 -68.79
N ASN A 1157 6.56 -39.77 -68.94
CA ASN A 1157 5.73 -39.15 -67.92
C ASN A 1157 5.91 -39.87 -66.59
N THR A 1158 6.14 -39.09 -65.53
CA THR A 1158 6.29 -39.65 -64.19
C THR A 1158 5.52 -38.82 -63.16
N ALA A 1159 5.11 -37.61 -63.55
CA ALA A 1159 4.50 -36.69 -62.58
C ALA A 1159 3.01 -36.92 -62.44
N LEU A 1160 2.27 -36.84 -63.55
CA LEU A 1160 0.81 -36.91 -63.52
C LEU A 1160 0.38 -38.36 -63.61
N ARG A 1161 -0.26 -38.85 -62.55
CA ARG A 1161 -0.79 -40.20 -62.50
C ARG A 1161 -2.14 -40.17 -61.78
N LEU A 1162 -2.98 -41.15 -62.09
CA LEU A 1162 -4.32 -41.24 -61.53
C LEU A 1162 -4.39 -42.41 -60.56
N GLY A 1163 -4.95 -42.15 -59.38
CA GLY A 1163 -5.12 -43.17 -58.36
C GLY A 1163 -4.07 -43.08 -57.27
N THR A 1164 -4.15 -44.04 -56.36
CA THR A 1164 -3.25 -44.12 -55.22
C THR A 1164 -2.74 -45.54 -55.05
N GLY A 1165 -1.56 -45.67 -54.46
CA GLY A 1165 -1.02 -46.99 -54.15
C GLY A 1165 -0.57 -47.73 -55.41
N ALA A 1166 -0.58 -49.06 -55.30
CA ALA A 1166 -0.13 -49.90 -56.40
C ALA A 1166 -1.11 -49.89 -57.58
N SER A 1167 -2.28 -49.29 -57.39
CA SER A 1167 -3.27 -49.19 -58.47
C SER A 1167 -3.03 -47.97 -59.36
N ALA A 1168 -1.96 -47.21 -59.13
CA ALA A 1168 -1.71 -46.02 -59.92
C ALA A 1168 -1.57 -46.37 -61.40
N LEU A 1169 -2.20 -45.55 -62.24
CA LEU A 1169 -2.16 -45.72 -63.69
C LEU A 1169 -1.58 -44.45 -64.29
N PHE A 1170 -0.48 -44.59 -65.02
CA PHE A 1170 0.23 -43.44 -65.58
C PHE A 1170 -0.43 -42.99 -66.87
N PHE A 1171 -0.36 -41.69 -67.14
CA PHE A 1171 -0.96 -41.13 -68.34
C PHE A 1171 -0.11 -41.47 -69.56
N GLN A 1172 -0.77 -41.86 -70.65
CA GLN A 1172 -0.10 -42.37 -71.83
C GLN A 1172 -0.35 -41.45 -73.02
N PRO A 1173 0.54 -41.47 -74.02
CA PRO A 1173 0.25 -40.75 -75.26
C PRO A 1173 -1.02 -41.26 -75.93
N LEU A 1174 -1.73 -40.34 -76.58
CA LEU A 1174 -3.02 -40.66 -77.16
C LEU A 1174 -2.86 -41.43 -78.46
N ALA A 1175 -3.93 -42.10 -78.86
CA ALA A 1175 -3.91 -42.91 -80.09
C ALA A 1175 -3.99 -42.04 -81.33
N THR A 1176 -4.76 -40.96 -81.28
CA THR A 1176 -4.94 -40.12 -82.46
C THR A 1176 -3.61 -39.54 -82.92
N SER A 1177 -3.34 -39.66 -84.22
CA SER A 1177 -2.07 -39.15 -84.75
C SER A 1177 -1.93 -37.65 -84.54
N PRO A 1178 -2.92 -36.82 -84.84
CA PRO A 1178 -2.76 -35.37 -84.58
C PRO A 1178 -2.97 -35.07 -83.10
N ALA A 1179 -2.01 -34.36 -82.51
CA ALA A 1179 -2.10 -34.00 -81.12
C ALA A 1179 -3.25 -33.01 -80.89
N ASN A 1180 -3.76 -33.01 -79.67
CA ASN A 1180 -4.92 -32.18 -79.35
C ASN A 1180 -4.64 -30.72 -79.67
N ILE A 1181 -5.60 -30.07 -80.32
CA ILE A 1181 -5.41 -28.70 -80.75
C ILE A 1181 -5.73 -27.74 -79.61
N LEU A 1182 -5.16 -26.54 -79.70
CA LEU A 1182 -5.42 -25.48 -78.74
C LEU A 1182 -6.53 -24.60 -79.29
N ASN A 1183 -7.69 -24.61 -78.63
CA ASN A 1183 -8.86 -23.87 -79.10
C ASN A 1183 -8.84 -22.46 -78.53
N PRO A 1184 -8.67 -21.41 -79.34
CA PRO A 1184 -8.80 -20.06 -78.80
C PRO A 1184 -10.24 -19.73 -78.44
N THR A 1185 -10.41 -18.88 -77.43
CA THR A 1185 -11.72 -18.44 -77.00
C THR A 1185 -11.65 -16.95 -76.66
N PHE A 1186 -12.82 -16.39 -76.34
CA PHE A 1186 -12.89 -15.00 -75.91
C PHE A 1186 -12.17 -14.82 -74.59
N VAL A 1187 -11.48 -13.70 -74.45
CA VAL A 1187 -10.77 -13.39 -73.20
C VAL A 1187 -11.71 -12.68 -72.22
N SER A 1188 -12.21 -11.51 -72.62
CA SER A 1188 -13.11 -10.73 -71.77
C SER A 1188 -13.90 -9.78 -72.64
N ALA A 1189 -15.03 -9.32 -72.10
CA ALA A 1189 -15.93 -8.41 -72.81
C ALA A 1189 -16.31 -7.25 -71.90
N LYS A 1190 -16.52 -6.08 -72.50
CA LYS A 1190 -17.04 -4.94 -71.78
C LYS A 1190 -17.78 -4.02 -72.75
N ALA A 1191 -18.86 -3.44 -72.27
CA ALA A 1191 -19.70 -2.57 -73.08
C ALA A 1191 -19.25 -1.11 -72.91
N THR A 1192 -18.73 -0.53 -73.98
CA THR A 1192 -18.36 0.89 -73.97
C THR A 1192 -19.56 1.80 -74.09
N SER A 1193 -20.72 1.25 -74.46
CA SER A 1193 -21.95 2.02 -74.60
C SER A 1193 -23.09 1.02 -74.71
N THR A 1194 -24.31 1.53 -74.71
CA THR A 1194 -25.47 0.63 -74.72
C THR A 1194 -25.61 -0.16 -76.01
N SER A 1195 -24.86 0.19 -77.07
CA SER A 1195 -24.94 -0.56 -78.32
C SER A 1195 -23.54 -0.73 -78.93
N VAL A 1196 -22.53 -0.96 -78.10
CA VAL A 1196 -21.20 -1.32 -78.58
C VAL A 1196 -20.56 -2.27 -77.58
N VAL A 1197 -19.80 -3.23 -78.09
CA VAL A 1197 -19.10 -4.21 -77.27
C VAL A 1197 -17.74 -4.48 -77.91
N VAL A 1198 -16.70 -4.49 -77.09
CA VAL A 1198 -15.32 -4.63 -77.57
C VAL A 1198 -14.76 -5.88 -76.90
N VAL A 1199 -14.87 -7.01 -77.59
CA VAL A 1199 -14.30 -8.26 -77.11
C VAL A 1199 -12.80 -8.27 -77.37
N SER A 1200 -12.04 -8.77 -76.40
CA SER A 1200 -10.60 -8.90 -76.52
C SER A 1200 -10.25 -10.36 -76.82
N LEU A 1201 -9.24 -10.55 -77.67
CA LEU A 1201 -8.87 -11.88 -78.14
C LEU A 1201 -7.46 -12.25 -77.69
N PRO A 1202 -7.16 -13.54 -77.55
CA PRO A 1202 -5.88 -13.93 -76.97
C PRO A 1202 -4.68 -13.69 -77.88
N ALA A 1203 -4.87 -13.61 -79.20
CA ALA A 1203 -3.76 -13.42 -80.12
C ALA A 1203 -4.30 -12.92 -81.45
N ALA A 1204 -3.39 -12.70 -82.39
CA ALA A 1204 -3.77 -12.20 -83.70
C ALA A 1204 -4.76 -13.14 -84.37
N SER A 1205 -5.78 -12.58 -85.01
CA SER A 1205 -6.83 -13.36 -85.65
C SER A 1205 -7.26 -12.65 -86.92
N THR A 1206 -8.24 -13.25 -87.62
CA THR A 1206 -8.78 -12.65 -88.83
C THR A 1206 -9.97 -13.47 -89.31
N PHE A 1207 -10.94 -12.79 -89.92
CA PHE A 1207 -12.05 -13.46 -90.57
C PHE A 1207 -11.61 -13.99 -91.94
N VAL A 1208 -12.11 -15.17 -92.29
CA VAL A 1208 -11.85 -15.77 -93.59
C VAL A 1208 -13.19 -16.27 -94.14
N LYS A 1209 -13.56 -15.79 -95.33
CA LYS A 1209 -14.80 -16.19 -95.99
C LYS A 1209 -14.51 -16.47 -97.45
N SER A 1210 -14.96 -17.64 -97.92
CA SER A 1210 -14.85 -18.00 -99.33
C SER A 1210 -13.41 -17.89 -99.83
N GLY A 1211 -12.46 -18.29 -98.97
CA GLY A 1211 -11.07 -18.34 -99.32
C GLY A 1211 -10.34 -17.01 -99.26
N SER A 1212 -11.06 -15.91 -99.05
CA SER A 1212 -10.43 -14.60 -99.01
C SER A 1212 -10.28 -14.13 -97.57
N ALA A 1213 -9.44 -13.10 -97.40
CA ALA A 1213 -9.25 -12.47 -96.10
C ALA A 1213 -10.15 -11.25 -95.98
N THR A 1214 -10.87 -11.17 -94.87
CA THR A 1214 -11.84 -10.10 -94.65
C THR A 1214 -11.67 -9.52 -93.26
N ALA A 1215 -12.09 -8.28 -93.11
CA ALA A 1215 -12.01 -7.58 -91.84
C ALA A 1215 -13.30 -7.60 -91.04
N GLY A 1216 -14.45 -7.58 -91.72
CA GLY A 1216 -15.74 -7.60 -91.06
C GLY A 1216 -16.71 -8.50 -91.79
N LEU A 1217 -17.96 -8.46 -91.34
CA LEU A 1217 -19.00 -9.32 -91.90
C LEU A 1217 -20.37 -8.69 -91.66
N VAL A 1218 -21.26 -8.88 -92.63
CA VAL A 1218 -22.61 -8.32 -92.58
C VAL A 1218 -23.44 -9.17 -91.64
N LYS A 1219 -24.64 -8.71 -91.29
CA LYS A 1219 -25.43 -9.31 -90.23
C LYS A 1219 -25.51 -10.83 -90.37
N ALA A 1220 -26.09 -11.30 -91.47
CA ALA A 1220 -26.32 -12.74 -91.62
C ALA A 1220 -25.02 -13.53 -91.52
N ASP A 1221 -23.88 -12.91 -91.85
CA ASP A 1221 -22.60 -13.59 -91.68
C ASP A 1221 -22.20 -13.71 -90.22
N CYS A 1222 -22.41 -12.66 -89.42
CA CYS A 1222 -22.10 -12.73 -88.00
C CYS A 1222 -23.24 -13.36 -87.19
N ASP A 1223 -24.42 -13.56 -87.77
CA ASP A 1223 -25.58 -13.96 -86.99
C ASP A 1223 -25.58 -15.44 -86.64
N THR A 1224 -25.20 -16.30 -87.58
CA THR A 1224 -25.01 -17.72 -87.31
C THR A 1224 -23.64 -18.02 -86.75
N VAL A 1225 -23.02 -17.03 -86.10
CA VAL A 1225 -21.62 -17.05 -85.73
C VAL A 1225 -21.44 -16.73 -84.25
N LEU A 1226 -21.94 -15.58 -83.82
CA LEU A 1226 -21.92 -15.21 -82.41
C LEU A 1226 -23.27 -14.57 -82.08
N ALA A 1227 -23.77 -14.83 -80.88
CA ALA A 1227 -25.11 -14.40 -80.49
C ALA A 1227 -25.07 -13.84 -79.08
N MET A 1228 -25.58 -12.62 -78.91
CA MET A 1228 -25.82 -12.08 -77.59
C MET A 1228 -26.92 -12.87 -76.90
N SER A 1229 -26.85 -12.93 -75.57
CA SER A 1229 -27.82 -13.72 -74.82
C SER A 1229 -29.25 -13.22 -75.02
N SER A 1230 -29.42 -11.98 -75.48
CA SER A 1230 -30.74 -11.45 -75.78
C SER A 1230 -30.60 -10.30 -76.77
N GLY A 1231 -31.37 -10.36 -77.85
CA GLY A 1231 -31.41 -9.31 -78.84
C GLY A 1231 -30.94 -9.76 -80.21
N SER A 1232 -30.54 -8.77 -81.01
CA SER A 1232 -30.07 -9.02 -82.37
C SER A 1232 -29.04 -7.96 -82.73
N LEU A 1233 -28.28 -8.23 -83.79
CA LEU A 1233 -27.19 -7.37 -84.20
C LEU A 1233 -27.67 -6.29 -85.15
N VAL A 1234 -26.73 -5.48 -85.65
CA VAL A 1234 -27.07 -4.34 -86.49
C VAL A 1234 -27.42 -4.81 -87.90
N GLY A 1235 -28.21 -4.01 -88.59
CA GLY A 1235 -28.66 -4.34 -89.93
C GLY A 1235 -27.64 -4.06 -91.02
N SER A 1236 -27.29 -2.79 -91.20
CA SER A 1236 -26.48 -2.35 -92.31
C SER A 1236 -25.04 -2.11 -91.87
N GLY A 1237 -24.09 -2.60 -92.67
CA GLY A 1237 -22.69 -2.44 -92.38
C GLY A 1237 -22.09 -3.64 -91.69
N ASN A 1238 -20.81 -3.50 -91.36
CA ASN A 1238 -20.09 -4.59 -90.71
C ASN A 1238 -20.63 -4.79 -89.31
N ALA A 1239 -21.47 -5.81 -89.12
CA ALA A 1239 -22.01 -6.11 -87.81
C ALA A 1239 -20.92 -6.57 -86.84
N CYS A 1240 -19.80 -7.05 -87.35
CA CYS A 1240 -18.72 -7.53 -86.50
C CYS A 1240 -17.40 -7.28 -87.22
N ASP A 1241 -16.56 -6.41 -86.67
CA ASP A 1241 -15.40 -5.88 -87.37
C ASP A 1241 -14.14 -5.98 -86.51
N LEU A 1242 -12.99 -5.93 -87.18
CA LEU A 1242 -11.69 -5.88 -86.52
C LEU A 1242 -10.76 -4.83 -87.09
N ASN A 1243 -11.23 -3.97 -87.99
CA ASN A 1243 -10.38 -2.97 -88.64
C ASN A 1243 -9.32 -3.74 -89.42
N THR A 1244 -8.02 -3.53 -89.19
CA THR A 1244 -7.02 -4.39 -89.79
C THR A 1244 -7.26 -5.83 -89.35
N THR A 1245 -7.17 -6.76 -90.30
CA THR A 1245 -7.50 -8.15 -90.01
C THR A 1245 -6.66 -8.68 -88.86
N SER A 1246 -5.34 -8.49 -88.94
CA SER A 1246 -4.40 -9.00 -87.93
C SER A 1246 -4.45 -8.07 -86.72
N SER A 1247 -5.44 -8.30 -85.85
CA SER A 1247 -5.67 -7.45 -84.70
C SER A 1247 -6.10 -8.32 -83.53
N SER A 1248 -6.62 -7.68 -82.48
CA SER A 1248 -6.94 -8.40 -81.25
C SER A 1248 -8.26 -7.97 -80.61
N GLN A 1249 -9.06 -7.13 -81.25
CA GLN A 1249 -10.30 -6.64 -80.68
C GLN A 1249 -11.42 -6.75 -81.70
N LEU A 1250 -12.64 -6.94 -81.20
CA LEU A 1250 -13.81 -7.17 -82.03
C LEU A 1250 -14.92 -6.24 -81.56
N ILE A 1251 -15.49 -5.49 -82.50
CA ILE A 1251 -16.53 -4.50 -82.20
C ILE A 1251 -17.85 -5.01 -82.74
N VAL A 1252 -18.88 -4.99 -81.90
CA VAL A 1252 -20.20 -5.48 -82.22
C VAL A 1252 -21.20 -4.35 -82.04
N THR A 1253 -22.18 -4.29 -82.94
CA THR A 1253 -23.24 -3.30 -82.89
C THR A 1253 -24.58 -4.00 -82.86
N LEU A 1254 -25.51 -3.47 -82.08
CA LEU A 1254 -26.80 -4.08 -81.85
C LEU A 1254 -27.89 -3.27 -82.55
N ALA A 1255 -29.14 -3.66 -82.31
CA ALA A 1255 -30.29 -2.93 -82.83
C ALA A 1255 -30.75 -1.86 -81.82
N GLY A 1256 -29.86 -0.91 -81.58
CA GLY A 1256 -30.14 0.19 -80.68
C GLY A 1256 -29.59 -0.04 -79.29
N THR A 1257 -29.92 0.91 -78.41
CA THR A 1257 -29.45 0.92 -77.02
C THR A 1257 -30.24 -0.12 -76.25
N THR A 1258 -29.71 -1.35 -76.18
CA THR A 1258 -30.42 -2.47 -75.59
C THR A 1258 -29.56 -3.30 -74.63
N TYR A 1259 -28.35 -2.85 -74.29
CA TYR A 1259 -27.53 -3.59 -73.34
C TYR A 1259 -27.90 -3.21 -71.91
N ALA A 1260 -28.16 -4.21 -71.08
CA ALA A 1260 -28.37 -4.04 -69.66
C ALA A 1260 -27.51 -5.06 -68.92
N PRO A 1261 -27.08 -4.76 -67.70
CA PRO A 1261 -26.25 -5.73 -66.97
C PRO A 1261 -26.94 -7.09 -66.87
N GLY A 1262 -26.16 -8.13 -67.05
CA GLY A 1262 -26.67 -9.49 -67.14
C GLY A 1262 -26.73 -10.05 -68.55
N GLN A 1263 -25.92 -9.54 -69.47
CA GLN A 1263 -25.89 -10.02 -70.84
C GLN A 1263 -24.49 -10.53 -71.18
N THR A 1264 -24.44 -11.57 -72.02
CA THR A 1264 -23.24 -12.34 -72.24
C THR A 1264 -22.99 -12.53 -73.74
N ILE A 1265 -21.72 -12.71 -74.09
CA ILE A 1265 -21.28 -12.88 -75.46
C ILE A 1265 -20.64 -14.25 -75.60
N ASN A 1266 -21.00 -14.98 -76.64
CA ASN A 1266 -20.58 -16.37 -76.80
C ASN A 1266 -20.35 -16.67 -78.28
N VAL A 1267 -19.49 -17.65 -78.54
CA VAL A 1267 -19.28 -18.17 -79.88
C VAL A 1267 -20.14 -19.42 -80.07
N LEU A 1268 -20.94 -19.42 -81.13
CA LEU A 1268 -21.91 -20.48 -81.34
C LEU A 1268 -21.22 -21.76 -81.78
N THR A 1269 -21.93 -22.88 -81.59
CA THR A 1269 -21.35 -24.20 -81.85
C THR A 1269 -20.98 -24.35 -83.32
N THR A 1270 -21.87 -23.94 -84.22
CA THR A 1270 -21.69 -24.12 -85.65
C THR A 1270 -21.13 -22.83 -86.24
N ASN A 1271 -19.80 -22.76 -86.34
CA ASN A 1271 -19.14 -21.60 -86.90
C ASN A 1271 -17.81 -22.01 -87.50
N THR A 1272 -17.45 -21.38 -88.61
CA THR A 1272 -16.18 -21.65 -89.27
C THR A 1272 -15.42 -20.40 -89.71
N MET A 1273 -16.07 -19.24 -89.81
CA MET A 1273 -15.38 -18.04 -90.28
C MET A 1273 -14.37 -17.55 -89.25
N LEU A 1274 -14.66 -17.69 -87.97
CA LEU A 1274 -13.71 -17.32 -86.93
C LEU A 1274 -12.50 -18.25 -86.98
N LEU A 1275 -11.34 -17.66 -87.25
CA LEU A 1275 -10.09 -18.39 -87.29
C LEU A 1275 -8.99 -17.48 -86.78
N ALA A 1276 -8.12 -18.03 -85.95
CA ALA A 1276 -7.00 -17.29 -85.38
C ALA A 1276 -5.71 -17.63 -86.12
N GLY A 1277 -4.85 -16.62 -86.27
CA GLY A 1277 -3.56 -16.81 -86.90
C GLY A 1277 -3.53 -16.51 -88.38
N SER A 1278 -4.15 -17.35 -89.20
CA SER A 1278 -4.01 -17.24 -90.65
C SER A 1278 -5.28 -17.74 -91.31
N SER A 1279 -5.20 -17.97 -92.63
CA SER A 1279 -6.34 -18.43 -93.40
C SER A 1279 -6.74 -19.86 -93.07
N SER A 1280 -5.91 -20.61 -92.35
CA SER A 1280 -6.22 -21.99 -92.00
C SER A 1280 -5.88 -22.30 -90.55
N GLY A 1281 -5.99 -21.31 -89.67
CA GLY A 1281 -5.70 -21.51 -88.27
C GLY A 1281 -6.87 -22.07 -87.51
N PRO A 1282 -6.68 -22.26 -86.21
CA PRO A 1282 -7.74 -22.87 -85.39
C PRO A 1282 -8.99 -22.00 -85.37
N ALA A 1283 -10.14 -22.66 -85.24
CA ALA A 1283 -11.40 -21.96 -85.11
C ALA A 1283 -11.82 -21.85 -83.65
N TYR A 1284 -12.48 -20.75 -83.32
CA TYR A 1284 -12.89 -20.48 -81.95
C TYR A 1284 -13.95 -21.49 -81.51
N GLN A 1285 -14.01 -21.73 -80.20
CA GLN A 1285 -14.95 -22.69 -79.64
C GLN A 1285 -15.84 -22.01 -78.60
N PRO A 1286 -17.04 -22.54 -78.38
CA PRO A 1286 -17.96 -21.88 -77.45
C PRO A 1286 -17.37 -21.69 -76.07
N ARG A 1287 -17.65 -20.52 -75.48
CA ARG A 1287 -17.34 -20.25 -74.08
C ARG A 1287 -18.07 -18.97 -73.65
N THR A 1288 -18.78 -19.02 -72.54
CA THR A 1288 -19.57 -17.88 -72.09
C THR A 1288 -18.68 -16.81 -71.48
N ILE A 1289 -19.02 -15.55 -71.75
CA ILE A 1289 -18.31 -14.40 -71.21
C ILE A 1289 -19.32 -13.41 -70.65
N THR A 1290 -18.96 -12.76 -69.55
CA THR A 1290 -19.78 -11.73 -68.94
C THR A 1290 -19.22 -10.36 -69.28
N ILE A 1291 -20.12 -9.44 -69.60
CA ILE A 1291 -19.73 -8.09 -70.01
C ILE A 1291 -19.70 -7.19 -68.78
N ASN A 1292 -18.61 -6.48 -68.61
CA ASN A 1292 -18.48 -5.46 -67.56
C ASN A 1292 -19.01 -4.13 -68.06
N PRO A 1293 -19.96 -3.50 -67.37
CA PRO A 1293 -20.39 -2.17 -67.79
C PRO A 1293 -19.24 -1.19 -67.78
N ALA A 1294 -19.17 -0.36 -68.82
CA ALA A 1294 -18.11 0.63 -68.92
C ALA A 1294 -18.62 1.95 -69.50
N TYR A 1295 -19.91 2.24 -69.30
CA TYR A 1295 -20.51 3.45 -69.84
C TYR A 1295 -21.17 4.23 -68.71
N LEU A 1296 -20.91 5.54 -68.67
CA LEU A 1296 -21.61 6.47 -67.79
C LEU A 1296 -22.64 7.23 -68.63
N SER A 1297 -23.91 7.12 -68.26
CA SER A 1297 -24.95 7.80 -69.01
C SER A 1297 -24.98 9.30 -68.74
N SER A 1298 -24.70 9.71 -67.50
CA SER A 1298 -24.79 11.10 -67.10
C SER A 1298 -23.43 11.65 -66.76
N ASP A 1299 -23.34 12.97 -66.76
CA ASP A 1299 -22.09 13.67 -66.53
C ASP A 1299 -21.68 13.61 -65.07
N VAL A 1300 -20.40 13.87 -64.82
CA VAL A 1300 -19.82 13.86 -63.48
C VAL A 1300 -19.61 15.31 -63.03
N VAL A 1301 -20.03 15.60 -61.80
CA VAL A 1301 -20.15 16.97 -61.32
C VAL A 1301 -19.27 17.15 -60.09
N ALA A 1302 -18.51 18.25 -60.07
CA ALA A 1302 -17.71 18.66 -58.91
C ALA A 1302 -18.51 19.69 -58.12
N THR A 1303 -19.06 19.28 -56.99
CA THR A 1303 -19.91 20.15 -56.18
C THR A 1303 -19.13 20.96 -55.16
N ALA A 1304 -17.84 20.68 -54.96
CA ALA A 1304 -17.05 21.36 -53.94
C ALA A 1304 -15.59 21.18 -54.28
N PRO A 1305 -14.70 21.93 -53.63
CA PRO A 1305 -13.26 21.79 -53.92
C PRO A 1305 -12.72 20.40 -53.66
N ASP A 1306 -13.46 19.54 -52.94
CA ASP A 1306 -12.99 18.18 -52.67
C ASP A 1306 -14.09 17.13 -52.84
N THR A 1307 -15.13 17.41 -53.61
CA THR A 1307 -16.24 16.49 -53.80
C THR A 1307 -16.48 16.25 -55.28
N VAL A 1308 -16.72 14.98 -55.63
CA VAL A 1308 -17.07 14.59 -56.99
C VAL A 1308 -18.19 13.56 -56.90
N VAL A 1309 -19.29 13.80 -57.60
CA VAL A 1309 -20.50 12.99 -57.48
C VAL A 1309 -20.77 12.32 -58.83
N VAL A 1310 -20.77 10.99 -58.83
CA VAL A 1310 -20.83 10.20 -60.05
C VAL A 1310 -22.14 9.41 -60.04
N THR A 1311 -22.95 9.60 -61.07
CA THR A 1311 -24.28 9.02 -61.14
C THR A 1311 -24.20 7.75 -61.98
N LEU A 1312 -24.38 6.60 -61.34
CA LEU A 1312 -24.16 5.35 -62.04
C LEU A 1312 -25.43 4.89 -62.75
N PRO A 1313 -25.28 4.13 -63.84
CA PRO A 1313 -26.44 3.85 -64.69
C PRO A 1313 -27.48 2.93 -64.06
N VAL A 1314 -27.07 1.99 -63.21
CA VAL A 1314 -27.99 1.01 -62.65
C VAL A 1314 -27.77 0.92 -61.15
N THR A 1315 -28.79 0.38 -60.46
CA THR A 1315 -28.68 0.15 -59.03
C THR A 1315 -27.44 -0.69 -58.73
N SER A 1316 -26.71 -0.29 -57.69
CA SER A 1316 -25.40 -0.88 -57.43
C SER A 1316 -25.29 -1.40 -56.01
N GLY A 1317 -24.08 -1.77 -55.61
CA GLY A 1317 -23.84 -2.27 -54.27
C GLY A 1317 -22.39 -2.60 -54.03
N LEU A 1318 -21.91 -2.44 -52.80
CA LEU A 1318 -20.56 -2.78 -52.42
C LEU A 1318 -20.56 -4.14 -51.73
N PHE A 1319 -19.76 -5.07 -52.24
CA PHE A 1319 -19.70 -6.42 -51.71
C PHE A 1319 -18.25 -6.84 -51.53
N ALA A 1320 -18.06 -7.89 -50.74
CA ALA A 1320 -16.74 -8.39 -50.41
C ALA A 1320 -16.32 -9.48 -51.38
N ALA A 1321 -15.08 -9.94 -51.22
CA ALA A 1321 -14.60 -11.05 -52.04
C ALA A 1321 -15.44 -12.31 -51.81
N ASP A 1322 -15.79 -12.57 -50.57
CA ASP A 1322 -16.62 -13.72 -50.22
C ASP A 1322 -18.11 -13.45 -50.42
N GLY A 1323 -18.49 -12.23 -50.77
CA GLY A 1323 -19.86 -11.90 -51.08
C GLY A 1323 -20.61 -11.16 -49.99
N SER A 1324 -20.08 -11.11 -48.77
CA SER A 1324 -20.75 -10.40 -47.69
C SER A 1324 -20.83 -8.91 -48.01
N SER A 1325 -22.00 -8.32 -47.73
CA SER A 1325 -22.21 -6.91 -48.03
C SER A 1325 -21.27 -6.04 -47.20
N LEU A 1326 -20.66 -5.06 -47.85
CA LEU A 1326 -19.85 -4.06 -47.15
C LEU A 1326 -20.62 -2.80 -46.82
N GLY A 1327 -21.92 -2.77 -47.09
CA GLY A 1327 -22.74 -1.62 -46.75
C GLY A 1327 -22.50 -0.42 -47.63
N SER A 1328 -22.02 0.68 -47.04
CA SER A 1328 -21.77 1.91 -47.76
C SER A 1328 -20.46 2.56 -47.32
N THR A 1329 -19.47 1.74 -46.96
CA THR A 1329 -18.17 2.23 -46.54
C THR A 1329 -17.10 1.84 -47.56
N LEU A 1330 -16.05 2.65 -47.61
CA LEU A 1330 -14.87 2.31 -48.41
C LEU A 1330 -13.70 3.16 -47.90
N THR A 1331 -12.58 2.49 -47.62
CA THR A 1331 -11.42 3.16 -47.05
C THR A 1331 -10.56 3.78 -48.14
N ALA A 1332 -9.52 4.50 -47.73
CA ALA A 1332 -8.65 5.17 -48.69
C ALA A 1332 -7.89 4.17 -49.55
N ALA A 1333 -7.41 3.08 -48.94
CA ALA A 1333 -6.74 2.04 -49.70
C ALA A 1333 -7.72 1.30 -50.60
N GLN A 1334 -8.95 1.06 -50.11
CA GLN A 1334 -9.95 0.37 -50.90
C GLN A 1334 -10.55 1.25 -51.98
N CYS A 1335 -10.43 2.57 -51.83
CA CYS A 1335 -11.02 3.50 -52.79
C CYS A 1335 -10.07 3.83 -53.93
N ALA A 1336 -8.78 3.51 -53.80
CA ALA A 1336 -7.84 3.68 -54.90
C ALA A 1336 -7.79 2.46 -55.82
N THR A 1337 -8.41 1.36 -55.44
CA THR A 1337 -8.49 0.16 -56.27
C THR A 1337 -9.77 0.11 -57.09
N VAL A 1338 -10.59 1.17 -57.06
CA VAL A 1338 -11.85 1.21 -57.78
C VAL A 1338 -11.88 2.33 -58.81
N LEU A 1339 -11.35 3.50 -58.48
CA LEU A 1339 -11.48 4.66 -59.34
C LEU A 1339 -10.31 5.61 -59.10
N GLU A 1340 -10.12 6.52 -60.05
CA GLU A 1340 -9.04 7.50 -59.97
C GLU A 1340 -9.50 8.83 -60.53
N VAL A 1341 -9.00 9.91 -59.94
CA VAL A 1341 -9.21 11.27 -60.42
C VAL A 1341 -7.84 11.86 -60.68
N LYS A 1342 -7.65 12.40 -61.89
CA LYS A 1342 -6.31 12.74 -62.36
C LYS A 1342 -6.35 14.01 -63.19
N ALA A 1343 -5.20 14.67 -63.24
CA ALA A 1343 -4.98 15.84 -64.09
C ALA A 1343 -3.69 15.61 -64.86
N GLY A 1344 -3.77 15.73 -66.18
CA GLY A 1344 -2.60 15.40 -66.98
C GLY A 1344 -2.22 13.95 -66.74
N THR A 1345 -0.95 13.74 -66.36
CA THR A 1345 -0.46 12.40 -66.09
C THR A 1345 -0.62 11.97 -64.63
N THR A 1346 -0.64 12.92 -63.71
CA THR A 1346 -0.65 12.62 -62.28
C THR A 1346 -2.06 12.29 -61.80
N ALA A 1347 -2.13 11.53 -60.72
CA ALA A 1347 -3.38 11.20 -60.04
C ALA A 1347 -3.56 12.12 -58.83
N LYS A 1348 -4.68 11.94 -58.14
CA LYS A 1348 -5.02 12.74 -56.97
C LYS A 1348 -5.19 11.84 -55.76
N GLY A 1349 -4.64 12.28 -54.63
CA GLY A 1349 -4.85 11.54 -53.39
C GLY A 1349 -6.30 11.57 -52.97
N LEU A 1350 -6.73 10.48 -52.33
CA LEU A 1350 -8.11 10.31 -51.93
C LEU A 1350 -8.20 10.19 -50.41
N ALA A 1351 -9.43 10.31 -49.91
CA ALA A 1351 -9.70 10.17 -48.49
C ALA A 1351 -10.87 9.26 -48.18
N SER A 1352 -11.86 9.14 -49.06
CA SER A 1352 -12.99 8.26 -48.80
C SER A 1352 -13.87 8.08 -50.04
N CYS A 1353 -14.27 6.84 -50.30
CA CYS A 1353 -15.33 6.54 -51.25
C CYS A 1353 -16.66 6.46 -50.51
N SER A 1354 -17.75 6.34 -51.27
CA SER A 1354 -19.08 6.22 -50.68
C SER A 1354 -20.08 5.94 -51.79
N LEU A 1355 -21.17 5.29 -51.43
CA LEU A 1355 -22.17 4.89 -52.42
C LEU A 1355 -23.45 4.51 -51.69
N ALA A 1356 -24.55 5.18 -52.03
CA ALA A 1356 -25.85 4.87 -51.45
C ALA A 1356 -26.88 4.92 -52.58
N GLY A 1357 -27.29 3.75 -53.06
CA GLY A 1357 -28.22 3.68 -54.16
C GLY A 1357 -27.54 3.71 -55.51
N THR A 1358 -27.68 4.83 -56.23
CA THR A 1358 -27.06 5.00 -57.53
C THR A 1358 -26.22 6.27 -57.61
N THR A 1359 -25.84 6.85 -56.47
CA THR A 1359 -24.93 7.98 -56.45
C THR A 1359 -23.68 7.59 -55.68
N LEU A 1360 -22.52 7.78 -56.30
CA LEU A 1360 -21.24 7.41 -55.73
C LEU A 1360 -20.45 8.68 -55.46
N THR A 1361 -20.27 9.00 -54.19
CA THR A 1361 -19.59 10.23 -53.78
C THR A 1361 -18.15 9.93 -53.43
N VAL A 1362 -17.25 10.85 -53.79
CA VAL A 1362 -15.83 10.72 -53.55
C VAL A 1362 -15.34 11.98 -52.86
N LYS A 1363 -14.34 11.83 -52.00
CA LYS A 1363 -13.74 12.94 -51.28
C LYS A 1363 -12.22 12.86 -51.42
N LEU A 1364 -11.60 13.97 -51.79
CA LEU A 1364 -10.15 14.03 -51.94
C LEU A 1364 -9.50 14.35 -50.60
N LEU A 1365 -8.20 14.68 -50.63
CA LEU A 1365 -7.49 15.01 -49.40
C LEU A 1365 -7.76 16.46 -48.98
N GLY A 1366 -7.43 17.41 -49.84
CA GLY A 1366 -7.77 18.80 -49.63
C GLY A 1366 -6.58 19.74 -49.49
N ASN A 1367 -5.35 19.23 -49.43
CA ASN A 1367 -4.18 20.06 -49.19
C ASN A 1367 -3.28 20.07 -50.42
N ASN A 1368 -2.77 21.26 -50.76
CA ASN A 1368 -1.83 21.44 -51.85
C ASN A 1368 -2.44 21.06 -53.20
N SER A 1369 -2.29 19.79 -53.59
CA SER A 1369 -2.63 19.35 -54.93
C SER A 1369 -3.79 18.38 -55.00
N ASP A 1370 -4.33 17.93 -53.88
CA ASP A 1370 -5.47 17.02 -53.89
C ASP A 1370 -6.79 17.78 -53.81
N VAL A 1371 -6.96 18.74 -54.73
CA VAL A 1371 -8.17 19.54 -54.85
C VAL A 1371 -8.56 19.60 -56.32
N TYR A 1372 -9.80 20.00 -56.57
CA TYR A 1372 -10.25 20.19 -57.93
C TYR A 1372 -9.43 21.28 -58.62
N THR A 1373 -9.06 21.04 -59.88
CA THR A 1373 -8.21 21.95 -60.63
C THR A 1373 -8.87 22.26 -61.97
N GLY A 1374 -8.15 23.00 -62.81
CA GLY A 1374 -8.72 23.54 -64.03
C GLY A 1374 -8.74 22.56 -65.19
N GLY A 1375 -9.65 21.59 -65.13
CA GLY A 1375 -9.76 20.56 -66.15
C GLY A 1375 -9.19 19.25 -65.67
N ASP A 1376 -10.07 18.36 -65.20
CA ASP A 1376 -9.68 17.09 -64.62
C ASP A 1376 -10.58 16.00 -65.16
N THR A 1377 -10.23 14.76 -64.83
CA THR A 1377 -10.89 13.61 -65.44
C THR A 1377 -11.10 12.51 -64.40
N PHE A 1378 -12.10 11.69 -64.68
CA PHE A 1378 -12.48 10.57 -63.84
C PHE A 1378 -12.38 9.29 -64.65
N ASN A 1379 -12.01 8.21 -63.97
CA ASN A 1379 -11.84 6.93 -64.65
C ASN A 1379 -12.06 5.80 -63.65
N PHE A 1380 -12.81 4.79 -64.07
CA PHE A 1380 -12.82 3.52 -63.37
C PHE A 1380 -11.51 2.79 -63.64
N LYS A 1381 -11.13 1.91 -62.72
CA LYS A 1381 -9.89 1.15 -62.84
C LYS A 1381 -10.20 -0.30 -63.18
N ASP A 1382 -9.43 -0.86 -64.12
CA ASP A 1382 -9.61 -2.25 -64.50
C ASP A 1382 -9.31 -3.22 -63.36
N THR A 1383 -8.63 -2.75 -62.31
CA THR A 1383 -8.36 -3.58 -61.15
C THR A 1383 -9.55 -3.69 -60.22
N ASN A 1384 -10.65 -3.01 -60.54
CA ASN A 1384 -11.79 -2.92 -59.64
C ASN A 1384 -12.45 -4.28 -59.46
N ALA A 1385 -12.70 -4.64 -58.21
CA ALA A 1385 -13.45 -5.85 -57.90
C ALA A 1385 -14.44 -5.65 -56.75
N LEU A 1386 -14.60 -4.43 -56.24
CA LEU A 1386 -15.44 -4.18 -55.08
C LEU A 1386 -16.79 -3.56 -55.44
N LEU A 1387 -16.90 -2.90 -56.59
CA LEU A 1387 -18.09 -2.16 -56.97
C LEU A 1387 -18.81 -2.92 -58.08
N LEU A 1388 -20.04 -3.31 -57.83
CA LEU A 1388 -20.81 -4.19 -58.71
C LEU A 1388 -22.03 -3.47 -59.25
N ALA A 1389 -22.52 -3.94 -60.40
CA ALA A 1389 -23.68 -3.36 -61.06
C ALA A 1389 -24.88 -4.28 -60.84
N GLY A 1390 -25.52 -4.12 -59.68
CA GLY A 1390 -26.69 -4.91 -59.38
C GLY A 1390 -27.04 -4.79 -57.91
N SER A 1391 -28.13 -5.48 -57.55
CA SER A 1391 -28.64 -5.52 -56.18
C SER A 1391 -28.35 -6.85 -55.50
N ALA A 1392 -27.39 -7.62 -56.00
CA ALA A 1392 -27.06 -8.91 -55.42
C ALA A 1392 -25.59 -9.19 -55.66
N ASN A 1393 -25.11 -10.29 -55.07
CA ASN A 1393 -23.69 -10.62 -55.15
C ASN A 1393 -23.27 -10.90 -56.60
N THR A 1394 -24.11 -11.60 -57.35
CA THR A 1394 -23.79 -11.98 -58.73
C THR A 1394 -24.09 -10.80 -59.65
N ALA A 1395 -23.07 -9.99 -59.91
CA ALA A 1395 -23.18 -8.85 -60.83
C ALA A 1395 -21.80 -8.51 -61.34
N PRO A 1396 -21.69 -7.89 -62.52
CA PRO A 1396 -20.38 -7.52 -63.06
C PRO A 1396 -19.92 -6.15 -62.59
N ALA A 1397 -18.61 -6.01 -62.51
CA ALA A 1397 -17.97 -4.79 -62.02
C ALA A 1397 -17.90 -3.74 -63.12
N TYR A 1398 -17.78 -2.48 -62.71
CA TYR A 1398 -17.58 -1.38 -63.65
C TYR A 1398 -16.10 -1.28 -64.00
N LYS A 1399 -15.80 -1.19 -65.29
CA LYS A 1399 -14.43 -1.25 -65.78
C LYS A 1399 -14.05 0.06 -66.44
N ALA A 1400 -12.80 0.13 -66.89
CA ALA A 1400 -12.21 1.40 -67.32
C ALA A 1400 -12.92 1.95 -68.55
N LEU A 1401 -13.02 3.27 -68.60
CA LEU A 1401 -13.60 3.96 -69.75
C LEU A 1401 -12.61 4.00 -70.90
N ALA A 1402 -13.15 3.99 -72.12
CA ALA A 1402 -12.29 4.09 -73.29
C ALA A 1402 -11.55 5.42 -73.32
N THR A 1403 -12.25 6.51 -73.04
CA THR A 1403 -11.66 7.85 -72.97
C THR A 1403 -11.94 8.44 -71.61
N ALA A 1404 -10.93 9.09 -71.02
CA ALA A 1404 -11.10 9.68 -69.71
C ALA A 1404 -12.17 10.77 -69.75
N ALA A 1405 -13.10 10.71 -68.81
CA ALA A 1405 -14.23 11.62 -68.80
C ALA A 1405 -13.89 12.92 -68.08
N VAL A 1406 -14.44 14.02 -68.55
CA VAL A 1406 -14.15 15.34 -67.99
C VAL A 1406 -15.21 15.67 -66.95
N ILE A 1407 -14.82 16.49 -65.97
CA ILE A 1407 -15.69 16.87 -64.87
C ILE A 1407 -16.30 18.24 -65.19
N VAL A 1408 -17.63 18.31 -65.18
CA VAL A 1408 -18.35 19.57 -65.36
C VAL A 1408 -18.47 20.24 -64.00
N PRO A 1409 -17.93 21.44 -63.81
CA PRO A 1409 -18.04 22.09 -62.51
C PRO A 1409 -19.46 22.57 -62.23
N ASN A 1410 -19.83 22.55 -60.95
CA ASN A 1410 -21.10 23.05 -60.48
C ASN A 1410 -20.90 24.39 -59.75
N LEU A 1411 -22.00 24.96 -59.28
CA LEU A 1411 -21.96 26.20 -58.53
C LEU A 1411 -22.00 25.88 -57.04
N TYR A 1412 -20.99 26.35 -56.31
CA TYR A 1412 -20.88 26.11 -54.89
C TYR A 1412 -21.94 26.92 -54.13
N LYS A 1413 -22.13 26.57 -52.87
CA LYS A 1413 -23.04 27.33 -52.01
C LYS A 1413 -22.64 28.80 -51.99
N ALA A 1414 -23.64 29.68 -52.02
CA ALA A 1414 -23.35 31.11 -52.13
C ALA A 1414 -22.74 31.64 -50.85
N VAL A 1415 -23.49 31.60 -49.75
CA VAL A 1415 -22.96 31.87 -48.42
C VAL A 1415 -22.31 33.26 -48.37
N ALA A 1416 -22.94 34.24 -49.00
CA ALA A 1416 -22.38 35.59 -48.98
C ALA A 1416 -23.46 36.62 -49.21
N SER A 1417 -23.52 37.59 -48.31
CA SER A 1417 -24.26 38.84 -48.56
C SER A 1417 -23.57 39.89 -47.70
N ALA A 1418 -22.69 40.69 -48.30
CA ALA A 1418 -21.92 41.71 -47.62
C ALA A 1418 -22.57 43.07 -47.75
N GLY A 1419 -23.91 43.09 -47.71
CA GLY A 1419 -24.70 44.24 -48.08
C GLY A 1419 -25.73 43.78 -49.09
N ASP A 1420 -25.59 44.24 -50.33
CA ASP A 1420 -26.16 43.54 -51.48
C ASP A 1420 -25.09 42.92 -52.37
N THR A 1421 -23.86 43.43 -52.29
CA THR A 1421 -22.73 42.79 -52.95
C THR A 1421 -22.67 41.32 -52.57
N ILE A 1422 -22.80 40.45 -53.57
CA ILE A 1422 -22.88 39.01 -53.36
C ILE A 1422 -21.60 38.38 -53.88
N LEU A 1423 -21.02 37.47 -53.11
CA LEU A 1423 -19.85 36.71 -53.52
C LEU A 1423 -20.21 35.23 -53.63
N ILE A 1424 -19.91 34.64 -54.77
CA ILE A 1424 -20.17 33.23 -55.03
C ILE A 1424 -18.82 32.53 -55.09
N THR A 1425 -18.60 31.58 -54.20
CA THR A 1425 -17.34 30.85 -54.17
C THR A 1425 -17.35 29.75 -55.22
N LEU A 1426 -16.24 29.62 -55.95
CA LEU A 1426 -16.12 28.62 -57.00
C LEU A 1426 -15.24 27.46 -56.53
N PRO A 1427 -15.48 26.24 -56.99
CA PRO A 1427 -14.62 25.12 -56.60
C PRO A 1427 -13.16 25.28 -57.02
N ALA A 1428 -12.85 26.16 -57.96
CA ALA A 1428 -11.48 26.36 -58.40
C ALA A 1428 -11.38 27.71 -59.09
N ALA A 1429 -10.22 27.97 -59.71
CA ALA A 1429 -10.03 29.20 -60.46
C ALA A 1429 -10.81 29.16 -61.76
N SER A 1430 -11.11 30.34 -62.29
CA SER A 1430 -12.02 30.44 -63.42
C SER A 1430 -11.73 31.72 -64.19
N THR A 1431 -12.40 31.87 -65.33
CA THR A 1431 -12.23 33.03 -66.20
C THR A 1431 -13.30 32.98 -67.28
N PHE A 1432 -13.76 34.15 -67.69
CA PHE A 1432 -14.75 34.25 -68.76
C PHE A 1432 -14.09 34.08 -70.13
N VAL A 1433 -14.92 33.81 -71.13
CA VAL A 1433 -14.48 33.64 -72.52
C VAL A 1433 -15.18 34.70 -73.35
N VAL A 1434 -14.44 35.72 -73.75
CA VAL A 1434 -14.97 36.81 -74.57
C VAL A 1434 -14.08 36.96 -75.79
N SER A 1435 -14.70 36.93 -76.98
CA SER A 1435 -13.99 37.10 -78.24
C SER A 1435 -12.83 36.12 -78.35
N GLY A 1436 -13.08 34.87 -77.93
CA GLY A 1436 -12.08 33.83 -78.05
C GLY A 1436 -10.87 33.99 -77.17
N SER A 1437 -10.92 34.87 -76.18
CA SER A 1437 -9.82 35.10 -75.26
C SER A 1437 -10.31 34.97 -73.83
N ALA A 1438 -9.36 35.02 -72.89
CA ALA A 1438 -9.64 34.85 -71.47
C ALA A 1438 -9.56 36.20 -70.77
N VAL A 1439 -10.63 36.57 -70.08
CA VAL A 1439 -10.73 37.85 -69.40
C VAL A 1439 -11.56 37.68 -68.13
N LEU A 1440 -11.21 38.47 -67.11
CA LEU A 1440 -11.85 38.37 -65.79
C LEU A 1440 -13.09 39.24 -65.65
N SER A 1441 -13.26 40.24 -66.51
CA SER A 1441 -14.32 41.23 -66.36
C SER A 1441 -15.29 41.13 -67.51
N VAL A 1442 -16.60 41.08 -67.18
CA VAL A 1442 -17.66 41.08 -68.17
C VAL A 1442 -18.76 42.01 -67.69
N SER A 1443 -19.62 42.41 -68.63
CA SER A 1443 -20.64 43.40 -68.36
C SER A 1443 -21.95 42.74 -67.94
N ASP A 1444 -22.92 43.57 -67.55
CA ASP A 1444 -24.20 43.05 -67.06
C ASP A 1444 -24.92 42.27 -68.16
N THR A 1445 -24.92 42.78 -69.38
CA THR A 1445 -25.63 42.09 -70.46
C THR A 1445 -25.10 40.67 -70.64
N VAL A 1446 -23.77 40.51 -70.64
CA VAL A 1446 -23.18 39.19 -70.77
C VAL A 1446 -23.40 38.37 -69.50
N CYS A 1447 -23.35 39.02 -68.34
CA CYS A 1447 -23.40 38.31 -67.07
C CYS A 1447 -24.80 37.78 -66.79
N ASN A 1448 -25.83 38.44 -67.30
CA ASN A 1448 -27.20 38.02 -67.02
C ASN A 1448 -27.52 36.72 -67.72
N THR A 1449 -26.93 36.48 -68.90
CA THR A 1449 -27.15 35.22 -69.59
C THR A 1449 -26.73 34.05 -68.71
N ILE A 1450 -25.58 34.18 -68.05
CA ILE A 1450 -25.00 33.05 -67.33
C ILE A 1450 -25.86 32.66 -66.12
N LEU A 1451 -26.21 33.62 -65.27
CA LEU A 1451 -26.77 33.33 -63.97
C LEU A 1451 -28.24 33.73 -63.93
N THR A 1452 -28.96 33.14 -62.98
CA THR A 1452 -30.37 33.38 -62.79
C THR A 1452 -30.65 33.44 -61.29
N PHE A 1453 -31.67 34.20 -60.93
CA PHE A 1453 -32.03 34.38 -59.53
C PHE A 1453 -33.52 34.13 -59.34
N THR A 1454 -33.87 33.68 -58.14
CA THR A 1454 -35.27 33.62 -57.75
C THR A 1454 -35.76 35.02 -57.41
N ASN A 1455 -37.08 35.20 -57.50
CA ASN A 1455 -37.74 36.45 -57.18
C ASN A 1455 -37.35 37.59 -58.12
N SER A 1456 -36.80 37.26 -59.30
CA SER A 1456 -36.62 38.24 -60.38
C SER A 1456 -35.68 39.38 -59.97
N LYS A 1457 -34.44 39.02 -59.61
CA LYS A 1457 -33.48 40.04 -59.22
C LYS A 1457 -32.71 40.59 -60.42
N THR A 1458 -31.97 39.73 -61.12
CA THR A 1458 -31.15 40.15 -62.25
C THR A 1458 -29.99 41.02 -61.76
N VAL A 1459 -28.94 41.15 -62.56
CA VAL A 1459 -27.78 41.94 -62.16
C VAL A 1459 -28.00 43.42 -62.46
N LYS A 1460 -27.29 44.27 -61.73
CA LYS A 1460 -27.43 45.72 -61.88
C LYS A 1460 -26.75 46.20 -63.16
N SER A 1461 -27.38 47.18 -63.81
CA SER A 1461 -26.86 47.72 -65.06
C SER A 1461 -25.64 48.60 -64.81
N GLY A 1462 -24.80 48.71 -65.83
CA GLY A 1462 -23.58 49.51 -65.70
C GLY A 1462 -22.63 48.98 -64.65
N THR A 1463 -22.54 47.65 -64.51
CA THR A 1463 -21.65 47.03 -63.54
C THR A 1463 -20.92 45.89 -64.22
N ASN A 1464 -19.75 45.56 -63.66
CA ASN A 1464 -18.87 44.54 -64.22
C ASN A 1464 -18.74 43.40 -63.22
N CYS A 1465 -19.13 42.20 -63.62
CA CYS A 1465 -18.84 41.02 -62.83
C CYS A 1465 -17.34 40.76 -62.88
N VAL A 1466 -16.73 40.55 -61.71
CA VAL A 1466 -15.29 40.38 -61.60
C VAL A 1466 -15.01 39.11 -60.81
N ILE A 1467 -14.09 38.30 -61.32
CA ILE A 1467 -13.60 37.12 -60.63
C ILE A 1467 -12.17 37.41 -60.16
N THR A 1468 -11.89 37.10 -58.91
CA THR A 1468 -10.53 37.14 -58.38
C THR A 1468 -10.33 35.88 -57.55
N GLY A 1469 -9.31 35.10 -57.88
CA GLY A 1469 -9.16 33.82 -57.24
C GLY A 1469 -10.34 32.93 -57.58
N ALA A 1470 -10.72 32.09 -56.62
CA ALA A 1470 -11.92 31.26 -56.77
C ALA A 1470 -13.14 31.92 -56.13
N VAL A 1471 -13.41 33.17 -56.51
CA VAL A 1471 -14.59 33.89 -56.03
C VAL A 1471 -15.12 34.79 -57.14
N LEU A 1472 -16.44 35.02 -57.11
CA LEU A 1472 -17.13 35.81 -58.11
C LEU A 1472 -17.94 36.91 -57.42
N SER A 1473 -17.75 38.15 -57.85
CA SER A 1473 -18.27 39.32 -57.15
C SER A 1473 -19.20 40.09 -58.09
N LEU A 1474 -20.39 40.43 -57.59
CA LEU A 1474 -21.40 41.07 -58.42
C LEU A 1474 -22.34 41.88 -57.53
N THR A 1475 -23.27 42.57 -58.18
CA THR A 1475 -24.28 43.38 -57.52
C THR A 1475 -25.63 43.15 -58.18
N LEU A 1476 -26.70 43.34 -57.42
CA LEU A 1476 -28.05 43.00 -57.86
C LEU A 1476 -28.87 44.27 -58.09
N ASN A 1477 -30.09 44.07 -58.61
CA ASN A 1477 -30.96 45.20 -58.90
C ASN A 1477 -31.47 45.85 -57.63
N SER A 1478 -31.70 45.06 -56.59
CA SER A 1478 -32.24 45.57 -55.35
C SER A 1478 -31.86 44.64 -54.20
N ALA A 1479 -31.91 45.18 -52.98
CA ALA A 1479 -31.58 44.42 -51.80
C ALA A 1479 -32.50 43.21 -51.68
N ILE A 1480 -31.92 42.05 -51.41
CA ILE A 1480 -32.70 40.81 -51.33
C ILE A 1480 -33.32 40.71 -49.94
N THR A 1481 -34.62 40.49 -49.90
CA THR A 1481 -35.37 40.26 -48.68
C THR A 1481 -36.02 38.89 -48.76
N ASP A 1482 -36.00 38.16 -47.65
CA ASP A 1482 -36.40 36.75 -47.68
C ASP A 1482 -35.42 35.97 -48.55
N GLN A 1483 -35.79 34.75 -48.90
CA GLN A 1483 -34.83 33.86 -49.55
C GLN A 1483 -34.56 34.28 -51.00
N THR A 1484 -33.34 33.98 -51.45
CA THR A 1484 -32.95 34.17 -52.83
C THR A 1484 -31.98 33.06 -53.21
N THR A 1485 -31.98 32.69 -54.48
CA THR A 1485 -31.19 31.58 -54.97
C THR A 1485 -30.52 31.96 -56.28
N VAL A 1486 -29.30 31.44 -56.49
CA VAL A 1486 -28.57 31.67 -57.73
C VAL A 1486 -28.23 30.31 -58.32
N THR A 1487 -28.13 30.28 -59.65
CA THR A 1487 -27.91 29.02 -60.37
C THR A 1487 -27.35 29.35 -61.74
N ILE A 1488 -26.77 28.32 -62.39
CA ILE A 1488 -26.25 28.51 -63.74
C ILE A 1488 -27.38 28.39 -64.76
N ASN A 1489 -27.15 28.98 -65.93
CA ASN A 1489 -28.22 29.15 -66.90
C ASN A 1489 -28.86 27.80 -67.24
N SER A 1490 -30.20 27.77 -67.17
CA SER A 1490 -30.92 26.52 -67.37
C SER A 1490 -30.81 26.03 -68.81
N GLY A 1491 -30.73 26.94 -69.77
CA GLY A 1491 -30.63 26.58 -71.17
C GLY A 1491 -29.21 26.47 -71.66
N GLY A 1492 -28.26 26.33 -70.74
CA GLY A 1492 -26.87 26.19 -71.08
C GLY A 1492 -26.15 27.52 -71.17
N GLN A 1493 -24.82 27.44 -71.25
CA GLN A 1493 -23.99 28.62 -71.37
C GLN A 1493 -22.57 28.17 -71.66
N THR A 1494 -21.77 29.09 -72.19
CA THR A 1494 -20.38 28.81 -72.51
C THR A 1494 -19.43 29.92 -72.12
N THR A 1495 -19.91 31.04 -71.59
CA THR A 1495 -19.03 32.16 -71.29
C THR A 1495 -18.21 31.94 -70.04
N LEU A 1496 -18.70 31.15 -69.08
CA LEU A 1496 -18.00 30.90 -67.83
C LEU A 1496 -17.34 29.54 -67.89
N VAL A 1497 -16.01 29.52 -67.77
CA VAL A 1497 -15.22 28.31 -67.90
C VAL A 1497 -14.19 28.26 -66.79
N SER A 1498 -13.82 27.03 -66.41
CA SER A 1498 -12.88 26.79 -65.33
C SER A 1498 -11.46 27.00 -65.84
N GLY A 1499 -10.47 26.61 -65.04
CA GLY A 1499 -9.08 26.86 -65.38
C GLY A 1499 -8.83 28.34 -65.60
N THR A 1500 -7.63 28.69 -66.01
CA THR A 1500 -7.29 30.05 -66.38
C THR A 1500 -7.00 30.17 -67.87
N GLY A 1501 -7.63 29.31 -68.68
CA GLY A 1501 -7.44 29.33 -70.12
C GLY A 1501 -8.74 28.99 -70.83
N THR A 1502 -8.69 29.05 -72.15
CA THR A 1502 -9.88 28.81 -72.96
C THR A 1502 -10.15 27.33 -73.18
N THR A 1503 -9.18 26.46 -72.94
CA THR A 1503 -9.38 25.04 -73.20
C THR A 1503 -10.24 24.36 -72.14
N GLY A 1504 -10.25 24.87 -70.91
CA GLY A 1504 -10.90 24.21 -69.82
C GLY A 1504 -12.40 24.08 -70.01
N PRO A 1505 -13.04 23.22 -69.19
CA PRO A 1505 -14.49 22.98 -69.37
C PRO A 1505 -15.35 24.15 -68.97
N ALA A 1506 -16.67 23.98 -69.05
CA ALA A 1506 -17.64 25.04 -68.80
C ALA A 1506 -18.61 24.62 -67.71
N TYR A 1507 -19.31 25.61 -67.16
CA TYR A 1507 -20.20 25.36 -66.04
C TYR A 1507 -21.56 24.87 -66.52
N LYS A 1508 -22.32 24.31 -65.59
CA LYS A 1508 -23.63 23.75 -65.90
C LYS A 1508 -24.57 24.03 -64.73
N ALA A 1509 -25.83 23.59 -64.87
CA ALA A 1509 -26.88 24.01 -63.96
C ALA A 1509 -26.79 23.30 -62.62
N GLY A 1510 -26.98 21.99 -62.61
CA GLY A 1510 -27.07 21.29 -61.33
C GLY A 1510 -28.20 21.86 -60.48
N THR A 1511 -27.89 22.11 -59.21
CA THR A 1511 -28.88 22.57 -58.24
C THR A 1511 -28.56 24.02 -57.82
N ALA A 1512 -29.40 24.53 -56.93
CA ALA A 1512 -29.35 25.93 -56.52
C ALA A 1512 -28.31 26.15 -55.42
N ALA A 1513 -28.17 27.40 -55.01
CA ALA A 1513 -27.29 27.80 -53.93
C ALA A 1513 -27.99 28.86 -53.09
N PRO A 1514 -28.66 28.47 -52.01
CA PRO A 1514 -29.30 29.48 -51.14
C PRO A 1514 -28.27 30.47 -50.61
N ILE A 1515 -28.66 31.73 -50.57
CA ILE A 1515 -27.75 32.80 -50.18
C ILE A 1515 -27.93 33.06 -48.69
N SER A 1516 -26.82 33.12 -47.95
CA SER A 1516 -26.85 33.31 -46.51
C SER A 1516 -26.42 34.72 -46.15
N PRO A 1517 -27.13 35.41 -45.26
CA PRO A 1517 -26.63 36.71 -44.78
C PRO A 1517 -25.30 36.56 -44.06
N ALA A 1518 -24.44 37.56 -44.23
CA ALA A 1518 -23.13 37.56 -43.62
C ALA A 1518 -22.80 38.94 -43.07
N TYR A 1519 -23.79 39.61 -42.48
CA TYR A 1519 -23.58 40.94 -41.93
C TYR A 1519 -24.71 41.26 -40.96
N LEU A 1520 -24.47 42.26 -40.11
CA LEU A 1520 -25.46 42.77 -39.18
C LEU A 1520 -25.55 44.29 -39.32
N THR A 1521 -26.70 44.84 -38.94
CA THR A 1521 -26.93 46.27 -39.08
C THR A 1521 -26.25 47.05 -37.95
N SER A 1522 -26.64 46.80 -36.71
CA SER A 1522 -26.07 47.48 -35.56
C SER A 1522 -26.46 46.73 -34.30
N ALA A 1523 -26.04 47.26 -33.15
CA ALA A 1523 -26.39 46.70 -31.85
C ALA A 1523 -26.00 47.70 -30.78
N ALA A 1524 -26.60 47.56 -29.60
CA ALA A 1524 -26.38 48.50 -28.52
C ALA A 1524 -26.67 47.82 -27.19
N ALA A 1525 -26.34 48.52 -26.10
CA ALA A 1525 -26.60 48.06 -24.75
C ALA A 1525 -27.82 48.79 -24.21
N ARG A 1526 -28.90 48.04 -23.96
CA ARG A 1526 -30.08 48.61 -23.33
C ARG A 1526 -30.07 48.45 -21.82
N SER A 1527 -29.13 47.70 -21.27
CA SER A 1527 -28.93 47.59 -19.83
C SER A 1527 -27.55 46.99 -19.60
N ALA A 1528 -27.19 46.84 -18.32
CA ALA A 1528 -25.85 46.38 -17.98
C ALA A 1528 -25.58 44.95 -18.41
N THR A 1529 -26.62 44.17 -18.74
CA THR A 1529 -26.43 42.82 -19.24
C THR A 1529 -27.32 42.48 -20.44
N SER A 1530 -28.12 43.40 -20.94
CA SER A 1530 -29.00 43.17 -22.08
C SER A 1530 -28.43 43.87 -23.30
N ILE A 1531 -28.24 43.13 -24.38
CA ILE A 1531 -27.66 43.65 -25.62
C ILE A 1531 -28.55 43.19 -26.76
N VAL A 1532 -29.07 44.14 -27.53
CA VAL A 1532 -30.04 43.87 -28.58
C VAL A 1532 -29.37 44.12 -29.93
N VAL A 1533 -29.48 43.13 -30.82
CA VAL A 1533 -28.83 43.18 -32.12
C VAL A 1533 -29.92 43.30 -33.18
N THR A 1534 -29.59 44.01 -34.26
CA THR A 1534 -30.53 44.33 -35.33
C THR A 1534 -30.18 43.48 -36.55
N LEU A 1535 -30.98 42.45 -36.80
CA LEU A 1535 -30.81 41.63 -37.98
C LEU A 1535 -31.23 42.41 -39.23
N PRO A 1536 -30.57 42.19 -40.37
CA PRO A 1536 -30.96 42.92 -41.59
C PRO A 1536 -32.29 42.47 -42.16
N PHE A 1537 -32.76 41.27 -41.85
CA PHE A 1537 -33.99 40.72 -42.41
C PHE A 1537 -34.79 40.06 -41.31
N THR A 1538 -35.99 39.61 -41.65
CA THR A 1538 -36.74 38.78 -40.72
C THR A 1538 -36.04 37.43 -40.57
N SER A 1539 -36.20 36.82 -39.40
CA SER A 1539 -35.56 35.55 -39.12
C SER A 1539 -36.54 34.63 -38.41
N THR A 1540 -36.03 33.49 -37.95
CA THR A 1540 -36.80 32.49 -37.23
C THR A 1540 -35.84 31.45 -36.68
N VAL A 1541 -36.11 30.98 -35.47
CA VAL A 1541 -35.31 29.91 -34.87
C VAL A 1541 -35.95 28.55 -35.04
N ASN A 1542 -37.21 28.47 -35.46
CA ASN A 1542 -37.87 27.22 -35.81
C ASN A 1542 -38.03 26.31 -34.60
N GLY A 1543 -38.58 26.88 -33.52
CA GLY A 1543 -39.04 26.08 -32.39
C GLY A 1543 -37.96 25.55 -31.48
N ALA A 1544 -36.68 25.81 -31.76
CA ALA A 1544 -35.62 25.30 -30.92
C ALA A 1544 -35.68 25.96 -29.55
N THR A 1545 -35.58 25.14 -28.49
CA THR A 1545 -35.54 25.69 -27.15
C THR A 1545 -34.25 26.47 -26.96
N LEU A 1546 -34.37 27.71 -26.50
CA LEU A 1546 -33.22 28.61 -26.42
C LEU A 1546 -32.52 28.52 -25.07
N THR A 1547 -32.16 27.30 -24.69
CA THR A 1547 -31.33 27.08 -23.53
C THR A 1547 -29.93 27.65 -23.76
N LYS A 1548 -29.12 27.64 -22.72
CA LYS A 1548 -27.75 28.12 -22.88
C LYS A 1548 -26.95 27.23 -23.81
N ALA A 1549 -27.30 25.94 -23.87
CA ALA A 1549 -26.61 25.05 -24.79
C ALA A 1549 -26.84 25.45 -26.24
N THR A 1550 -27.97 26.10 -26.53
CA THR A 1550 -28.27 26.54 -27.88
C THR A 1550 -27.63 27.89 -28.18
N CYS A 1551 -27.78 28.85 -27.27
CA CYS A 1551 -27.40 30.23 -27.58
C CYS A 1551 -25.91 30.34 -27.90
N ASP A 1552 -25.07 29.57 -27.21
CA ASP A 1552 -23.63 29.68 -27.43
C ASP A 1552 -23.25 29.38 -28.87
N THR A 1553 -24.11 28.67 -29.61
CA THR A 1553 -23.86 28.36 -31.01
C THR A 1553 -24.30 29.47 -31.95
N ILE A 1554 -25.30 30.27 -31.56
CA ILE A 1554 -25.83 31.32 -32.43
C ILE A 1554 -24.94 32.55 -32.37
N VAL A 1555 -24.84 33.16 -31.19
CA VAL A 1555 -24.27 34.49 -31.05
C VAL A 1555 -23.26 34.49 -29.90
N GLU A 1556 -22.29 35.40 -29.98
CA GLU A 1556 -21.27 35.54 -28.96
C GLU A 1556 -20.91 37.01 -28.77
N VAL A 1557 -20.46 37.35 -27.57
CA VAL A 1557 -20.18 38.72 -27.16
C VAL A 1557 -18.73 38.73 -26.67
N LEU A 1558 -17.83 39.31 -27.46
CA LEU A 1558 -16.43 39.40 -27.09
C LEU A 1558 -16.19 40.54 -26.12
N ASN A 1559 -15.03 40.50 -25.46
CA ASN A 1559 -14.61 41.52 -24.51
C ASN A 1559 -13.42 42.28 -25.07
N GLY A 1560 -13.52 43.60 -25.08
CA GLY A 1560 -12.40 44.42 -25.48
C GLY A 1560 -11.88 44.14 -26.87
N GLY A 1561 -12.71 43.61 -27.75
CA GLY A 1561 -12.27 43.32 -29.11
C GLY A 1561 -11.16 42.29 -29.20
N ASP A 1562 -11.23 41.24 -28.38
CA ASP A 1562 -10.31 40.12 -28.48
C ASP A 1562 -11.15 38.83 -28.46
N ALA A 1563 -10.90 37.96 -29.41
CA ALA A 1563 -11.76 36.80 -29.63
C ALA A 1563 -11.57 35.70 -28.59
N THR A 1564 -10.61 35.85 -27.67
CA THR A 1564 -10.30 34.81 -26.71
C THR A 1564 -10.97 35.01 -25.36
N LYS A 1565 -11.82 36.02 -25.21
CA LYS A 1565 -12.49 36.32 -23.95
C LYS A 1565 -13.99 36.51 -24.17
N PRO A 1566 -14.68 35.44 -24.61
CA PRO A 1566 -16.14 35.53 -24.71
C PRO A 1566 -16.79 35.63 -23.35
N ARG A 1567 -17.99 36.20 -23.32
CA ARG A 1567 -18.69 36.48 -22.07
C ARG A 1567 -19.78 35.45 -21.82
N THR A 1568 -19.87 35.00 -20.57
CA THR A 1568 -20.89 34.04 -20.19
C THR A 1568 -22.28 34.65 -20.34
N LEU A 1569 -23.24 33.81 -20.72
CA LEU A 1569 -24.63 34.21 -20.82
C LEU A 1569 -25.38 33.84 -19.55
N ASP A 1570 -26.59 34.36 -19.45
CA ASP A 1570 -27.46 34.06 -18.32
C ASP A 1570 -28.04 32.66 -18.49
N SER A 1571 -27.77 31.78 -17.52
CA SER A 1571 -28.22 30.40 -17.63
C SER A 1571 -29.74 30.30 -17.66
N GLY A 1572 -30.45 31.32 -17.23
CA GLY A 1572 -31.91 31.29 -17.24
C GLY A 1572 -32.53 31.38 -18.61
N THR A 1573 -32.45 32.55 -19.25
CA THR A 1573 -33.10 32.81 -20.53
C THR A 1573 -32.13 33.57 -21.42
N PRO A 1574 -31.11 32.89 -21.95
CA PRO A 1574 -30.02 33.61 -22.61
C PRO A 1574 -30.45 34.48 -23.79
N CYS A 1575 -31.41 34.04 -24.60
CA CYS A 1575 -31.74 34.76 -25.82
C CYS A 1575 -33.23 34.66 -26.13
N THR A 1576 -33.69 35.58 -26.97
CA THR A 1576 -35.05 35.57 -27.51
C THR A 1576 -35.02 36.24 -28.87
N LEU A 1577 -36.05 35.99 -29.68
CA LEU A 1577 -36.11 36.50 -31.04
C LEU A 1577 -37.47 37.14 -31.29
N ALA A 1578 -37.47 38.32 -31.91
CA ALA A 1578 -38.69 39.05 -32.27
C ALA A 1578 -38.40 39.80 -33.58
N THR A 1579 -38.79 39.19 -34.69
CA THR A 1579 -38.53 39.70 -36.03
C THR A 1579 -37.07 40.10 -36.21
N THR A 1580 -36.77 41.40 -36.24
CA THR A 1580 -35.44 41.89 -36.54
C THR A 1580 -34.60 42.16 -35.29
N LEU A 1581 -35.08 41.76 -34.11
CA LEU A 1581 -34.41 42.07 -32.85
C LEU A 1581 -34.06 40.78 -32.12
N LEU A 1582 -32.81 40.67 -31.69
CA LEU A 1582 -32.30 39.50 -30.98
C LEU A 1582 -31.76 39.95 -29.63
N THR A 1583 -32.14 39.25 -28.57
CA THR A 1583 -31.76 39.62 -27.22
C THR A 1583 -30.62 38.72 -26.74
N VAL A 1584 -29.63 39.35 -26.11
CA VAL A 1584 -28.49 38.65 -25.51
C VAL A 1584 -28.42 39.07 -24.06
N ASN A 1585 -28.44 38.09 -23.16
CA ASN A 1585 -28.37 38.35 -21.72
C ASN A 1585 -27.07 37.75 -21.18
N LEU A 1586 -26.29 38.55 -20.49
CA LEU A 1586 -25.00 38.14 -19.97
C LEU A 1586 -25.13 37.63 -18.54
N ALA A 1587 -24.00 37.25 -17.96
CA ALA A 1587 -23.96 36.76 -16.60
C ALA A 1587 -23.83 37.92 -15.62
N ALA A 1588 -24.23 37.66 -14.37
CA ALA A 1588 -24.23 38.70 -13.36
C ALA A 1588 -22.84 39.32 -13.18
N THR A 1589 -21.80 38.50 -13.26
CA THR A 1589 -20.44 39.01 -13.11
C THR A 1589 -19.97 39.78 -14.35
N GLU A 1590 -20.57 39.51 -15.51
CA GLU A 1590 -20.18 40.18 -16.74
C GLU A 1590 -20.92 41.50 -16.87
N SER A 1591 -20.22 42.53 -17.35
CA SER A 1591 -20.78 43.86 -17.54
C SER A 1591 -20.24 44.48 -18.81
N PHE A 1592 -21.03 45.37 -19.41
CA PHE A 1592 -20.67 46.00 -20.67
C PHE A 1592 -19.63 47.10 -20.46
N ALA A 1593 -18.73 47.23 -21.43
CA ALA A 1593 -17.71 48.27 -21.41
C ALA A 1593 -17.46 48.74 -22.84
N PRO A 1594 -16.99 49.97 -23.03
CA PRO A 1594 -16.69 50.43 -24.38
C PRO A 1594 -15.63 49.55 -25.05
N GLY A 1595 -15.84 49.28 -26.33
CA GLY A 1595 -14.92 48.49 -27.11
C GLY A 1595 -15.33 47.05 -27.36
N ASP A 1596 -16.44 46.60 -26.81
CA ASP A 1596 -16.86 45.23 -27.07
C ASP A 1596 -17.30 45.08 -28.52
N THR A 1597 -17.40 43.83 -28.95
CA THR A 1597 -17.81 43.49 -30.30
C THR A 1597 -18.69 42.26 -30.24
N VAL A 1598 -19.65 42.16 -31.16
CA VAL A 1598 -20.61 41.07 -31.19
C VAL A 1598 -20.67 40.52 -32.60
N ARG A 1599 -20.99 39.23 -32.72
CA ARG A 1599 -20.96 38.55 -34.01
C ARG A 1599 -21.67 37.22 -33.88
N ILE A 1600 -21.81 36.55 -35.02
CA ILE A 1600 -22.40 35.22 -35.08
C ILE A 1600 -21.28 34.20 -34.96
N LYS A 1601 -21.46 33.23 -34.08
CA LYS A 1601 -20.41 32.23 -33.86
C LYS A 1601 -20.34 31.27 -35.03
N SER A 1602 -19.11 30.91 -35.40
CA SER A 1602 -18.90 29.98 -36.51
C SER A 1602 -19.65 28.68 -36.25
N GLY A 1603 -20.36 28.20 -37.27
CA GLY A 1603 -21.12 26.98 -37.16
C GLY A 1603 -22.57 27.15 -36.82
N ASN A 1604 -23.10 28.37 -36.87
CA ASN A 1604 -24.51 28.59 -36.60
C ASN A 1604 -25.36 27.75 -37.54
N THR A 1605 -26.41 27.14 -36.99
CA THR A 1605 -27.33 26.35 -37.80
C THR A 1605 -28.81 26.55 -37.47
N VAL A 1606 -29.16 27.14 -36.33
CA VAL A 1606 -30.53 27.14 -35.86
C VAL A 1606 -31.27 28.42 -36.27
N LEU A 1607 -30.65 29.58 -36.11
CA LEU A 1607 -31.23 30.82 -36.62
C LEU A 1607 -31.19 30.83 -38.15
N LEU A 1608 -32.24 31.36 -38.76
CA LEU A 1608 -32.44 31.22 -40.20
C LEU A 1608 -32.86 32.57 -40.77
N ILE A 1609 -33.32 32.54 -42.03
CA ILE A 1609 -33.92 33.69 -42.69
C ILE A 1609 -35.41 33.40 -42.85
N GLY A 1610 -36.16 34.47 -43.11
CA GLY A 1610 -37.57 34.32 -43.41
C GLY A 1610 -38.35 33.63 -42.29
N SER A 1611 -39.62 33.39 -42.59
CA SER A 1611 -40.52 32.75 -41.64
C SER A 1611 -40.50 31.23 -41.76
N ALA A 1612 -40.48 30.69 -42.97
CA ALA A 1612 -40.49 29.25 -43.15
C ALA A 1612 -39.17 28.64 -42.71
N GLY A 1613 -39.25 27.48 -42.07
CA GLY A 1613 -38.06 26.76 -41.67
C GLY A 1613 -37.42 26.04 -42.85
N GLY A 1614 -36.23 25.50 -42.59
CA GLY A 1614 -35.47 24.85 -43.63
C GLY A 1614 -34.72 25.79 -44.56
N ASN A 1615 -34.74 27.09 -44.28
CA ASN A 1615 -33.97 28.05 -45.05
C ASN A 1615 -32.52 28.02 -44.59
N ALA A 1616 -31.75 29.00 -44.99
CA ALA A 1616 -30.34 28.99 -44.66
C ALA A 1616 -30.06 29.88 -43.45
N PRO A 1617 -29.08 29.52 -42.63
CA PRO A 1617 -28.72 30.36 -41.48
C PRO A 1617 -27.79 31.51 -41.87
N TYR A 1618 -27.36 32.25 -40.86
CA TYR A 1618 -26.37 33.30 -41.00
C TYR A 1618 -24.97 32.70 -40.93
N VAL A 1619 -23.97 33.53 -41.25
CA VAL A 1619 -22.57 33.16 -41.16
C VAL A 1619 -21.80 34.32 -40.56
N GLN A 1620 -20.51 34.11 -40.35
CA GLN A 1620 -19.68 35.12 -39.72
C GLN A 1620 -19.32 36.22 -40.71
N ALA A 1621 -19.06 37.41 -40.18
CA ALA A 1621 -18.75 38.58 -40.98
C ALA A 1621 -17.26 38.87 -40.98
N THR A 1622 -16.82 39.60 -42.01
CA THR A 1622 -15.40 39.92 -42.13
C THR A 1622 -14.92 40.81 -40.98
N THR A 1623 -15.82 41.50 -40.30
CA THR A 1623 -15.46 42.28 -39.13
C THR A 1623 -16.63 42.24 -38.14
N ALA A 1624 -16.29 42.29 -36.86
CA ALA A 1624 -17.30 42.22 -35.82
C ALA A 1624 -18.03 43.54 -35.68
N THR A 1625 -19.22 43.48 -35.08
CA THR A 1625 -20.07 44.65 -34.93
C THR A 1625 -19.76 45.35 -33.61
N PRO A 1626 -19.36 46.62 -33.62
CA PRO A 1626 -19.17 47.33 -32.35
C PRO A 1626 -20.47 47.42 -31.57
N ILE A 1627 -20.34 47.47 -30.24
CA ILE A 1627 -21.48 47.69 -29.36
C ILE A 1627 -21.39 49.10 -28.83
N ALA A 1628 -22.48 49.86 -28.99
CA ALA A 1628 -22.55 51.25 -28.56
C ALA A 1628 -23.50 51.38 -27.37
N LEU A 1629 -23.23 52.38 -26.54
CA LEU A 1629 -24.03 52.60 -25.35
C LEU A 1629 -25.45 53.06 -25.71
N GLY A 1630 -26.44 52.58 -24.97
CA GLY A 1630 -27.81 52.95 -25.22
C GLY A 1630 -28.67 53.09 -23.98
N TYR A 1631 -28.07 53.38 -22.83
CA TYR A 1631 -28.83 53.55 -21.60
C TYR A 1631 -28.09 54.52 -20.68
N VAL A 1632 -28.85 55.14 -19.77
CA VAL A 1632 -28.33 56.08 -18.81
C VAL A 1632 -28.86 55.72 -17.42
N THR A 1633 -28.03 55.92 -16.40
CA THR A 1633 -28.40 55.54 -15.04
C THR A 1633 -29.43 56.49 -14.45
N SER A 1634 -29.20 57.80 -14.57
CA SER A 1634 -29.99 58.77 -13.83
C SER A 1634 -30.03 60.11 -14.55
N SER A 1635 -31.16 60.80 -14.39
CA SER A 1635 -31.32 62.19 -14.84
C SER A 1635 -32.11 62.92 -13.76
N ILE A 1636 -31.47 63.88 -13.11
CA ILE A 1636 -32.04 64.57 -11.96
C ILE A 1636 -31.79 66.06 -12.09
N ALA A 1637 -32.69 66.85 -11.51
CA ALA A 1637 -32.68 68.31 -11.67
C ALA A 1637 -32.11 68.93 -10.41
N THR A 1638 -30.83 69.26 -10.45
CA THR A 1638 -30.19 69.93 -9.30
C THR A 1638 -30.70 71.36 -9.15
N LYS A 1639 -30.75 72.11 -10.24
CA LYS A 1639 -31.36 73.43 -10.28
C LYS A 1639 -32.50 73.39 -11.28
N ALA A 1640 -33.39 74.38 -11.19
CA ALA A 1640 -34.45 74.49 -12.19
C ALA A 1640 -33.91 74.81 -13.56
N THR A 1641 -32.68 75.34 -13.65
CA THR A 1641 -32.02 75.63 -14.91
C THR A 1641 -30.80 74.75 -15.11
N GLU A 1642 -30.88 73.50 -14.67
CA GLU A 1642 -29.75 72.58 -14.81
C GLU A 1642 -30.24 71.16 -14.58
N ILE A 1643 -29.96 70.27 -15.53
CA ILE A 1643 -30.21 68.84 -15.39
C ILE A 1643 -28.87 68.13 -15.51
N LYS A 1644 -28.68 67.09 -14.70
CA LYS A 1644 -27.44 66.30 -14.73
C LYS A 1644 -27.77 64.87 -15.13
N VAL A 1645 -27.02 64.35 -16.10
CA VAL A 1645 -27.22 63.02 -16.65
C VAL A 1645 -25.97 62.20 -16.37
N THR A 1646 -26.15 61.04 -15.75
CA THR A 1646 -25.06 60.16 -15.36
C THR A 1646 -24.98 59.02 -16.37
N LEU A 1647 -23.86 58.95 -17.09
CA LEU A 1647 -23.61 57.85 -18.01
C LEU A 1647 -22.97 56.69 -17.24
N PRO A 1648 -23.41 55.45 -17.45
CA PRO A 1648 -22.81 54.33 -16.71
C PRO A 1648 -21.33 54.08 -17.02
N VAL A 1649 -20.79 54.63 -18.10
CA VAL A 1649 -19.40 54.38 -18.48
C VAL A 1649 -18.76 55.69 -18.93
N PRO A 1650 -17.47 55.71 -19.25
CA PRO A 1650 -16.84 56.95 -19.72
C PRO A 1650 -17.33 57.36 -21.10
N ILE A 1651 -17.04 58.61 -21.46
CA ILE A 1651 -17.49 59.20 -22.71
C ILE A 1651 -16.50 60.26 -23.15
N THR A 1652 -16.68 60.77 -24.38
CA THR A 1652 -15.91 61.87 -24.91
C THR A 1652 -16.78 62.71 -25.82
N LEU A 1653 -16.62 64.03 -25.75
CA LEU A 1653 -17.38 64.97 -26.57
C LEU A 1653 -16.46 65.47 -27.68
N ILE A 1654 -16.83 65.20 -28.92
CA ILE A 1654 -15.91 65.28 -30.05
C ILE A 1654 -15.92 66.63 -30.73
N LYS A 1655 -14.92 66.87 -31.55
CA LYS A 1655 -14.54 68.20 -32.03
C LYS A 1655 -14.35 68.17 -33.54
N ALA A 1656 -13.99 69.32 -34.10
CA ALA A 1656 -13.40 69.38 -35.43
C ALA A 1656 -11.87 69.41 -35.38
N GLY A 1657 -11.30 69.68 -34.21
CA GLY A 1657 -9.86 69.74 -34.05
C GLY A 1657 -9.30 68.57 -33.26
N VAL A 1658 -8.94 68.80 -32.00
CA VAL A 1658 -8.28 67.78 -31.19
C VAL A 1658 -9.00 67.55 -29.87
N SER A 1659 -9.14 68.60 -29.06
CA SER A 1659 -9.53 68.47 -27.67
C SER A 1659 -10.97 68.90 -27.46
N VAL A 1660 -11.44 68.77 -26.22
CA VAL A 1660 -12.83 68.97 -25.86
C VAL A 1660 -12.91 69.56 -24.45
N ALA A 1661 -13.70 70.62 -24.30
CA ALA A 1661 -14.02 71.13 -22.97
C ALA A 1661 -15.50 71.37 -22.76
N SER A 1662 -16.21 71.89 -23.76
CA SER A 1662 -17.62 72.26 -23.62
C SER A 1662 -18.10 72.76 -24.98
N LEU A 1663 -19.43 72.82 -25.14
CA LEU A 1663 -20.03 73.19 -26.42
C LEU A 1663 -21.15 74.20 -26.19
N ASP A 1664 -21.42 74.98 -27.23
CA ASP A 1664 -22.38 76.06 -27.18
C ASP A 1664 -23.79 75.52 -27.49
N LYS A 1665 -24.75 76.43 -27.66
CA LYS A 1665 -26.14 76.01 -27.81
C LYS A 1665 -26.37 75.24 -29.10
N THR A 1666 -25.93 75.81 -30.23
CA THR A 1666 -26.22 75.19 -31.52
C THR A 1666 -25.59 73.80 -31.61
N ASP A 1667 -24.34 73.65 -31.18
CA ASP A 1667 -23.69 72.36 -31.21
C ASP A 1667 -24.39 71.36 -30.30
N CYS A 1668 -24.70 71.78 -29.08
CA CYS A 1668 -25.32 70.89 -28.11
C CYS A 1668 -26.76 70.54 -28.49
N ASP A 1669 -27.41 71.36 -29.31
CA ASP A 1669 -28.80 71.10 -29.65
C ASP A 1669 -28.93 69.96 -30.65
N THR A 1670 -27.96 69.81 -31.55
CA THR A 1670 -27.95 68.65 -32.42
C THR A 1670 -27.75 67.37 -31.63
N LEU A 1671 -26.84 67.40 -30.64
CA LEU A 1671 -26.49 66.18 -29.92
C LEU A 1671 -27.69 65.60 -29.17
N LEU A 1672 -28.50 66.46 -28.56
CA LEU A 1672 -29.56 65.99 -27.68
C LEU A 1672 -30.77 66.92 -27.80
N THR A 1673 -31.85 66.55 -27.13
CA THR A 1673 -33.10 67.28 -27.23
C THR A 1673 -33.90 67.07 -25.95
N VAL A 1674 -34.14 68.14 -25.21
CA VAL A 1674 -34.93 68.09 -23.98
C VAL A 1674 -36.32 68.65 -24.28
N ALA A 1675 -37.36 67.89 -23.93
CA ALA A 1675 -38.71 68.24 -24.33
C ALA A 1675 -39.16 69.55 -23.70
N SER A 1676 -39.79 70.40 -24.52
CA SER A 1676 -40.38 71.66 -24.06
C SER A 1676 -39.35 72.54 -23.38
N GLY A 1677 -38.07 72.40 -23.77
CA GLY A 1677 -36.99 73.13 -23.15
C GLY A 1677 -36.21 73.93 -24.16
N THR A 1678 -35.17 74.59 -23.65
CA THR A 1678 -34.32 75.46 -24.46
C THR A 1678 -32.96 75.56 -23.79
N LEU A 1679 -31.91 75.22 -24.52
CA LEU A 1679 -30.58 75.17 -23.92
C LEU A 1679 -30.07 76.57 -23.62
N ALA A 1680 -29.12 76.64 -22.68
CA ALA A 1680 -28.50 77.90 -22.34
C ALA A 1680 -27.75 78.45 -23.54
N ALA A 1681 -27.77 79.77 -23.70
CA ALA A 1681 -27.16 80.37 -24.87
C ALA A 1681 -25.65 80.16 -24.93
N THR A 1682 -25.03 79.73 -23.84
CA THR A 1682 -23.59 79.51 -23.84
C THR A 1682 -23.24 78.52 -22.72
N GLY A 1683 -22.19 77.73 -22.96
CA GLY A 1683 -21.73 76.76 -21.98
C GLY A 1683 -22.77 75.70 -21.67
N SER A 1684 -23.37 75.13 -22.71
CA SER A 1684 -24.51 74.23 -22.56
C SER A 1684 -24.11 72.78 -22.37
N CYS A 1685 -22.92 72.38 -22.82
CA CYS A 1685 -22.58 70.97 -22.97
C CYS A 1685 -21.32 70.62 -22.19
N ALA A 1686 -21.07 71.31 -21.07
CA ALA A 1686 -19.87 71.05 -20.29
C ALA A 1686 -19.87 69.63 -19.76
N LEU A 1687 -18.68 69.01 -19.72
CA LEU A 1687 -18.54 67.62 -19.33
C LEU A 1687 -17.33 67.47 -18.42
N SER A 1688 -17.40 66.47 -17.54
CA SER A 1688 -16.28 66.10 -16.68
C SER A 1688 -16.62 64.79 -15.99
N GLY A 1689 -15.62 63.92 -15.85
CA GLY A 1689 -15.87 62.61 -15.30
C GLY A 1689 -16.85 61.85 -16.19
N THR A 1690 -17.83 61.21 -15.56
CA THR A 1690 -18.89 60.52 -16.27
C THR A 1690 -20.25 61.17 -15.97
N VAL A 1691 -20.24 62.48 -15.74
CA VAL A 1691 -21.45 63.25 -15.50
C VAL A 1691 -21.48 64.38 -16.53
N LEU A 1692 -22.59 64.47 -17.25
CA LEU A 1692 -22.79 65.49 -18.28
C LEU A 1692 -23.79 66.52 -17.76
N THR A 1693 -23.37 67.78 -17.73
CA THR A 1693 -24.18 68.86 -17.19
C THR A 1693 -24.85 69.63 -18.32
N ILE A 1694 -26.18 69.78 -18.22
CA ILE A 1694 -26.98 70.49 -19.20
C ILE A 1694 -27.56 71.73 -18.53
N THR A 1695 -27.29 72.89 -19.11
CA THR A 1695 -27.85 74.15 -18.63
C THR A 1695 -28.96 74.60 -19.57
N THR A 1696 -30.05 75.09 -19.00
CA THR A 1696 -31.22 75.50 -19.76
C THR A 1696 -31.63 76.91 -19.39
N THR A 1697 -32.26 77.61 -20.34
CA THR A 1697 -32.92 78.88 -20.06
C THR A 1697 -34.35 78.68 -19.57
N SER A 1698 -34.85 77.45 -19.59
CA SER A 1698 -36.19 77.17 -19.12
C SER A 1698 -36.14 76.80 -17.63
N THR A 1699 -37.26 76.30 -17.12
CA THR A 1699 -37.36 75.84 -15.75
C THR A 1699 -38.00 74.46 -15.72
N TYR A 1700 -37.38 73.54 -14.98
CA TYR A 1700 -37.88 72.17 -14.93
C TYR A 1700 -39.29 72.13 -14.33
N THR A 1701 -40.13 71.27 -14.90
CA THR A 1701 -41.50 71.06 -14.42
C THR A 1701 -41.76 69.57 -14.41
N PRO A 1702 -42.16 68.99 -13.28
CA PRO A 1702 -42.26 67.53 -13.20
C PRO A 1702 -43.30 66.96 -14.14
N GLY A 1703 -43.03 65.74 -14.59
CA GLY A 1703 -43.94 64.99 -15.44
C GLY A 1703 -43.74 65.18 -16.93
N THR A 1704 -43.37 66.39 -17.35
CA THR A 1704 -43.29 66.72 -18.77
C THR A 1704 -41.87 67.00 -19.24
N THR A 1705 -40.86 66.70 -18.42
CA THR A 1705 -39.47 66.95 -18.76
C THR A 1705 -38.76 65.62 -18.99
N THR A 1706 -38.11 65.49 -20.14
CA THR A 1706 -37.41 64.27 -20.50
C THR A 1706 -36.25 64.62 -21.41
N VAL A 1707 -35.27 63.72 -21.48
CA VAL A 1707 -34.06 63.93 -22.26
C VAL A 1707 -33.92 62.79 -23.26
N GLN A 1708 -33.47 63.13 -24.47
CA GLN A 1708 -33.28 62.15 -25.53
C GLN A 1708 -32.00 62.48 -26.28
N PHE A 1709 -31.39 61.47 -26.88
CA PHE A 1709 -30.18 61.62 -27.68
C PHE A 1709 -30.47 61.26 -29.12
N THR A 1710 -29.68 61.81 -30.03
CA THR A 1710 -29.88 61.61 -31.46
C THR A 1710 -28.80 60.70 -32.04
N ALA A 1711 -29.07 60.20 -33.25
CA ALA A 1711 -28.10 59.44 -34.01
C ALA A 1711 -27.33 60.39 -34.92
N VAL A 1712 -26.01 60.37 -34.82
CA VAL A 1712 -25.14 61.31 -35.51
C VAL A 1712 -24.37 60.58 -36.60
N ALA A 1713 -24.36 61.15 -37.79
CA ALA A 1713 -23.68 60.52 -38.92
C ALA A 1713 -22.18 60.42 -38.66
N SER A 1714 -21.57 59.39 -39.26
CA SER A 1714 -20.17 59.08 -38.96
C SER A 1714 -19.24 60.22 -39.36
N SER A 1715 -19.63 61.03 -40.34
CA SER A 1715 -18.78 62.10 -40.85
C SER A 1715 -18.95 63.42 -40.11
N ALA A 1716 -19.89 63.49 -39.17
CA ALA A 1716 -20.14 64.73 -38.45
C ALA A 1716 -18.91 65.12 -37.63
N SER A 1717 -18.84 66.41 -37.28
CA SER A 1717 -17.69 66.96 -36.57
C SER A 1717 -17.97 67.21 -35.09
N VAL A 1718 -19.12 66.78 -34.58
CA VAL A 1718 -19.43 66.86 -33.16
C VAL A 1718 -20.38 65.73 -32.81
N LYS A 1719 -20.01 64.92 -31.82
CA LYS A 1719 -20.76 63.74 -31.45
C LYS A 1719 -20.33 63.35 -30.03
N ILE A 1720 -20.82 62.20 -29.56
CA ILE A 1720 -20.44 61.64 -28.28
C ILE A 1720 -20.02 60.19 -28.51
N LEU A 1721 -18.80 59.85 -28.14
CA LEU A 1721 -18.32 58.48 -28.20
C LEU A 1721 -18.37 57.83 -26.83
N GLY A 1722 -17.97 56.56 -26.79
CA GLY A 1722 -17.80 55.84 -25.55
C GLY A 1722 -16.33 55.77 -25.18
N GLY A 1723 -16.07 55.60 -23.90
CA GLY A 1723 -14.70 55.50 -23.42
C GLY A 1723 -13.97 56.83 -23.49
N ALA A 1724 -12.65 56.74 -23.37
CA ALA A 1724 -11.78 57.89 -23.43
C ALA A 1724 -11.10 57.98 -24.79
N GLY A 1725 -10.23 58.97 -24.94
CA GLY A 1725 -9.47 59.13 -26.17
C GLY A 1725 -10.33 59.60 -27.32
N THR A 1726 -9.87 59.27 -28.54
CA THR A 1726 -10.55 59.68 -29.77
C THR A 1726 -10.66 58.50 -30.74
N THR A 1727 -10.99 57.32 -30.23
CA THR A 1727 -11.14 56.13 -31.06
C THR A 1727 -12.44 55.39 -30.78
N GLY A 1728 -13.34 55.95 -29.97
CA GLY A 1728 -14.51 55.23 -29.52
C GLY A 1728 -15.60 55.15 -30.56
N THR A 1729 -16.69 54.50 -30.16
CA THR A 1729 -17.85 54.31 -31.03
C THR A 1729 -18.95 55.30 -30.66
N ILE A 1730 -19.66 55.76 -31.68
CA ILE A 1730 -20.65 56.82 -31.50
C ILE A 1730 -21.85 56.25 -30.74
N ILE A 1731 -22.20 56.88 -29.63
CA ILE A 1731 -23.34 56.43 -28.84
C ILE A 1731 -24.62 56.55 -29.65
N ALA A 1732 -25.62 55.77 -29.26
CA ALA A 1732 -26.90 55.69 -29.94
C ALA A 1732 -27.97 56.37 -29.10
N ALA A 1733 -29.22 56.26 -29.57
CA ALA A 1733 -30.35 56.82 -28.87
C ALA A 1733 -30.85 55.87 -27.79
N LEU A 1734 -31.87 56.31 -27.06
CA LEU A 1734 -32.45 55.55 -25.96
C LEU A 1734 -33.80 55.01 -26.37
N SER A 1735 -34.07 53.75 -26.02
CA SER A 1735 -35.34 53.14 -26.38
C SER A 1735 -36.53 53.89 -25.82
N ALA A 1736 -36.32 54.68 -24.77
CA ALA A 1736 -37.36 55.54 -24.22
C ALA A 1736 -36.67 56.68 -23.47
N ALA A 1737 -37.05 57.91 -23.79
CA ALA A 1737 -36.38 59.06 -23.22
C ALA A 1737 -36.43 59.00 -21.70
N SER A 1738 -35.27 59.18 -21.07
CA SER A 1738 -35.18 59.10 -19.62
C SER A 1738 -35.96 60.25 -18.99
N SER A 1739 -36.63 59.95 -17.89
CA SER A 1739 -37.52 60.91 -17.22
C SER A 1739 -36.77 61.54 -16.05
N VAL A 1740 -36.70 62.88 -16.04
CA VAL A 1740 -35.95 63.57 -15.00
C VAL A 1740 -36.75 63.59 -13.70
N LEU A 1741 -36.04 63.76 -12.58
CA LEU A 1741 -36.64 63.69 -11.26
C LEU A 1741 -36.31 64.94 -10.45
N PRO A 1742 -37.15 65.29 -9.48
CA PRO A 1742 -36.80 66.40 -8.57
C PRO A 1742 -35.60 66.02 -7.70
N GLY A 1743 -34.66 66.95 -7.57
CA GLY A 1743 -33.41 66.63 -6.90
C GLY A 1743 -32.80 67.73 -6.06
N TYR A 1744 -33.61 68.64 -5.52
CA TYR A 1744 -33.05 69.71 -4.71
C TYR A 1744 -34.12 70.29 -3.82
N LEU A 1745 -33.68 70.99 -2.78
CA LEU A 1745 -34.56 71.62 -1.79
C LEU A 1745 -34.51 73.12 -1.91
N THR A 1746 -35.56 73.77 -1.40
CA THR A 1746 -35.60 75.23 -1.36
C THR A 1746 -34.73 75.77 -0.23
N SER A 1747 -34.88 75.22 0.97
CA SER A 1747 -34.12 75.68 2.13
C SER A 1747 -34.43 74.78 3.31
N ALA A 1748 -33.70 75.00 4.41
CA ALA A 1748 -33.90 74.27 5.66
C ALA A 1748 -33.46 75.18 6.80
N VAL A 1749 -34.31 75.29 7.83
CA VAL A 1749 -34.08 76.24 8.90
C VAL A 1749 -34.32 75.58 10.25
N ILE A 1750 -33.76 76.20 11.30
CA ILE A 1750 -33.94 75.77 12.68
C ILE A 1750 -35.08 76.57 13.29
N SER A 1751 -35.99 75.88 13.98
CA SER A 1751 -37.16 76.52 14.56
C SER A 1751 -37.38 76.06 16.00
N GLY A 1752 -36.34 76.14 16.83
CA GLY A 1752 -36.50 75.91 18.26
C GLY A 1752 -35.50 75.00 18.93
N ALA A 1753 -34.42 74.63 18.25
CA ALA A 1753 -33.32 73.88 18.85
C ALA A 1753 -33.69 72.42 19.08
N ASN A 1754 -34.95 72.07 18.83
CA ASN A 1754 -35.36 70.67 18.81
C ASN A 1754 -36.34 70.40 17.66
N THR A 1755 -36.52 71.37 16.76
CA THR A 1755 -37.48 71.27 15.68
C THR A 1755 -36.84 71.80 14.40
N PHE A 1756 -37.36 71.33 13.26
CA PHE A 1756 -36.84 71.72 11.96
C PHE A 1756 -37.98 71.68 10.95
N THR A 1757 -37.76 72.33 9.81
CA THR A 1757 -38.76 72.32 8.74
C THR A 1757 -38.04 72.40 7.40
N LEU A 1758 -38.48 71.58 6.44
CA LEU A 1758 -37.92 71.55 5.10
C LEU A 1758 -38.97 71.96 4.09
N THR A 1759 -38.58 72.81 3.15
CA THR A 1759 -39.48 73.39 2.16
C THR A 1759 -39.24 72.73 0.81
N LEU A 1760 -40.31 72.25 0.18
CA LEU A 1760 -40.16 71.56 -1.09
C LEU A 1760 -40.50 72.47 -2.25
N PRO A 1761 -39.77 72.40 -3.37
CA PRO A 1761 -40.09 73.26 -4.52
C PRO A 1761 -41.30 72.83 -5.32
N TYR A 1762 -41.70 71.55 -5.26
CA TYR A 1762 -42.80 71.03 -6.05
C TYR A 1762 -43.76 70.28 -5.15
N ALA A 1763 -45.02 70.70 -5.14
CA ALA A 1763 -45.99 70.26 -4.16
C ALA A 1763 -46.18 68.74 -4.19
N VAL A 1764 -46.58 68.20 -3.05
CA VAL A 1764 -46.84 66.78 -2.87
C VAL A 1764 -48.15 66.63 -2.10
N THR A 1765 -48.63 65.40 -2.02
CA THR A 1765 -49.90 65.14 -1.36
C THR A 1765 -49.78 65.33 0.14
N SER A 1766 -50.89 65.74 0.75
CA SER A 1766 -50.94 66.07 2.17
C SER A 1766 -51.56 64.92 2.97
N GLY A 1767 -51.12 64.78 4.21
CA GLY A 1767 -51.64 63.76 5.10
C GLY A 1767 -50.80 62.51 5.13
N GLY A 1768 -50.10 62.28 6.24
CA GLY A 1768 -49.27 61.10 6.39
C GLY A 1768 -48.33 61.19 7.57
N ASN A 1769 -47.80 60.06 8.01
CA ASN A 1769 -46.88 60.00 9.15
C ASN A 1769 -45.68 59.15 8.81
N PRO A 1770 -44.84 59.60 7.87
CA PRO A 1770 -43.63 58.85 7.54
C PRO A 1770 -42.65 58.84 8.69
N THR A 1771 -41.86 57.76 8.75
CA THR A 1771 -40.78 57.70 9.72
C THR A 1771 -39.61 58.54 9.24
N CYS A 1772 -39.12 59.42 10.12
CA CYS A 1772 -38.10 60.38 9.69
C CYS A 1772 -36.85 59.70 9.20
N SER A 1773 -36.56 58.49 9.69
CA SER A 1773 -35.35 57.79 9.27
C SER A 1773 -35.42 57.41 7.80
N ASP A 1774 -36.62 57.21 7.26
CA ASP A 1774 -36.80 56.77 5.88
C ASP A 1774 -36.75 57.91 4.87
N ILE A 1775 -36.78 59.16 5.31
CA ILE A 1775 -36.93 60.28 4.37
C ILE A 1775 -35.87 61.36 4.54
N ILE A 1776 -35.22 61.50 5.69
CA ILE A 1776 -34.33 62.63 5.95
C ILE A 1776 -33.04 62.12 6.58
N GLU A 1777 -31.96 62.85 6.32
CA GLU A 1777 -30.66 62.59 6.93
C GLU A 1777 -30.06 63.91 7.40
N ILE A 1778 -29.44 63.88 8.58
CA ILE A 1778 -28.82 65.07 9.17
C ILE A 1778 -27.44 64.68 9.68
N LYS A 1779 -26.46 65.56 9.45
CA LYS A 1779 -25.10 65.35 9.89
C LYS A 1779 -24.64 66.55 10.70
N ALA A 1780 -23.60 66.32 11.50
CA ALA A 1780 -22.96 67.36 12.28
C ALA A 1780 -21.67 67.80 11.58
N ALA A 1781 -20.98 68.77 12.19
CA ALA A 1781 -19.77 69.31 11.59
C ALA A 1781 -18.65 68.27 11.55
N ASN A 1782 -18.62 67.35 12.51
CA ASN A 1782 -17.59 66.33 12.58
C ASN A 1782 -17.98 65.04 11.87
N GLY A 1783 -19.14 65.02 11.22
CA GLY A 1783 -19.58 63.85 10.49
C GLY A 1783 -20.50 62.91 11.25
N ALA A 1784 -20.84 63.24 12.49
CA ALA A 1784 -21.78 62.42 13.24
C ALA A 1784 -23.18 62.54 12.64
N MET A 1785 -24.10 61.76 13.19
CA MET A 1785 -25.48 61.73 12.71
C MET A 1785 -26.41 61.83 13.91
N LYS A 1786 -27.65 62.21 13.64
CA LYS A 1786 -28.58 62.61 14.69
C LYS A 1786 -29.84 61.75 14.66
N THR A 1787 -30.26 61.34 15.84
CA THR A 1787 -31.47 60.53 16.01
C THR A 1787 -32.69 61.43 15.97
N PHE A 1788 -33.83 60.83 15.64
CA PHE A 1788 -35.09 61.54 15.57
C PHE A 1788 -36.03 61.07 16.67
N ASN A 1789 -36.75 62.03 17.24
CA ASN A 1789 -37.71 61.78 18.31
C ASN A 1789 -39.11 61.90 17.70
N GLY A 1790 -39.73 60.76 17.44
CA GLY A 1790 -41.07 60.74 16.89
C GLY A 1790 -41.09 60.49 15.40
N VAL A 1791 -42.24 60.82 14.81
CA VAL A 1791 -42.52 60.55 13.40
C VAL A 1791 -42.76 61.87 12.68
N CYS A 1792 -42.16 62.02 11.51
CA CYS A 1792 -42.34 63.23 10.73
C CYS A 1792 -43.79 63.35 10.27
N SER A 1793 -44.24 64.58 10.07
CA SER A 1793 -45.62 64.86 9.71
C SER A 1793 -45.67 65.56 8.36
N VAL A 1794 -46.64 65.16 7.53
CA VAL A 1794 -46.86 65.81 6.24
C VAL A 1794 -47.69 67.06 6.50
N ALA A 1795 -47.01 68.16 6.80
CA ALA A 1795 -47.70 69.34 7.31
C ALA A 1795 -48.62 69.97 6.28
N SER A 1796 -48.16 70.07 5.04
CA SER A 1796 -48.89 70.81 4.02
C SER A 1796 -48.47 70.30 2.65
N ALA A 1797 -48.80 71.07 1.61
CA ALA A 1797 -48.42 70.71 0.26
C ALA A 1797 -46.90 70.68 0.11
N THR A 1798 -46.20 71.67 0.69
CA THR A 1798 -44.77 71.83 0.47
C THR A 1798 -44.00 71.99 1.78
N THR A 1799 -44.30 71.17 2.79
CA THR A 1799 -43.58 71.28 4.06
C THR A 1799 -43.78 70.01 4.88
N VAL A 1800 -42.70 69.58 5.53
CA VAL A 1800 -42.68 68.42 6.41
C VAL A 1800 -41.90 68.80 7.67
N THR A 1801 -42.36 68.32 8.82
CA THR A 1801 -41.86 68.76 10.12
C THR A 1801 -41.47 67.57 10.99
N GLY A 1802 -40.53 67.81 11.90
CA GLY A 1802 -40.13 66.80 12.88
C GLY A 1802 -39.28 67.42 13.96
N THR A 1803 -38.96 66.61 14.97
CA THR A 1803 -38.12 67.02 16.07
C THR A 1803 -37.00 66.01 16.29
N THR A 1804 -35.83 66.49 16.68
CA THR A 1804 -34.66 65.65 16.90
C THR A 1804 -34.37 65.50 18.39
N ASN A 1805 -33.62 64.44 18.71
CA ASN A 1805 -33.25 64.17 20.09
C ASN A 1805 -32.16 65.12 20.58
N GLU A 1806 -31.20 65.46 19.72
CA GLU A 1806 -30.11 66.34 20.08
C GLU A 1806 -30.41 67.78 19.66
N ALA A 1807 -29.66 68.71 20.24
CA ALA A 1807 -29.81 70.12 19.88
C ALA A 1807 -29.23 70.37 18.50
N LEU A 1808 -29.90 71.22 17.73
CA LEU A 1808 -29.47 71.54 16.39
C LEU A 1808 -28.42 72.65 16.41
N LEU A 1809 -27.54 72.62 15.42
CA LEU A 1809 -26.51 73.64 15.26
C LEU A 1809 -26.52 74.14 13.82
N ALA A 1810 -26.08 75.39 13.65
CA ALA A 1810 -26.18 76.03 12.34
C ALA A 1810 -25.39 75.29 11.29
N SER A 1811 -24.18 74.84 11.63
CA SER A 1811 -23.28 74.21 10.68
C SER A 1811 -23.62 72.74 10.42
N ASP A 1812 -24.82 72.31 10.78
CA ASP A 1812 -25.31 71.02 10.35
C ASP A 1812 -25.47 70.98 8.83
N THR A 1813 -25.83 69.81 8.31
CA THR A 1813 -26.16 69.65 6.90
C THR A 1813 -27.33 68.68 6.80
N VAL A 1814 -28.17 68.88 5.78
CA VAL A 1814 -29.38 68.09 5.61
C VAL A 1814 -29.50 67.66 4.16
N THR A 1815 -30.00 66.45 3.95
CA THR A 1815 -30.23 65.90 2.62
C THR A 1815 -31.50 65.06 2.68
N LEU A 1816 -31.81 64.39 1.56
CA LEU A 1816 -32.92 63.46 1.50
C LEU A 1816 -32.44 62.10 1.03
N LYS A 1817 -33.12 61.06 1.52
CA LYS A 1817 -33.00 59.71 0.98
C LYS A 1817 -34.17 59.50 0.03
N GLY A 1818 -33.97 59.77 -1.26
CA GLY A 1818 -35.10 59.78 -2.18
C GLY A 1818 -35.36 58.46 -2.87
N ALA A 1819 -36.24 57.65 -2.30
CA ALA A 1819 -36.81 56.50 -2.98
C ALA A 1819 -38.28 56.27 -2.66
N GLN A 1820 -38.84 56.94 -1.66
CA GLN A 1820 -40.04 56.48 -0.99
C GLN A 1820 -41.31 56.96 -1.67
N ASN A 1821 -42.41 56.26 -1.37
CA ASN A 1821 -43.68 56.52 -2.04
C ASN A 1821 -44.34 57.79 -1.52
N ALA A 1822 -44.27 58.02 -0.20
CA ALA A 1822 -45.06 59.09 0.41
C ALA A 1822 -44.84 60.42 -0.29
N LEU A 1823 -43.60 60.73 -0.67
CA LEU A 1823 -43.27 61.97 -1.35
C LEU A 1823 -43.48 61.78 -2.85
N THR A 1824 -44.71 62.00 -3.29
CA THR A 1824 -45.08 61.88 -4.70
C THR A 1824 -45.74 63.18 -5.14
N THR A 1825 -45.13 63.83 -6.14
CA THR A 1825 -45.66 65.09 -6.63
C THR A 1825 -47.03 64.86 -7.28
N THR A 1826 -47.99 65.74 -6.97
CA THR A 1826 -49.30 65.65 -7.60
C THR A 1826 -49.26 66.07 -9.07
N THR A 1827 -48.17 66.69 -9.52
CA THR A 1827 -47.99 67.04 -10.92
C THR A 1827 -46.94 66.09 -11.51
N GLY A 1828 -47.42 65.02 -12.13
CA GLY A 1828 -46.56 64.02 -12.73
C GLY A 1828 -46.43 62.73 -11.94
N SER A 1829 -46.83 62.72 -10.68
CA SER A 1829 -46.80 61.52 -9.84
C SER A 1829 -45.38 60.96 -9.71
N LYS A 1830 -44.38 61.83 -9.74
CA LYS A 1830 -42.99 61.41 -9.64
C LYS A 1830 -42.57 61.30 -8.17
N ILE A 1831 -41.52 60.52 -7.94
CA ILE A 1831 -40.99 60.26 -6.61
C ILE A 1831 -39.71 61.08 -6.45
N TYR A 1832 -39.61 61.81 -5.34
CA TYR A 1832 -38.45 62.64 -5.10
C TYR A 1832 -37.18 61.81 -5.04
N ALA A 1833 -36.10 62.34 -5.61
CA ALA A 1833 -34.81 61.68 -5.66
C ALA A 1833 -33.86 62.29 -4.62
N ALA A 1834 -32.60 61.88 -4.67
CA ALA A 1834 -31.63 62.32 -3.68
C ALA A 1834 -31.21 63.76 -3.92
N THR A 1835 -30.57 64.36 -2.91
CA THR A 1835 -30.21 65.76 -2.93
C THR A 1835 -28.79 65.93 -2.40
N ALA A 1836 -28.33 67.17 -2.43
CA ALA A 1836 -27.01 67.55 -1.93
C ALA A 1836 -27.14 68.19 -0.55
N ALA A 1837 -26.01 68.57 0.02
CA ALA A 1837 -25.93 69.03 1.40
C ALA A 1837 -26.00 70.54 1.47
N ILE A 1838 -26.88 71.04 2.34
CA ILE A 1838 -27.03 72.47 2.59
C ILE A 1838 -27.12 72.69 4.09
N ASN A 1839 -26.50 73.75 4.58
CA ASN A 1839 -26.56 74.04 6.00
C ASN A 1839 -27.98 74.45 6.41
N ILE A 1840 -28.29 74.27 7.68
CA ILE A 1840 -29.56 74.70 8.24
C ILE A 1840 -29.34 76.08 8.86
N GLN A 1841 -30.05 77.09 8.35
CA GLN A 1841 -29.86 78.44 8.84
C GLN A 1841 -30.75 78.68 10.07
N PRO A 1842 -30.31 79.53 11.00
CA PRO A 1842 -31.05 79.70 12.26
C PRO A 1842 -32.21 80.69 12.10
N ALA A 1843 -33.42 80.21 12.34
CA ALA A 1843 -34.59 81.06 12.49
C ALA A 1843 -34.92 81.18 13.98
N TYR A 1844 -36.05 81.82 14.28
CA TYR A 1844 -36.52 82.03 15.65
C TYR A 1844 -35.51 82.83 16.46
N LEU A 1845 -36.01 83.60 17.43
CA LEU A 1845 -35.18 84.41 18.31
C LEU A 1845 -35.67 84.24 19.74
N THR A 1846 -34.79 84.56 20.70
CA THR A 1846 -35.17 84.50 22.10
C THR A 1846 -36.22 85.57 22.43
N GLY A 1847 -35.96 86.80 22.05
CA GLY A 1847 -36.85 87.91 22.32
C GLY A 1847 -36.16 89.22 22.13
N ALA A 1848 -36.97 90.28 22.00
CA ALA A 1848 -36.46 91.63 21.80
C ALA A 1848 -36.86 92.52 22.96
N TYR A 1849 -36.03 93.52 23.23
CA TYR A 1849 -36.17 94.36 24.41
C TYR A 1849 -35.71 95.77 24.07
N ALA A 1850 -36.64 96.72 24.06
CA ALA A 1850 -36.23 98.11 23.89
C ALA A 1850 -35.32 98.55 25.02
N ILE A 1851 -34.33 99.37 24.71
CA ILE A 1851 -33.38 99.85 25.69
C ILE A 1851 -33.19 101.36 25.55
N ASP A 1852 -34.05 102.00 24.77
CA ASP A 1852 -33.96 103.45 24.55
C ASP A 1852 -35.24 103.89 23.83
N ASP A 1853 -35.28 105.15 23.43
CA ASP A 1853 -36.42 105.63 22.64
C ASP A 1853 -36.33 105.16 21.20
N LYS A 1854 -35.12 104.99 20.66
CA LYS A 1854 -34.92 104.63 19.26
C LYS A 1854 -34.00 103.43 19.08
N LYS A 1855 -33.70 102.69 20.15
CA LYS A 1855 -32.84 101.52 20.04
C LYS A 1855 -33.49 100.35 20.76
N PHE A 1856 -33.24 99.14 20.27
CA PHE A 1856 -33.64 97.93 20.96
C PHE A 1856 -32.65 96.83 20.66
N VAL A 1857 -32.64 95.81 21.51
CA VAL A 1857 -31.66 94.74 21.49
C VAL A 1857 -32.36 93.43 21.20
N VAL A 1858 -31.81 92.64 20.28
CA VAL A 1858 -32.34 91.34 19.92
C VAL A 1858 -31.43 90.28 20.50
N VAL A 1859 -32.01 89.35 21.26
CA VAL A 1859 -31.25 88.30 21.92
C VAL A 1859 -31.18 87.12 20.96
N LEU A 1860 -30.01 86.93 20.34
CA LEU A 1860 -29.78 85.81 19.43
C LEU A 1860 -29.35 84.58 20.22
N PRO A 1861 -29.93 83.40 19.95
CA PRO A 1861 -29.51 82.19 20.68
C PRO A 1861 -28.07 81.78 20.40
N TYR A 1862 -27.46 82.28 19.33
CA TYR A 1862 -26.12 81.87 18.93
C TYR A 1862 -25.24 83.09 18.75
N ALA A 1863 -23.93 82.88 18.86
CA ALA A 1863 -22.95 83.96 18.75
C ALA A 1863 -22.67 84.22 17.28
N SER A 1864 -22.98 85.43 16.83
CA SER A 1864 -22.90 85.80 15.43
C SER A 1864 -21.68 86.68 15.16
N THR A 1865 -21.42 86.90 13.87
CA THR A 1865 -20.40 87.84 13.41
C THR A 1865 -21.01 88.72 12.33
N LEU A 1866 -20.70 90.01 12.38
CA LEU A 1866 -21.33 91.00 11.51
C LEU A 1866 -20.29 91.69 10.66
N ALA A 1867 -20.61 91.85 9.38
CA ALA A 1867 -19.73 92.44 8.38
C ALA A 1867 -20.10 93.90 8.14
N ALA A 1868 -19.30 94.56 7.31
CA ALA A 1868 -19.54 95.96 6.95
C ALA A 1868 -20.55 95.98 5.82
N GLY A 1869 -21.81 96.23 6.17
CA GLY A 1869 -22.88 96.27 5.19
C GLY A 1869 -23.94 97.27 5.57
N THR A 1870 -24.71 97.69 4.58
CA THR A 1870 -25.75 98.68 4.80
C THR A 1870 -26.91 98.06 5.58
N CYS A 1871 -27.32 98.72 6.66
CA CYS A 1871 -28.30 98.15 7.56
C CYS A 1871 -29.63 97.92 6.87
N SER A 1872 -30.04 98.85 5.99
CA SER A 1872 -31.38 98.78 5.44
C SER A 1872 -31.61 97.52 4.63
N SER A 1873 -30.56 96.82 4.23
CA SER A 1873 -30.67 95.62 3.42
C SER A 1873 -30.48 94.33 4.22
N ILE A 1874 -30.51 94.42 5.55
CA ILE A 1874 -30.24 93.27 6.41
C ILE A 1874 -31.46 92.88 7.22
N VAL A 1875 -32.22 93.84 7.72
CA VAL A 1875 -33.36 93.58 8.59
C VAL A 1875 -34.58 94.32 8.08
N SER A 1876 -35.75 93.80 8.42
CA SER A 1876 -37.04 94.38 8.02
C SER A 1876 -37.83 94.70 9.28
N VAL A 1877 -37.61 95.90 9.81
CA VAL A 1877 -38.37 96.38 10.96
C VAL A 1877 -39.71 96.92 10.48
N THR A 1878 -40.76 96.60 11.21
CA THR A 1878 -42.12 97.03 10.90
C THR A 1878 -42.60 97.98 11.98
N ASP A 1879 -43.22 99.09 11.56
CA ASP A 1879 -43.67 100.11 12.50
C ASP A 1879 -45.12 99.86 12.91
N ASN A 1880 -45.72 100.86 13.55
CA ASN A 1880 -46.90 100.64 14.39
C ASN A 1880 -48.04 99.98 13.63
N ASN A 1881 -48.22 100.32 12.36
CA ASN A 1881 -49.42 99.96 11.61
C ASN A 1881 -49.08 99.12 10.38
N ASN A 1882 -47.95 98.42 10.40
CA ASN A 1882 -47.48 97.64 9.27
C ASN A 1882 -46.98 98.57 8.18
N GLY A 1883 -46.30 98.03 7.18
CA GLY A 1883 -45.60 98.83 6.20
C GLY A 1883 -44.17 99.05 6.64
N PRO A 1884 -43.22 98.88 5.71
CA PRO A 1884 -41.81 98.86 6.12
C PRO A 1884 -41.38 100.15 6.81
N ALA A 1885 -40.47 100.00 7.77
CA ALA A 1885 -39.91 101.14 8.49
C ALA A 1885 -38.41 100.98 8.74
N GLU A 1886 -37.71 100.20 7.91
CA GLU A 1886 -36.29 99.92 8.09
C GLU A 1886 -35.40 100.89 7.34
N SER A 1887 -35.86 102.13 7.14
CA SER A 1887 -35.11 103.11 6.37
C SER A 1887 -34.04 103.79 7.22
N GLY A 1888 -32.82 103.81 6.71
CA GLY A 1888 -31.74 104.51 7.39
C GLY A 1888 -31.37 103.97 8.75
N CYS A 1889 -31.46 102.66 8.92
CA CYS A 1889 -31.14 102.05 10.21
C CYS A 1889 -29.63 101.85 10.34
N SER A 1890 -29.23 101.32 11.49
CA SER A 1890 -27.83 100.98 11.73
C SER A 1890 -27.77 99.90 12.80
N LEU A 1891 -26.80 99.00 12.67
CA LEU A 1891 -26.64 97.88 13.58
C LEU A 1891 -25.25 97.89 14.19
N ALA A 1892 -25.13 97.17 15.30
CA ALA A 1892 -23.84 96.93 15.94
C ALA A 1892 -23.94 95.64 16.74
N LEU A 1893 -22.81 94.98 16.90
CA LEU A 1893 -22.73 93.72 17.63
C LEU A 1893 -21.63 93.81 18.69
N ASP A 1894 -21.91 93.27 19.86
CA ASP A 1894 -20.96 93.29 20.96
C ASP A 1894 -19.85 92.26 20.74
N GLY A 1895 -18.78 92.39 21.52
CA GLY A 1895 -17.63 91.51 21.34
C GLY A 1895 -17.99 90.05 21.52
N THR A 1896 -18.77 89.73 22.55
CA THR A 1896 -19.24 88.37 22.73
C THR A 1896 -20.10 87.90 21.57
N GLY A 1897 -20.74 88.83 20.87
CA GLY A 1897 -21.44 88.53 19.63
C GLY A 1897 -22.88 88.11 19.78
N ILE A 1898 -23.52 88.39 20.91
CA ILE A 1898 -24.85 87.87 21.18
C ILE A 1898 -25.91 88.95 21.30
N TYR A 1899 -25.54 90.23 21.41
CA TYR A 1899 -26.49 91.32 21.58
C TYR A 1899 -26.42 92.24 20.37
N LEU A 1900 -27.41 92.13 19.48
CA LEU A 1900 -27.45 92.90 18.24
C LEU A 1900 -28.40 94.07 18.44
N THR A 1901 -27.86 95.28 18.50
CA THR A 1901 -28.62 96.48 18.82
C THR A 1901 -28.96 97.23 17.54
N VAL A 1902 -30.25 97.42 17.29
CA VAL A 1902 -30.74 98.18 16.14
C VAL A 1902 -30.96 99.61 16.57
N THR A 1903 -30.65 100.55 15.68
CA THR A 1903 -30.84 101.97 15.90
C THR A 1903 -31.67 102.51 14.74
N VAL A 1904 -32.93 102.83 15.01
CA VAL A 1904 -33.86 103.24 13.97
C VAL A 1904 -34.00 104.75 14.00
N SER A 1905 -34.56 105.30 12.92
CA SER A 1905 -34.68 106.74 12.74
C SER A 1905 -36.04 107.28 13.17
N ALA A 1906 -36.91 106.45 13.73
CA ALA A 1906 -38.20 106.90 14.24
C ALA A 1906 -38.41 106.30 15.63
N SER A 1907 -39.16 107.02 16.46
CA SER A 1907 -39.36 106.61 17.84
C SER A 1907 -40.28 105.40 17.92
N LEU A 1908 -40.06 104.58 18.94
CA LEU A 1908 -40.83 103.36 19.17
C LEU A 1908 -41.77 103.56 20.34
N THR A 1909 -42.95 102.94 20.28
CA THR A 1909 -44.05 103.37 21.13
C THR A 1909 -44.96 102.20 21.50
N ALA A 1910 -45.70 102.41 22.59
CA ALA A 1910 -46.89 101.63 22.95
C ALA A 1910 -46.55 100.14 22.97
N THR A 1911 -47.32 99.29 22.31
CA THR A 1911 -47.13 97.84 22.37
C THR A 1911 -47.07 97.26 20.95
N ALA A 1912 -46.27 97.88 20.09
CA ALA A 1912 -46.27 97.55 18.66
C ALA A 1912 -44.86 97.26 18.16
N TRP A 1913 -44.72 97.21 16.83
CA TRP A 1913 -43.43 97.09 16.14
C TRP A 1913 -42.92 95.66 16.16
N LYS A 1914 -42.31 95.24 15.05
CA LYS A 1914 -41.82 93.88 14.85
C LYS A 1914 -40.46 93.95 14.17
N VAL A 1915 -39.81 92.78 14.05
CA VAL A 1915 -38.48 92.70 13.47
C VAL A 1915 -38.34 91.35 12.78
N ASP A 1916 -37.61 91.35 11.66
CA ASP A 1916 -37.38 90.13 10.90
C ASP A 1916 -36.05 90.25 10.16
N PHE A 1917 -35.67 89.17 9.50
CA PHE A 1917 -34.46 89.12 8.69
C PHE A 1917 -34.83 88.96 7.23
N LYS A 1918 -33.96 89.47 6.35
CA LYS A 1918 -34.26 89.52 4.93
C LYS A 1918 -34.32 88.12 4.34
N ALA A 1919 -35.10 87.99 3.26
CA ALA A 1919 -35.15 86.75 2.50
C ALA A 1919 -33.87 86.48 1.73
N ALA A 1920 -32.96 87.46 1.67
CA ALA A 1920 -31.66 87.24 1.03
C ALA A 1920 -30.68 88.26 1.60
N GLN A 1921 -29.70 87.78 2.35
CA GLN A 1921 -28.70 88.64 2.97
C GLN A 1921 -27.53 87.78 3.42
N THR A 1922 -26.35 88.40 3.52
CA THR A 1922 -25.13 87.65 3.76
C THR A 1922 -24.16 88.30 4.74
N ALA A 1923 -24.50 89.42 5.35
CA ALA A 1923 -23.56 90.12 6.24
C ALA A 1923 -23.71 89.71 7.71
N LEU A 1924 -24.70 88.89 8.06
CA LEU A 1924 -24.96 88.52 9.45
C LEU A 1924 -25.12 87.00 9.49
N THR A 1925 -24.05 86.32 9.89
CA THR A 1925 -23.98 84.87 9.82
C THR A 1925 -23.48 84.30 11.14
N VAL A 1926 -24.10 83.22 11.59
CA VAL A 1926 -23.58 82.46 12.74
C VAL A 1926 -22.65 81.42 12.15
N GLY A 1927 -21.44 81.86 11.81
CA GLY A 1927 -20.47 81.00 11.19
C GLY A 1927 -20.72 80.70 9.73
N SER A 1928 -21.82 80.03 9.42
CA SER A 1928 -21.94 79.38 8.10
C SER A 1928 -21.99 80.37 6.94
N THR A 1929 -23.14 81.00 6.69
CA THR A 1929 -23.20 82.04 5.65
C THR A 1929 -24.16 83.17 5.98
N ALA A 1930 -25.22 82.89 6.74
CA ALA A 1930 -26.25 83.89 7.00
C ALA A 1930 -27.34 83.31 7.86
N TRP A 1931 -28.12 84.19 8.48
CA TRP A 1931 -29.35 83.84 9.17
C TRP A 1931 -30.46 83.69 8.13
N ALA A 1932 -31.70 83.58 8.57
CA ALA A 1932 -32.83 83.38 7.67
C ALA A 1932 -34.07 84.00 8.26
N PRO A 1933 -35.13 84.16 7.47
CA PRO A 1933 -36.40 84.66 8.02
C PRO A 1933 -37.02 83.68 9.01
N MET A 1934 -38.04 84.16 9.71
CA MET A 1934 -38.67 83.38 10.75
C MET A 1934 -39.36 82.15 10.18
N ALA A 1935 -39.43 81.09 10.97
CA ALA A 1935 -40.08 79.86 10.53
C ALA A 1935 -41.53 80.12 10.15
N THR A 1936 -42.34 80.53 11.13
CA THR A 1936 -43.69 80.98 10.81
C THR A 1936 -43.60 82.28 10.01
N GLY A 1937 -44.59 82.49 9.15
CA GLY A 1937 -44.53 83.59 8.20
C GLY A 1937 -44.91 84.94 8.78
N THR A 1938 -44.36 85.28 9.95
CA THR A 1938 -44.61 86.56 10.58
C THR A 1938 -43.37 86.99 11.35
N ALA A 1939 -43.15 88.29 11.41
CA ALA A 1939 -41.98 88.84 12.08
C ALA A 1939 -42.14 88.75 13.59
N LYS A 1940 -40.99 88.66 14.28
CA LYS A 1940 -40.98 88.61 15.73
C LYS A 1940 -41.43 89.95 16.31
N SER A 1941 -42.00 89.90 17.51
CA SER A 1941 -42.53 91.09 18.18
C SER A 1941 -41.77 91.36 19.47
N LEU A 1942 -41.44 92.62 19.71
CA LEU A 1942 -40.86 93.01 20.99
C LEU A 1942 -41.83 92.54 22.08
N ASN A 1943 -41.39 91.59 22.90
CA ASN A 1943 -42.33 90.83 23.72
C ASN A 1943 -42.99 91.72 24.77
N ALA A 1944 -44.11 91.23 25.28
CA ALA A 1944 -44.95 92.00 26.19
C ALA A 1944 -44.19 92.40 27.45
N GLY A 1945 -44.34 93.66 27.84
CA GLY A 1945 -43.71 94.19 29.02
C GLY A 1945 -42.50 95.05 28.76
N ALA A 1946 -41.92 94.98 27.57
CA ALA A 1946 -40.74 95.75 27.21
C ALA A 1946 -40.86 96.34 25.82
N THR A 1947 -42.08 96.63 25.39
CA THR A 1947 -42.30 97.24 24.09
C THR A 1947 -41.90 98.71 24.04
N THR A 1948 -41.27 99.21 25.09
CA THR A 1948 -40.74 100.57 25.12
C THR A 1948 -39.90 100.69 26.39
N TRP A 1949 -39.20 101.81 26.50
CA TRP A 1949 -38.38 102.07 27.68
C TRP A 1949 -38.29 103.56 27.91
N GLY A 1950 -38.50 103.97 29.16
CA GLY A 1950 -38.46 105.37 29.50
C GLY A 1950 -38.88 105.57 30.94
N SER A 1951 -39.38 106.76 31.25
CA SER A 1951 -39.88 107.03 32.59
C SER A 1951 -41.33 106.59 32.74
N SER A 1952 -41.63 105.42 32.21
CA SER A 1952 -42.90 104.76 32.50
C SER A 1952 -42.73 103.27 32.72
N ILE A 1953 -41.53 102.72 32.55
CA ILE A 1953 -41.24 101.31 32.81
C ILE A 1953 -40.35 101.14 34.02
N MET A 1954 -39.42 102.06 34.24
CA MET A 1954 -38.56 102.02 35.41
C MET A 1954 -39.38 102.19 36.68
N THR A 1955 -38.97 101.48 37.74
CA THR A 1955 -39.69 101.54 39.02
C THR A 1955 -38.70 101.30 40.15
N ALA A 1956 -38.63 102.24 41.09
CA ALA A 1956 -37.81 102.11 42.29
C ALA A 1956 -38.67 101.74 43.48
N THR A 1957 -38.10 100.93 44.38
CA THR A 1957 -38.85 100.38 45.51
C THR A 1957 -38.00 100.46 46.77
N ALA A 1958 -38.65 100.54 47.92
CA ALA A 1958 -38.00 100.67 49.22
C ALA A 1958 -38.04 99.33 49.92
N VAL A 1959 -36.91 98.62 49.93
CA VAL A 1959 -36.84 97.29 50.53
C VAL A 1959 -36.31 97.36 51.95
N ALA A 1960 -35.49 98.36 52.25
CA ALA A 1960 -35.02 98.61 53.61
C ALA A 1960 -34.95 100.11 53.82
N THR A 1961 -34.71 100.51 55.07
CA THR A 1961 -34.72 101.93 55.40
C THR A 1961 -33.62 102.68 54.67
N ASN A 1962 -32.61 101.99 54.15
CA ASN A 1962 -31.51 102.63 53.43
C ASN A 1962 -31.13 101.86 52.17
N VAL A 1963 -32.10 101.19 51.55
CA VAL A 1963 -31.88 100.40 50.34
C VAL A 1963 -33.01 100.66 49.37
N LEU A 1964 -32.68 100.81 48.08
CA LEU A 1964 -33.65 100.92 47.01
C LEU A 1964 -33.50 99.73 46.06
N GLU A 1965 -34.47 99.58 45.16
CA GLU A 1965 -34.42 98.54 44.13
C GLU A 1965 -35.02 99.10 42.85
N VAL A 1966 -34.15 99.50 41.93
CA VAL A 1966 -34.53 100.04 40.62
C VAL A 1966 -34.46 98.93 39.59
N THR A 1967 -35.46 98.85 38.73
CA THR A 1967 -35.49 97.84 37.68
C THR A 1967 -34.97 98.42 36.37
N LEU A 1968 -34.61 97.51 35.46
CA LEU A 1968 -33.99 97.82 34.18
C LEU A 1968 -34.58 96.90 33.13
N PRO A 1969 -34.51 97.28 31.85
CA PRO A 1969 -35.16 96.47 30.81
C PRO A 1969 -34.64 95.05 30.73
N MET A 1970 -33.36 94.82 31.00
CA MET A 1970 -32.78 93.49 30.85
C MET A 1970 -31.39 93.50 31.50
N SER A 1971 -30.69 92.38 31.37
CA SER A 1971 -29.39 92.22 32.01
C SER A 1971 -28.44 93.31 31.56
N SER A 1972 -27.78 93.94 32.53
CA SER A 1972 -26.91 95.08 32.30
C SER A 1972 -25.48 94.75 32.72
N TYR A 1973 -24.59 95.72 32.56
CA TYR A 1973 -23.21 95.60 33.00
C TYR A 1973 -22.76 96.90 33.66
N MET A 1974 -21.99 96.77 34.73
CA MET A 1974 -21.36 97.91 35.38
C MET A 1974 -20.44 97.37 36.46
N ALA A 1975 -19.38 98.13 36.75
CA ALA A 1975 -18.50 97.79 37.85
C ALA A 1975 -19.18 98.13 39.17
N ASP A 1976 -18.97 97.27 40.17
CA ASP A 1976 -19.53 97.52 41.49
C ASP A 1976 -18.89 98.77 42.07
N ILE A 1977 -19.64 99.87 42.10
CA ILE A 1977 -19.06 101.19 42.35
C ILE A 1977 -18.79 101.34 43.84
N SER A 1978 -17.56 101.69 44.19
CA SER A 1978 -17.12 101.71 45.58
C SER A 1978 -17.86 102.73 46.43
N SER A 1979 -17.65 104.02 46.15
CA SER A 1979 -18.12 105.11 47.00
C SER A 1979 -19.13 105.95 46.23
N GLY A 1980 -20.26 106.24 46.87
CA GLY A 1980 -21.38 106.86 46.18
C GLY A 1980 -21.69 106.10 44.92
N CYS A 1981 -22.50 106.66 44.03
CA CYS A 1981 -22.61 106.08 42.70
C CYS A 1981 -23.32 107.04 41.76
N SER A 1982 -22.60 107.46 40.71
CA SER A 1982 -22.98 108.55 39.82
C SER A 1982 -24.13 108.21 38.86
N PRO A 1983 -24.26 106.96 38.38
CA PRO A 1983 -25.32 106.65 37.41
C PRO A 1983 -26.68 107.24 37.74
N VAL A 1984 -26.99 107.51 39.02
CA VAL A 1984 -28.31 107.95 39.43
C VAL A 1984 -28.18 109.25 40.22
N THR A 1985 -29.29 109.98 40.30
CA THR A 1985 -29.38 111.21 41.08
C THR A 1985 -30.77 111.33 41.66
N PHE A 1986 -30.85 111.56 42.97
CA PHE A 1986 -32.12 111.61 43.67
C PHE A 1986 -32.66 113.04 43.72
N SER A 1987 -33.98 113.14 43.89
CA SER A 1987 -34.64 114.43 43.73
C SER A 1987 -34.51 115.29 44.98
N THR A 1988 -35.07 114.83 46.11
CA THR A 1988 -35.26 115.75 47.23
C THR A 1988 -34.01 115.90 48.09
N ALA A 1989 -33.67 114.88 48.87
CA ALA A 1989 -32.56 115.05 49.81
C ALA A 1989 -31.74 113.80 50.09
N ASN A 1990 -32.03 112.65 49.47
CA ASN A 1990 -31.32 111.43 49.82
C ASN A 1990 -30.01 111.34 49.06
N THR A 1991 -29.02 110.68 49.69
CA THR A 1991 -27.68 110.57 49.13
C THR A 1991 -27.26 109.11 49.13
N ALA A 1992 -26.26 108.80 48.32
CA ALA A 1992 -25.86 107.43 48.04
C ALA A 1992 -24.44 107.16 48.50
N ALA A 1993 -24.16 105.88 48.78
CA ALA A 1993 -22.84 105.43 49.19
C ALA A 1993 -22.24 104.35 48.31
N SER A 1994 -23.05 103.63 47.52
CA SER A 1994 -22.58 102.62 46.58
C SER A 1994 -23.80 102.04 45.87
N CYS A 1995 -23.58 101.45 44.70
CA CYS A 1995 -24.66 100.73 44.04
C CYS A 1995 -24.09 99.47 43.40
N LYS A 1996 -24.95 98.45 43.30
CA LYS A 1996 -24.56 97.14 42.80
C LYS A 1996 -25.68 96.58 41.94
N LEU A 1997 -25.45 95.38 41.41
CA LEU A 1997 -26.42 94.69 40.56
C LEU A 1997 -26.89 93.42 41.24
N ILE A 1998 -28.20 93.24 41.31
CA ILE A 1998 -28.83 92.01 41.75
C ILE A 1998 -29.93 91.69 40.74
N GLY A 1999 -30.38 90.44 40.75
CA GLY A 1999 -31.39 90.02 39.78
C GLY A 1999 -32.15 88.82 40.26
N THR A 2000 -33.38 88.70 39.76
CA THR A 2000 -34.21 87.55 40.07
C THR A 2000 -33.68 86.32 39.33
N THR A 2001 -34.30 85.17 39.62
CA THR A 2001 -33.81 83.91 39.05
C THR A 2001 -33.91 83.91 37.53
N SER A 2002 -35.03 84.39 37.00
CA SER A 2002 -35.28 84.36 35.56
C SER A 2002 -34.90 85.65 34.85
N SER A 2003 -34.31 86.61 35.56
CA SER A 2003 -33.83 87.85 34.94
C SER A 2003 -32.60 88.32 35.71
N PRO A 2004 -31.46 87.69 35.48
CA PRO A 2004 -30.24 88.06 36.22
C PRO A 2004 -29.79 89.48 35.93
N ASN A 2005 -29.15 90.08 36.92
CA ASN A 2005 -28.55 91.41 36.84
C ASN A 2005 -29.45 92.37 36.07
N SER A 2006 -30.71 92.47 36.53
CA SER A 2006 -31.67 93.40 35.98
C SER A 2006 -32.08 94.48 36.97
N ILE A 2007 -31.48 94.50 38.17
CA ILE A 2007 -31.84 95.43 39.21
C ILE A 2007 -30.59 96.14 39.70
N LEU A 2008 -30.67 97.46 39.81
CA LEU A 2008 -29.67 98.27 40.47
C LEU A 2008 -30.13 98.50 41.91
N GLN A 2009 -29.31 98.11 42.88
CA GLN A 2009 -29.62 98.23 44.31
C GLN A 2009 -28.76 99.34 44.88
N ILE A 2010 -29.27 100.57 44.83
CA ILE A 2010 -28.53 101.69 45.37
C ILE A 2010 -28.53 101.63 46.89
N THR A 2011 -27.52 102.24 47.49
CA THR A 2011 -27.38 102.28 48.94
C THR A 2011 -27.20 103.73 49.38
N LEU A 2012 -27.63 104.02 50.61
CA LEU A 2012 -27.72 105.38 51.11
C LEU A 2012 -27.04 105.50 52.46
N THR A 2013 -26.87 106.76 52.90
CA THR A 2013 -26.20 107.08 54.16
C THR A 2013 -27.16 107.62 55.20
N ALA A 2014 -28.44 107.27 55.13
CA ALA A 2014 -29.43 107.75 56.08
C ALA A 2014 -30.72 106.98 55.84
N GLY A 2015 -31.79 107.40 56.52
CA GLY A 2015 -33.11 106.89 56.21
C GLY A 2015 -33.65 107.55 54.95
N TYR A 2016 -34.42 106.79 54.18
CA TYR A 2016 -34.88 107.27 52.88
C TYR A 2016 -36.02 108.27 53.07
N VAL A 2017 -35.78 109.51 52.65
CA VAL A 2017 -36.83 110.53 52.62
C VAL A 2017 -37.56 110.44 51.29
N ALA A 2018 -38.88 110.62 51.33
CA ALA A 2018 -39.69 110.50 50.12
C ALA A 2018 -39.15 111.45 49.04
N GLY A 2019 -39.05 110.93 47.82
CA GLY A 2019 -38.45 111.68 46.74
C GLY A 2019 -38.65 111.00 45.39
N ALA A 2020 -37.60 110.97 44.57
CA ALA A 2020 -37.68 110.34 43.26
C ALA A 2020 -36.28 110.20 42.69
N VAL A 2021 -35.97 109.03 42.15
CA VAL A 2021 -34.69 108.76 41.53
C VAL A 2021 -34.80 109.03 40.04
N SER A 2022 -33.78 109.68 39.48
CA SER A 2022 -33.75 110.06 38.08
C SER A 2022 -32.45 109.53 37.47
N LEU A 2023 -32.53 108.45 36.71
CA LEU A 2023 -31.36 107.89 36.06
C LEU A 2023 -30.91 108.77 34.92
N ALA A 2024 -29.60 108.98 34.82
CA ALA A 2024 -29.00 109.73 33.73
C ALA A 2024 -28.03 108.92 32.90
N ASN A 2025 -27.11 108.20 33.53
CA ASN A 2025 -26.16 107.35 32.81
C ASN A 2025 -25.25 108.15 31.90
N ALA A 2026 -25.12 109.45 32.15
CA ALA A 2026 -24.54 110.37 31.18
C ALA A 2026 -23.11 109.95 30.81
N ALA A 2027 -22.25 109.75 31.81
CA ALA A 2027 -20.89 109.34 31.51
C ALA A 2027 -20.89 108.01 30.75
N GLY A 2028 -21.80 107.12 31.10
CA GLY A 2028 -21.99 105.86 30.43
C GLY A 2028 -21.33 104.75 31.21
N LEU A 2029 -22.10 104.11 32.08
CA LEU A 2029 -21.60 103.02 32.90
C LEU A 2029 -22.47 101.78 32.72
N ILE A 2030 -23.79 101.96 32.84
CA ILE A 2030 -24.70 100.83 32.76
C ILE A 2030 -24.89 100.50 31.29
N LYS A 2031 -24.04 99.62 30.77
CA LYS A 2031 -24.10 99.23 29.38
C LYS A 2031 -24.99 98.00 29.22
N ALA A 2032 -25.76 98.00 28.15
CA ALA A 2032 -26.89 97.08 28.01
C ALA A 2032 -26.41 95.71 27.56
N GLY A 2033 -27.02 94.68 28.11
CA GLY A 2033 -26.73 93.32 27.73
C GLY A 2033 -25.45 92.76 28.33
N SER A 2034 -24.30 93.26 27.90
CA SER A 2034 -23.02 92.67 28.27
C SER A 2034 -21.99 93.77 28.48
N ALA A 2035 -20.72 93.38 28.53
CA ALA A 2035 -19.63 94.24 28.96
C ALA A 2035 -19.19 95.24 27.91
N SER A 2036 -19.76 95.19 26.70
CA SER A 2036 -19.44 96.18 25.67
C SER A 2036 -20.69 96.63 24.92
N GLY A 2037 -21.88 96.45 25.48
CA GLY A 2037 -23.11 96.81 24.81
C GLY A 2037 -23.28 98.32 24.70
N THR A 2038 -24.52 98.77 24.65
CA THR A 2038 -24.83 100.18 24.44
C THR A 2038 -25.41 100.80 25.70
N ALA A 2039 -25.01 102.04 25.98
CA ALA A 2039 -25.47 102.71 27.19
C ALA A 2039 -27.01 102.78 27.22
N ILE A 2040 -27.57 102.56 28.40
CA ILE A 2040 -29.01 102.47 28.55
C ILE A 2040 -29.63 103.88 28.51
N GLY A 2041 -30.92 103.93 28.21
CA GLY A 2041 -31.61 105.21 28.12
C GLY A 2041 -32.03 105.76 29.47
N ALA A 2042 -32.15 107.08 29.54
CA ALA A 2042 -32.54 107.77 30.76
C ALA A 2042 -34.05 107.76 30.95
N ALA A 2043 -34.47 107.69 32.21
CA ALA A 2043 -35.88 107.61 32.58
C ALA A 2043 -36.17 108.54 33.77
N SER A 2044 -35.74 109.79 33.65
CA SER A 2044 -35.69 110.71 34.78
C SER A 2044 -37.02 110.75 35.53
N THR A 2045 -36.93 111.10 36.82
CA THR A 2045 -38.08 111.47 37.66
C THR A 2045 -39.09 110.32 37.79
N VAL A 2046 -38.64 109.27 38.46
CA VAL A 2046 -39.51 108.15 38.84
C VAL A 2046 -39.61 108.10 40.37
N THR A 2047 -40.82 107.85 40.86
CA THR A 2047 -41.14 107.95 42.28
C THR A 2047 -40.55 106.76 43.05
N ILE A 2048 -40.40 106.96 44.37
CA ILE A 2048 -39.95 105.92 45.30
C ILE A 2048 -41.14 105.50 46.15
N LYS A 2049 -41.41 104.19 46.21
CA LYS A 2049 -42.57 103.67 46.91
C LYS A 2049 -42.21 102.43 47.72
N PRO A 2050 -42.98 102.14 48.78
CA PRO A 2050 -42.55 101.16 49.78
C PRO A 2050 -43.09 99.75 49.54
N THR A 2051 -42.53 98.82 50.31
CA THR A 2051 -43.01 97.44 50.35
C THR A 2051 -42.54 96.80 51.64
N PHE A 2052 -43.25 95.76 52.07
CA PHE A 2052 -42.94 95.10 53.34
C PHE A 2052 -41.47 94.72 53.40
N VAL A 2053 -40.94 94.62 54.62
CA VAL A 2053 -39.53 94.39 54.86
C VAL A 2053 -39.28 93.02 55.50
N SER A 2054 -40.14 92.62 56.42
CA SER A 2054 -39.89 91.39 57.17
C SER A 2054 -41.20 90.86 57.73
N ALA A 2055 -41.11 89.69 58.33
CA ALA A 2055 -42.24 89.03 58.96
C ALA A 2055 -41.72 87.91 59.84
N VAL A 2056 -42.27 87.79 61.05
CA VAL A 2056 -41.94 86.72 61.97
C VAL A 2056 -43.23 86.16 62.56
N ALA A 2057 -43.11 85.04 63.25
CA ALA A 2057 -44.22 84.40 63.93
C ALA A 2057 -43.85 84.24 65.39
N THR A 2058 -44.46 85.06 66.24
CA THR A 2058 -44.26 84.98 67.69
C THR A 2058 -45.27 84.09 68.37
N GLY A 2059 -46.14 83.41 67.63
CA GLY A 2059 -47.02 82.43 68.19
C GLY A 2059 -47.62 81.54 67.12
N PRO A 2060 -48.43 80.57 67.52
CA PRO A 2060 -49.16 79.79 66.52
C PRO A 2060 -50.02 80.63 65.61
N ARG A 2061 -50.50 81.79 66.06
CA ARG A 2061 -51.36 82.62 65.24
C ARG A 2061 -51.08 84.12 65.39
N THR A 2062 -49.82 84.51 65.65
CA THR A 2062 -49.41 85.90 65.71
C THR A 2062 -48.23 86.10 64.76
N ILE A 2063 -48.21 87.23 64.06
CA ILE A 2063 -47.15 87.54 63.10
C ILE A 2063 -46.88 89.05 63.12
N VAL A 2064 -45.64 89.42 63.41
CA VAL A 2064 -45.21 90.82 63.47
C VAL A 2064 -44.62 91.18 62.11
N VAL A 2065 -45.13 92.25 61.49
CA VAL A 2065 -44.78 92.63 60.13
C VAL A 2065 -44.14 94.01 60.17
N ALA A 2066 -42.98 94.15 59.52
CA ALA A 2066 -42.16 95.34 59.59
C ALA A 2066 -42.29 96.20 58.33
N LEU A 2067 -41.96 97.47 58.46
CA LEU A 2067 -42.16 98.48 57.42
C LEU A 2067 -40.92 99.36 57.31
N PRO A 2068 -40.64 99.87 56.10
CA PRO A 2068 -39.42 100.68 55.92
C PRO A 2068 -39.60 102.18 56.08
N ILE A 2069 -40.84 102.68 56.07
CA ILE A 2069 -41.11 104.10 56.24
C ILE A 2069 -42.38 104.24 57.07
N GLN A 2070 -42.46 105.32 57.85
CA GLN A 2070 -43.57 105.51 58.78
C GLN A 2070 -44.90 105.31 58.08
N SER A 2071 -45.87 104.74 58.79
CA SER A 2071 -47.12 104.30 58.18
C SER A 2071 -48.29 104.53 59.13
N LYS A 2072 -49.50 104.41 58.58
CA LYS A 2072 -50.71 104.54 59.37
C LYS A 2072 -51.90 104.01 58.58
N ILE A 2073 -52.63 103.07 59.16
CA ILE A 2073 -53.78 102.48 58.49
C ILE A 2073 -54.91 103.50 58.41
N ILE A 2074 -55.83 103.29 57.47
CA ILE A 2074 -56.87 104.27 57.18
C ILE A 2074 -58.13 103.55 56.73
N LYS A 2075 -59.24 103.83 57.41
CA LYS A 2075 -60.53 103.23 57.05
C LYS A 2075 -60.91 103.61 55.63
N GLY A 2076 -61.54 102.68 54.93
CA GLY A 2076 -61.84 102.85 53.52
C GLY A 2076 -63.23 103.40 53.27
N ALA A 2077 -63.31 104.36 52.35
CA ALA A 2077 -64.59 104.95 51.93
C ALA A 2077 -65.24 105.75 53.06
N GLY A 2301 -60.33 105.37 48.60
CA GLY A 2301 -59.08 104.90 49.15
C GLY A 2301 -57.90 105.76 48.76
N ASP A 2302 -57.99 107.05 49.04
CA ASP A 2302 -56.84 107.95 48.94
C ASP A 2302 -56.51 108.59 50.28
N THR A 2303 -57.47 109.27 50.92
CA THR A 2303 -57.29 109.73 52.30
C THR A 2303 -58.66 110.03 52.88
N CYS A 2304 -59.12 109.21 53.83
CA CYS A 2304 -60.41 109.46 54.48
C CYS A 2304 -60.27 109.69 55.98
N ASP A 2305 -59.72 108.74 56.75
CA ASP A 2305 -59.69 108.82 58.20
C ASP A 2305 -59.00 107.59 58.75
N ASP A 2306 -58.55 107.69 60.01
CA ASP A 2306 -57.79 106.61 60.63
C ASP A 2306 -58.71 105.46 61.01
N ASP A 2307 -58.13 104.48 61.72
CA ASP A 2307 -58.88 103.32 62.19
C ASP A 2307 -58.50 103.03 63.63
N ILE A 2308 -59.40 102.35 64.34
CA ILE A 2308 -59.13 102.00 65.73
C ILE A 2308 -57.89 101.11 65.82
N ALA A 2309 -57.31 101.04 67.02
CA ALA A 2309 -56.02 100.40 67.21
C ALA A 2309 -56.08 98.89 67.03
N SER A 2310 -57.23 98.31 66.74
CA SER A 2310 -57.35 96.87 66.47
C SER A 2310 -58.64 96.59 65.72
N PRO A 2311 -58.62 96.65 64.38
CA PRO A 2311 -59.80 96.24 63.61
C PRO A 2311 -59.90 94.72 63.51
N ALA A 2312 -60.85 94.22 62.73
CA ALA A 2312 -61.03 92.79 62.55
C ALA A 2312 -61.06 92.38 61.08
N ASP A 2313 -60.79 93.30 60.15
CA ASP A 2313 -60.88 93.03 58.73
C ASP A 2313 -59.55 93.33 58.03
N CYS A 2314 -58.44 92.95 58.64
CA CYS A 2314 -57.13 93.16 58.03
C CYS A 2314 -56.87 92.14 56.93
N SER A 2315 -57.88 91.37 56.55
CA SER A 2315 -57.71 90.35 55.52
C SER A 2315 -57.63 90.94 54.12
N THR A 2316 -57.94 92.22 53.95
CA THR A 2316 -57.87 92.86 52.65
C THR A 2316 -56.56 93.59 52.39
N ILE A 2317 -55.61 93.53 53.31
CA ILE A 2317 -54.29 94.12 53.13
C ILE A 2317 -53.20 93.05 53.17
N PHE A 2318 -53.31 92.12 54.10
CA PHE A 2318 -52.35 91.03 54.25
C PHE A 2318 -52.97 89.75 53.68
N SER A 2319 -52.16 88.95 53.00
CA SER A 2319 -52.62 87.73 52.36
C SER A 2319 -51.58 86.63 52.52
N LEU A 2320 -52.07 85.41 52.73
CA LEU A 2320 -51.24 84.23 53.00
C LEU A 2320 -51.28 83.29 51.81
N THR A 2321 -50.14 82.70 51.49
CA THR A 2321 -50.01 81.73 50.40
C THR A 2321 -49.16 80.56 50.89
N GLY A 2322 -49.78 79.41 51.12
CA GLY A 2322 -49.03 78.22 51.48
C GLY A 2322 -49.63 77.37 52.58
N GLY A 2323 -50.84 77.69 53.04
CA GLY A 2323 -51.43 76.91 54.11
C GLY A 2323 -52.91 77.12 54.20
N THR A 2324 -53.49 76.57 55.27
CA THR A 2324 -54.91 76.67 55.55
C THR A 2324 -55.26 77.76 56.56
N ALA A 2325 -54.28 78.53 57.02
CA ALA A 2325 -54.57 79.65 57.90
C ALA A 2325 -55.02 80.86 57.10
N THR A 2326 -55.65 81.81 57.80
CA THR A 2326 -56.06 83.07 57.20
C THR A 2326 -55.83 84.18 58.23
N ILE A 2327 -56.06 85.42 57.82
CA ILE A 2327 -55.70 86.59 58.60
C ILE A 2327 -56.97 87.25 59.15
N ALA A 2328 -56.92 87.65 60.42
CA ALA A 2328 -58.07 88.20 61.12
C ALA A 2328 -57.90 89.65 61.53
N GLY A 2329 -56.87 89.97 62.33
CA GLY A 2329 -56.79 91.26 62.98
C GLY A 2329 -55.37 91.77 63.03
N CYS A 2330 -55.25 93.07 63.31
CA CYS A 2330 -53.96 93.74 63.24
C CYS A 2330 -53.99 95.01 64.07
N SER A 2331 -52.80 95.47 64.46
CA SER A 2331 -52.64 96.66 65.26
C SER A 2331 -52.20 97.82 64.37
N ASN A 2332 -52.98 98.89 64.35
CA ASN A 2332 -52.60 100.06 63.57
C ASN A 2332 -51.22 100.53 64.03
N PRO A 2333 -50.31 100.88 63.11
CA PRO A 2333 -49.01 101.42 63.54
C PRO A 2333 -49.16 102.83 64.11
N GLY A 2334 -48.88 102.96 65.40
CA GLY A 2334 -49.10 104.20 66.12
C GLY A 2334 -47.91 105.14 66.18
N SER A 2335 -47.56 105.76 65.05
CA SER A 2335 -46.57 106.84 65.01
C SER A 2335 -45.36 106.51 65.87
N ASP A 2336 -44.76 105.36 65.59
CA ASP A 2336 -43.74 104.77 66.45
C ASP A 2336 -42.31 105.15 66.05
N PHE A 2337 -41.37 104.27 66.42
CA PHE A 2337 -39.95 104.51 66.64
C PHE A 2337 -39.27 105.61 65.83
N THR A 2338 -39.51 105.66 64.52
CA THR A 2338 -38.55 106.23 63.56
C THR A 2338 -37.37 105.28 63.37
N ALA A 2339 -37.67 103.97 63.40
CA ALA A 2339 -36.68 102.91 63.39
C ALA A 2339 -37.35 101.64 62.89
N PRO A 2340 -37.45 100.51 63.66
CA PRO A 2340 -38.29 99.40 63.18
C PRO A 2340 -39.79 99.65 63.26
N TYR A 2341 -40.35 100.41 62.33
CA TYR A 2341 -41.79 100.65 62.30
C TYR A 2341 -42.52 99.32 62.12
N THR A 2342 -43.26 98.90 63.13
CA THR A 2342 -43.76 97.53 63.19
C THR A 2342 -45.27 97.51 63.40
N THR A 2343 -45.80 96.29 63.53
CA THR A 2343 -47.21 96.03 63.72
C THR A 2343 -47.37 94.52 63.91
N THR A 2344 -48.57 94.11 64.29
CA THR A 2344 -48.87 92.71 64.51
C THR A 2344 -50.11 92.30 63.73
N VAL A 2345 -50.24 91.00 63.52
CA VAL A 2345 -51.32 90.43 62.72
C VAL A 2345 -51.76 89.13 63.38
N THR A 2346 -52.98 88.71 63.09
CA THR A 2346 -53.60 87.55 63.73
C THR A 2346 -54.05 86.55 62.66
N LEU A 2347 -54.08 85.28 63.04
CA LEU A 2347 -54.49 84.21 62.14
C LEU A 2347 -55.73 83.51 62.68
N ALA A 2348 -56.44 82.81 61.78
CA ALA A 2348 -57.85 82.51 61.99
C ALA A 2348 -58.16 81.02 62.16
N THR A 2349 -57.82 80.18 61.19
CA THR A 2349 -58.44 78.85 61.11
C THR A 2349 -57.54 77.71 61.54
N ALA A 2350 -56.23 77.80 61.34
CA ALA A 2350 -55.33 76.71 61.69
C ALA A 2350 -53.96 77.27 62.01
N ASN A 2351 -53.18 76.50 62.75
CA ASN A 2351 -51.84 76.93 63.12
C ASN A 2351 -51.02 77.22 61.87
N TRP A 2352 -50.23 78.28 61.95
CA TRP A 2352 -49.33 78.65 60.86
C TRP A 2352 -48.35 77.51 60.57
N VAL A 2353 -48.42 76.98 59.35
CA VAL A 2353 -47.48 75.95 58.89
C VAL A 2353 -46.34 76.65 58.15
N PRO A 2354 -45.08 76.47 58.56
CA PRO A 2354 -43.99 77.17 57.88
C PRO A 2354 -44.02 77.02 56.37
N GLY A 2355 -43.35 77.93 55.67
CA GLY A 2355 -43.32 77.95 54.23
C GLY A 2355 -44.27 78.95 53.59
N THR A 2356 -45.12 79.60 54.38
CA THR A 2356 -46.02 80.61 53.84
C THR A 2356 -45.25 81.88 53.49
N THR A 2357 -45.82 82.69 52.61
CA THR A 2357 -45.25 83.96 52.22
C THR A 2357 -46.30 85.06 52.35
N LEU A 2358 -45.82 86.29 52.50
CA LEU A 2358 -46.66 87.44 52.77
C LEU A 2358 -46.56 88.44 51.63
N SER A 2359 -47.73 88.89 51.16
CA SER A 2359 -47.79 89.86 50.08
C SER A 2359 -48.94 90.83 50.33
N VAL A 2360 -49.07 91.81 49.46
CA VAL A 2360 -50.16 92.77 49.52
C VAL A 2360 -51.38 92.17 48.84
N ALA A 2361 -52.50 92.16 49.54
CA ALA A 2361 -53.73 91.62 48.97
C ALA A 2361 -54.14 92.41 47.73
N ALA A 2362 -54.78 91.73 46.78
CA ALA A 2362 -55.12 92.35 45.51
C ALA A 2362 -56.20 93.42 45.66
N ASP A 2363 -56.81 93.54 46.84
CA ASP A 2363 -57.87 94.51 47.02
C ASP A 2363 -57.32 95.94 47.11
N GLN A 2364 -56.08 96.08 47.56
CA GLN A 2364 -55.52 97.42 47.76
C GLN A 2364 -55.51 98.21 46.47
N ALA A 2365 -55.11 97.58 45.37
CA ALA A 2365 -55.13 98.23 44.06
C ALA A 2365 -56.50 98.18 43.40
N ALA A 2366 -57.41 97.34 43.90
CA ALA A 2366 -58.72 97.17 43.31
C ALA A 2366 -59.78 98.08 43.90
N ALA A 2367 -59.42 98.90 44.89
CA ALA A 2367 -60.38 99.78 45.55
C ALA A 2367 -61.54 98.99 46.15
N ALA A 2368 -61.24 97.78 46.64
CA ALA A 2368 -62.23 96.94 47.29
C ALA A 2368 -61.95 96.69 48.76
N ALA A 2369 -60.82 97.16 49.27
CA ALA A 2369 -60.50 96.95 50.68
C ALA A 2369 -61.25 97.94 51.55
N THR A 2370 -61.53 97.52 52.78
CA THR A 2370 -62.20 98.36 53.76
C THR A 2370 -61.22 99.06 54.70
N ASN A 2371 -59.93 98.99 54.39
CA ASN A 2371 -58.89 99.74 55.08
C ASN A 2371 -57.59 99.55 54.33
N TYR A 2372 -56.77 100.60 54.28
CA TYR A 2372 -55.59 100.64 53.44
C TYR A 2372 -54.39 101.02 54.27
N LEU A 2373 -53.20 100.72 53.75
CA LEU A 2373 -51.94 101.11 54.37
C LEU A 2373 -51.31 102.20 53.51
N LYS A 2374 -50.89 103.28 54.16
CA LYS A 2374 -50.30 104.44 53.50
C LYS A 2374 -49.11 104.93 54.30
N PRO A 2375 -48.16 105.60 53.66
CA PRO A 2375 -47.08 106.23 54.42
C PRO A 2375 -47.43 107.67 54.79
N THR A 2376 -46.82 108.14 55.88
CA THR A 2376 -47.18 109.45 56.42
C THR A 2376 -46.61 110.57 55.56
N ALA A 2377 -45.37 110.43 55.10
CA ALA A 2377 -44.72 111.52 54.38
C ALA A 2377 -45.32 111.76 53.00
N ALA A 2378 -45.94 110.75 52.40
CA ALA A 2378 -46.57 110.90 51.09
C ALA A 2378 -47.82 110.02 51.08
N ILE A 2379 -48.96 110.62 51.42
CA ILE A 2379 -50.18 109.85 51.67
C ILE A 2379 -50.87 109.40 50.39
N THR A 2380 -50.33 109.71 49.22
CA THR A 2380 -50.92 109.23 47.98
C THR A 2380 -50.49 107.80 47.67
N LEU A 2381 -49.26 107.45 48.00
CA LEU A 2381 -48.69 106.18 47.57
C LEU A 2381 -49.30 105.01 48.35
N LEU A 2382 -49.59 103.92 47.63
CA LEU A 2382 -50.02 102.69 48.25
C LEU A 2382 -48.83 101.75 48.41
N TYR A 2383 -49.10 100.50 48.80
CA TYR A 2383 -48.06 99.52 49.09
C TYR A 2383 -47.95 98.52 47.95
N THR A 2384 -46.74 98.40 47.39
CA THR A 2384 -46.48 97.62 46.20
C THR A 2384 -45.83 96.28 46.55
N THR A 2385 -45.70 95.43 45.54
CA THR A 2385 -45.19 94.07 45.71
C THR A 2385 -43.75 93.99 45.24
N LYS A 2386 -42.94 93.24 45.98
CA LYS A 2386 -41.50 93.29 45.85
C LYS A 2386 -41.05 92.81 44.47
N PRO A 2387 -40.02 93.42 43.85
CA PRO A 2387 -39.49 92.90 42.59
C PRO A 2387 -38.77 91.57 42.75
N SER A 2388 -37.87 91.49 43.72
CA SER A 2388 -36.96 90.36 43.86
C SER A 2388 -37.59 89.14 44.51
N GLY A 2389 -38.87 89.18 44.85
CA GLY A 2389 -39.54 88.04 45.44
C GLY A 2389 -40.32 88.36 46.70
N ALA A 2390 -41.42 87.65 46.93
CA ALA A 2390 -42.28 87.94 48.06
C ALA A 2390 -41.57 87.64 49.38
N VAL A 2391 -42.14 88.16 50.46
CA VAL A 2391 -41.52 88.05 51.78
C VAL A 2391 -41.78 86.67 52.36
N VAL A 2392 -40.79 86.12 53.05
CA VAL A 2392 -40.88 84.79 53.66
C VAL A 2392 -41.04 84.97 55.16
N ILE A 2393 -42.08 84.38 55.74
CA ILE A 2393 -42.24 84.40 57.18
C ILE A 2393 -41.24 83.45 57.82
N TYR A 2394 -40.58 83.91 58.85
CA TYR A 2394 -39.72 83.07 59.64
C TYR A 2394 -40.26 82.96 61.06
N PRO A 2395 -39.86 81.95 61.83
CA PRO A 2395 -40.31 81.83 63.21
C PRO A 2395 -39.37 82.51 64.21
N SER A 2396 -39.94 82.94 65.33
CA SER A 2396 -39.16 83.57 66.38
C SER A 2396 -39.80 83.30 67.74
N ILE A 2397 -39.05 83.64 68.79
CA ILE A 2397 -39.37 83.17 70.13
C ILE A 2397 -40.71 83.74 70.62
N SER A 2398 -41.18 83.18 71.75
CA SER A 2398 -42.45 83.53 72.34
C SER A 2398 -42.32 84.29 73.65
N SER A 2399 -41.61 83.72 74.63
CA SER A 2399 -41.51 84.34 75.94
C SER A 2399 -40.25 83.85 76.64
N ALA A 2400 -39.86 84.56 77.70
CA ALA A 2400 -38.68 84.20 78.48
C ALA A 2400 -38.96 84.34 79.97
N THR A 2401 -38.28 83.53 80.78
CA THR A 2401 -38.43 83.55 82.23
C THR A 2401 -37.09 83.27 82.89
N LEU A 2402 -36.75 84.06 83.91
CA LEU A 2402 -35.62 83.78 84.79
C LEU A 2402 -36.15 82.98 85.98
N THR A 2403 -35.91 81.67 85.95
CA THR A 2403 -36.55 80.78 86.91
C THR A 2403 -35.77 80.67 88.22
N GLY A 2404 -34.45 80.82 88.18
CA GLY A 2404 -33.63 80.70 89.36
C GLY A 2404 -32.49 81.69 89.39
N PRO A 2405 -31.70 81.66 90.45
CA PRO A 2405 -30.57 82.61 90.55
C PRO A 2405 -29.56 82.46 89.43
N LYS A 2406 -29.55 81.32 88.73
CA LYS A 2406 -28.64 81.15 87.60
C LYS A 2406 -29.29 80.46 86.41
N SER A 2407 -30.61 80.37 86.35
CA SER A 2407 -31.30 79.61 85.33
C SER A 2407 -32.20 80.52 84.50
N LEU A 2408 -32.26 80.22 83.19
CA LEU A 2408 -33.06 80.98 82.25
C LEU A 2408 -33.80 79.99 81.35
N GLN A 2409 -34.87 80.46 80.70
CA GLN A 2409 -35.77 79.59 79.98
C GLN A 2409 -36.45 80.37 78.87
N VAL A 2410 -36.52 79.77 77.67
CA VAL A 2410 -37.08 80.42 76.49
C VAL A 2410 -38.04 79.47 75.79
N THR A 2411 -39.16 79.99 75.32
CA THR A 2411 -40.18 79.23 74.62
C THR A 2411 -40.17 79.60 73.13
N LEU A 2412 -40.68 78.69 72.31
CA LEU A 2412 -40.69 78.85 70.87
C LEU A 2412 -42.07 78.48 70.35
N PRO A 2413 -42.47 79.01 69.19
CA PRO A 2413 -43.83 78.74 68.70
C PRO A 2413 -44.04 77.33 68.20
N VAL A 2414 -43.08 76.75 67.49
CA VAL A 2414 -43.23 75.43 66.89
C VAL A 2414 -42.04 74.56 67.25
N ALA A 2415 -42.16 73.28 66.94
CA ALA A 2415 -41.10 72.32 67.23
C ALA A 2415 -39.83 72.67 66.48
N ALA A 2416 -38.68 72.50 67.14
CA ALA A 2416 -37.40 72.94 66.61
C ALA A 2416 -36.34 71.92 66.95
N SER A 2417 -35.11 72.19 66.51
CA SER A 2417 -33.99 71.27 66.66
C SER A 2417 -32.69 72.04 66.71
N VAL A 2418 -31.66 71.38 67.21
CA VAL A 2418 -30.36 72.01 67.48
C VAL A 2418 -29.26 70.99 67.21
N PRO A 2419 -27.99 71.37 67.27
CA PRO A 2419 -26.93 70.36 67.18
C PRO A 2419 -27.11 69.30 68.25
N SER A 2420 -27.35 68.07 67.81
CA SER A 2420 -27.72 66.97 68.68
C SER A 2420 -26.59 66.40 69.53
N SER A 2421 -25.34 66.71 69.23
CA SER A 2421 -24.24 66.38 70.13
C SER A 2421 -24.14 67.34 71.31
N GLY A 2422 -24.93 68.41 71.31
CA GLY A 2422 -24.88 69.41 72.36
C GLY A 2422 -24.11 70.65 71.95
N LEU A 2423 -24.38 71.74 72.65
CA LEU A 2423 -23.79 73.03 72.36
C LEU A 2423 -22.75 73.37 73.44
N SER A 2424 -21.59 73.81 73.00
CA SER A 2424 -20.55 74.25 73.91
C SER A 2424 -20.87 75.63 74.44
N PRO A 2425 -20.15 76.09 75.46
CA PRO A 2425 -20.33 77.48 75.91
C PRO A 2425 -20.16 78.50 74.80
N ALA A 2426 -19.21 78.27 73.87
CA ALA A 2426 -19.01 79.18 72.76
C ALA A 2426 -20.17 79.18 71.78
N ASP A 2427 -21.00 78.14 71.80
CA ASP A 2427 -22.09 78.03 70.83
C ASP A 2427 -23.32 78.83 71.25
N CYS A 2428 -23.72 78.76 72.52
CA CYS A 2428 -24.91 79.48 72.96
C CYS A 2428 -24.63 80.94 73.30
N ASN A 2429 -23.38 81.38 73.23
CA ASN A 2429 -23.09 82.81 73.14
C ASN A 2429 -23.21 83.33 71.73
N ASN A 2430 -23.53 82.45 70.77
CA ASN A 2430 -23.71 82.81 69.37
C ASN A 2430 -25.13 82.58 68.89
N ILE A 2431 -26.07 82.32 69.79
CA ILE A 2431 -27.48 82.19 69.46
C ILE A 2431 -28.30 83.30 70.10
N PHE A 2432 -28.06 83.59 71.37
CA PHE A 2432 -28.76 84.61 72.10
C PHE A 2432 -27.80 85.67 72.63
N GLN A 2433 -28.33 86.86 72.87
CA GLN A 2433 -27.57 87.94 73.49
C GLN A 2433 -28.45 88.65 74.51
N LEU A 2434 -27.81 89.29 75.47
CA LEU A 2434 -28.48 90.11 76.47
C LEU A 2434 -28.11 91.57 76.28
N TYR A 2435 -29.13 92.43 76.21
CA TYR A 2435 -28.93 93.87 76.09
C TYR A 2435 -29.01 94.51 77.47
N ALA A 2436 -28.15 95.49 77.71
CA ALA A 2436 -28.37 96.37 78.86
C ALA A 2436 -29.64 97.18 78.63
N THR A 2437 -30.35 97.48 79.70
CA THR A 2437 -31.61 98.19 79.57
C THR A 2437 -31.41 99.53 78.87
N GLY A 2438 -32.23 99.78 77.85
CA GLY A 2438 -32.21 101.05 77.16
C GLY A 2438 -31.13 101.22 76.11
N THR A 2439 -30.45 100.15 75.70
CA THR A 2439 -29.39 100.23 74.70
C THR A 2439 -29.66 99.23 73.59
N THR A 2440 -28.81 99.29 72.55
CA THR A 2440 -28.91 98.39 71.40
C THR A 2440 -27.59 97.69 71.12
N THR A 2441 -26.48 98.17 71.67
CA THR A 2441 -25.21 97.49 71.53
C THR A 2441 -25.16 96.34 72.52
N PRO A 2442 -25.15 95.08 72.07
CA PRO A 2442 -25.25 93.96 73.02
C PRO A 2442 -23.98 93.80 73.85
N LYS A 2443 -24.15 93.11 74.98
CA LYS A 2443 -23.02 92.85 75.87
C LYS A 2443 -21.95 92.04 75.15
N THR A 2444 -20.69 92.43 75.36
CA THR A 2444 -19.58 91.83 74.61
C THR A 2444 -19.01 90.60 75.29
N ALA A 2445 -18.89 90.61 76.62
CA ALA A 2445 -18.31 89.49 77.32
C ALA A 2445 -19.24 88.28 77.26
N ALA A 2446 -18.70 87.13 77.65
CA ALA A 2446 -19.47 85.90 77.65
C ALA A 2446 -20.36 85.84 78.89
N VAL A 2447 -21.66 85.68 78.67
CA VAL A 2447 -22.64 85.78 79.76
C VAL A 2447 -23.33 84.45 80.05
N PHE A 2448 -23.23 83.47 79.17
CA PHE A 2448 -23.77 82.14 79.40
C PHE A 2448 -22.63 81.13 79.51
N SER A 2449 -22.92 79.99 80.15
CA SER A 2449 -21.91 78.95 80.33
C SER A 2449 -22.43 77.54 80.12
N ALA A 2450 -23.69 77.37 79.75
CA ALA A 2450 -24.25 76.06 79.43
C ALA A 2450 -25.58 76.30 78.73
N CYS A 2451 -26.10 75.24 78.12
CA CYS A 2451 -27.29 75.38 77.30
C CYS A 2451 -27.75 73.99 76.87
N TYR A 2452 -29.06 73.82 76.74
CA TYR A 2452 -29.61 72.60 76.15
C TYR A 2452 -31.10 72.82 75.91
N LEU A 2453 -31.62 72.10 74.90
CA LEU A 2453 -33.00 72.25 74.46
C LEU A 2453 -33.86 71.16 75.07
N GLY A 2454 -35.02 71.56 75.60
CA GLY A 2454 -35.91 70.60 76.22
C GLY A 2454 -36.43 69.58 75.24
N ALA A 2455 -36.98 68.50 75.79
CA ALA A 2455 -37.37 67.35 74.98
C ALA A 2455 -38.50 67.68 74.01
N ASP A 2456 -39.50 68.42 74.48
CA ASP A 2456 -40.69 68.70 73.67
C ASP A 2456 -40.44 69.71 72.55
N LYS A 2457 -39.18 70.09 72.31
CA LYS A 2457 -38.78 70.98 71.22
C LYS A 2457 -39.47 72.34 71.30
N GLN A 2458 -39.96 72.73 72.47
CA GLN A 2458 -40.63 74.01 72.63
C GLN A 2458 -40.25 74.68 73.94
N THR A 2459 -39.03 74.45 74.41
CA THR A 2459 -38.49 75.14 75.57
C THR A 2459 -36.98 75.04 75.54
N PHE A 2460 -36.32 76.04 76.10
CA PHE A 2460 -34.87 76.18 76.04
C PHE A 2460 -34.37 76.45 77.45
N TYR A 2461 -33.12 76.03 77.71
CA TYR A 2461 -32.55 76.12 79.05
C TYR A 2461 -31.16 76.72 78.97
N LEU A 2462 -30.90 77.72 79.82
CA LEU A 2462 -29.65 78.48 79.79
C LEU A 2462 -29.11 78.65 81.20
N THR A 2463 -27.81 78.89 81.29
CA THR A 2463 -27.11 79.08 82.56
C THR A 2463 -26.17 80.27 82.43
N LEU A 2464 -25.99 80.98 83.54
CA LEU A 2464 -25.29 82.26 83.55
C LEU A 2464 -23.94 82.14 84.25
N ALA A 2465 -23.02 83.02 83.85
CA ALA A 2465 -21.66 82.96 84.38
C ALA A 2465 -21.62 83.23 85.88
N ALA A 2466 -22.38 84.21 86.34
CA ALA A 2466 -22.48 84.52 87.75
C ALA A 2466 -23.96 84.71 88.09
N ALA A 2467 -24.25 84.81 89.38
CA ALA A 2467 -25.64 84.94 89.81
C ALA A 2467 -26.21 86.27 89.37
N ALA A 2468 -27.54 86.32 89.27
CA ALA A 2468 -28.21 87.53 88.85
C ALA A 2468 -27.84 88.70 89.75
N ALA A 2469 -27.60 89.86 89.16
CA ALA A 2469 -27.20 91.05 89.88
C ALA A 2469 -28.38 91.98 90.11
N SER A 2470 -28.32 92.71 91.23
CA SER A 2470 -29.32 93.71 91.56
C SER A 2470 -28.99 95.09 90.99
N THR A 2471 -27.75 95.29 90.55
CA THR A 2471 -27.33 96.53 89.90
C THR A 2471 -26.65 96.18 88.59
N THR A 2472 -26.29 97.21 87.83
CA THR A 2472 -25.70 96.99 86.53
C THR A 2472 -24.42 96.18 86.65
N ASN A 2473 -24.37 95.06 85.93
CA ASN A 2473 -23.16 94.25 85.83
C ASN A 2473 -22.86 94.05 84.34
N ALA A 2474 -21.60 94.29 83.97
CA ALA A 2474 -21.20 94.20 82.58
C ALA A 2474 -20.96 92.76 82.12
N ASN A 2475 -21.00 91.79 83.02
CA ASN A 2475 -20.64 90.41 82.70
C ASN A 2475 -21.71 89.39 83.06
N THR A 2476 -22.88 89.82 83.51
CA THR A 2476 -23.93 88.88 83.86
C THR A 2476 -25.28 89.58 83.79
N TYR A 2477 -26.34 88.79 83.90
CA TYR A 2477 -27.69 89.32 83.85
C TYR A 2477 -27.90 90.35 84.94
N ALA A 2478 -28.29 91.56 84.53
CA ALA A 2478 -28.69 92.61 85.44
C ALA A 2478 -30.18 92.87 85.25
N VAL A 2479 -30.87 93.16 86.35
CA VAL A 2479 -32.32 93.30 86.30
C VAL A 2479 -32.71 94.24 85.19
N LYS A 2480 -33.86 93.96 84.56
CA LYS A 2480 -34.41 94.73 83.45
C LYS A 2480 -33.67 94.48 82.13
N ASP A 2481 -33.14 93.29 81.91
CA ASP A 2481 -32.45 92.99 80.67
C ASP A 2481 -33.42 92.39 79.65
N LEU A 2482 -32.97 92.33 78.39
CA LEU A 2482 -33.75 91.76 77.31
C LEU A 2482 -32.90 90.75 76.54
N ILE A 2483 -33.56 89.94 75.72
CA ILE A 2483 -32.92 88.86 74.99
C ILE A 2483 -33.33 88.95 73.52
N ASN A 2484 -32.36 88.77 72.62
CA ASN A 2484 -32.63 88.73 71.19
C ASN A 2484 -31.78 87.65 70.55
N ILE A 2485 -32.12 87.31 69.32
CA ILE A 2485 -31.42 86.28 68.55
C ILE A 2485 -30.33 86.94 67.73
N LYS A 2486 -29.09 86.48 67.88
CA LYS A 2486 -27.97 87.09 67.19
C LYS A 2486 -28.15 86.99 65.68
N ALA A 2487 -27.84 88.08 64.98
CA ALA A 2487 -28.10 88.15 63.55
C ALA A 2487 -27.26 87.14 62.79
N GLY A 2488 -27.86 86.54 61.77
CA GLY A 2488 -27.16 85.58 60.93
C GLY A 2488 -26.61 84.40 61.71
N GLN A 2489 -27.48 83.58 62.27
CA GLN A 2489 -27.11 82.36 62.97
C GLN A 2489 -27.85 81.18 62.36
N SER A 2490 -27.27 79.99 62.49
CA SER A 2490 -27.78 78.81 61.82
C SER A 2490 -27.73 77.58 62.72
N LEU A 2491 -27.89 77.78 64.03
CA LEU A 2491 -27.80 76.68 64.98
C LEU A 2491 -29.15 76.22 65.51
N LEU A 2492 -30.22 76.96 65.27
CA LEU A 2492 -31.55 76.59 65.73
C LEU A 2492 -32.53 76.73 64.57
N LYS A 2493 -33.03 75.59 64.09
CA LYS A 2493 -33.88 75.55 62.91
C LYS A 2493 -35.15 74.78 63.21
N ALA A 2494 -36.22 75.15 62.51
CA ALA A 2494 -37.55 74.60 62.75
C ALA A 2494 -37.66 73.18 62.18
N ASP A 2495 -38.86 72.59 62.27
CA ASP A 2495 -39.16 71.29 61.69
C ASP A 2495 -40.42 71.40 60.85
N SER A 2496 -40.40 70.80 59.66
CA SER A 2496 -41.57 70.82 58.78
C SER A 2496 -41.91 69.50 58.11
N ALA A 2497 -40.96 68.57 57.97
CA ALA A 2497 -41.12 67.38 57.13
C ALA A 2497 -41.03 67.71 55.64
N THR A 2498 -40.43 68.85 55.30
CA THR A 2498 -40.11 69.19 53.92
C THR A 2498 -38.78 69.95 53.92
N ALA A 2499 -37.95 69.67 52.91
CA ALA A 2499 -36.54 70.05 52.99
C ALA A 2499 -36.36 71.55 53.20
N ALA A 2500 -36.97 72.37 52.35
CA ALA A 2500 -36.71 73.80 52.36
C ALA A 2500 -37.30 74.51 53.57
N ASN A 2501 -38.31 73.92 54.21
CA ASN A 2501 -39.04 74.59 55.28
C ASN A 2501 -38.44 74.29 56.65
N ARG A 2502 -37.14 74.51 56.78
CA ARG A 2502 -36.38 74.34 58.01
C ARG A 2502 -35.64 75.62 58.34
N LEU A 2503 -36.37 76.73 58.25
CA LEU A 2503 -35.76 78.06 58.23
C LEU A 2503 -35.20 78.43 59.60
N ALA A 2504 -33.99 78.98 59.61
CA ALA A 2504 -33.35 79.37 60.85
C ALA A 2504 -34.15 80.46 61.56
N PHE A 2505 -34.24 80.36 62.89
CA PHE A 2505 -34.94 81.36 63.67
C PHE A 2505 -34.30 82.74 63.46
N ALA A 2506 -35.14 83.75 63.21
CA ALA A 2506 -34.66 85.07 62.83
C ALA A 2506 -34.95 86.09 63.92
N PRO A 2507 -34.13 87.15 64.03
CA PRO A 2507 -34.32 88.10 65.13
C PRO A 2507 -35.67 88.80 65.09
N LEU A 2508 -36.23 89.01 66.28
CA LEU A 2508 -37.37 89.89 66.42
C LEU A 2508 -36.94 91.32 66.08
N PRO A 2509 -37.81 92.14 65.50
CA PRO A 2509 -37.46 93.55 65.33
C PRO A 2509 -37.28 94.29 66.65
N ASP A 2510 -37.76 93.73 67.75
CA ASP A 2510 -37.66 94.34 69.07
C ASP A 2510 -37.15 93.29 70.05
N ALA A 2511 -36.37 93.74 71.04
CA ALA A 2511 -35.89 92.83 72.06
C ALA A 2511 -37.03 92.42 72.98
N LEU A 2512 -36.77 91.41 73.81
CA LEU A 2512 -37.79 90.80 74.66
C LEU A 2512 -37.40 90.98 76.12
N LEU A 2513 -38.33 91.47 76.94
CA LEU A 2513 -38.06 91.66 78.36
C LEU A 2513 -38.27 90.35 79.11
N ILE A 2514 -37.28 90.00 79.94
CA ILE A 2514 -37.34 88.77 80.72
C ILE A 2514 -38.18 89.00 81.98
N ARG A 2515 -38.69 87.92 82.55
CA ARG A 2515 -39.57 87.99 83.71
C ARG A 2515 -39.18 86.94 84.75
N PRO A 2516 -39.03 87.31 86.01
CA PRO A 2516 -38.71 86.32 87.05
C PRO A 2516 -39.92 85.48 87.44
N ALA A 2517 -39.63 84.38 88.13
CA ALA A 2517 -40.65 83.44 88.58
C ALA A 2517 -40.26 82.88 89.95
N ILE A 2518 -41.24 82.26 90.61
CA ILE A 2518 -40.99 81.61 91.90
C ILE A 2518 -40.21 80.32 91.69
N THR A 2519 -39.39 79.97 92.67
CA THR A 2519 -38.50 78.82 92.57
C THR A 2519 -39.02 77.57 93.29
N SER A 2520 -39.28 77.65 94.60
CA SER A 2520 -39.66 76.48 95.36
C SER A 2520 -40.51 76.91 96.56
N ALA A 2521 -40.93 75.92 97.35
CA ALA A 2521 -41.79 76.16 98.50
C ALA A 2521 -41.69 74.99 99.46
N VAL A 2522 -41.35 75.27 100.72
CA VAL A 2522 -41.24 74.24 101.76
C VAL A 2522 -42.07 74.69 102.96
N ALA A 2523 -42.81 73.75 103.55
CA ALA A 2523 -43.64 74.04 104.69
C ALA A 2523 -42.83 73.82 105.97
N THR A 2524 -42.57 74.90 106.69
CA THR A 2524 -41.82 74.86 107.94
C THR A 2524 -42.71 74.86 109.17
N THR A 2525 -44.02 74.74 108.99
CA THR A 2525 -44.97 74.57 110.09
C THR A 2525 -46.25 74.02 109.52
N ILE A 2526 -46.77 72.94 110.12
CA ILE A 2526 -48.02 72.34 109.65
C ILE A 2526 -49.04 72.12 110.75
N ALA A 2527 -48.67 72.15 112.03
CA ALA A 2527 -49.65 72.06 113.10
C ALA A 2527 -50.30 73.44 113.30
N SER A 2528 -51.62 73.47 113.30
CA SER A 2528 -52.37 74.73 113.33
C SER A 2528 -52.08 75.47 112.01
N ALA A 2529 -52.06 76.81 112.04
CA ALA A 2529 -51.81 77.59 110.85
C ALA A 2529 -50.48 77.22 110.20
N ALA A 2530 -50.53 76.64 109.01
CA ALA A 2530 -49.33 76.22 108.31
C ALA A 2530 -48.59 77.42 107.72
N VAL A 2531 -47.28 77.26 107.56
CA VAL A 2531 -46.40 78.31 107.05
C VAL A 2531 -45.60 77.74 105.88
N ILE A 2532 -45.51 78.51 104.80
CA ILE A 2532 -44.81 78.10 103.59
C ILE A 2532 -43.79 79.18 103.25
N LYS A 2533 -42.57 78.76 102.92
CA LYS A 2533 -41.47 79.67 102.61
C LYS A 2533 -40.91 79.36 101.23
N MET A 2534 -40.55 80.41 100.49
CA MET A 2534 -40.18 80.29 99.09
C MET A 2534 -38.87 81.02 98.82
N GLN A 2535 -38.09 80.48 97.90
CA GLN A 2535 -36.86 81.11 97.44
C GLN A 2535 -37.13 81.88 96.16
N LEU A 2536 -36.65 83.13 96.09
CA LEU A 2536 -36.85 83.96 94.92
C LEU A 2536 -35.54 84.11 94.15
N PRO A 2537 -35.59 84.37 92.84
CA PRO A 2537 -34.37 84.33 92.03
C PRO A 2537 -33.48 85.56 92.13
N LEU A 2538 -33.90 86.63 92.79
CA LEU A 2538 -33.05 87.81 92.95
C LEU A 2538 -33.72 88.73 93.98
N THR A 2539 -33.15 89.91 94.17
CA THR A 2539 -33.78 90.94 94.98
C THR A 2539 -35.18 91.23 94.46
N SER A 2540 -36.16 91.23 95.35
CA SER A 2540 -37.54 91.35 94.94
C SER A 2540 -38.34 92.03 96.04
N ASN A 2541 -39.47 92.62 95.64
CA ASN A 2541 -40.25 93.46 96.53
C ASN A 2541 -41.73 93.17 96.33
N LEU A 2542 -42.51 93.40 97.39
CA LEU A 2542 -43.92 93.04 97.44
C LEU A 2542 -44.75 94.32 97.39
N GLY A 2543 -45.63 94.41 96.39
CA GLY A 2543 -46.45 95.60 96.27
C GLY A 2543 -47.42 95.77 97.41
N THR A 2544 -48.10 94.70 97.80
CA THR A 2544 -49.05 94.74 98.90
C THR A 2544 -48.90 93.47 99.73
N VAL A 2545 -49.18 93.60 101.02
CA VAL A 2545 -49.02 92.48 101.95
C VAL A 2545 -50.31 91.69 102.16
N ASN A 2546 -51.45 92.19 101.68
CA ASN A 2546 -52.73 91.51 101.87
C ASN A 2546 -52.97 90.60 100.68
N CYS A 2547 -52.69 89.32 100.87
CA CYS A 2547 -52.95 88.33 99.83
C CYS A 2547 -54.37 87.80 99.92
N ALA A 2548 -54.85 87.27 98.81
CA ALA A 2548 -56.18 86.67 98.72
C ALA A 2548 -56.07 85.35 97.98
N THR A 2549 -57.11 84.53 98.11
CA THR A 2549 -57.11 83.22 97.46
C THR A 2549 -57.04 83.37 95.95
N THR A 2550 -57.75 84.35 95.40
CA THR A 2550 -57.75 84.56 93.95
C THR A 2550 -56.38 84.98 93.43
N GLY A 2551 -55.47 85.38 94.30
CA GLY A 2551 -54.12 85.74 93.88
C GLY A 2551 -53.12 84.62 94.11
N ILE A 2552 -53.17 83.99 95.29
CA ILE A 2552 -52.26 82.93 95.65
C ILE A 2552 -53.03 81.86 96.42
N LYS A 2553 -52.80 80.60 96.09
CA LYS A 2553 -53.55 79.46 96.62
C LYS A 2553 -52.63 78.45 97.29
N VAL A 2554 -53.26 77.48 97.95
CA VAL A 2554 -52.61 76.26 98.42
C VAL A 2554 -53.63 75.15 98.25
N ARG A 2555 -53.39 74.23 97.32
CA ARG A 2555 -54.35 73.21 96.94
C ARG A 2555 -53.84 71.82 97.27
N VAL A 2556 -54.76 70.95 97.65
CA VAL A 2556 -54.44 69.60 98.11
C VAL A 2556 -55.10 68.60 97.17
N ASP A 2557 -54.28 67.81 96.47
CA ASP A 2557 -54.75 66.66 95.71
C ASP A 2557 -55.74 67.05 94.61
N ASP A 2558 -55.65 68.28 94.13
CA ASP A 2558 -56.53 68.75 93.06
C ASP A 2558 -57.99 68.45 93.37
N ALA A 2559 -58.36 68.55 94.64
CA ALA A 2559 -59.75 68.33 95.08
C ALA A 2559 -60.26 69.38 96.05
N THR A 2560 -59.38 70.10 96.76
CA THR A 2560 -59.84 71.04 97.79
C THR A 2560 -58.81 72.16 97.90
N ASP A 2561 -59.25 73.28 98.46
CA ASP A 2561 -58.43 74.46 98.63
C ASP A 2561 -58.49 74.91 100.09
N LYS A 2562 -57.37 75.40 100.61
CA LYS A 2562 -57.27 75.84 101.99
C LYS A 2562 -57.63 77.31 102.13
N THR A 2563 -58.15 77.67 103.30
CA THR A 2563 -58.56 79.03 103.59
C THR A 2563 -57.37 79.85 104.10
N GLN A 2564 -57.54 81.18 104.10
CA GLN A 2564 -56.46 82.10 104.41
C GLN A 2564 -56.99 83.26 105.25
N ALA A 2565 -56.06 84.05 105.76
CA ALA A 2565 -56.39 85.22 106.57
C ALA A 2565 -56.51 86.47 105.69
N ASN A 2566 -57.38 87.39 106.11
CA ASN A 2566 -57.70 88.55 105.28
C ASN A 2566 -56.50 89.45 105.07
N THR A 2567 -55.76 89.78 106.13
CA THR A 2567 -54.70 90.75 106.07
C THR A 2567 -53.45 90.20 106.74
N GLY A 2568 -52.28 90.59 106.23
CA GLY A 2568 -51.03 90.11 106.77
C GLY A 2568 -50.70 88.68 106.41
N ALA A 2569 -51.28 88.17 105.34
CA ALA A 2569 -51.07 86.78 104.95
C ALA A 2569 -49.80 86.56 104.14
N CYS A 2570 -49.06 87.62 103.83
CA CYS A 2570 -47.83 87.49 103.05
C CYS A 2570 -46.78 88.44 103.60
N SER A 2571 -45.52 88.17 103.26
CA SER A 2571 -44.42 89.00 103.72
C SER A 2571 -43.22 88.76 102.81
N ILE A 2572 -42.21 89.63 102.96
CA ILE A 2572 -41.00 89.57 102.17
C ILE A 2572 -39.80 89.81 103.08
N SER A 2573 -38.64 89.33 102.64
CA SER A 2573 -37.37 89.63 103.30
C SER A 2573 -36.30 89.63 102.22
N SER A 2574 -35.72 90.79 101.95
CA SER A 2574 -34.83 90.94 100.81
C SER A 2574 -33.65 91.82 101.15
N ASP A 2575 -32.53 91.56 100.47
CA ASP A 2575 -31.33 92.37 100.56
C ASP A 2575 -30.75 92.46 99.15
N ALA A 2576 -29.51 92.93 99.06
CA ALA A 2576 -28.88 93.15 97.76
C ALA A 2576 -28.58 91.85 97.02
N ASN A 2577 -28.68 90.70 97.67
CA ASN A 2577 -28.22 89.44 97.09
C ASN A 2577 -29.27 88.33 97.10
N GLY A 2578 -30.50 88.60 97.51
CA GLY A 2578 -31.52 87.57 97.49
C GLY A 2578 -32.77 88.02 98.22
N ALA A 2579 -33.78 87.16 98.17
CA ALA A 2579 -35.07 87.46 98.77
C ALA A 2579 -35.77 86.16 99.15
N VAL A 2580 -36.72 86.28 100.06
CA VAL A 2580 -37.59 85.16 100.46
C VAL A 2580 -38.99 85.71 100.66
N LEU A 2581 -39.98 84.83 100.49
CA LEU A 2581 -41.38 85.20 100.57
C LEU A 2581 -42.12 84.17 101.41
N THR A 2582 -43.07 84.63 102.21
CA THR A 2582 -43.80 83.76 103.15
C THR A 2582 -45.29 83.93 102.96
N LEU A 2583 -46.01 82.81 102.99
CA LEU A 2583 -47.46 82.78 102.99
C LEU A 2583 -47.92 82.00 104.21
N THR A 2584 -48.91 82.56 104.92
CA THR A 2584 -49.45 81.94 106.12
C THR A 2584 -50.89 81.52 105.87
N LEU A 2585 -51.29 80.43 106.52
CA LEU A 2585 -52.62 79.87 106.38
C LEU A 2585 -53.38 80.01 107.71
N ASN A 2586 -54.59 79.45 107.74
CA ASN A 2586 -55.43 79.47 108.92
C ASN A 2586 -56.01 78.10 109.24
N GLN A 2587 -55.53 77.05 108.57
CA GLN A 2587 -55.95 75.68 108.85
C GLN A 2587 -54.70 74.80 108.97
N ALA A 2588 -54.92 73.57 109.44
CA ALA A 2588 -53.84 72.62 109.61
C ALA A 2588 -53.74 71.70 108.39
N LEU A 2589 -52.51 71.34 108.06
CA LEU A 2589 -52.23 70.42 106.96
C LEU A 2589 -51.93 69.04 107.54
N GLY A 2590 -52.77 68.06 107.20
CA GLY A 2590 -52.54 66.71 107.67
C GLY A 2590 -51.26 66.14 107.09
N ALA A 2591 -50.65 65.24 107.86
CA ALA A 2591 -49.39 64.64 107.42
C ALA A 2591 -49.56 63.83 106.15
N SER A 2592 -50.71 63.19 105.97
CA SER A 2592 -50.95 62.37 104.79
C SER A 2592 -51.33 63.20 103.57
N ASP A 2593 -51.51 64.51 103.72
CA ASP A 2593 -51.81 65.35 102.56
C ASP A 2593 -50.65 65.41 101.58
N PHE A 2594 -49.42 65.18 102.04
CA PHE A 2594 -48.25 65.23 101.18
C PHE A 2594 -47.94 63.89 100.51
N THR A 2595 -48.71 62.84 100.80
CA THR A 2595 -48.41 61.50 100.31
C THR A 2595 -49.48 60.93 99.40
N THR A 2596 -50.76 61.01 99.80
CA THR A 2596 -51.83 60.51 98.94
C THR A 2596 -52.00 61.43 97.74
N GLY A 2597 -52.15 60.84 96.56
CA GLY A 2597 -52.42 61.64 95.38
C GLY A 2597 -51.28 62.58 95.04
N LYS A 2598 -51.64 63.80 94.64
CA LYS A 2598 -50.70 64.75 94.08
C LYS A 2598 -50.10 65.69 95.12
N GLY A 2599 -50.46 65.57 96.38
CA GLY A 2599 -49.81 66.39 97.38
C GLY A 2599 -50.28 67.84 97.36
N VAL A 2600 -49.42 68.70 97.93
CA VAL A 2600 -49.73 70.11 98.16
C VAL A 2600 -48.87 70.95 97.23
N SER A 2601 -49.48 71.97 96.63
CA SER A 2601 -48.75 72.87 95.74
C SER A 2601 -49.32 74.27 95.88
N VAL A 2602 -48.46 75.27 95.64
CA VAL A 2602 -48.84 76.68 95.68
C VAL A 2602 -49.12 77.14 94.26
N VAL A 2603 -50.26 77.80 94.06
CA VAL A 2603 -50.72 78.22 92.74
C VAL A 2603 -50.86 79.74 92.73
N VAL A 2604 -50.12 80.40 91.85
CA VAL A 2604 -50.25 81.83 91.64
C VAL A 2604 -51.29 82.03 90.54
N VAL A 2605 -52.52 82.35 90.93
CA VAL A 2605 -53.61 82.44 89.96
C VAL A 2605 -53.45 83.66 89.08
N ALA A 2606 -53.11 84.81 89.66
CA ALA A 2606 -53.04 86.05 88.90
C ALA A 2606 -52.01 86.99 89.50
N THR A 2607 -51.55 87.93 88.69
CA THR A 2607 -50.54 88.90 89.07
C THR A 2607 -50.79 90.19 88.32
N SER A 2608 -50.55 91.32 89.00
CA SER A 2608 -50.86 92.61 88.42
C SER A 2608 -49.92 93.66 88.99
N SER A 2609 -49.95 94.84 88.38
CA SER A 2609 -49.17 95.98 88.84
C SER A 2609 -50.00 96.98 89.63
N ALA A 2610 -51.32 96.94 89.53
CA ALA A 2610 -52.19 97.89 90.22
C ALA A 2610 -53.39 97.27 90.91
N ASP A 2611 -53.82 96.06 90.53
CA ASP A 2611 -55.02 95.47 91.11
C ASP A 2611 -54.74 94.90 92.49
N ALA A 2612 -55.82 94.60 93.22
CA ALA A 2612 -55.75 94.17 94.61
C ALA A 2612 -55.84 92.66 94.79
N THR A 2613 -56.76 91.99 94.09
CA THR A 2613 -56.92 90.55 94.24
C THR A 2613 -55.80 89.75 93.57
N LYS A 2614 -54.94 90.40 92.78
CA LYS A 2614 -53.84 89.74 92.11
C LYS A 2614 -52.54 90.09 92.81
N LEU A 2615 -51.72 89.07 93.04
CA LEU A 2615 -50.45 89.27 93.74
C LEU A 2615 -49.58 90.30 93.02
N GLN A 2616 -49.00 91.21 93.77
CA GLN A 2616 -48.08 92.21 93.26
C GLN A 2616 -46.67 91.84 93.73
N LEU A 2617 -45.77 91.64 92.78
CA LEU A 2617 -44.40 91.24 93.10
C LEU A 2617 -43.50 91.61 91.93
N PHE A 2618 -42.35 92.21 92.21
CA PHE A 2618 -41.50 92.80 91.19
C PHE A 2618 -40.04 92.52 91.50
N GLY A 2619 -39.20 92.61 90.46
CA GLY A 2619 -37.78 92.44 90.61
C GLY A 2619 -37.08 93.74 90.98
N GLY A 2620 -35.80 93.61 91.32
CA GLY A 2620 -35.03 94.78 91.69
C GLY A 2620 -35.41 95.28 93.07
N SER A 2621 -35.39 96.60 93.23
CA SER A 2621 -35.67 97.24 94.51
C SER A 2621 -37.09 97.79 94.62
N ASP A 2622 -37.68 98.25 93.52
CA ASP A 2622 -38.96 98.96 93.57
C ASP A 2622 -39.81 98.52 92.38
N ASN A 2623 -40.88 99.28 92.12
CA ASN A 2623 -41.91 98.88 91.17
C ASN A 2623 -41.53 99.13 89.72
N THR A 2624 -40.40 99.77 89.44
CA THR A 2624 -39.94 99.93 88.08
C THR A 2624 -39.38 98.63 87.51
N GLY A 2625 -39.24 97.58 88.31
CA GLY A 2625 -38.74 96.31 87.86
C GLY A 2625 -39.83 95.44 87.27
N PRO A 2626 -39.43 94.34 86.62
CA PRO A 2626 -40.41 93.51 85.91
C PRO A 2626 -41.39 92.81 86.85
N LEU A 2627 -42.57 92.53 86.30
CA LEU A 2627 -43.59 91.79 87.02
C LEU A 2627 -43.33 90.30 86.97
N TYR A 2628 -43.79 89.59 87.99
CA TYR A 2628 -43.65 88.15 88.07
C TYR A 2628 -44.65 87.47 87.15
N VAL A 2629 -44.67 86.13 87.19
CA VAL A 2629 -45.45 85.34 86.25
C VAL A 2629 -46.28 84.33 87.00
N THR A 2630 -47.37 83.90 86.38
CA THR A 2630 -48.21 82.85 86.92
C THR A 2630 -47.46 81.51 86.90
N GLY A 2631 -47.95 80.56 87.67
CA GLY A 2631 -47.36 79.25 87.70
C GLY A 2631 -47.84 78.45 88.89
N SER A 2632 -47.25 77.26 89.04
CA SER A 2632 -47.55 76.35 90.13
C SER A 2632 -46.27 75.70 90.60
N ILE A 2633 -46.12 75.58 91.92
CA ILE A 2633 -44.89 75.09 92.54
C ILE A 2633 -45.23 73.97 93.51
N PRO A 2634 -44.41 72.93 93.64
CA PRO A 2634 -44.69 71.89 94.64
C PRO A 2634 -44.23 72.30 96.03
N VAL A 2635 -44.90 71.72 97.03
CA VAL A 2635 -44.65 72.04 98.44
C VAL A 2635 -44.26 70.75 99.16
N TYR A 2636 -43.16 70.82 99.91
CA TYR A 2636 -42.59 69.66 100.57
C TYR A 2636 -42.50 69.90 102.08
N ASP A 2637 -42.81 68.87 102.85
CA ASP A 2637 -42.81 68.97 104.31
C ASP A 2637 -41.41 68.72 104.84
N VAL A 2638 -40.90 69.66 105.64
CA VAL A 2638 -39.55 69.54 106.19
C VAL A 2638 -39.54 69.86 107.68
N VAL A 2639 -40.73 70.07 108.27
CA VAL A 2639 -40.82 70.45 109.67
C VAL A 2639 -40.89 69.23 110.58
N THR A 2640 -41.72 68.25 110.23
CA THR A 2640 -41.74 66.96 110.90
C THR A 2640 -41.22 65.96 109.89
N PRO A 2641 -39.91 66.01 109.58
CA PRO A 2641 -39.44 65.66 108.23
C PRO A 2641 -40.14 64.48 107.59
N GLY A 2642 -40.80 64.76 106.47
CA GLY A 2642 -41.39 63.73 105.65
C GLY A 2642 -40.84 63.79 104.24
N GLN A 2643 -40.28 64.93 103.87
CA GLN A 2643 -39.70 65.14 102.55
C GLN A 2643 -38.41 65.95 102.65
N SER A 2644 -37.57 65.64 103.65
CA SER A 2644 -36.22 66.19 103.63
C SER A 2644 -35.44 65.71 102.42
N ILE A 2645 -35.83 64.55 101.88
CA ILE A 2645 -35.46 64.11 100.54
C ILE A 2645 -36.74 63.71 99.84
N VAL A 2646 -36.92 64.24 98.62
CA VAL A 2646 -38.16 63.98 97.89
C VAL A 2646 -38.15 62.56 97.32
N SER A 2647 -37.10 62.22 96.58
CA SER A 2647 -37.01 60.89 96.00
C SER A 2647 -35.58 60.67 95.49
N ALA A 2648 -35.24 59.39 95.34
CA ALA A 2648 -33.99 58.95 94.74
C ALA A 2648 -34.29 57.89 93.69
N LYS A 2649 -33.53 57.90 92.60
CA LYS A 2649 -33.74 56.97 91.50
C LYS A 2649 -32.40 56.48 90.99
N ALA A 2650 -32.40 55.27 90.45
CA ALA A 2650 -31.17 54.58 90.01
C ALA A 2650 -31.07 54.71 88.49
N ILE A 2651 -30.35 55.74 88.04
CA ILE A 2651 -30.20 55.98 86.61
C ILE A 2651 -29.07 55.19 85.99
N ALA A 2652 -28.27 54.51 86.82
CA ALA A 2652 -27.19 53.66 86.31
C ALA A 2652 -26.83 52.66 87.40
N SER A 2653 -26.13 51.60 87.00
CA SER A 2653 -25.67 50.62 87.97
C SER A 2653 -24.70 51.21 88.98
N ASN A 2654 -24.12 52.37 88.68
CA ASN A 2654 -23.16 53.01 89.58
C ASN A 2654 -23.38 54.51 89.69
N GLN A 2655 -24.59 55.00 89.40
CA GLN A 2655 -24.97 56.38 89.64
C GLN A 2655 -26.36 56.41 90.26
N VAL A 2656 -26.56 57.31 91.22
CA VAL A 2656 -27.85 57.51 91.84
C VAL A 2656 -28.15 59.00 91.84
N GLU A 2657 -29.43 59.35 91.70
CA GLU A 2657 -29.88 60.73 91.55
C GLU A 2657 -30.85 61.04 92.69
N ILE A 2658 -30.39 61.80 93.67
CA ILE A 2658 -31.20 62.19 94.82
C ILE A 2658 -31.59 63.65 94.65
N LYS A 2659 -32.89 63.93 94.82
CA LYS A 2659 -33.47 65.24 94.54
C LYS A 2659 -33.85 65.91 95.85
N LEU A 2660 -33.29 67.14 96.08
CA LEU A 2660 -33.54 67.96 97.24
C LEU A 2660 -34.76 68.86 97.02
N PRO A 2661 -35.46 69.24 98.09
CA PRO A 2661 -36.71 69.99 97.91
C PRO A 2661 -36.53 71.50 97.72
N ALA A 2662 -35.31 72.01 97.85
CA ALA A 2662 -35.05 73.44 97.66
C ALA A 2662 -33.58 73.62 97.33
N PRO A 2663 -33.20 74.77 96.78
CA PRO A 2663 -31.78 75.02 96.52
C PRO A 2663 -30.98 74.95 97.82
N SER A 2664 -29.76 74.44 97.73
CA SER A 2664 -28.95 74.11 98.90
C SER A 2664 -27.58 74.72 98.79
N THR A 2665 -26.93 74.87 99.94
CA THR A 2665 -25.56 75.38 100.03
C THR A 2665 -24.72 74.38 100.80
N ILE A 2666 -23.44 74.29 100.45
CA ILE A 2666 -22.50 73.35 101.07
C ILE A 2666 -21.41 74.16 101.76
N THR A 2667 -21.12 73.80 103.01
CA THR A 2667 -20.08 74.47 103.75
C THR A 2667 -18.72 74.21 103.14
N THR A 2668 -17.81 75.16 103.31
CA THR A 2668 -16.52 75.09 102.64
C THR A 2668 -15.73 73.87 103.08
N GLY A 2669 -14.98 73.30 102.15
CA GLY A 2669 -14.17 72.12 102.46
C GLY A 2669 -15.00 70.90 102.81
N ASN A 2670 -16.07 70.65 102.07
CA ASN A 2670 -16.95 69.53 102.35
C ASN A 2670 -17.55 69.03 101.03
N THR A 2671 -17.98 67.77 101.04
CA THR A 2671 -18.41 67.09 99.82
C THR A 2671 -19.61 66.20 100.14
N CYS A 2672 -20.11 65.51 99.11
CA CYS A 2672 -21.33 64.72 99.29
C CYS A 2672 -21.05 63.42 100.04
N ALA A 2673 -19.78 63.04 100.19
CA ALA A 2673 -19.45 61.92 101.05
C ALA A 2673 -19.77 62.23 102.50
N ASN A 2674 -20.02 63.50 102.83
CA ASN A 2674 -20.30 63.92 104.20
C ASN A 2674 -21.79 63.97 104.49
N PHE A 2675 -22.59 64.60 103.63
CA PHE A 2675 -23.97 64.90 103.95
C PHE A 2675 -24.96 63.90 103.39
N LEU A 2676 -24.55 62.66 103.14
CA LEU A 2676 -25.45 61.61 102.69
C LEU A 2676 -25.09 60.28 103.35
N ALA A 2677 -26.07 59.38 103.38
CA ALA A 2677 -25.91 58.07 103.98
C ALA A 2677 -26.79 57.08 103.25
N PHE A 2678 -26.46 55.80 103.37
CA PHE A 2678 -27.17 54.72 102.70
C PHE A 2678 -27.39 53.59 103.69
N THR A 2679 -28.23 52.64 103.31
CA THR A 2679 -28.56 51.51 104.16
C THR A 2679 -28.97 50.34 103.27
N PRO A 2680 -28.06 49.39 103.00
CA PRO A 2680 -26.69 49.24 103.52
C PRO A 2680 -25.77 50.38 103.13
N THR A 2681 -24.60 50.47 103.75
CA THR A 2681 -23.68 51.57 103.51
C THR A 2681 -22.90 51.34 102.23
N ARG A 2682 -22.79 52.39 101.41
CA ARG A 2682 -22.07 52.34 100.15
C ARG A 2682 -21.04 53.47 100.11
N THR A 2683 -19.94 53.24 99.40
CA THR A 2683 -18.89 54.24 99.28
C THR A 2683 -19.24 55.23 98.18
N ILE A 2684 -19.01 56.51 98.44
CA ILE A 2684 -19.26 57.58 97.49
C ILE A 2684 -17.92 58.12 97.00
N SER A 2685 -17.73 58.09 95.68
CA SER A 2685 -16.42 58.39 95.09
C SER A 2685 -16.38 59.69 94.31
N SER A 2686 -17.52 60.21 93.86
CA SER A 2686 -17.54 61.46 93.11
C SER A 2686 -18.95 62.03 93.13
N CYS A 2687 -19.06 63.30 92.73
CA CYS A 2687 -20.34 63.98 92.71
C CYS A 2687 -20.30 65.09 91.66
N VAL A 2688 -21.48 65.50 91.20
CA VAL A 2688 -21.62 66.60 90.26
C VAL A 2688 -22.90 67.34 90.61
N TYR A 2689 -22.80 68.66 90.74
CA TYR A 2689 -23.93 69.51 91.11
C TYR A 2689 -24.38 70.31 89.90
N ASP A 2690 -25.70 70.41 89.74
CA ASP A 2690 -26.28 71.15 88.63
C ASP A 2690 -26.10 72.65 88.88
N ALA A 2691 -26.71 73.47 88.02
CA ALA A 2691 -26.50 74.92 88.08
C ALA A 2691 -26.68 75.45 89.49
N GLU A 2692 -27.88 75.33 90.03
CA GLU A 2692 -28.09 75.48 91.46
C GLU A 2692 -27.76 74.15 92.12
N THR A 2693 -28.09 73.99 93.41
CA THR A 2693 -27.88 72.73 94.10
C THR A 2693 -29.24 72.24 94.56
N GLN A 2694 -29.94 71.55 93.66
CA GLN A 2694 -31.18 70.86 93.98
C GLN A 2694 -31.20 69.43 93.50
N LEU A 2695 -30.27 69.02 92.64
CA LEU A 2695 -30.10 67.64 92.23
C LEU A 2695 -28.65 67.25 92.46
N VAL A 2696 -28.43 66.04 92.98
CA VAL A 2696 -27.09 65.52 93.20
C VAL A 2696 -27.01 64.15 92.53
N THR A 2697 -25.97 63.96 91.71
CA THR A 2697 -25.67 62.67 91.11
C THR A 2697 -24.36 62.19 91.72
N ALA A 2698 -24.38 61.00 92.31
CA ALA A 2698 -23.26 60.46 93.05
C ALA A 2698 -22.80 59.15 92.42
N THR A 2699 -21.48 58.96 92.35
CA THR A 2699 -20.90 57.72 91.87
C THR A 2699 -20.74 56.76 93.04
N VAL A 2700 -21.41 55.63 92.96
CA VAL A 2700 -21.44 54.65 94.05
C VAL A 2700 -20.88 53.34 93.53
N ASP A 2701 -20.35 52.53 94.46
CA ASP A 2701 -19.74 51.26 94.09
C ASP A 2701 -20.77 50.26 93.58
N GLN A 2702 -21.99 50.29 94.12
CA GLN A 2702 -22.98 49.28 93.77
C GLN A 2702 -24.37 49.87 93.98
N PHE A 2703 -25.34 49.29 93.26
CA PHE A 2703 -26.74 49.46 93.57
C PHE A 2703 -27.38 48.08 93.65
N ALA A 2704 -28.12 47.83 94.72
CA ALA A 2704 -28.83 46.58 94.91
C ALA A 2704 -30.20 46.88 95.50
N ALA A 2705 -31.13 45.93 95.31
CA ALA A 2705 -32.49 46.13 95.76
C ALA A 2705 -32.54 46.28 97.27
N GLY A 2706 -33.53 47.03 97.75
CA GLY A 2706 -33.68 47.29 99.16
C GLY A 2706 -32.89 48.47 99.68
N ASP A 2707 -32.24 49.22 98.80
CA ASP A 2707 -31.42 50.34 99.24
C ASP A 2707 -32.28 51.51 99.71
N ALA A 2708 -31.66 52.40 100.48
CA ALA A 2708 -32.31 53.60 100.98
C ALA A 2708 -31.27 54.67 101.21
N VAL A 2709 -31.72 55.91 101.35
CA VAL A 2709 -30.85 57.06 101.53
C VAL A 2709 -31.36 57.94 102.65
N ASN A 2710 -30.48 58.77 103.19
CA ASN A 2710 -30.83 59.73 104.22
C ASN A 2710 -29.74 60.78 104.30
N ILE A 2711 -30.04 61.91 104.93
CA ILE A 2711 -29.04 62.96 105.14
C ILE A 2711 -28.28 62.66 106.43
N ALA A 2712 -26.97 62.91 106.41
CA ALA A 2712 -26.13 62.60 107.55
C ALA A 2712 -26.54 63.44 108.76
N GLY A 2713 -26.28 62.91 109.95
CA GLY A 2713 -26.70 63.57 111.17
C GLY A 2713 -25.80 64.71 111.61
N ALA A 2714 -24.56 64.74 111.14
CA ALA A 2714 -23.63 65.78 111.57
C ALA A 2714 -24.16 67.15 111.14
N PRO A 2715 -24.36 68.08 112.07
CA PRO A 2715 -24.89 69.40 111.69
C PRO A 2715 -23.88 70.20 110.88
N ASN A 2716 -24.34 71.37 110.42
CA ASN A 2716 -23.52 72.34 109.70
C ASN A 2716 -22.99 71.82 108.38
N LEU A 2717 -23.73 70.92 107.72
CA LEU A 2717 -23.28 70.34 106.46
C LEU A 2717 -24.05 70.87 105.26
N LEU A 2718 -25.38 70.77 105.29
CA LEU A 2718 -26.21 71.09 104.14
C LEU A 2718 -27.36 71.98 104.60
N LYS A 2719 -27.52 73.12 103.94
CA LYS A 2719 -28.37 74.21 104.41
C LYS A 2719 -29.31 74.68 103.30
N TYR A 2720 -30.43 75.27 103.71
CA TYR A 2720 -31.38 75.88 102.80
C TYR A 2720 -31.82 77.23 103.34
N ALA A 2721 -31.99 78.20 102.44
CA ALA A 2721 -32.25 79.58 102.85
C ALA A 2721 -33.69 79.74 103.32
N THR A 2722 -33.85 80.38 104.49
CA THR A 2722 -35.15 80.69 105.03
C THR A 2722 -35.39 82.17 105.25
N ALA A 2723 -34.35 83.01 105.14
CA ALA A 2723 -34.50 84.44 105.25
C ALA A 2723 -33.57 85.09 104.23
N ALA A 2724 -33.38 86.40 104.34
CA ALA A 2724 -32.58 87.13 103.37
C ALA A 2724 -31.12 86.65 103.37
N ALA A 2725 -30.54 86.48 104.55
CA ALA A 2725 -29.15 86.04 104.71
C ALA A 2725 -29.05 84.97 105.78
N THR A 2726 -30.03 84.07 105.82
CA THR A 2726 -30.11 83.06 106.86
C THR A 2726 -30.21 81.68 106.22
N LEU A 2727 -29.64 80.69 106.90
CA LEU A 2727 -29.61 79.32 106.43
C LEU A 2727 -29.94 78.40 107.58
N THR A 2728 -30.62 77.29 107.26
CA THR A 2728 -31.08 76.33 108.26
C THR A 2728 -30.76 74.93 107.78
N ASP A 2729 -30.57 74.02 108.74
CA ASP A 2729 -30.02 72.71 108.44
C ASP A 2729 -31.11 71.67 108.25
N TYR A 2730 -30.91 70.80 107.27
CA TYR A 2730 -31.81 69.67 107.06
C TYR A 2730 -31.70 68.68 108.20
N ALA A 2731 -32.77 67.92 108.41
CA ALA A 2731 -32.84 66.93 109.47
C ALA A 2731 -33.23 65.58 108.89
N ALA A 2732 -32.73 64.52 109.49
CA ALA A 2732 -32.94 63.18 108.96
C ALA A 2732 -34.40 62.76 109.07
N LEU A 2733 -34.73 61.69 108.35
CA LEU A 2733 -36.09 61.15 108.38
C LEU A 2733 -36.20 60.03 109.41
N ALA A 2734 -37.44 59.74 109.80
CA ALA A 2734 -37.68 58.60 110.68
C ALA A 2734 -37.43 57.28 109.96
N ALA A 2735 -37.87 57.19 108.70
CA ALA A 2735 -37.61 56.04 107.84
C ALA A 2735 -36.96 56.54 106.56
N ALA A 2736 -35.86 55.91 106.18
CA ALA A 2736 -35.08 56.40 105.06
C ALA A 2736 -35.85 56.28 103.75
N ALA A 2737 -35.51 57.14 102.79
CA ALA A 2737 -36.15 57.11 101.48
C ALA A 2737 -35.76 55.83 100.75
N THR A 2738 -36.76 55.19 100.12
CA THR A 2738 -36.52 53.96 99.39
C THR A 2738 -36.14 54.28 97.95
N VAL A 2739 -34.97 53.81 97.52
CA VAL A 2739 -34.50 54.08 96.17
C VAL A 2739 -35.31 53.26 95.19
N SER A 2740 -35.88 53.93 94.18
CA SER A 2740 -36.66 53.24 93.16
C SER A 2740 -35.87 53.14 91.87
N PRO A 2741 -36.09 52.08 91.08
CA PRO A 2741 -35.33 51.91 89.83
C PRO A 2741 -35.92 52.70 88.67
N ALA A 2742 -35.13 52.79 87.61
CA ALA A 2742 -35.54 53.45 86.37
C ALA A 2742 -34.70 52.90 85.22
N LEU A 2743 -35.20 53.10 84.00
CA LEU A 2743 -34.50 52.59 82.83
C LEU A 2743 -33.16 53.31 82.65
N VAL A 2744 -32.24 52.66 81.95
CA VAL A 2744 -30.89 53.17 81.78
C VAL A 2744 -30.65 53.67 80.37
N SER A 2745 -30.88 52.83 79.36
CA SER A 2745 -30.57 53.18 77.99
C SER A 2745 -31.35 52.26 77.06
N ALA A 2746 -31.15 52.46 75.75
CA ALA A 2746 -31.84 51.67 74.75
C ALA A 2746 -31.08 51.76 73.43
N TYR A 2747 -31.18 50.69 72.63
CA TYR A 2747 -30.53 50.64 71.33
C TYR A 2747 -31.35 49.75 70.40
N THR A 2748 -30.94 49.71 69.13
CA THR A 2748 -31.66 49.01 68.09
C THR A 2748 -31.21 47.55 68.00
N VAL A 2749 -32.14 46.68 67.65
CA VAL A 2749 -31.82 45.32 67.23
C VAL A 2749 -32.21 45.08 65.78
N ASP A 2750 -33.45 45.42 65.42
CA ASP A 2750 -33.91 45.43 64.03
C ASP A 2750 -35.01 46.48 63.93
N SER A 2751 -35.81 46.40 62.88
CA SER A 2751 -36.83 47.41 62.61
C SER A 2751 -38.14 47.17 63.34
N THR A 2752 -38.31 46.02 64.00
CA THR A 2752 -39.56 45.71 64.68
C THR A 2752 -39.38 45.45 66.17
N THR A 2753 -38.15 45.37 66.67
CA THR A 2753 -37.90 45.14 68.08
C THR A 2753 -36.76 46.05 68.54
N ILE A 2754 -36.76 46.35 69.84
CA ILE A 2754 -35.72 47.16 70.47
C ILE A 2754 -35.46 46.60 71.86
N ALA A 2755 -34.38 47.09 72.49
CA ALA A 2755 -33.95 46.60 73.79
C ALA A 2755 -33.61 47.76 74.71
N VAL A 2756 -33.78 47.53 76.01
CA VAL A 2756 -33.64 48.57 77.04
C VAL A 2756 -32.79 48.01 78.18
N VAL A 2757 -31.70 48.69 78.51
CA VAL A 2757 -30.78 48.26 79.56
C VAL A 2757 -31.37 48.61 80.93
N LEU A 2758 -31.14 47.76 81.91
CA LEU A 2758 -31.70 47.90 83.25
C LEU A 2758 -30.58 47.86 84.29
N PRO A 2759 -30.81 48.47 85.45
CA PRO A 2759 -29.76 48.56 86.48
C PRO A 2759 -29.79 47.47 87.55
N ALA A 2760 -30.79 46.60 87.56
CA ALA A 2760 -30.86 45.53 88.55
C ALA A 2760 -31.84 44.47 88.05
N THR A 2761 -31.72 43.28 88.63
CA THR A 2761 -32.59 42.17 88.24
C THR A 2761 -34.05 42.53 88.50
N SER A 2762 -34.91 42.24 87.53
CA SER A 2762 -36.32 42.64 87.59
C SER A 2762 -37.18 41.56 86.95
N SER A 2763 -38.46 41.53 87.33
CA SER A 2763 -39.37 40.51 86.82
C SER A 2763 -40.81 41.02 86.89
N PHE A 2764 -41.67 40.41 86.07
CA PHE A 2764 -43.10 40.68 86.08
C PHE A 2764 -43.79 39.73 87.04
N TYR A 2765 -45.04 40.06 87.38
CA TYR A 2765 -45.78 39.30 88.38
C TYR A 2765 -47.25 39.21 87.96
N SER A 2766 -47.91 38.16 88.47
CA SER A 2766 -49.29 37.88 88.11
C SER A 2766 -50.29 38.78 88.82
N GLY A 2767 -49.86 39.56 89.81
CA GLY A 2767 -50.80 40.38 90.55
C GLY A 2767 -50.07 41.36 91.44
N ALA A 2768 -50.87 42.10 92.21
CA ALA A 2768 -50.36 43.13 93.10
C ALA A 2768 -50.24 42.67 94.55
N THR A 2769 -50.62 41.43 94.85
CA THR A 2769 -50.58 40.95 96.22
C THR A 2769 -49.18 40.43 96.56
N ASN A 2770 -49.04 39.92 97.79
CA ASN A 2770 -47.78 39.38 98.27
C ASN A 2770 -47.67 37.88 98.06
N SER A 2771 -48.56 37.29 97.27
CA SER A 2771 -48.48 35.89 96.89
C SER A 2771 -48.32 35.70 95.39
N ALA A 2772 -47.96 36.75 94.65
CA ALA A 2772 -47.89 36.68 93.19
C ALA A 2772 -46.66 35.87 92.75
N THR A 2773 -46.71 35.42 91.50
CA THR A 2773 -45.66 34.57 90.93
C THR A 2773 -45.18 35.16 89.62
N LYS A 2774 -43.93 34.86 89.28
CA LYS A 2774 -43.27 35.48 88.15
C LYS A 2774 -43.89 35.04 86.82
N VAL A 2775 -43.88 35.95 85.86
CA VAL A 2775 -44.30 35.68 84.49
C VAL A 2775 -43.23 36.21 83.54
N ALA A 2776 -43.04 35.51 82.42
CA ALA A 2776 -41.97 35.82 81.49
C ALA A 2776 -42.39 36.79 80.39
N SER A 2777 -43.68 37.11 80.28
CA SER A 2777 -44.16 37.95 79.19
C SER A 2777 -45.53 38.53 79.58
N LEU A 2778 -46.00 39.47 78.75
CA LEU A 2778 -47.32 40.05 78.89
C LEU A 2778 -47.93 40.25 77.52
N THR A 2779 -49.26 40.19 77.45
CA THR A 2779 -49.97 40.59 76.25
C THR A 2779 -50.10 42.11 76.20
N ASP A 2780 -50.19 42.64 74.98
CA ASP A 2780 -50.10 44.09 74.79
C ASP A 2780 -51.11 44.85 75.64
N VAL A 2781 -52.27 44.25 75.92
CA VAL A 2781 -53.26 44.92 76.76
C VAL A 2781 -52.69 45.18 78.14
N GLU A 2782 -52.03 44.18 78.72
CA GLU A 2782 -51.43 44.34 80.04
C GLU A 2782 -50.16 45.16 80.00
N CYS A 2783 -49.31 44.92 79.00
CA CYS A 2783 -48.04 45.62 78.87
C CYS A 2783 -48.22 47.08 78.45
N ALA A 2784 -49.46 47.48 78.15
CA ALA A 2784 -49.77 48.88 77.92
C ALA A 2784 -49.94 49.67 79.21
N ASP A 2785 -49.90 49.00 80.37
CA ASP A 2785 -50.02 49.65 81.66
C ASP A 2785 -48.69 49.87 82.35
N VAL A 2786 -47.58 49.54 81.70
CA VAL A 2786 -46.25 49.65 82.29
C VAL A 2786 -45.44 50.76 81.64
N LEU A 2787 -45.24 50.68 80.32
CA LEU A 2787 -44.38 51.63 79.61
C LEU A 2787 -45.08 52.13 78.36
N THR A 2788 -44.44 53.11 77.73
CA THR A 2788 -44.91 53.71 76.48
C THR A 2788 -43.72 54.05 75.61
N VAL A 2789 -43.88 53.84 74.31
CA VAL A 2789 -42.85 54.17 73.32
C VAL A 2789 -43.32 55.41 72.57
N LEU A 2790 -42.50 56.46 72.60
CA LEU A 2790 -42.91 57.80 72.22
C LEU A 2790 -42.27 58.22 70.91
N LEU A 2791 -43.06 58.88 70.07
CA LEU A 2791 -42.52 59.54 68.90
C LEU A 2791 -41.77 60.80 69.31
N ALA A 2792 -41.02 61.36 68.37
CA ALA A 2792 -40.21 62.53 68.68
C ALA A 2792 -41.09 63.67 69.17
N GLY A 2793 -40.64 64.35 70.22
CA GLY A 2793 -41.33 65.50 70.74
C GLY A 2793 -42.47 65.21 71.68
N LYS A 2794 -42.78 63.95 71.93
CA LYS A 2794 -43.87 63.58 72.82
C LYS A 2794 -43.32 63.16 74.18
N THR A 2795 -44.11 63.45 75.22
CA THR A 2795 -43.72 63.15 76.59
C THR A 2795 -44.97 62.81 77.39
N ASN A 2796 -44.78 62.13 78.52
CA ASN A 2796 -45.86 61.81 79.41
C ASN A 2796 -46.16 62.99 80.34
N SER A 2797 -47.29 62.89 81.04
CA SER A 2797 -47.77 63.96 81.91
C SER A 2797 -48.02 63.41 83.31
N ALA A 2798 -48.51 64.27 84.20
CA ALA A 2798 -48.74 63.93 85.60
C ALA A 2798 -50.01 63.09 85.70
N GLY A 2799 -49.86 61.80 85.93
CA GLY A 2799 -50.98 60.90 86.09
C GLY A 2799 -51.64 60.47 84.79
N VAL A 2800 -51.09 60.85 83.64
CA VAL A 2800 -51.69 60.54 82.34
C VAL A 2800 -50.60 60.08 81.38
N SER A 2801 -51.03 59.38 80.33
CA SER A 2801 -50.16 58.88 79.29
C SER A 2801 -50.41 59.63 77.99
N ALA A 2802 -49.39 59.65 77.13
CA ALA A 2802 -49.53 60.24 75.81
C ALA A 2802 -50.23 59.31 74.83
N CYS A 2803 -50.41 58.04 75.18
CA CYS A 2803 -50.99 57.05 74.28
C CYS A 2803 -52.51 57.00 74.35
N ALA A 2804 -53.13 57.82 75.20
CA ALA A 2804 -54.59 57.93 75.14
C ALA A 2804 -55.06 58.39 73.77
N THR A 2805 -54.22 59.15 73.06
CA THR A 2805 -54.43 59.46 71.66
C THR A 2805 -53.44 58.61 70.87
N PRO A 2806 -53.89 57.58 70.13
CA PRO A 2806 -52.93 56.60 69.61
C PRO A 2806 -51.83 57.17 68.74
N SER A 2807 -52.06 58.30 68.07
CA SER A 2807 -51.06 58.84 67.16
C SER A 2807 -49.73 59.11 67.85
N ASN A 2808 -49.73 59.36 69.15
CA ASN A 2808 -48.52 59.79 69.84
C ASN A 2808 -47.52 58.66 70.06
N CYS A 2809 -47.96 57.41 70.04
CA CYS A 2809 -47.12 56.27 70.41
C CYS A 2809 -47.10 55.23 69.30
N ARG A 2810 -46.00 54.47 69.25
CA ARG A 2810 -45.95 53.30 68.39
C ARG A 2810 -46.95 52.25 68.84
N THR A 2811 -47.43 51.46 67.90
CA THR A 2811 -48.30 50.34 68.21
C THR A 2811 -47.46 49.16 68.69
N LEU A 2812 -48.14 48.15 69.23
CA LEU A 2812 -47.49 46.96 69.78
C LEU A 2812 -48.08 45.71 69.15
N PHE A 2813 -47.23 44.70 69.01
CA PHE A 2813 -47.65 43.45 68.39
C PHE A 2813 -48.87 42.88 69.12
N SER A 2814 -49.86 42.45 68.34
CA SER A 2814 -51.13 41.96 68.90
C SER A 2814 -50.90 40.57 69.48
N GLY A 2815 -50.48 40.55 70.74
CA GLY A 2815 -50.16 39.31 71.43
C GLY A 2815 -49.12 39.55 72.51
N ALA A 2816 -48.23 38.59 72.72
CA ALA A 2816 -47.16 38.74 73.71
C ALA A 2816 -46.18 39.81 73.21
N ALA A 2817 -46.27 41.01 73.77
CA ALA A 2817 -45.49 42.14 73.31
C ALA A 2817 -44.34 42.51 74.24
N CYS A 2818 -44.44 42.18 75.53
CA CYS A 2818 -43.45 42.56 76.53
C CYS A 2818 -42.75 41.30 77.03
N LEU A 2819 -41.41 41.31 76.97
CA LEU A 2819 -40.61 40.12 77.31
C LEU A 2819 -39.44 40.52 78.22
N LEU A 2820 -39.33 39.82 79.35
CA LEU A 2820 -38.20 39.99 80.25
C LEU A 2820 -38.13 38.85 81.27
N GLY A 2821 -36.96 38.23 81.40
CA GLY A 2821 -36.79 37.21 82.41
C GLY A 2821 -37.58 35.94 82.11
N THR A 2822 -37.75 35.14 83.17
CA THR A 2822 -38.43 33.86 83.09
C THR A 2822 -39.31 33.72 84.32
N THR A 2823 -39.81 32.51 84.54
CA THR A 2823 -40.61 32.20 85.72
C THR A 2823 -39.78 31.80 86.93
N SER A 2824 -38.45 31.80 86.80
CA SER A 2824 -37.56 31.46 87.91
C SER A 2824 -36.68 32.61 88.36
N ALA A 2825 -36.49 33.63 87.54
CA ALA A 2825 -35.63 34.74 87.90
C ALA A 2825 -35.88 35.90 86.94
N GLY A 2826 -35.17 37.00 87.18
CA GLY A 2826 -35.29 38.19 86.39
C GLY A 2826 -34.16 38.32 85.39
N ASP A 2827 -33.86 39.56 85.01
CA ASP A 2827 -32.75 39.85 84.10
C ASP A 2827 -32.56 41.36 84.11
N THR A 2828 -31.63 41.83 83.29
CA THR A 2828 -31.32 43.25 83.18
C THR A 2828 -31.49 43.78 81.75
N LEU A 2829 -32.00 42.96 80.84
CA LEU A 2829 -32.23 43.37 79.46
C LEU A 2829 -33.69 43.12 79.12
N LEU A 2830 -34.36 44.12 78.56
CA LEU A 2830 -35.79 44.07 78.28
C LEU A 2830 -36.03 44.28 76.79
N THR A 2831 -36.94 43.50 76.22
CA THR A 2831 -37.22 43.52 74.78
C THR A 2831 -38.72 43.64 74.53
N ILE A 2832 -39.08 44.43 73.52
CA ILE A 2832 -40.46 44.74 73.20
C ILE A 2832 -40.67 44.59 71.69
N LYS A 2833 -41.86 44.13 71.30
CA LYS A 2833 -42.23 43.95 69.91
C LYS A 2833 -43.18 45.05 69.49
N LEU A 2834 -42.80 45.81 68.46
CA LEU A 2834 -43.64 46.85 67.91
C LEU A 2834 -44.49 46.32 66.75
N GLY A 2835 -45.65 46.93 66.57
CA GLY A 2835 -46.50 46.69 65.42
C GLY A 2835 -46.21 47.59 64.25
N ALA A 2836 -45.13 48.38 64.32
CA ALA A 2836 -44.69 49.23 63.23
C ALA A 2836 -43.18 49.31 63.28
N SER A 2837 -42.60 50.01 62.31
CA SER A 2837 -41.15 50.09 62.23
C SER A 2837 -40.61 51.26 63.05
N TYR A 2838 -39.32 51.19 63.34
CA TYR A 2838 -38.64 52.20 64.13
C TYR A 2838 -38.32 53.42 63.27
N ALA A 2839 -38.79 54.59 63.69
CA ALA A 2839 -38.52 55.85 63.01
C ALA A 2839 -37.49 56.64 63.80
N ALA A 2840 -36.50 57.17 63.09
CA ALA A 2840 -35.45 57.95 63.74
C ALA A 2840 -36.04 58.98 64.70
N GLY A 2841 -35.67 58.88 65.96
CA GLY A 2841 -36.14 59.79 66.98
C GLY A 2841 -37.05 59.20 68.03
N ASP A 2842 -37.24 57.88 68.04
CA ASP A 2842 -38.14 57.25 69.00
C ASP A 2842 -37.52 57.20 70.39
N ALA A 2843 -38.38 57.14 71.40
CA ALA A 2843 -38.01 57.11 72.81
C ALA A 2843 -38.81 56.03 73.51
N VAL A 2844 -38.49 55.81 74.78
CA VAL A 2844 -39.19 54.82 75.60
C VAL A 2844 -39.12 55.26 77.05
N ASP A 2845 -40.20 55.07 77.80
CA ASP A 2845 -40.26 55.51 79.18
C ASP A 2845 -41.32 54.71 79.93
N VAL A 2846 -41.30 54.83 81.25
CA VAL A 2846 -42.29 54.21 82.14
C VAL A 2846 -43.23 55.30 82.62
N TRP A 2847 -44.53 55.01 82.66
CA TRP A 2847 -45.53 55.98 83.10
C TRP A 2847 -46.18 55.51 84.40
N ASP A 2848 -47.00 56.41 84.97
CA ASP A 2848 -47.32 56.37 86.39
C ASP A 2848 -48.34 55.31 86.77
N LYS A 2849 -48.98 54.64 85.82
CA LYS A 2849 -49.91 53.57 86.18
C LYS A 2849 -49.19 52.38 86.79
N ASN A 2850 -47.87 52.29 86.62
CA ASN A 2850 -47.13 51.14 87.15
C ASN A 2850 -47.07 51.19 88.67
N ALA A 2851 -46.51 52.27 89.23
CA ALA A 2851 -46.30 52.38 90.66
C ALA A 2851 -47.45 53.08 91.38
N GLY A 2852 -48.48 53.51 90.66
CA GLY A 2852 -49.59 54.19 91.30
C GLY A 2852 -49.30 55.61 91.73
N LEU A 2853 -48.33 56.27 91.12
CA LEU A 2853 -47.95 57.61 91.53
C LEU A 2853 -48.92 58.66 91.01
N ASN A 2854 -48.98 59.79 91.71
CA ASN A 2854 -49.68 60.98 91.25
C ASN A 2854 -51.13 60.69 90.88
N GLY A 2855 -51.82 59.98 91.76
CA GLY A 2855 -53.25 59.80 91.61
C GLY A 2855 -53.67 58.82 90.54
N ALA A 2856 -52.73 58.05 90.01
CA ALA A 2856 -53.08 57.01 89.05
C ALA A 2856 -53.61 55.79 89.81
N THR A 2857 -53.75 54.67 89.11
CA THR A 2857 -54.11 53.40 89.74
C THR A 2857 -53.05 52.37 89.38
N ALA A 2858 -52.54 51.68 90.39
CA ALA A 2858 -51.49 50.70 90.17
C ALA A 2858 -51.98 49.60 89.23
N ALA A 2859 -51.08 49.13 88.37
CA ALA A 2859 -51.44 48.12 87.39
C ALA A 2859 -51.72 46.78 88.07
N ALA A 2860 -52.56 45.98 87.41
CA ALA A 2860 -52.88 44.66 87.93
C ALA A 2860 -51.73 43.66 87.76
N LYS A 2861 -50.73 43.99 86.96
CA LYS A 2861 -49.59 43.10 86.71
C LYS A 2861 -48.32 43.94 86.65
N PRO A 2862 -47.67 44.17 87.78
CA PRO A 2862 -46.57 45.13 87.83
C PRO A 2862 -45.20 44.51 87.59
N LEU A 2863 -44.25 45.40 87.30
CA LEU A 2863 -42.83 45.06 87.14
C LEU A 2863 -42.06 45.57 88.34
N ARG A 2864 -41.16 44.75 88.87
CA ARG A 2864 -40.47 45.04 90.12
C ARG A 2864 -38.98 44.77 89.98
N VAL A 2865 -38.21 45.31 90.91
CA VAL A 2865 -36.81 44.99 91.07
C VAL A 2865 -36.68 44.11 92.31
N GLY A 2866 -36.42 42.82 92.09
CA GLY A 2866 -36.27 41.89 93.19
C GLY A 2866 -37.44 40.95 93.33
N THR A 2867 -37.91 40.73 94.55
CA THR A 2867 -39.02 39.84 94.81
C THR A 2867 -40.34 40.58 94.56
N ASN A 2868 -41.44 39.95 94.93
CA ASN A 2868 -42.78 40.48 94.71
C ASN A 2868 -43.22 41.49 95.77
N VAL A 2869 -42.29 42.03 96.55
CA VAL A 2869 -42.58 43.05 97.55
C VAL A 2869 -41.65 44.25 97.45
N GLN A 2870 -40.64 44.21 96.59
CA GLN A 2870 -39.64 45.26 96.54
C GLN A 2870 -40.05 46.35 95.55
N ALA A 2871 -39.25 47.41 95.49
CA ALA A 2871 -39.71 48.66 94.90
C ALA A 2871 -40.06 48.51 93.42
N LEU A 2872 -41.12 49.19 93.01
CA LEU A 2872 -41.59 49.21 91.64
C LEU A 2872 -40.80 50.24 90.82
N TYR A 2873 -40.86 50.09 89.50
CA TYR A 2873 -40.15 50.99 88.60
C TYR A 2873 -40.87 52.33 88.49
N VAL A 2874 -40.09 53.39 88.35
CA VAL A 2874 -40.62 54.76 88.33
C VAL A 2874 -40.19 55.49 87.06
N PRO A 2875 -40.95 56.48 86.59
CA PRO A 2875 -40.55 57.22 85.40
C PRO A 2875 -39.24 57.96 85.59
N ARG A 2876 -38.52 58.13 84.49
CA ARG A 2876 -37.33 58.98 84.47
C ARG A 2876 -37.71 60.42 84.15
N ARG A 2877 -36.73 61.31 84.28
CA ARG A 2877 -36.99 62.73 84.06
C ARG A 2877 -37.23 63.05 82.58
N MET A 2878 -36.49 62.40 81.68
CA MET A 2878 -36.67 62.59 80.25
C MET A 2878 -36.73 61.24 79.56
N PRO A 2879 -37.40 61.15 78.41
CA PRO A 2879 -37.47 59.88 77.69
C PRO A 2879 -36.10 59.46 77.15
N VAL A 2880 -35.95 58.15 76.94
CA VAL A 2880 -34.71 57.60 76.40
C VAL A 2880 -34.61 57.95 74.92
N VAL A 2881 -33.42 57.78 74.35
CA VAL A 2881 -33.05 58.37 73.07
C VAL A 2881 -32.64 57.29 72.08
N ILE A 2882 -33.42 56.21 71.95
CA ILE A 2882 -32.97 54.94 71.39
C ILE A 2882 -31.94 55.18 70.29
N GLU A 2883 -30.80 54.52 70.42
CA GLU A 2883 -29.64 54.68 69.58
C GLU A 2883 -29.64 53.66 68.44
N PRO A 2884 -29.25 54.04 67.22
CA PRO A 2884 -29.13 53.06 66.14
C PRO A 2884 -27.71 52.52 65.96
N ARG A 2885 -27.65 51.26 65.54
CA ARG A 2885 -26.38 50.61 65.21
C ARG A 2885 -26.60 49.61 64.09
N ILE A 2886 -25.50 49.27 63.40
CA ILE A 2886 -25.59 48.43 62.22
C ILE A 2886 -26.18 47.06 62.57
N VAL A 2887 -26.77 46.40 61.56
CA VAL A 2887 -27.55 45.19 61.77
C VAL A 2887 -26.75 43.95 61.41
N SER A 2888 -26.18 43.91 60.21
CA SER A 2888 -25.47 42.74 59.72
C SER A 2888 -24.44 43.17 58.70
N ALA A 2889 -23.45 42.30 58.47
CA ALA A 2889 -22.29 42.63 57.64
C ALA A 2889 -21.93 41.50 56.69
N SER A 2890 -22.91 40.96 55.96
CA SER A 2890 -22.62 39.96 54.96
C SER A 2890 -21.63 40.50 53.92
N ALA A 2891 -20.60 39.72 53.61
CA ALA A 2891 -19.53 40.14 52.74
C ALA A 2891 -19.74 39.62 51.33
N THR A 2892 -19.79 40.53 50.35
CA THR A 2892 -19.91 40.18 48.95
C THR A 2892 -18.53 40.20 48.30
N GLY A 2893 -18.50 40.08 46.96
CA GLY A 2893 -17.33 39.51 46.33
C GLY A 2893 -15.99 40.19 46.54
N ALA A 2894 -15.21 39.64 47.46
CA ALA A 2894 -13.75 39.60 47.42
C ALA A 2894 -13.03 40.93 47.64
N ARG A 2895 -13.75 42.05 47.58
CA ARG A 2895 -13.19 43.31 48.06
C ARG A 2895 -14.28 44.22 48.59
N THR A 2896 -15.48 43.72 48.82
CA THR A 2896 -16.64 44.56 49.13
C THR A 2896 -17.42 43.92 50.26
N ILE A 2897 -17.61 44.69 51.32
CA ILE A 2897 -18.53 44.32 52.38
C ILE A 2897 -19.83 45.08 52.16
N ALA A 2898 -20.90 44.61 52.81
CA ALA A 2898 -22.19 45.28 52.75
C ALA A 2898 -22.81 45.23 54.14
N VAL A 2899 -23.03 46.40 54.74
CA VAL A 2899 -23.54 46.48 56.10
C VAL A 2899 -24.96 47.05 56.05
N THR A 2900 -25.93 46.23 56.43
CA THR A 2900 -27.31 46.69 56.54
C THR A 2900 -27.43 47.71 57.67
N LEU A 2901 -28.45 48.56 57.57
CA LEU A 2901 -28.70 49.57 58.57
C LEU A 2901 -30.16 49.55 58.99
N PRO A 2902 -30.46 49.82 60.25
CA PRO A 2902 -31.85 49.70 60.72
C PRO A 2902 -32.78 50.78 60.18
N VAL A 2903 -32.26 51.95 59.83
CA VAL A 2903 -33.07 53.05 59.32
C VAL A 2903 -32.22 53.86 58.35
N THR A 2904 -32.88 54.72 57.58
CA THR A 2904 -32.22 55.47 56.52
C THR A 2904 -31.09 56.32 57.10
N SER A 2905 -29.95 56.33 56.40
CA SER A 2905 -28.74 56.97 56.91
C SER A 2905 -27.95 57.60 55.76
N GLN A 2906 -26.94 58.39 56.12
CA GLN A 2906 -25.99 58.90 55.15
C GLN A 2906 -24.82 59.58 55.84
N LEU A 2907 -23.69 59.62 55.15
CA LEU A 2907 -22.56 60.44 55.57
C LEU A 2907 -22.93 61.91 55.59
N ILE A 2908 -22.37 62.65 56.55
CA ILE A 2908 -22.50 64.10 56.56
C ILE A 2908 -21.23 64.69 57.16
N ASP A 2909 -20.73 65.74 56.52
CA ASP A 2909 -19.45 66.37 56.81
C ASP A 2909 -19.54 67.25 58.05
N SER A 2910 -18.38 67.65 58.56
CA SER A 2910 -18.28 68.42 59.81
C SER A 2910 -18.81 69.85 59.70
N THR A 2911 -19.33 70.29 58.54
CA THR A 2911 -19.75 71.67 58.42
C THR A 2911 -21.05 71.84 57.62
N GLY A 2912 -21.85 70.79 57.49
CA GLY A 2912 -23.21 70.91 56.98
C GLY A 2912 -23.49 70.19 55.68
N THR A 2913 -22.47 69.91 54.87
CA THR A 2913 -22.71 69.29 53.57
C THR A 2913 -22.92 67.79 53.72
N VAL A 2914 -23.47 67.19 52.67
CA VAL A 2914 -23.60 65.74 52.56
C VAL A 2914 -22.49 65.28 51.62
N ILE A 2915 -21.61 64.42 52.11
CA ILE A 2915 -20.37 64.12 51.40
C ILE A 2915 -20.69 63.31 50.16
N SER A 2916 -20.36 63.86 48.98
CA SER A 2916 -20.54 63.14 47.73
C SER A 2916 -19.34 62.23 47.45
N ALA A 2917 -18.14 62.82 47.44
CA ALA A 2917 -16.92 62.05 47.23
C ALA A 2917 -16.26 61.81 48.59
N PRO A 2918 -16.27 60.58 49.11
CA PRO A 2918 -15.73 60.36 50.46
C PRO A 2918 -14.25 60.68 50.60
N THR A 2919 -13.49 60.61 49.51
CA THR A 2919 -12.05 60.87 49.57
C THR A 2919 -11.35 59.73 50.30
N GLN A 2920 -10.23 59.26 49.76
CA GLN A 2920 -9.56 58.08 50.32
C GLN A 2920 -9.21 58.28 51.79
N GLN A 2921 -8.98 59.52 52.22
CA GLN A 2921 -8.54 59.75 53.59
C GLN A 2921 -9.65 59.48 54.60
N GLN A 2922 -10.90 59.79 54.25
CA GLN A 2922 -12.01 59.73 55.19
C GLN A 2922 -12.78 58.42 55.14
N CYS A 2923 -12.39 57.46 54.30
CA CYS A 2923 -13.03 56.16 54.35
C CYS A 2923 -12.34 55.21 55.30
N ALA A 2924 -11.06 55.43 55.60
CA ALA A 2924 -10.34 54.60 56.55
C ALA A 2924 -10.83 54.79 57.97
N SER A 2925 -11.40 55.95 58.29
CA SER A 2925 -11.77 56.28 59.66
C SER A 2925 -13.23 56.01 59.98
N LEU A 2926 -14.01 55.49 59.03
CA LEU A 2926 -15.39 55.13 59.34
C LEU A 2926 -15.47 53.91 60.24
N VAL A 2927 -14.73 52.86 59.91
CA VAL A 2927 -14.96 51.53 60.45
C VAL A 2927 -13.68 51.03 61.11
N ALA A 2928 -13.82 50.45 62.30
CA ALA A 2928 -12.72 49.73 62.92
C ALA A 2928 -12.69 48.30 62.39
N LEU A 2929 -11.57 47.90 61.82
CA LEU A 2929 -11.40 46.58 61.23
C LEU A 2929 -10.33 45.83 62.00
N PRO A 2930 -10.07 44.56 61.72
CA PRO A 2930 -8.96 43.88 62.38
C PRO A 2930 -7.65 44.53 62.00
N ALA A 2931 -6.70 44.49 62.93
CA ALA A 2931 -5.44 45.20 62.73
C ALA A 2931 -4.72 44.71 61.48
N GLY A 2932 -4.28 45.65 60.66
CA GLY A 2932 -3.42 45.36 59.53
C GLY A 2932 -4.05 45.47 58.15
N LYS A 2933 -5.31 45.87 58.05
CA LYS A 2933 -5.97 46.02 56.75
C LYS A 2933 -6.67 47.37 56.71
N SER A 2934 -6.38 48.13 55.66
CA SER A 2934 -6.80 49.53 55.55
C SER A 2934 -7.92 49.68 54.54
N VAL A 2935 -8.97 50.39 54.92
CA VAL A 2935 -10.06 50.70 54.02
C VAL A 2935 -9.67 51.90 53.17
N ALA A 2936 -10.06 51.87 51.90
CA ALA A 2936 -9.87 53.00 51.00
C ALA A 2936 -10.97 52.97 49.95
N SER A 2937 -11.85 53.97 50.01
CA SER A 2937 -13.05 54.07 49.18
C SER A 2937 -14.24 53.41 49.86
N CYS A 2938 -15.35 54.13 49.92
CA CYS A 2938 -16.57 53.68 50.57
C CYS A 2938 -17.73 54.42 49.92
N ALA A 2939 -18.95 53.94 50.17
CA ALA A 2939 -20.11 54.57 49.54
C ALA A 2939 -21.38 54.10 50.23
N ILE A 2940 -22.52 54.66 49.78
CA ILE A 2940 -23.83 54.35 50.34
C ILE A 2940 -24.76 53.94 49.20
N SER A 2941 -25.76 53.15 49.55
CA SER A 2941 -26.66 52.56 48.57
C SER A 2941 -27.68 53.59 48.07
N SER A 2942 -28.29 53.27 46.92
CA SER A 2942 -29.33 54.13 46.38
C SER A 2942 -30.54 54.21 47.31
N ASP A 2943 -30.83 53.10 47.99
CA ASP A 2943 -31.95 53.05 48.92
C ASP A 2943 -31.61 53.64 50.29
N PHE A 2944 -30.36 54.04 50.51
CA PHE A 2944 -29.90 54.56 51.80
C PHE A 2944 -30.09 53.54 52.92
N LEU A 2945 -29.87 52.25 52.64
CA LEU A 2945 -29.94 51.21 53.66
C LEU A 2945 -28.77 50.24 53.55
N THR A 2946 -27.58 50.74 53.19
CA THR A 2946 -26.41 49.89 53.12
C THR A 2946 -25.18 50.76 52.93
N LEU A 2947 -24.10 50.41 53.61
CA LEU A 2947 -22.78 50.99 53.33
C LEU A 2947 -21.86 49.89 52.81
N THR A 2948 -21.11 50.22 51.77
CA THR A 2948 -20.13 49.32 51.18
C THR A 2948 -18.73 49.84 51.48
N LEU A 2949 -17.74 48.98 51.26
CA LEU A 2949 -16.34 49.31 51.52
C LEU A 2949 -15.48 48.54 50.54
N THR A 2950 -14.74 49.26 49.70
CA THR A 2950 -13.79 48.65 48.79
C THR A 2950 -12.46 48.50 49.54
N LEU A 2951 -12.25 47.34 50.14
CA LEU A 2951 -11.02 47.07 50.86
C LEU A 2951 -9.82 47.21 49.92
N ALA A 2952 -8.73 47.76 50.46
CA ALA A 2952 -7.54 48.01 49.65
C ALA A 2952 -6.75 46.74 49.35
N ALA A 2953 -7.06 45.63 50.02
CA ALA A 2953 -6.41 44.36 49.75
C ALA A 2953 -7.47 43.26 49.76
N ASP A 2954 -7.08 42.08 49.31
CA ASP A 2954 -8.02 40.97 49.21
C ASP A 2954 -8.61 40.64 50.58
N PHE A 2955 -9.88 40.26 50.58
CA PHE A 2955 -10.62 39.97 51.80
C PHE A 2955 -10.45 38.51 52.20
N ALA A 2956 -10.54 38.24 53.50
CA ALA A 2956 -10.37 36.90 54.04
C ALA A 2956 -11.43 36.63 55.08
N PRO A 2957 -11.80 35.36 55.29
CA PRO A 2957 -12.75 35.05 56.36
C PRO A 2957 -12.15 35.30 57.74
N GLY A 2958 -13.03 35.54 58.70
CA GLY A 2958 -12.64 35.87 60.04
C GLY A 2958 -12.53 37.35 60.32
N ASP A 2959 -12.40 38.17 59.27
CA ASP A 2959 -12.38 39.61 59.46
C ASP A 2959 -13.73 40.09 59.99
N THR A 2960 -13.68 41.19 60.74
CA THR A 2960 -14.86 41.69 61.44
C THR A 2960 -14.92 43.21 61.31
N VAL A 2961 -16.12 43.77 61.41
CA VAL A 2961 -16.34 45.19 61.22
C VAL A 2961 -17.15 45.74 62.38
N ASN A 2962 -16.73 46.90 62.89
CA ASN A 2962 -17.44 47.60 63.95
C ASN A 2962 -17.32 49.09 63.68
N ILE A 2963 -18.21 49.86 64.30
CA ILE A 2963 -18.17 51.31 64.15
C ILE A 2963 -17.09 51.87 65.07
N ALA A 2964 -16.19 52.67 64.49
CA ALA A 2964 -15.13 53.28 65.27
C ALA A 2964 -15.71 54.17 66.36
N SER A 2965 -14.96 54.32 67.45
CA SER A 2965 -15.37 55.21 68.52
C SER A 2965 -14.89 56.63 68.23
N GLY A 2966 -15.81 57.58 68.27
CA GLY A 2966 -15.47 58.97 68.02
C GLY A 2966 -15.42 59.37 66.56
N GLN A 2967 -15.87 58.51 65.64
CA GLN A 2967 -15.87 58.87 64.23
C GLN A 2967 -16.78 60.08 64.00
N THR A 2968 -16.46 60.84 62.94
CA THR A 2968 -17.02 62.18 62.77
C THR A 2968 -18.04 62.31 61.65
N LEU A 2969 -18.17 61.32 60.76
CA LEU A 2969 -18.94 61.53 59.53
C LEU A 2969 -20.25 60.77 59.47
N LEU A 2970 -20.22 59.43 59.54
CA LEU A 2970 -21.39 58.67 59.16
C LEU A 2970 -22.51 58.90 60.18
N ARG A 2971 -23.69 59.29 59.69
CA ARG A 2971 -24.81 59.67 60.53
C ARG A 2971 -26.06 58.94 60.09
N ALA A 2972 -27.09 59.02 60.91
CA ALA A 2972 -28.45 58.72 60.48
C ALA A 2972 -29.03 59.94 59.78
N TRP A 2973 -29.77 59.69 58.70
CA TRP A 2973 -30.13 60.77 57.78
C TRP A 2973 -31.05 60.25 56.68
N LYS A 2974 -31.96 61.10 56.25
CA LYS A 2974 -32.60 60.98 54.95
C LYS A 2974 -32.97 62.38 54.51
N SER A 2975 -32.51 62.76 53.30
CA SER A 2975 -32.57 64.16 52.88
C SER A 2975 -33.91 64.81 53.19
N ASP A 2976 -35.00 64.05 53.16
CA ASP A 2976 -36.33 64.60 53.38
C ASP A 2976 -36.97 64.19 54.71
N VAL A 2977 -36.84 62.93 55.11
CA VAL A 2977 -37.65 62.43 56.22
C VAL A 2977 -37.32 63.15 57.52
N GLY A 2978 -36.04 63.29 57.83
CA GLY A 2978 -35.62 63.71 59.14
C GLY A 2978 -35.19 65.17 59.22
N PRO A 2979 -35.76 65.94 60.13
CA PRO A 2979 -35.34 67.34 60.29
C PRO A 2979 -34.01 67.46 61.01
N GLY A 2980 -33.10 68.19 60.37
CA GLY A 2980 -31.78 68.43 60.92
C GLY A 2980 -30.67 68.21 59.92
N TYR A 2981 -29.46 68.17 60.45
CA TYR A 2981 -28.23 68.02 59.68
C TYR A 2981 -27.11 67.66 60.66
N GLU A 2982 -25.87 67.76 60.19
CA GLU A 2982 -24.71 67.62 61.07
C GLU A 2982 -24.55 68.77 62.00
N LEU A 2983 -25.54 69.64 62.17
CA LEU A 2983 -25.46 70.71 63.14
C LEU A 2983 -24.68 70.19 64.35
N SER A 2984 -25.08 69.01 64.84
CA SER A 2984 -24.19 68.07 65.53
C SER A 2984 -25.02 66.86 65.93
N GLY A 2985 -24.37 65.84 66.51
CA GLY A 2985 -25.08 64.73 67.10
C GLY A 2985 -24.97 63.42 66.35
N PRO A 2986 -26.03 63.05 65.60
CA PRO A 2986 -26.13 61.66 65.13
C PRO A 2986 -24.87 61.19 64.46
N LEU A 2987 -24.18 60.27 65.12
CA LEU A 2987 -22.91 59.74 64.63
C LEU A 2987 -22.82 58.31 65.14
N TYR A 2988 -22.86 57.34 64.23
CA TYR A 2988 -23.01 55.95 64.64
C TYR A 2988 -22.02 55.61 65.74
N THR A 2989 -22.38 54.62 66.55
CA THR A 2989 -21.58 54.25 67.70
C THR A 2989 -21.23 52.77 67.67
N PRO A 2990 -20.14 52.37 68.33
CA PRO A 2990 -19.65 51.00 68.18
C PRO A 2990 -20.63 49.99 68.77
N SER A 2991 -20.55 48.76 68.27
CA SER A 2991 -21.29 47.65 68.83
C SER A 2991 -20.55 47.10 70.05
N ALA A 2992 -21.32 46.45 70.93
CA ALA A 2992 -20.71 45.79 72.08
C ALA A 2992 -19.67 44.76 71.63
N SER A 2993 -19.90 44.14 70.48
CA SER A 2993 -19.00 43.13 69.92
C SER A 2993 -18.86 43.37 68.42
N ALA A 2994 -17.63 43.27 67.93
CA ALA A 2994 -17.41 43.37 66.49
C ALA A 2994 -18.23 42.30 65.78
N VAL A 2995 -18.95 42.71 64.75
CA VAL A 2995 -19.85 41.80 64.03
C VAL A 2995 -19.03 41.02 63.00
N THR A 2996 -19.12 39.70 63.05
CA THR A 2996 -18.46 38.86 62.06
C THR A 2996 -19.21 38.92 60.74
N VAL A 2997 -18.46 38.89 59.64
CA VAL A 2997 -19.02 39.05 58.30
C VAL A 2997 -19.26 37.66 57.71
N THR A 2998 -20.49 37.40 57.33
CA THR A 2998 -20.87 36.13 56.71
C THR A 2998 -20.44 36.14 55.25
N LEU A 2999 -20.90 35.15 54.48
CA LEU A 2999 -20.49 34.96 53.10
C LEU A 2999 -21.72 35.01 52.19
N SER A 3000 -21.61 35.77 51.09
CA SER A 3000 -22.74 35.95 50.19
C SER A 3000 -22.32 35.99 48.72
N PHE A 3001 -21.26 35.29 48.33
CA PHE A 3001 -20.82 35.37 46.95
C PHE A 3001 -20.15 34.09 46.50
N PHE A 3002 -20.52 33.63 45.31
CA PHE A 3002 -19.87 32.53 44.60
C PHE A 3002 -18.90 33.10 43.57
N VAL A 3003 -18.15 32.20 42.95
CA VAL A 3003 -17.13 32.62 41.99
C VAL A 3003 -17.57 32.37 40.55
N SER A 3004 -18.27 31.27 40.29
CA SER A 3004 -18.70 30.94 38.93
C SER A 3004 -19.65 29.76 39.00
N ALA A 3005 -20.05 29.27 37.83
CA ALA A 3005 -20.91 28.11 37.72
C ALA A 3005 -21.03 27.72 36.25
N THR A 3006 -21.19 26.42 36.01
CA THR A 3006 -21.24 25.87 34.67
C THR A 3006 -22.35 24.84 34.61
N SER A 3007 -22.82 24.58 33.39
CA SER A 3007 -23.76 23.49 33.13
C SER A 3007 -23.01 22.40 32.38
N THR A 3008 -23.20 21.15 32.81
CA THR A 3008 -22.49 20.02 32.24
C THR A 3008 -23.41 18.85 31.90
N ALA A 3009 -24.71 19.11 31.81
CA ALA A 3009 -25.71 18.11 31.46
C ALA A 3009 -27.04 18.84 31.41
N ALA A 3010 -28.10 18.10 31.12
CA ALA A 3010 -29.44 18.64 31.32
C ALA A 3010 -29.87 18.55 32.77
N ASN A 3011 -29.12 17.83 33.61
CA ASN A 3011 -29.47 17.66 35.01
C ASN A 3011 -28.25 17.68 35.93
N THR A 3012 -27.22 18.45 35.59
CA THR A 3012 -26.05 18.54 36.45
C THR A 3012 -25.43 19.93 36.35
N ILE A 3013 -25.10 20.50 37.51
CA ILE A 3013 -24.59 21.87 37.59
C ILE A 3013 -23.47 21.90 38.62
N VAL A 3014 -22.43 22.69 38.34
CA VAL A 3014 -21.26 22.81 39.19
C VAL A 3014 -21.18 24.25 39.69
N VAL A 3015 -20.99 24.41 40.99
CA VAL A 3015 -20.90 25.74 41.60
C VAL A 3015 -19.59 25.83 42.37
N THR A 3016 -18.68 26.66 41.90
CA THR A 3016 -17.37 26.86 42.51
C THR A 3016 -17.44 27.97 43.55
N LEU A 3017 -16.67 27.81 44.63
CA LEU A 3017 -16.75 28.67 45.79
C LEU A 3017 -15.42 29.36 46.04
N PRO A 3018 -15.42 30.47 46.79
CA PRO A 3018 -14.15 31.17 47.09
C PRO A 3018 -13.38 30.56 48.25
N PHE A 3019 -14.07 30.07 49.28
CA PHE A 3019 -13.44 29.51 50.47
C PHE A 3019 -14.06 28.16 50.81
N PRO A 3020 -13.29 27.24 51.39
CA PRO A 3020 -13.85 25.93 51.76
C PRO A 3020 -15.09 26.05 52.62
N VAL A 3021 -15.81 24.94 52.75
CA VAL A 3021 -17.07 24.89 53.47
C VAL A 3021 -17.35 23.45 53.91
N LYS A 3022 -18.17 23.32 54.94
CA LYS A 3022 -18.62 22.02 55.44
C LYS A 3022 -20.07 22.17 55.86
N MET A 3023 -20.86 21.13 55.62
CA MET A 3023 -22.27 21.19 55.95
C MET A 3023 -22.47 20.95 57.44
N TYR A 3024 -23.60 21.45 57.94
CA TYR A 3024 -23.85 21.44 59.38
C TYR A 3024 -25.36 21.47 59.61
N ASP A 3025 -25.74 21.66 60.87
CA ASP A 3025 -27.13 21.64 61.30
C ASP A 3025 -27.41 22.87 62.15
N LEU A 3026 -28.68 23.20 62.29
CA LEU A 3026 -29.10 24.45 62.92
C LEU A 3026 -29.14 24.37 64.44
N ALA A 3027 -28.81 23.23 65.04
CA ALA A 3027 -28.86 23.10 66.48
C ALA A 3027 -27.95 24.14 67.14
N ALA A 3028 -28.08 24.26 68.46
CA ALA A 3028 -27.27 25.23 69.20
C ALA A 3028 -25.80 25.05 68.88
N SER A 3029 -25.36 23.81 68.70
CA SER A 3029 -24.02 23.50 68.20
C SER A 3029 -24.15 22.78 66.87
N PRO A 3030 -23.73 23.36 65.75
CA PRO A 3030 -23.82 22.65 64.48
C PRO A 3030 -23.07 21.34 64.53
N ALA A 3031 -23.64 20.32 63.89
CA ALA A 3031 -23.20 18.95 64.16
C ALA A 3031 -21.97 18.54 63.36
N GLU A 3032 -22.11 18.37 62.03
CA GLU A 3032 -21.02 17.78 61.27
C GLU A 3032 -21.29 17.67 59.77
N ILE A 3033 -20.34 17.07 59.05
CA ILE A 3033 -20.34 16.95 57.59
C ILE A 3033 -21.28 15.83 57.13
N LEU A 3034 -21.46 15.73 55.80
CA LEU A 3034 -22.20 14.67 55.14
C LEU A 3034 -22.02 13.32 55.82
N ALA A 3035 -23.10 12.55 55.95
CA ALA A 3035 -23.10 11.33 56.75
C ALA A 3035 -22.67 10.10 55.94
N ALA A 3036 -23.41 9.76 54.88
CA ALA A 3036 -23.19 8.50 54.19
C ALA A 3036 -23.52 8.64 52.71
N ASP A 3037 -22.98 7.71 51.91
CA ASP A 3037 -23.27 7.69 50.49
C ASP A 3037 -24.72 7.33 50.21
N GLY A 3038 -25.34 6.54 51.08
CA GLY A 3038 -26.77 6.31 51.06
C GLY A 3038 -27.42 7.15 52.14
N ALA A 3039 -28.70 7.47 51.94
CA ALA A 3039 -29.41 8.37 52.83
C ALA A 3039 -28.63 9.67 53.01
N THR A 3040 -28.13 10.20 51.89
CA THR A 3040 -27.30 11.38 51.86
C THR A 3040 -28.12 12.55 52.41
N PRO A 3041 -27.56 13.76 52.52
CA PRO A 3041 -28.36 14.86 53.04
C PRO A 3041 -29.70 14.94 52.34
N THR A 3042 -30.78 14.72 53.10
CA THR A 3042 -32.09 14.61 52.49
C THR A 3042 -32.42 15.87 51.68
N LYS A 3043 -33.51 15.77 50.90
CA LYS A 3043 -33.83 16.84 49.96
C LYS A 3043 -33.97 18.18 50.69
N ASP A 3044 -34.57 18.16 51.87
CA ASP A 3044 -34.74 19.41 52.62
C ASP A 3044 -33.39 20.03 52.98
N ASN A 3045 -32.38 19.19 53.24
CA ASN A 3045 -31.09 19.71 53.66
C ASN A 3045 -30.41 20.51 52.55
N CYS A 3046 -30.30 19.93 51.35
CA CYS A 3046 -29.74 20.68 50.23
C CYS A 3046 -30.65 21.86 49.87
N ASP A 3047 -31.96 21.65 49.94
CA ASP A 3047 -32.91 22.71 49.68
C ASP A 3047 -32.69 23.91 50.59
N SER A 3048 -32.12 23.67 51.77
CA SER A 3048 -31.94 24.71 52.77
C SER A 3048 -30.56 25.36 52.71
N VAL A 3049 -29.78 25.07 51.66
CA VAL A 3049 -28.46 25.69 51.53
C VAL A 3049 -28.17 26.21 50.13
N ILE A 3050 -28.94 25.84 49.11
CA ILE A 3050 -28.67 26.27 47.74
C ILE A 3050 -29.92 26.04 46.90
N ARG A 3051 -30.00 26.73 45.77
CA ARG A 3051 -31.16 26.64 44.89
C ARG A 3051 -30.73 26.90 43.46
N VAL A 3052 -31.56 26.45 42.52
CA VAL A 3052 -31.45 26.80 41.11
C VAL A 3052 -32.75 27.46 40.70
N ILE A 3053 -32.65 28.59 40.02
CA ILE A 3053 -33.76 29.53 39.83
C ILE A 3053 -33.94 29.77 38.34
N PRO A 3054 -35.15 29.59 37.79
CA PRO A 3054 -35.38 29.97 36.39
C PRO A 3054 -35.20 31.47 36.16
N SER A 3055 -34.83 31.82 34.94
CA SER A 3055 -34.78 33.22 34.55
C SER A 3055 -36.20 33.80 34.50
N GLY A 3056 -36.33 35.06 34.91
CA GLY A 3056 -37.60 35.74 34.88
C GLY A 3056 -38.51 35.44 36.06
N SER A 3057 -38.47 34.22 36.59
CA SER A 3057 -39.32 33.82 37.70
C SER A 3057 -38.46 33.10 38.73
N THR A 3058 -38.94 33.09 39.98
CA THR A 3058 -38.16 32.60 41.11
C THR A 3058 -38.72 31.31 41.69
N ILE A 3059 -39.50 30.55 40.92
CA ILE A 3059 -40.02 29.27 41.39
C ILE A 3059 -38.93 28.22 41.27
N ALA A 3060 -38.58 27.61 42.39
CA ALA A 3060 -37.44 26.70 42.43
C ALA A 3060 -37.75 25.37 41.76
N ARG A 3061 -36.72 24.79 41.15
CA ARG A 3061 -36.84 23.47 40.55
C ARG A 3061 -36.64 22.39 41.61
N THR A 3062 -37.21 21.22 41.36
CA THR A 3062 -37.25 20.15 42.34
C THR A 3062 -36.01 19.29 42.21
N LEU A 3063 -35.22 19.22 43.28
CA LEU A 3063 -34.02 18.38 43.28
C LEU A 3063 -34.40 16.92 43.41
N VAL A 3064 -33.53 16.05 42.90
CA VAL A 3064 -33.85 14.62 42.82
C VAL A 3064 -33.92 14.04 44.22
N ALA A 3065 -34.97 13.26 44.48
CA ALA A 3065 -35.15 12.66 45.78
C ALA A 3065 -34.03 11.66 46.07
N PRO A 3066 -33.64 11.50 47.33
CA PRO A 3066 -32.54 10.59 47.64
C PRO A 3066 -32.90 9.14 47.33
N GLY A 3067 -31.87 8.38 46.98
CA GLY A 3067 -32.07 6.99 46.63
C GLY A 3067 -30.74 6.29 46.44
N ALA A 3068 -30.81 5.11 45.81
CA ALA A 3068 -29.61 4.30 45.59
C ALA A 3068 -28.74 5.00 44.55
N GLY A 3069 -27.67 5.64 45.01
CA GLY A 3069 -26.76 6.34 44.14
C GLY A 3069 -27.26 7.69 43.65
N VAL A 3070 -28.40 8.15 44.15
CA VAL A 3070 -29.01 9.40 43.72
C VAL A 3070 -28.96 10.36 44.90
N ALA A 3071 -28.04 11.33 44.83
CA ALA A 3071 -27.80 12.25 45.94
C ALA A 3071 -28.09 13.67 45.44
N PRO A 3072 -29.01 14.41 46.06
CA PRO A 3072 -29.33 15.74 45.51
C PRO A 3072 -28.14 16.66 45.40
N CYS A 3073 -27.26 16.66 46.40
CA CYS A 3073 -26.10 17.55 46.40
C CYS A 3073 -24.93 16.82 47.01
N VAL A 3074 -23.78 16.89 46.35
CA VAL A 3074 -22.58 16.16 46.74
C VAL A 3074 -21.47 17.17 46.97
N LEU A 3075 -20.98 17.27 48.20
CA LEU A 3075 -19.96 18.24 48.57
C LEU A 3075 -18.58 17.61 48.37
N SER A 3076 -17.80 18.20 47.46
CA SER A 3076 -16.48 17.66 47.16
C SER A 3076 -15.62 17.62 48.41
N GLY A 3077 -14.67 16.69 48.43
CA GLY A 3077 -13.76 16.59 49.56
C GLY A 3077 -12.94 17.85 49.74
N SER A 3078 -12.50 18.46 48.64
CA SER A 3078 -11.77 19.72 48.72
C SER A 3078 -12.59 20.77 49.46
N GLY A 3079 -13.89 20.82 49.23
CA GLY A 3079 -14.77 21.77 49.86
C GLY A 3079 -15.05 23.02 49.05
N THR A 3080 -14.50 23.14 47.85
CA THR A 3080 -14.69 24.30 47.01
C THR A 3080 -15.72 24.08 45.91
N THR A 3081 -16.34 22.91 45.85
CA THR A 3081 -17.32 22.62 44.82
C THR A 3081 -18.55 21.99 45.46
N ILE A 3082 -19.70 22.28 44.88
CA ILE A 3082 -20.95 21.58 45.20
C ILE A 3082 -21.67 21.30 43.90
N THR A 3083 -22.14 20.06 43.73
CA THR A 3083 -22.79 19.64 42.51
C THR A 3083 -24.27 19.43 42.75
N LEU A 3084 -25.08 19.78 41.76
CA LEU A 3084 -26.52 19.80 41.88
C LEU A 3084 -27.12 18.99 40.73
N THR A 3085 -27.96 18.02 41.06
CA THR A 3085 -28.60 17.16 40.07
C THR A 3085 -30.10 17.37 40.14
N LEU A 3086 -30.66 17.94 39.08
CA LEU A 3086 -32.07 18.25 39.05
C LEU A 3086 -32.91 17.00 38.83
N ASP A 3087 -34.22 17.17 38.89
CA ASP A 3087 -35.18 16.10 38.64
C ASP A 3087 -35.84 16.33 37.28
N THR A 3088 -35.71 15.36 36.39
CA THR A 3088 -36.19 15.50 35.02
C THR A 3088 -37.66 15.16 34.86
N THR A 3089 -38.33 14.71 35.91
CA THR A 3089 -39.77 14.48 35.87
C THR A 3089 -40.58 15.74 36.14
N VAL A 3090 -39.92 16.86 36.46
CA VAL A 3090 -40.59 18.13 36.74
C VAL A 3090 -40.09 19.23 35.82
N SER A 3091 -38.78 19.34 35.65
CA SER A 3091 -38.20 20.35 34.77
C SER A 3091 -36.73 20.02 34.53
N SER A 3092 -36.13 20.77 33.59
CA SER A 3092 -34.76 20.54 33.17
C SER A 3092 -34.08 21.88 32.97
N TYR A 3093 -32.76 21.84 32.82
CA TYR A 3093 -31.99 23.07 32.66
C TYR A 3093 -32.49 23.86 31.46
N ALA A 3094 -32.56 25.19 31.63
CA ALA A 3094 -32.89 26.10 30.56
C ALA A 3094 -31.97 27.30 30.64
N THR A 3095 -31.74 27.93 29.49
CA THR A 3095 -30.84 29.08 29.41
C THR A 3095 -31.21 30.13 30.45
N GLY A 3096 -30.21 30.92 30.86
CA GLY A 3096 -30.44 32.02 31.78
C GLY A 3096 -30.74 31.61 33.21
N ASP A 3097 -30.60 30.33 33.54
CA ASP A 3097 -30.87 29.89 34.90
C ASP A 3097 -29.77 30.37 35.83
N ARG A 3098 -30.15 30.68 37.07
CA ARG A 3098 -29.26 31.30 38.04
C ARG A 3098 -29.22 30.48 39.31
N ILE A 3099 -28.02 30.32 39.86
CA ILE A 3099 -27.83 29.69 41.16
C ILE A 3099 -28.06 30.72 42.26
N ASP A 3100 -28.41 30.25 43.45
CA ASP A 3100 -28.74 31.14 44.56
C ASP A 3100 -28.58 30.37 45.86
N VAL A 3101 -28.55 31.12 46.97
CA VAL A 3101 -28.57 30.49 48.30
C VAL A 3101 -29.98 29.99 48.59
N GLY A 3102 -30.07 29.02 49.50
CA GLY A 3102 -31.28 28.26 49.70
C GLY A 3102 -32.05 28.66 50.95
N PHE A 3103 -33.13 27.91 51.18
CA PHE A 3103 -34.05 28.12 52.28
C PHE A 3103 -33.33 27.90 53.62
N GLY A 3104 -34.04 28.15 54.72
CA GLY A 3104 -33.45 28.04 56.04
C GLY A 3104 -34.11 27.01 56.93
N ASN A 3105 -34.46 25.85 56.38
CA ASN A 3105 -35.21 24.86 57.15
C ASN A 3105 -34.28 24.06 58.08
N SER A 3106 -33.31 23.34 57.52
CA SER A 3106 -32.60 22.33 58.29
C SER A 3106 -31.10 22.23 58.08
N ALA A 3107 -30.44 23.18 57.44
CA ALA A 3107 -29.00 23.03 57.19
C ALA A 3107 -28.34 24.40 57.07
N ASN A 3108 -27.00 24.37 57.02
CA ASN A 3108 -26.19 25.57 56.85
C ASN A 3108 -24.81 25.19 56.32
N LEU A 3109 -24.12 26.19 55.78
CA LEU A 3109 -22.78 26.03 55.22
C LEU A 3109 -21.82 26.97 55.92
N ARG A 3110 -20.80 26.42 56.58
CA ARG A 3110 -19.83 27.21 57.33
C ARG A 3110 -18.45 26.97 56.77
N GLY A 3111 -17.78 28.05 56.34
CA GLY A 3111 -16.46 27.98 55.76
C GLY A 3111 -15.44 28.72 56.61
N ALA A 3112 -14.17 28.58 56.22
CA ALA A 3112 -13.07 29.26 56.88
C ALA A 3112 -11.89 29.32 55.94
N ALA A 3113 -10.75 29.78 56.46
CA ALA A 3113 -9.59 30.03 55.60
C ALA A 3113 -9.11 28.75 54.93
N THR A 3114 -9.05 27.66 55.68
CA THR A 3114 -8.58 26.39 55.15
C THR A 3114 -9.44 25.27 55.71
N ALA A 3115 -9.39 24.12 55.04
CA ALA A 3115 -10.22 23.00 55.47
C ALA A 3115 -9.89 22.59 56.89
N ALA A 3116 -8.60 22.59 57.25
CA ALA A 3116 -8.21 22.25 58.61
C ALA A 3116 -8.75 23.24 59.64
N ALA A 3117 -8.92 24.51 59.26
CA ALA A 3117 -9.35 25.54 60.19
C ALA A 3117 -10.86 25.58 60.40
N VAL A 3118 -11.63 24.85 59.59
CA VAL A 3118 -13.08 24.90 59.73
C VAL A 3118 -13.49 24.29 61.06
N ALA A 3119 -14.53 24.87 61.67
CA ALA A 3119 -15.08 24.36 62.92
C ALA A 3119 -16.59 24.60 62.92
N ASN A 3120 -17.26 24.08 63.94
CA ASN A 3120 -18.71 24.18 64.05
C ASN A 3120 -19.18 25.55 64.52
N THR A 3121 -18.30 26.56 64.54
CA THR A 3121 -18.68 27.93 64.86
C THR A 3121 -18.27 28.93 63.80
N SER A 3122 -17.82 28.47 62.64
CA SER A 3122 -17.18 29.33 61.67
C SER A 3122 -18.20 30.24 60.97
N PRO A 3123 -17.73 31.29 60.29
CA PRO A 3123 -18.65 32.13 59.51
C PRO A 3123 -19.44 31.29 58.51
N LYS A 3124 -20.74 31.56 58.43
CA LYS A 3124 -21.64 30.74 57.64
C LYS A 3124 -22.20 31.52 56.46
N TYR A 3125 -22.94 30.81 55.62
CA TYR A 3125 -23.62 31.41 54.47
C TYR A 3125 -25.02 31.84 54.86
N THR A 3126 -25.45 32.94 54.26
CA THR A 3126 -26.78 33.51 54.52
C THR A 3126 -27.86 32.66 53.83
N THR A 3127 -29.09 32.86 54.27
CA THR A 3127 -30.24 32.10 53.78
C THR A 3127 -31.36 33.05 53.38
N VAL A 3128 -32.45 32.47 52.88
CA VAL A 3128 -33.55 33.24 52.30
C VAL A 3128 -34.84 32.91 53.05
N ALA A 3129 -35.80 33.84 52.94
CA ALA A 3129 -36.95 33.84 53.85
C ALA A 3129 -37.88 32.65 53.60
N THR A 3130 -38.19 32.35 52.33
CA THR A 3130 -39.22 31.39 52.01
C THR A 3130 -38.74 30.46 50.90
N LEU A 3131 -39.47 29.37 50.71
CA LEU A 3131 -39.10 28.37 49.72
C LEU A 3131 -38.93 28.98 48.35
N ASN A 3132 -39.90 29.81 47.94
CA ASN A 3132 -39.83 30.58 46.70
C ASN A 3132 -39.87 32.06 47.05
N ALA A 3133 -38.72 32.71 46.99
CA ALA A 3133 -38.55 34.05 47.54
C ALA A 3133 -38.08 34.98 46.43
N ALA A 3134 -37.64 36.17 46.82
CA ALA A 3134 -37.31 37.25 45.90
C ALA A 3134 -35.82 37.34 45.60
N ALA A 3135 -35.13 36.20 45.54
CA ALA A 3135 -33.71 36.19 45.23
C ALA A 3135 -32.90 36.93 46.29
N SER A 3136 -31.58 36.98 46.11
CA SER A 3136 -30.70 37.62 47.07
C SER A 3136 -29.48 38.15 46.33
N ALA A 3137 -28.58 38.79 47.07
CA ALA A 3137 -27.38 39.37 46.47
C ALA A 3137 -26.35 38.33 46.09
N ALA A 3138 -26.65 37.04 46.23
CA ALA A 3138 -25.75 35.96 45.88
C ALA A 3138 -26.07 35.33 44.53
N VAL A 3139 -27.11 35.81 43.83
CA VAL A 3139 -27.50 35.19 42.56
C VAL A 3139 -26.35 35.28 41.57
N VAL A 3140 -26.17 34.22 40.79
CA VAL A 3140 -25.17 34.18 39.73
C VAL A 3140 -25.74 33.37 38.57
N THR A 3141 -25.36 33.74 37.35
CA THR A 3141 -25.88 33.09 36.16
C THR A 3141 -25.03 31.88 35.78
N ILE A 3142 -25.65 30.92 35.13
CA ILE A 3142 -25.01 29.68 34.73
C ILE A 3142 -24.51 29.82 33.29
N GLY A 3143 -23.24 29.45 33.07
CA GLY A 3143 -22.67 29.43 31.75
C GLY A 3143 -22.65 28.03 31.17
N PRO A 3144 -23.26 27.82 30.02
CA PRO A 3144 -23.34 26.46 29.47
C PRO A 3144 -21.98 25.95 29.01
N SER A 3145 -21.90 24.64 28.79
CA SER A 3145 -20.66 24.03 28.33
C SER A 3145 -20.94 22.60 27.86
N ILE A 3146 -19.86 21.87 27.55
CA ILE A 3146 -19.96 20.55 26.94
C ILE A 3146 -20.67 19.57 27.86
N VAL A 3147 -21.20 18.50 27.25
CA VAL A 3147 -21.57 17.29 27.96
C VAL A 3147 -20.63 16.13 27.65
N SER A 3148 -20.20 15.98 26.40
CA SER A 3148 -19.29 14.91 26.02
C SER A 3148 -18.82 15.13 24.58
N ALA A 3149 -18.03 14.19 24.07
CA ALA A 3149 -17.59 14.18 22.69
C ALA A 3149 -17.42 12.74 22.24
N ALA A 3150 -17.43 12.53 20.92
CA ALA A 3150 -17.34 11.20 20.35
C ALA A 3150 -16.99 11.28 18.88
N ALA A 3151 -15.92 10.59 18.49
CA ALA A 3151 -15.40 10.67 17.12
C ALA A 3151 -16.11 9.66 16.23
N ALA A 3152 -16.57 10.13 15.07
CA ALA A 3152 -17.23 9.27 14.09
C ALA A 3152 -16.26 8.73 13.05
N SER A 3153 -15.27 9.52 12.65
CA SER A 3153 -14.31 9.11 11.64
C SER A 3153 -12.93 9.66 12.01
N PRO A 3154 -11.89 9.35 11.24
CA PRO A 3154 -10.56 9.87 11.57
C PRO A 3154 -10.47 11.39 11.50
N THR A 3155 -11.40 12.07 10.83
CA THR A 3155 -11.38 13.53 10.76
C THR A 3155 -12.79 14.08 10.94
N GLN A 3156 -13.53 13.55 11.92
CA GLN A 3156 -14.81 14.12 12.32
C GLN A 3156 -15.05 13.86 13.79
N VAL A 3157 -15.44 14.90 14.52
CA VAL A 3157 -15.72 14.82 15.95
C VAL A 3157 -17.10 15.40 16.20
N LYS A 3158 -17.86 14.75 17.08
CA LYS A 3158 -19.17 15.23 17.51
C LYS A 3158 -19.11 15.60 18.99
N VAL A 3159 -19.48 16.83 19.31
CA VAL A 3159 -19.44 17.34 20.67
C VAL A 3159 -20.88 17.63 21.10
N THR A 3160 -21.36 16.87 22.07
CA THR A 3160 -22.69 17.13 22.62
C THR A 3160 -22.66 18.39 23.48
N LEU A 3161 -23.82 19.01 23.63
CA LEU A 3161 -23.98 20.25 24.38
C LEU A 3161 -25.09 20.10 25.40
N SER A 3162 -25.02 20.93 26.44
CA SER A 3162 -26.03 20.93 27.49
C SER A 3162 -27.23 21.79 27.17
N ALA A 3163 -27.22 22.49 26.02
CA ALA A 3163 -28.33 23.34 25.64
C ALA A 3163 -28.34 23.48 24.13
N THR A 3164 -29.49 23.87 23.58
CA THR A 3164 -29.59 24.12 22.16
C THR A 3164 -28.60 25.20 21.75
N GLY A 3165 -27.88 24.94 20.66
CA GLY A 3165 -26.80 25.80 20.23
C GLY A 3165 -27.03 26.38 18.85
N THR A 3166 -26.48 27.57 18.62
CA THR A 3166 -26.60 28.25 17.34
C THR A 3166 -25.30 28.96 17.01
N ILE A 3167 -25.04 29.12 15.71
CA ILE A 3167 -23.95 29.94 15.21
C ILE A 3167 -24.59 31.10 14.43
N THR A 3168 -24.17 32.33 14.74
CA THR A 3168 -24.89 33.51 14.27
C THR A 3168 -25.04 33.51 12.75
N THR A 3169 -23.95 33.35 12.03
CA THR A 3169 -23.96 33.27 10.58
C THR A 3169 -23.25 32.01 10.14
N THR A 3170 -23.84 31.32 9.16
CA THR A 3170 -23.27 30.08 8.67
C THR A 3170 -23.09 30.16 7.16
N PRO A 3171 -22.10 29.46 6.61
CA PRO A 3171 -21.12 28.61 7.29
C PRO A 3171 -20.01 29.41 7.94
N ALA A 3172 -19.45 28.93 9.05
CA ALA A 3172 -18.28 29.55 9.64
C ALA A 3172 -17.03 29.19 8.82
N THR A 3173 -15.99 30.00 8.97
CA THR A 3173 -14.73 29.79 8.28
C THR A 3173 -13.72 29.15 9.23
N VAL A 3174 -12.50 28.96 8.72
CA VAL A 3174 -11.42 28.44 9.56
C VAL A 3174 -11.13 29.40 10.70
N ASP A 3175 -11.06 30.69 10.39
CA ASP A 3175 -10.66 31.67 11.41
C ASP A 3175 -11.67 31.73 12.55
N ASP A 3176 -12.96 31.69 12.22
CA ASP A 3176 -13.98 31.66 13.27
C ASP A 3176 -13.86 30.40 14.11
N CYS A 3177 -13.64 29.25 13.48
CA CYS A 3177 -13.70 27.98 14.19
C CYS A 3177 -12.54 27.83 15.18
N ASN A 3178 -11.39 28.43 14.88
CA ASN A 3178 -10.30 28.41 15.87
C ASN A 3178 -10.70 29.13 17.15
N LYS A 3179 -11.68 30.01 17.09
CA LYS A 3179 -12.19 30.70 18.26
C LYS A 3179 -13.41 30.00 18.86
N ILE A 3180 -13.75 28.81 18.36
CA ILE A 3180 -14.92 28.07 18.83
C ILE A 3180 -14.53 26.77 19.52
N VAL A 3181 -13.52 26.08 19.00
CA VAL A 3181 -13.03 24.84 19.60
C VAL A 3181 -11.51 24.85 19.59
N THR A 3182 -10.92 24.35 20.67
CA THR A 3182 -9.48 24.16 20.77
C THR A 3182 -9.21 22.70 21.12
N PHE A 3183 -8.11 22.18 20.56
CA PHE A 3183 -7.72 20.80 20.74
C PHE A 3183 -6.41 20.71 21.53
N THR A 3184 -6.27 19.65 22.30
CA THR A 3184 -5.04 19.36 23.03
C THR A 3184 -4.71 17.88 22.80
N PRO A 3185 -3.66 17.56 22.02
CA PRO A 3185 -2.73 18.46 21.32
C PRO A 3185 -3.40 19.29 20.24
N ALA A 3186 -2.70 20.28 19.70
CA ALA A 3186 -3.30 21.18 18.73
C ALA A 3186 -3.58 20.46 17.41
N LYS A 3187 -4.53 21.01 16.65
CA LYS A 3187 -4.88 20.49 15.34
C LYS A 3187 -5.07 21.65 14.37
N THR A 3188 -5.03 21.33 13.09
CA THR A 3188 -5.37 22.26 12.02
C THR A 3188 -6.71 21.83 11.42
N LEU A 3189 -7.64 22.76 11.31
CA LEU A 3189 -8.98 22.43 10.86
C LEU A 3189 -9.07 22.41 9.34
N ALA A 3190 -10.13 21.77 8.84
CA ALA A 3190 -10.30 21.58 7.41
C ALA A 3190 -10.61 22.91 6.72
N ALA A 3191 -10.40 22.92 5.40
CA ALA A 3191 -10.62 24.13 4.61
C ALA A 3191 -12.08 24.34 4.22
N THR A 3192 -12.92 23.33 4.36
CA THR A 3192 -14.33 23.44 4.00
C THR A 3192 -15.19 22.84 5.10
N SER A 3193 -16.25 23.56 5.48
CA SER A 3193 -17.16 23.14 6.54
C SER A 3193 -16.36 22.64 7.74
N PRO A 3194 -15.63 23.52 8.43
CA PRO A 3194 -14.86 23.07 9.59
C PRO A 3194 -15.70 22.85 10.84
N CYS A 3195 -16.83 23.54 10.99
CA CYS A 3195 -17.71 23.32 12.14
C CYS A 3195 -19.14 23.67 11.76
N SER A 3196 -20.10 23.07 12.47
CA SER A 3196 -21.51 23.37 12.27
C SER A 3196 -22.30 22.79 13.44
N VAL A 3197 -23.52 23.31 13.61
CA VAL A 3197 -24.35 22.98 14.76
C VAL A 3197 -25.75 22.63 14.28
N ALA A 3198 -26.38 21.68 14.96
CA ALA A 3198 -27.78 21.31 14.68
C ALA A 3198 -28.37 20.76 15.97
N GLY A 3199 -29.10 21.60 16.68
CA GLY A 3199 -29.69 21.18 17.94
C GLY A 3199 -28.65 21.16 19.04
N THR A 3200 -28.52 20.01 19.69
CA THR A 3200 -27.60 19.82 20.81
C THR A 3200 -26.32 19.11 20.39
N THR A 3201 -25.83 19.34 19.18
CA THR A 3201 -24.65 18.65 18.68
C THR A 3201 -23.88 19.56 17.73
N LEU A 3202 -22.55 19.50 17.82
CA LEU A 3202 -21.65 20.28 16.99
C LEU A 3202 -20.64 19.34 16.34
N THR A 3203 -20.56 19.39 15.01
CA THR A 3203 -19.64 18.56 14.25
C THR A 3203 -18.45 19.41 13.81
N VAL A 3204 -17.24 18.91 14.05
CA VAL A 3204 -16.01 19.59 13.69
C VAL A 3204 -15.23 18.69 12.76
N ASN A 3205 -14.93 19.18 11.56
CA ASN A 3205 -14.21 18.42 10.55
C ASN A 3205 -12.75 18.83 10.56
N LEU A 3206 -11.86 17.88 10.82
CA LEU A 3206 -10.44 18.16 10.96
C LEU A 3206 -9.73 18.05 9.62
N ASP A 3207 -8.44 18.36 9.63
CA ASP A 3207 -7.60 18.23 8.45
C ASP A 3207 -7.06 16.80 8.35
N LYS A 3208 -6.93 16.31 7.12
CA LYS A 3208 -6.39 14.97 6.92
C LYS A 3208 -4.92 14.86 7.32
N ALA A 3209 -4.22 15.99 7.44
CA ALA A 3209 -2.83 15.95 7.89
C ALA A 3209 -2.70 15.83 9.40
N THR A 3210 -3.77 16.12 10.15
CA THR A 3210 -3.78 16.01 11.60
C THR A 3210 -5.06 15.33 12.04
N PRO A 3211 -5.10 14.00 12.01
CA PRO A 3211 -6.32 13.28 12.36
C PRO A 3211 -6.47 13.01 13.85
N TYR A 3212 -7.57 12.36 14.22
CA TYR A 3212 -7.77 11.93 15.59
C TYR A 3212 -6.73 10.90 15.98
N ALA A 3213 -6.23 11.00 17.22
CA ALA A 3213 -5.11 10.18 17.67
C ALA A 3213 -5.50 9.09 18.65
N GLY A 3214 -6.50 9.30 19.49
CA GLY A 3214 -6.94 8.30 20.45
C GLY A 3214 -6.64 8.64 21.90
N THR A 3215 -5.85 9.68 22.16
CA THR A 3215 -5.62 10.18 23.51
C THR A 3215 -5.75 11.69 23.52
N ASP A 3216 -6.81 12.19 22.88
CA ASP A 3216 -7.00 13.61 22.64
C ASP A 3216 -8.23 14.11 23.40
N ALA A 3217 -8.24 15.41 23.67
CA ALA A 3217 -9.33 16.06 24.40
C ALA A 3217 -9.73 17.34 23.70
N VAL A 3218 -11.00 17.71 23.88
CA VAL A 3218 -11.58 18.88 23.22
C VAL A 3218 -12.22 19.76 24.29
N ASN A 3219 -12.26 21.06 24.03
CA ASN A 3219 -12.86 21.99 24.97
C ASN A 3219 -13.30 23.25 24.24
N ILE A 3220 -14.19 24.00 24.88
CA ILE A 3220 -14.61 25.28 24.33
C ILE A 3220 -13.46 26.26 24.43
N ALA A 3221 -13.06 26.82 23.29
CA ALA A 3221 -11.94 27.75 23.27
C ALA A 3221 -12.22 28.94 24.17
N ALA A 3222 -11.19 29.40 24.87
CA ALA A 3222 -11.34 30.48 25.82
C ALA A 3222 -11.72 31.80 25.16
N ALA A 3223 -11.40 31.97 23.87
CA ALA A 3223 -11.70 33.19 23.16
C ALA A 3223 -13.13 33.24 22.64
N ASN A 3224 -13.91 32.18 22.85
CA ASN A 3224 -15.29 32.10 22.35
C ASN A 3224 -16.21 33.08 23.04
N SER A 3225 -15.80 33.70 24.15
CA SER A 3225 -16.68 34.56 24.94
C SER A 3225 -15.99 35.86 25.34
N LEU A 3226 -15.38 36.54 24.37
CA LEU A 3226 -14.76 37.83 24.65
C LEU A 3226 -14.74 38.67 23.38
N ALA A 3227 -14.42 39.95 23.55
CA ALA A 3227 -14.28 40.90 22.45
C ALA A 3227 -15.60 41.10 21.71
N ALA A 3228 -15.60 42.01 20.73
CA ALA A 3228 -16.76 42.25 19.89
C ALA A 3228 -16.61 41.70 18.47
N THR A 3229 -15.37 41.64 17.96
CA THR A 3229 -15.10 41.07 16.65
C THR A 3229 -15.02 39.55 16.79
N THR A 3230 -16.19 38.92 16.82
CA THR A 3230 -16.29 37.49 17.03
C THR A 3230 -17.59 36.99 16.45
N ASN A 3231 -17.64 35.68 16.19
CA ASN A 3231 -18.84 35.00 15.72
C ASN A 3231 -19.06 33.78 16.62
N PRO A 3232 -19.31 34.02 17.91
CA PRO A 3232 -19.30 32.92 18.87
C PRO A 3232 -20.48 31.98 18.69
N LEU A 3233 -20.30 30.77 19.20
CA LEU A 3233 -21.37 29.78 19.30
C LEU A 3233 -22.09 29.99 20.62
N LYS A 3234 -23.36 30.37 20.56
CA LYS A 3234 -24.11 30.80 21.73
C LYS A 3234 -25.40 30.02 21.84
N ALA A 3235 -25.84 29.79 23.07
CA ALA A 3235 -27.10 29.14 23.38
C ALA A 3235 -28.08 30.22 23.82
N GLY A 3236 -29.08 30.48 23.00
CA GLY A 3236 -29.92 31.64 23.22
C GLY A 3236 -29.12 32.91 22.99
N SER A 3237 -28.78 33.61 24.06
CA SER A 3237 -27.96 34.80 23.98
C SER A 3237 -26.61 34.67 24.68
N LEU A 3238 -26.44 33.68 25.56
CA LEU A 3238 -25.19 33.49 26.27
C LEU A 3238 -24.18 32.74 25.39
N ALA A 3239 -22.93 33.14 25.46
CA ALA A 3239 -21.86 32.41 24.81
C ALA A 3239 -21.41 31.24 25.69
N PHE A 3240 -21.06 30.14 25.03
CA PHE A 3240 -20.59 28.97 25.76
C PHE A 3240 -19.30 29.29 26.51
N VAL A 3241 -19.13 28.68 27.68
CA VAL A 3241 -17.97 28.89 28.52
C VAL A 3241 -17.15 27.61 28.58
N ALA A 3242 -15.87 27.76 28.84
CA ALA A 3242 -14.94 26.64 28.88
C ALA A 3242 -15.03 25.90 30.20
N LYS A 3243 -15.18 24.59 30.12
CA LYS A 3243 -15.18 23.77 31.33
C LYS A 3243 -13.82 23.82 32.02
N ALA A 3244 -13.85 23.58 33.33
CA ALA A 3244 -12.61 23.55 34.10
C ALA A 3244 -11.68 22.45 33.58
N THR A 3245 -12.23 21.28 33.30
CA THR A 3245 -11.47 20.12 32.83
C THR A 3245 -11.92 19.76 31.42
N ALA A 3246 -10.96 19.61 30.51
CA ALA A 3246 -11.30 19.23 29.16
C ALA A 3246 -11.96 17.85 29.16
N VAL A 3247 -12.51 17.49 27.99
CA VAL A 3247 -13.27 16.26 27.83
C VAL A 3247 -12.46 15.31 26.96
N THR A 3248 -12.49 14.03 27.32
CA THR A 3248 -11.84 13.00 26.50
C THR A 3248 -12.82 12.53 25.43
N ILE A 3249 -12.28 12.29 24.22
CA ILE A 3249 -13.10 11.93 23.07
C ILE A 3249 -13.28 10.42 23.02
N ASP A 3250 -14.53 9.98 22.92
CA ASP A 3250 -14.87 8.57 22.92
C ASP A 3250 -14.95 8.06 21.50
N PRO A 3251 -14.07 7.14 21.09
CA PRO A 3251 -14.16 6.61 19.72
C PRO A 3251 -15.44 5.81 19.51
N ASN A 3252 -15.86 5.73 18.25
CA ASN A 3252 -17.03 4.97 17.87
C ASN A 3252 -16.74 4.21 16.58
N LEU A 3253 -17.44 3.09 16.39
CA LEU A 3253 -17.24 2.29 15.20
C LEU A 3253 -17.51 3.12 13.95
N TYR A 3254 -16.77 2.82 12.88
CA TYR A 3254 -16.78 3.63 11.67
C TYR A 3254 -17.56 2.99 10.52
N THR A 3255 -17.23 1.76 10.14
CA THR A 3255 -17.91 1.11 9.03
C THR A 3255 -17.97 -0.39 9.27
N ALA A 3256 -18.95 -1.03 8.67
CA ALA A 3256 -19.05 -2.48 8.64
C ALA A 3256 -19.23 -2.93 7.19
N THR A 3257 -18.73 -4.12 6.88
CA THR A 3257 -18.71 -4.60 5.51
C THR A 3257 -18.73 -6.12 5.50
N ALA A 3258 -19.31 -6.69 4.45
CA ALA A 3258 -19.38 -8.14 4.27
C ALA A 3258 -18.44 -8.51 3.14
N ILE A 3259 -17.22 -8.89 3.50
CA ILE A 3259 -16.22 -9.33 2.54
C ILE A 3259 -16.40 -10.82 2.28
N ASP A 3260 -17.47 -11.41 2.80
CA ASP A 3260 -17.78 -12.81 2.58
C ASP A 3260 -19.15 -13.11 3.17
N SER A 3261 -19.70 -14.26 2.79
CA SER A 3261 -21.01 -14.68 3.29
C SER A 3261 -20.98 -15.11 4.75
N LEU A 3262 -19.79 -15.29 5.33
CA LEU A 3262 -19.69 -15.67 6.74
C LEU A 3262 -18.59 -14.89 7.43
N VAL A 3263 -18.28 -13.69 6.96
CA VAL A 3263 -17.25 -12.86 7.56
C VAL A 3263 -17.60 -11.40 7.33
N TYR A 3264 -17.23 -10.57 8.29
CA TYR A 3264 -17.43 -9.14 8.26
C TYR A 3264 -16.08 -8.43 8.23
N GLU A 3265 -16.13 -7.11 8.34
CA GLU A 3265 -14.93 -6.29 8.49
C GLU A 3265 -15.36 -4.93 8.98
N VAL A 3266 -14.68 -4.43 10.01
CA VAL A 3266 -15.08 -3.21 10.72
C VAL A 3266 -13.89 -2.28 10.78
N ALA A 3267 -14.11 -1.02 10.43
CA ALA A 3267 -13.04 -0.02 10.43
C ALA A 3267 -13.13 0.82 11.70
N LEU A 3268 -12.02 1.48 12.00
CA LEU A 3268 -11.86 2.23 13.24
C LEU A 3268 -11.30 3.60 12.94
N PRO A 3269 -11.52 4.58 13.83
CA PRO A 3269 -10.98 5.93 13.61
C PRO A 3269 -9.52 6.08 13.96
N ALA A 3270 -8.92 5.12 14.66
CA ALA A 3270 -7.51 5.20 15.04
C ALA A 3270 -7.07 3.84 15.56
N ALA A 3271 -5.78 3.73 15.86
CA ALA A 3271 -5.22 2.50 16.40
C ALA A 3271 -5.88 2.16 17.74
N SER A 3272 -6.03 0.87 18.01
CA SER A 3272 -6.84 0.41 19.12
C SER A 3272 -6.24 -0.86 19.72
N SER A 3273 -6.96 -1.49 20.63
CA SER A 3273 -6.50 -2.72 21.27
C SER A 3273 -7.67 -3.44 21.92
N VAL A 3274 -7.58 -4.78 21.95
CA VAL A 3274 -8.61 -5.64 22.53
C VAL A 3274 -8.13 -6.34 23.79
N GLY A 3275 -6.87 -6.15 24.18
CA GLY A 3275 -6.32 -6.78 25.36
C GLY A 3275 -4.93 -7.30 25.10
N SER A 3276 -4.53 -8.27 25.92
CA SER A 3276 -3.24 -8.94 25.77
C SER A 3276 -3.37 -10.35 25.24
N THR A 3277 -4.60 -10.82 24.99
CA THR A 3277 -4.83 -12.17 24.48
C THR A 3277 -5.98 -12.14 23.48
N ALA A 3278 -6.04 -13.18 22.65
CA ALA A 3278 -7.06 -13.26 21.61
C ALA A 3278 -8.36 -13.82 22.18
N LEU A 3279 -9.46 -13.11 21.95
CA LEU A 3279 -10.73 -13.47 22.54
C LEU A 3279 -11.25 -14.78 21.98
N THR A 3280 -12.35 -15.26 22.56
CA THR A 3280 -13.10 -16.39 22.04
C THR A 3280 -14.47 -15.91 21.60
N ALA A 3281 -15.32 -16.85 21.18
CA ALA A 3281 -16.66 -16.48 20.73
C ALA A 3281 -17.45 -15.82 21.84
N ALA A 3282 -17.39 -16.38 23.05
CA ALA A 3282 -18.20 -15.87 24.15
C ALA A 3282 -17.80 -14.44 24.53
N GLN A 3283 -16.50 -14.19 24.65
CA GLN A 3283 -16.05 -12.85 25.03
C GLN A 3283 -16.45 -11.81 24.00
N CYS A 3284 -16.33 -12.15 22.71
CA CYS A 3284 -16.68 -11.20 21.66
C CYS A 3284 -18.16 -11.14 21.39
N GLY A 3285 -18.95 -12.06 21.97
CA GLY A 3285 -20.40 -11.95 21.90
C GLY A 3285 -20.96 -10.88 22.81
N ALA A 3286 -20.21 -10.48 23.84
CA ALA A 3286 -20.60 -9.39 24.72
C ALA A 3286 -20.06 -8.03 24.27
N ILE A 3287 -19.16 -8.01 23.28
CA ILE A 3287 -18.65 -6.76 22.75
C ILE A 3287 -19.52 -6.24 21.62
N LEU A 3288 -19.75 -7.08 20.61
CA LEU A 3288 -20.48 -6.70 19.42
C LEU A 3288 -21.89 -7.25 19.49
N SER A 3289 -22.87 -6.41 19.18
CA SER A 3289 -24.28 -6.79 19.15
C SER A 3289 -24.73 -6.80 17.70
N LEU A 3290 -25.08 -7.98 17.20
CA LEU A 3290 -25.58 -8.14 15.84
C LEU A 3290 -27.10 -8.21 15.91
N THR A 3291 -27.76 -7.21 15.32
CA THR A 3291 -29.17 -6.99 15.57
C THR A 3291 -30.00 -8.24 15.35
N GLY A 3292 -29.72 -8.98 14.28
CA GLY A 3292 -30.53 -10.12 13.92
C GLY A 3292 -30.30 -11.31 14.84
N GLY A 3293 -31.08 -12.36 14.59
CA GLY A 3293 -30.89 -13.63 15.28
C GLY A 3293 -29.70 -14.37 14.71
N ARG A 3294 -28.51 -13.86 14.99
CA ARG A 3294 -27.27 -14.35 14.40
C ARG A 3294 -26.35 -14.87 15.50
N THR A 3295 -25.20 -15.38 15.08
CA THR A 3295 -24.24 -15.98 16.00
C THR A 3295 -22.82 -15.70 15.55
N ILE A 3296 -21.90 -15.76 16.50
CA ILE A 3296 -20.47 -15.69 16.20
C ILE A 3296 -19.95 -17.11 15.98
N SER A 3297 -18.79 -17.22 15.35
CA SER A 3297 -18.27 -18.53 14.98
C SER A 3297 -18.00 -19.38 16.21
N SER A 3298 -18.49 -20.61 16.20
CA SER A 3298 -18.22 -21.59 17.23
C SER A 3298 -17.10 -22.55 16.87
N THR A 3299 -16.47 -22.36 15.70
CA THR A 3299 -15.37 -23.22 15.25
C THR A 3299 -14.08 -22.46 15.00
N VAL A 3300 -14.13 -21.17 14.71
CA VAL A 3300 -12.91 -20.40 14.49
C VAL A 3300 -12.23 -20.14 15.83
N THR A 3301 -10.92 -20.38 15.89
CA THR A 3301 -10.19 -20.21 17.14
C THR A 3301 -10.08 -18.74 17.52
N ALA A 3302 -10.00 -17.84 16.53
CA ALA A 3302 -9.87 -16.40 16.77
C ALA A 3302 -11.00 -15.71 16.01
N PRO A 3303 -12.24 -15.81 16.50
CA PRO A 3303 -13.37 -15.19 15.79
C PRO A 3303 -13.30 -13.68 15.71
N CYS A 3304 -12.56 -13.01 16.60
CA CYS A 3304 -12.38 -11.57 16.57
C CYS A 3304 -10.90 -11.28 16.62
N VAL A 3305 -10.42 -10.43 15.71
CA VAL A 3305 -8.99 -10.18 15.56
C VAL A 3305 -8.78 -8.83 14.89
N LEU A 3306 -7.61 -8.24 15.09
CA LEU A 3306 -7.25 -6.96 14.51
C LEU A 3306 -6.07 -7.14 13.57
N ASP A 3307 -5.89 -6.19 12.66
CA ASP A 3307 -4.82 -6.27 11.68
C ASP A 3307 -3.56 -5.58 12.23
N THR A 3308 -2.52 -5.53 11.39
CA THR A 3308 -1.21 -5.08 11.88
C THR A 3308 -1.25 -3.64 12.36
N THR A 3309 -1.93 -2.76 11.63
CA THR A 3309 -2.04 -1.37 12.04
C THR A 3309 -3.09 -1.16 13.13
N LYS A 3310 -3.92 -2.16 13.41
CA LYS A 3310 -4.89 -2.12 14.49
C LYS A 3310 -6.02 -1.13 14.19
N THR A 3311 -6.41 -1.04 12.92
CA THR A 3311 -7.51 -0.19 12.50
C THR A 3311 -8.69 -0.97 11.94
N LEU A 3312 -8.53 -2.25 11.63
CA LEU A 3312 -9.60 -3.09 11.11
C LEU A 3312 -9.82 -4.28 12.05
N LEU A 3313 -11.09 -4.63 12.26
CA LEU A 3313 -11.48 -5.74 13.11
C LEU A 3313 -12.31 -6.70 12.27
N THR A 3314 -11.90 -7.97 12.24
CA THR A 3314 -12.53 -8.98 11.39
C THR A 3314 -13.32 -9.94 12.26
N VAL A 3315 -14.59 -10.13 11.92
CA VAL A 3315 -15.51 -10.97 12.68
C VAL A 3315 -15.90 -12.16 11.81
N SER A 3316 -16.10 -13.31 12.46
CA SER A 3316 -16.51 -14.54 11.79
C SER A 3316 -17.85 -15.00 12.36
N LEU A 3317 -18.76 -15.36 11.47
CA LEU A 3317 -20.15 -15.62 11.81
C LEU A 3317 -20.46 -17.10 11.69
N GLY A 3318 -21.62 -17.47 12.24
CA GLY A 3318 -22.04 -18.86 12.22
C GLY A 3318 -23.21 -19.11 11.31
N THR A 3319 -23.84 -18.03 10.84
CA THR A 3319 -24.92 -18.09 9.86
C THR A 3319 -24.66 -17.06 8.78
N ALA A 3320 -25.17 -17.35 7.58
CA ALA A 3320 -24.86 -16.52 6.44
C ALA A 3320 -25.39 -15.10 6.62
N TYR A 3321 -24.55 -14.12 6.28
CA TYR A 3321 -24.98 -12.73 6.26
C TYR A 3321 -26.03 -12.51 5.17
N ALA A 3322 -27.04 -11.71 5.50
CA ALA A 3322 -28.12 -11.39 4.58
C ALA A 3322 -28.39 -9.90 4.64
N ASP A 3323 -28.89 -9.35 3.53
CA ASP A 3323 -29.13 -7.92 3.45
C ASP A 3323 -30.08 -7.47 4.56
N GLY A 3324 -29.76 -6.36 5.19
CA GLY A 3324 -30.46 -5.90 6.36
C GLY A 3324 -29.73 -6.14 7.67
N ASP A 3325 -28.44 -6.44 7.63
CA ASP A 3325 -27.67 -6.68 8.84
C ASP A 3325 -27.02 -5.39 9.34
N THR A 3326 -26.80 -5.34 10.64
CA THR A 3326 -26.27 -4.15 11.30
C THR A 3326 -25.42 -4.59 12.48
N VAL A 3327 -24.50 -3.72 12.90
CA VAL A 3327 -23.60 -4.02 14.01
C VAL A 3327 -23.46 -2.78 14.89
N THR A 3328 -23.42 -3.00 16.19
CA THR A 3328 -23.21 -1.92 17.17
C THR A 3328 -22.77 -2.53 18.49
N LEU A 3329 -21.93 -1.81 19.21
CA LEU A 3329 -21.40 -2.32 20.47
C LEU A 3329 -22.51 -2.45 21.51
N GLN A 3330 -22.27 -3.31 22.49
CA GLN A 3330 -23.24 -3.59 23.54
C GLN A 3330 -23.21 -2.49 24.59
N SER A 3331 -24.20 -2.55 25.50
CA SER A 3331 -24.37 -1.51 26.52
C SER A 3331 -23.55 -1.76 27.77
N THR A 3332 -23.42 -3.01 28.21
CA THR A 3332 -22.70 -3.34 29.42
C THR A 3332 -21.25 -3.65 29.06
N GLN A 3333 -20.32 -3.13 29.85
CA GLN A 3333 -18.91 -3.39 29.61
C GLN A 3333 -18.54 -4.79 30.11
N ALA A 3334 -17.41 -5.28 29.60
CA ALA A 3334 -16.86 -6.57 30.01
C ALA A 3334 -15.43 -6.38 30.45
N THR A 3335 -14.69 -7.48 30.67
CA THR A 3335 -13.32 -7.34 31.16
C THR A 3335 -12.42 -6.74 30.08
N PRO A 3336 -12.24 -7.36 28.91
CA PRO A 3336 -11.30 -6.79 27.93
C PRO A 3336 -11.81 -5.53 27.25
N TRP A 3337 -13.05 -5.58 26.74
CA TRP A 3337 -13.62 -4.49 25.96
C TRP A 3337 -12.67 -4.02 24.85
N LEU A 3338 -13.07 -2.97 24.14
CA LEU A 3338 -12.27 -2.38 23.07
C LEU A 3338 -11.88 -0.96 23.47
N ARG A 3339 -10.61 -0.62 23.26
CA ARG A 3339 -10.07 0.66 23.69
C ARG A 3339 -9.27 1.29 22.56
N ALA A 3340 -8.85 2.54 22.77
CA ALA A 3340 -8.16 3.30 21.74
C ALA A 3340 -6.73 3.63 22.17
N ALA A 3341 -5.78 3.32 21.29
CA ALA A 3341 -4.40 3.77 21.27
C ALA A 3341 -3.53 3.10 22.33
N SER A 3342 -4.09 2.33 23.24
CA SER A 3342 -3.31 1.66 24.28
C SER A 3342 -4.22 0.68 25.01
N ASP A 3343 -3.59 -0.27 25.71
CA ASP A 3343 -4.36 -1.18 26.55
C ASP A 3343 -5.04 -0.46 27.71
N THR A 3344 -4.57 0.73 28.07
CA THR A 3344 -5.18 1.56 29.09
C THR A 3344 -5.65 2.88 28.50
N GLY A 3345 -6.24 2.83 27.30
CA GLY A 3345 -6.75 4.00 26.65
C GLY A 3345 -8.25 4.12 26.79
N PRO A 3346 -8.84 5.15 26.19
CA PRO A 3346 -10.29 5.35 26.33
C PRO A 3346 -11.08 4.18 25.77
N ALA A 3347 -12.22 3.92 26.40
CA ALA A 3347 -13.10 2.84 25.98
C ALA A 3347 -14.08 3.32 24.91
N TYR A 3348 -14.41 2.41 24.00
CA TYR A 3348 -15.39 2.70 22.96
C TYR A 3348 -16.79 2.77 23.56
N LYS A 3349 -17.68 3.48 22.85
CA LYS A 3349 -19.04 3.69 23.32
C LYS A 3349 -20.05 3.31 22.25
N VAL A 3350 -21.27 3.05 22.70
CA VAL A 3350 -22.38 2.76 21.79
C VAL A 3350 -22.82 4.04 21.09
N GLY A 3351 -23.32 3.89 19.87
CA GLY A 3351 -23.78 5.03 19.11
C GLY A 3351 -24.50 4.66 17.82
N SER A 3352 -24.16 5.36 16.73
CA SER A 3352 -24.89 5.23 15.48
C SER A 3352 -24.82 3.80 14.96
N THR A 3353 -25.97 3.12 14.96
CA THR A 3353 -26.02 1.77 14.43
C THR A 3353 -25.53 1.76 12.99
N LEU A 3354 -24.64 0.83 12.66
CA LEU A 3354 -24.04 0.75 11.34
C LEU A 3354 -24.78 -0.24 10.47
N ILE A 3355 -24.61 -0.08 9.16
CA ILE A 3355 -25.16 -0.96 8.14
C ILE A 3355 -24.01 -1.61 7.40
N VAL A 3356 -24.12 -2.93 7.17
CA VAL A 3356 -23.08 -3.69 6.52
C VAL A 3356 -23.28 -3.61 5.02
N LYS A 3357 -22.25 -3.19 4.30
CA LYS A 3357 -22.35 -3.02 2.85
C LYS A 3357 -21.64 -4.17 2.13
N PRO A 3358 -22.15 -4.63 0.99
CA PRO A 3358 -21.50 -5.73 0.28
C PRO A 3358 -20.37 -5.25 -0.62
N THR A 3359 -19.34 -6.09 -0.73
CA THR A 3359 -18.21 -5.83 -1.61
C THR A 3359 -17.75 -7.14 -2.21
N ILE A 3360 -16.65 -7.08 -2.96
CA ILE A 3360 -16.12 -8.27 -3.64
C ILE A 3360 -15.58 -9.26 -2.62
N ALA A 3361 -15.67 -10.54 -2.96
CA ALA A 3361 -15.15 -11.62 -2.13
C ALA A 3361 -13.87 -12.23 -2.70
N SER A 3362 -13.84 -12.55 -3.99
CA SER A 3362 -12.66 -13.13 -4.63
C SER A 3362 -12.86 -13.10 -6.13
N ALA A 3363 -11.83 -13.49 -6.88
CA ALA A 3363 -11.89 -13.49 -8.33
C ALA A 3363 -10.78 -14.37 -8.90
N LYS A 3364 -11.15 -15.33 -9.74
CA LYS A 3364 -10.21 -16.19 -10.42
C LYS A 3364 -10.41 -16.08 -11.93
N ALA A 3365 -9.33 -16.32 -12.68
CA ALA A 3365 -9.36 -16.30 -14.14
C ALA A 3365 -9.40 -17.74 -14.65
N THR A 3366 -10.48 -18.10 -15.35
CA THR A 3366 -10.66 -19.46 -15.83
C THR A 3366 -10.13 -19.68 -17.24
N THR A 3367 -10.02 -18.65 -18.05
CA THR A 3367 -9.37 -18.73 -19.36
C THR A 3367 -8.45 -17.52 -19.48
N ALA A 3368 -7.80 -17.40 -20.64
CA ALA A 3368 -6.92 -16.26 -20.85
C ALA A 3368 -7.67 -14.94 -20.94
N THR A 3369 -9.01 -14.97 -21.05
CA THR A 3369 -9.78 -13.75 -21.20
C THR A 3369 -11.06 -13.74 -20.38
N THR A 3370 -11.24 -14.66 -19.43
CA THR A 3370 -12.42 -14.70 -18.59
C THR A 3370 -12.03 -14.52 -17.13
N ILE A 3371 -12.92 -13.86 -16.37
CA ILE A 3371 -12.76 -13.65 -14.95
C ILE A 3371 -14.11 -13.90 -14.29
N GLU A 3372 -14.08 -14.41 -13.06
CA GLU A 3372 -15.29 -14.76 -12.33
C GLU A 3372 -15.18 -14.21 -10.91
N VAL A 3373 -15.92 -13.16 -10.64
CA VAL A 3373 -15.98 -12.58 -9.30
C VAL A 3373 -17.00 -13.35 -8.48
N THR A 3374 -16.81 -13.35 -7.17
CA THR A 3374 -17.70 -14.02 -6.23
C THR A 3374 -18.28 -13.00 -5.26
N LEU A 3375 -19.61 -13.06 -5.06
CA LEU A 3375 -20.37 -12.08 -4.31
C LEU A 3375 -20.78 -12.62 -2.95
N PRO A 3376 -20.69 -11.82 -1.89
CA PRO A 3376 -21.08 -12.33 -0.56
C PRO A 3376 -22.53 -12.74 -0.46
N VAL A 3377 -23.42 -12.25 -1.32
CA VAL A 3377 -24.84 -12.57 -1.27
C VAL A 3377 -25.40 -12.52 -2.69
N THR A 3378 -26.63 -13.02 -2.84
CA THR A 3378 -27.31 -12.95 -4.13
C THR A 3378 -27.44 -11.51 -4.59
N SER A 3379 -27.22 -11.28 -5.89
CA SER A 3379 -27.21 -9.93 -6.42
C SER A 3379 -27.63 -9.94 -7.88
N VAL A 3380 -28.21 -8.81 -8.31
CA VAL A 3380 -28.55 -8.56 -9.70
C VAL A 3380 -28.01 -7.17 -10.06
N ILE A 3381 -27.85 -6.94 -11.35
CA ILE A 3381 -27.51 -5.62 -11.86
C ILE A 3381 -28.82 -4.92 -12.24
N TRP A 3382 -29.03 -3.72 -11.72
CA TRP A 3382 -30.30 -3.02 -11.82
C TRP A 3382 -30.10 -1.73 -12.61
N SER A 3383 -31.15 -1.32 -13.31
CA SER A 3383 -31.15 -0.08 -14.10
C SER A 3383 -32.26 0.82 -13.60
N THR A 3384 -31.97 2.11 -13.47
CA THR A 3384 -32.89 3.06 -12.84
C THR A 3384 -33.84 3.72 -13.83
N SER A 3385 -33.29 4.43 -14.82
CA SER A 3385 -34.09 5.27 -15.71
C SER A 3385 -33.93 4.88 -17.17
N GLY A 3386 -32.73 4.50 -17.57
CA GLY A 3386 -32.56 3.96 -18.92
C GLY A 3386 -33.47 2.77 -19.15
N GLY A 3387 -33.57 1.89 -18.16
CA GLY A 3387 -34.63 0.92 -18.09
C GLY A 3387 -35.42 1.12 -16.81
N ALA A 3388 -35.93 0.04 -16.23
CA ALA A 3388 -36.56 0.13 -14.91
C ALA A 3388 -36.26 -1.10 -14.04
N ALA A 3389 -35.34 -1.96 -14.46
CA ALA A 3389 -35.15 -3.25 -13.79
C ALA A 3389 -33.80 -3.82 -14.21
N VAL A 3390 -33.62 -5.12 -13.94
CA VAL A 3390 -32.34 -5.78 -14.18
C VAL A 3390 -31.94 -5.70 -15.65
N SER A 3391 -30.62 -5.75 -15.88
CA SER A 3391 -30.05 -5.78 -17.22
C SER A 3391 -29.75 -7.22 -17.63
N THR A 3392 -29.12 -7.37 -18.80
CA THR A 3392 -28.70 -8.69 -19.28
C THR A 3392 -27.30 -8.74 -19.88
N ALA A 3393 -26.75 -7.62 -20.36
CA ALA A 3393 -25.43 -7.62 -20.95
C ALA A 3393 -24.95 -6.18 -21.10
N LEU A 3394 -23.67 -5.95 -20.84
CA LEU A 3394 -23.10 -4.61 -20.84
C LEU A 3394 -21.98 -4.51 -21.87
N THR A 3395 -21.40 -3.32 -21.95
CA THR A 3395 -20.27 -3.02 -22.81
C THR A 3395 -19.07 -2.63 -21.95
N ALA A 3396 -17.98 -2.26 -22.62
CA ALA A 3396 -16.81 -1.80 -21.89
C ALA A 3396 -17.09 -0.49 -21.16
N THR A 3397 -17.91 0.39 -21.74
CA THR A 3397 -18.15 1.69 -21.14
C THR A 3397 -19.04 1.58 -19.91
N GLU A 3398 -20.10 0.76 -19.99
CA GLU A 3398 -21.07 0.68 -18.91
C GLU A 3398 -20.53 -0.15 -17.74
N CYS A 3399 -19.97 -1.31 -18.04
CA CYS A 3399 -19.30 -2.17 -17.06
C CYS A 3399 -17.92 -1.64 -16.68
N GLY A 3400 -17.61 -0.41 -17.09
CA GLY A 3400 -16.39 0.26 -16.69
C GLY A 3400 -16.65 1.44 -15.78
N LYS A 3401 -17.93 1.72 -15.54
CA LYS A 3401 -18.35 2.62 -14.47
C LYS A 3401 -18.85 1.84 -13.26
N ILE A 3402 -18.65 0.52 -13.26
CA ILE A 3402 -19.00 -0.34 -12.13
C ILE A 3402 -17.76 -0.88 -11.45
N LEU A 3403 -16.77 -1.31 -12.23
CA LEU A 3403 -15.52 -1.84 -11.70
C LEU A 3403 -14.41 -1.60 -12.72
N SER A 3404 -13.23 -2.13 -12.45
CA SER A 3404 -12.11 -2.05 -13.36
C SER A 3404 -11.15 -3.19 -13.06
N VAL A 3405 -10.31 -3.49 -14.05
CA VAL A 3405 -9.23 -4.47 -13.89
C VAL A 3405 -7.91 -3.72 -14.02
N LYS A 3406 -7.07 -3.84 -13.01
CA LYS A 3406 -5.85 -3.06 -12.90
C LYS A 3406 -4.63 -3.91 -13.24
N ARG A 3407 -3.57 -3.24 -13.67
CA ARG A 3407 -2.29 -3.89 -13.95
C ARG A 3407 -1.21 -2.82 -13.78
N GLY A 3408 -0.54 -2.84 -12.64
CA GLY A 3408 0.45 -1.81 -12.39
C GLY A 3408 -0.21 -0.44 -12.35
N SER A 3409 0.36 0.50 -13.11
CA SER A 3409 -0.19 1.85 -13.19
C SER A 3409 -1.28 2.00 -14.24
N GLY A 3410 -1.49 0.99 -15.09
CA GLY A 3410 -2.44 1.06 -16.16
C GLY A 3410 -3.73 0.31 -15.86
N THR A 3411 -4.53 0.15 -16.91
CA THR A 3411 -5.79 -0.58 -16.84
C THR A 3411 -5.90 -1.50 -18.05
N VAL A 3412 -6.54 -2.64 -17.86
CA VAL A 3412 -6.76 -3.59 -18.94
C VAL A 3412 -8.05 -3.24 -19.67
N ALA A 3413 -8.07 -3.48 -20.98
CA ALA A 3413 -9.19 -3.12 -21.82
C ALA A 3413 -10.22 -4.25 -21.85
N LEU A 3414 -11.45 -3.94 -21.46
CA LEU A 3414 -12.52 -4.92 -21.42
C LEU A 3414 -13.08 -5.14 -22.82
N SER A 3415 -14.05 -6.05 -22.93
CA SER A 3415 -14.63 -6.38 -24.21
C SER A 3415 -15.50 -5.25 -24.73
N ALA A 3416 -15.52 -5.09 -26.05
CA ALA A 3416 -16.33 -4.03 -26.66
C ALA A 3416 -17.82 -4.29 -26.49
N SER A 3417 -18.22 -5.55 -26.35
CA SER A 3417 -19.61 -5.90 -26.12
C SER A 3417 -19.68 -7.14 -25.24
N GLY A 3418 -20.78 -7.25 -24.49
CA GLY A 3418 -20.95 -8.38 -23.59
C GLY A 3418 -19.86 -8.51 -22.54
N ALA A 3419 -19.41 -7.37 -22.01
CA ALA A 3419 -18.30 -7.37 -21.06
C ALA A 3419 -18.72 -7.86 -19.68
N CYS A 3420 -19.95 -7.57 -19.26
CA CYS A 3420 -20.45 -7.93 -17.94
C CYS A 3420 -21.69 -8.79 -18.08
N SER A 3421 -21.73 -9.90 -17.34
CA SER A 3421 -22.90 -10.77 -17.33
C SER A 3421 -23.25 -11.14 -15.90
N LEU A 3422 -24.54 -11.15 -15.60
CA LEU A 3422 -25.06 -11.50 -14.29
C LEU A 3422 -26.55 -11.77 -14.41
N SER A 3423 -27.02 -12.84 -13.78
CA SER A 3423 -28.38 -13.30 -14.01
C SER A 3423 -29.39 -12.24 -13.59
N SER A 3424 -30.61 -12.38 -14.10
CA SER A 3424 -31.71 -11.50 -13.71
C SER A 3424 -32.50 -12.07 -12.54
N SER A 3425 -32.52 -13.39 -12.39
CA SER A 3425 -33.19 -14.04 -11.26
C SER A 3425 -32.34 -14.03 -10.00
N GLY A 3426 -31.05 -13.73 -10.10
CA GLY A 3426 -30.17 -13.68 -8.95
C GLY A 3426 -29.01 -14.64 -9.05
N SER A 3427 -27.79 -14.12 -8.95
CA SER A 3427 -26.59 -14.94 -9.10
C SER A 3427 -25.56 -14.51 -8.07
N THR A 3428 -24.60 -15.40 -7.83
CA THR A 3428 -23.47 -15.14 -6.95
C THR A 3428 -22.16 -14.99 -7.71
N THR A 3429 -22.14 -15.31 -9.00
CA THR A 3429 -20.96 -15.15 -9.84
C THR A 3429 -21.25 -14.09 -10.90
N LEU A 3430 -20.28 -13.19 -11.09
CA LEU A 3430 -20.37 -12.13 -12.10
C LEU A 3430 -19.18 -12.24 -13.03
N THR A 3431 -19.44 -12.39 -14.31
CA THR A 3431 -18.40 -12.67 -15.31
C THR A 3431 -17.97 -11.39 -16.00
N VAL A 3432 -16.66 -11.24 -16.16
CA VAL A 3432 -16.06 -10.13 -16.88
C VAL A 3432 -15.20 -10.70 -18.00
N THR A 3433 -15.38 -10.20 -19.21
CA THR A 3433 -14.62 -10.64 -20.37
C THR A 3433 -13.65 -9.55 -20.80
N LEU A 3434 -12.43 -9.96 -21.13
CA LEU A 3434 -11.40 -9.04 -21.58
C LEU A 3434 -11.50 -8.82 -23.08
N ALA A 3435 -10.63 -7.95 -23.60
CA ALA A 3435 -10.55 -7.70 -25.02
C ALA A 3435 -9.93 -8.90 -25.74
N SER A 3436 -10.21 -9.01 -27.04
CA SER A 3436 -9.69 -10.12 -27.81
C SER A 3436 -8.16 -10.07 -27.89
N ASP A 3437 -7.56 -8.90 -27.78
CA ASP A 3437 -6.13 -8.73 -27.92
C ASP A 3437 -5.41 -8.56 -26.59
N GLN A 3438 -6.06 -8.92 -25.47
CA GLN A 3438 -5.44 -8.89 -24.15
C GLN A 3438 -5.60 -10.25 -23.49
N VAL A 3439 -4.81 -10.48 -22.44
CA VAL A 3439 -4.79 -11.77 -21.75
C VAL A 3439 -4.38 -11.57 -20.30
N PHE A 3440 -4.85 -12.48 -19.45
CA PHE A 3440 -4.60 -12.38 -18.02
C PHE A 3440 -3.18 -12.78 -17.67
N GLN A 3441 -2.58 -12.06 -16.72
CA GLN A 3441 -1.22 -12.32 -16.27
C GLN A 3441 -1.18 -12.16 -14.76
N ALA A 3442 -0.14 -12.75 -14.15
CA ALA A 3442 -0.01 -12.74 -12.71
C ALA A 3442 0.13 -11.30 -12.20
N GLY A 3443 -0.47 -11.03 -11.04
CA GLY A 3443 -0.41 -9.71 -10.45
C GLY A 3443 -1.52 -8.78 -10.88
N ASP A 3444 -2.60 -9.29 -11.46
CA ASP A 3444 -3.72 -8.44 -11.86
C ASP A 3444 -4.71 -8.30 -10.72
N LYS A 3445 -5.37 -7.14 -10.68
CA LYS A 3445 -6.26 -6.81 -9.59
C LYS A 3445 -7.63 -6.41 -10.13
N ILE A 3446 -8.58 -6.24 -9.22
CA ILE A 3446 -9.94 -5.87 -9.56
C ILE A 3446 -10.60 -5.30 -8.31
N ASN A 3447 -11.49 -4.33 -8.52
CA ASN A 3447 -12.19 -3.69 -7.40
C ASN A 3447 -13.44 -3.01 -7.91
N ILE A 3448 -14.40 -2.83 -7.02
CA ILE A 3448 -15.59 -2.03 -7.33
C ILE A 3448 -15.23 -0.56 -7.22
N LEU A 3449 -15.54 0.21 -8.25
CA LEU A 3449 -15.27 1.64 -8.25
C LEU A 3449 -16.29 2.39 -7.41
N ALA A 3450 -15.93 3.61 -7.00
CA ALA A 3450 -16.86 4.44 -6.26
C ALA A 3450 -18.00 4.94 -7.13
N SER A 3451 -17.82 4.98 -8.45
CA SER A 3451 -18.86 5.47 -9.34
C SER A 3451 -20.09 4.59 -9.34
N ASN A 3452 -19.98 3.37 -8.82
CA ASN A 3452 -21.15 2.49 -8.77
C ASN A 3452 -22.25 3.08 -7.90
N THR A 3453 -21.88 3.85 -6.88
CA THR A 3453 -22.85 4.45 -5.97
C THR A 3453 -23.41 5.78 -6.49
N ASP A 3454 -22.93 6.26 -7.63
CA ASP A 3454 -23.35 7.55 -8.17
C ASP A 3454 -24.60 7.33 -9.01
N SER A 3455 -25.76 7.46 -8.37
CA SER A 3455 -27.02 7.25 -9.08
C SER A 3455 -27.30 8.32 -10.12
N ALA A 3456 -26.75 9.52 -9.96
CA ALA A 3456 -26.98 10.58 -10.93
C ALA A 3456 -26.40 10.25 -12.29
N ASN A 3457 -25.38 9.40 -12.36
CA ASN A 3457 -24.74 9.05 -13.63
C ASN A 3457 -24.87 7.58 -13.98
N THR A 3458 -24.42 6.67 -13.13
CA THR A 3458 -24.35 5.25 -13.47
C THR A 3458 -25.76 4.68 -13.46
N ASP A 3459 -26.37 4.62 -14.64
CA ASP A 3459 -27.74 4.12 -14.74
C ASP A 3459 -27.82 2.65 -14.36
N LYS A 3460 -26.84 1.86 -14.78
CA LYS A 3460 -26.79 0.43 -14.49
C LYS A 3460 -25.69 0.17 -13.48
N TYR A 3461 -26.03 -0.51 -12.39
CA TYR A 3461 -25.11 -0.64 -11.26
C TYR A 3461 -25.39 -1.95 -10.53
N LEU A 3462 -24.39 -2.38 -9.76
CA LEU A 3462 -24.37 -3.69 -9.11
C LEU A 3462 -24.94 -3.57 -7.70
N VAL A 3463 -26.03 -4.29 -7.44
CA VAL A 3463 -26.76 -4.18 -6.19
C VAL A 3463 -27.10 -5.57 -5.67
N ALA A 3464 -27.30 -5.66 -4.36
CA ALA A 3464 -27.65 -6.90 -3.69
C ALA A 3464 -29.15 -7.15 -3.76
N THR A 3465 -29.55 -8.33 -3.28
CA THR A 3465 -30.92 -8.83 -3.37
C THR A 3465 -31.47 -8.70 -4.79
N THR A 3466 -32.65 -9.26 -5.03
CA THR A 3466 -33.29 -9.16 -6.34
C THR A 3466 -34.23 -7.96 -6.39
N SER A 3467 -33.63 -6.78 -6.19
CA SER A 3467 -34.37 -5.53 -6.12
C SER A 3467 -33.37 -4.40 -5.98
N SER A 3468 -33.86 -3.17 -6.17
CA SER A 3468 -33.07 -1.97 -5.95
C SER A 3468 -33.16 -1.45 -4.53
N SER A 3469 -34.04 -2.04 -3.71
CA SER A 3469 -34.14 -1.66 -2.31
C SER A 3469 -32.97 -2.15 -1.49
N GLY A 3470 -32.10 -2.99 -2.05
CA GLY A 3470 -30.92 -3.45 -1.37
C GLY A 3470 -29.73 -2.53 -1.56
N GLN A 3471 -28.63 -2.91 -0.92
CA GLN A 3471 -27.43 -2.09 -0.90
C GLN A 3471 -26.61 -2.26 -2.16
N ALA A 3472 -25.85 -1.22 -2.49
CA ALA A 3472 -24.94 -1.25 -3.62
C ALA A 3472 -23.56 -1.77 -3.17
N TYR A 3473 -22.65 -1.86 -4.13
CA TYR A 3473 -21.33 -2.43 -3.90
C TYR A 3473 -20.27 -1.34 -3.88
N ILE A 3474 -19.36 -1.43 -2.92
CA ILE A 3474 -18.38 -0.40 -2.64
C ILE A 3474 -16.99 -1.01 -2.65
N ALA A 3475 -15.98 -0.16 -2.83
CA ALA A 3475 -14.61 -0.61 -2.94
C ALA A 3475 -14.13 -1.33 -1.69
N ARG A 3476 -13.33 -2.37 -1.90
CA ARG A 3476 -12.66 -3.08 -0.82
C ARG A 3476 -11.45 -2.29 -0.35
N SER A 3477 -11.06 -2.54 0.91
CA SER A 3477 -9.92 -1.82 1.49
C SER A 3477 -8.62 -2.15 0.76
N SER A 3478 -8.56 -3.31 0.12
CA SER A 3478 -7.38 -3.72 -0.65
C SER A 3478 -7.84 -4.33 -1.97
N ASP A 3479 -7.14 -4.00 -3.04
CA ASP A 3479 -7.48 -4.51 -4.35
C ASP A 3479 -7.37 -6.03 -4.37
N VAL A 3480 -8.39 -6.70 -4.90
CA VAL A 3480 -8.43 -8.15 -4.95
C VAL A 3480 -7.55 -8.62 -6.10
N VAL A 3481 -6.58 -9.48 -5.79
CA VAL A 3481 -5.67 -10.03 -6.79
C VAL A 3481 -6.27 -11.33 -7.32
N ILE A 3482 -6.23 -11.50 -8.64
CA ILE A 3482 -6.92 -12.61 -9.29
C ILE A 3482 -6.04 -13.85 -9.20
N ALA A 3483 -6.67 -15.00 -8.92
CA ALA A 3483 -5.96 -16.26 -8.79
C ALA A 3483 -6.00 -17.02 -10.12
N PRO A 3484 -4.87 -17.51 -10.62
CA PRO A 3484 -4.92 -18.41 -11.79
C PRO A 3484 -5.79 -19.62 -11.50
N GLY A 3485 -6.57 -20.04 -12.49
CA GLY A 3485 -7.46 -21.16 -12.31
C GLY A 3485 -7.48 -22.12 -13.49
N PHE A 3486 -6.45 -22.07 -14.33
CA PHE A 3486 -6.39 -22.92 -15.51
C PHE A 3486 -4.94 -23.24 -15.83
N ILE A 3487 -4.74 -24.38 -16.49
CA ILE A 3487 -3.42 -24.83 -16.92
C ILE A 3487 -3.49 -25.12 -18.41
N ASN A 3488 -2.33 -25.05 -19.07
CA ASN A 3488 -2.31 -25.15 -20.53
C ASN A 3488 -2.37 -26.60 -20.99
N ALA A 3489 -1.36 -27.39 -20.66
CA ALA A 3489 -1.27 -28.76 -21.18
C ALA A 3489 -0.45 -29.63 -20.25
N ALA A 3490 -0.67 -30.94 -20.35
CA ALA A 3490 0.04 -31.93 -19.56
C ALA A 3490 0.87 -32.83 -20.46
N TYR A 3491 2.16 -32.96 -20.15
CA TYR A 3491 3.08 -33.80 -20.92
C TYR A 3491 3.62 -34.93 -20.05
N ALA A 3492 3.96 -36.03 -20.70
CA ALA A 3492 4.63 -37.16 -20.05
C ALA A 3492 6.07 -37.21 -20.55
N VAL A 3493 6.95 -36.44 -19.90
CA VAL A 3493 8.32 -36.28 -20.34
C VAL A 3493 9.17 -37.51 -19.96
N GLY A 3494 8.61 -38.43 -19.21
CA GLY A 3494 9.29 -39.66 -18.86
C GLY A 3494 8.29 -40.68 -18.38
N PRO A 3495 8.75 -41.90 -18.12
CA PRO A 3495 7.85 -42.91 -17.55
C PRO A 3495 7.31 -42.53 -16.19
N ASN A 3496 8.06 -41.73 -15.41
CA ASN A 3496 7.63 -41.33 -14.08
C ASN A 3496 7.82 -39.83 -13.84
N THR A 3497 7.94 -39.02 -14.88
CA THR A 3497 8.07 -37.57 -14.74
C THR A 3497 7.13 -36.88 -15.71
N LEU A 3498 6.45 -35.84 -15.24
CA LEU A 3498 5.52 -35.05 -16.04
C LEU A 3498 5.96 -33.60 -16.06
N SER A 3499 5.37 -32.84 -17.00
CA SER A 3499 5.66 -31.41 -17.14
C SER A 3499 4.40 -30.71 -17.60
N VAL A 3500 3.98 -29.70 -16.83
CA VAL A 3500 2.72 -29.00 -17.07
C VAL A 3500 3.03 -27.56 -17.41
N ALA A 3501 2.45 -27.08 -18.51
CA ALA A 3501 2.62 -25.69 -18.91
C ALA A 3501 1.77 -24.79 -18.03
N LEU A 3502 2.41 -23.77 -17.42
CA LEU A 3502 1.75 -22.85 -16.51
C LEU A 3502 1.53 -21.52 -17.21
N PRO A 3503 0.31 -20.97 -17.22
CA PRO A 3503 0.03 -19.81 -18.08
C PRO A 3503 0.80 -18.55 -17.73
N VAL A 3504 1.30 -18.40 -16.51
CA VAL A 3504 1.93 -17.16 -16.06
C VAL A 3504 3.20 -17.49 -15.29
N VAL A 3505 3.92 -16.43 -14.91
CA VAL A 3505 5.03 -16.59 -13.98
C VAL A 3505 4.56 -17.37 -12.76
N SER A 3506 5.44 -18.16 -12.19
CA SER A 3506 5.06 -19.03 -11.09
C SER A 3506 6.26 -19.29 -10.19
N SER A 3507 5.97 -19.80 -9.00
CA SER A 3507 6.99 -20.18 -8.03
C SER A 3507 6.38 -21.20 -7.09
N ILE A 3508 7.23 -21.83 -6.29
CA ILE A 3508 6.78 -22.85 -5.34
C ILE A 3508 7.76 -22.93 -4.19
N ALA A 3509 7.25 -23.34 -3.03
CA ALA A 3509 8.08 -23.49 -1.85
C ALA A 3509 8.99 -24.70 -1.97
N THR A 3510 9.98 -24.76 -1.09
CA THR A 3510 10.96 -25.84 -1.10
C THR A 3510 10.52 -27.06 -0.31
N ASP A 3511 9.66 -26.89 0.69
CA ASP A 3511 9.24 -27.98 1.56
C ASP A 3511 7.80 -28.41 1.28
N ASN A 3512 7.28 -28.12 0.09
CA ASN A 3512 5.92 -28.48 -0.24
C ASN A 3512 5.78 -29.98 -0.45
N ASP A 3513 4.59 -30.49 -0.17
CA ASP A 3513 4.21 -31.87 -0.49
C ASP A 3513 3.36 -31.82 -1.75
N CYS A 3514 3.90 -32.34 -2.85
CA CYS A 3514 3.27 -32.16 -4.15
C CYS A 3514 1.91 -32.83 -4.24
N SER A 3515 1.55 -33.68 -3.28
CA SER A 3515 0.25 -34.33 -3.29
C SER A 3515 -0.90 -33.35 -3.00
N THR A 3516 -0.59 -32.13 -2.57
CA THR A 3516 -1.60 -31.09 -2.37
C THR A 3516 -1.58 -30.05 -3.48
N VAL A 3517 -0.88 -30.31 -4.58
CA VAL A 3517 -0.81 -29.38 -5.70
C VAL A 3517 -1.48 -29.93 -6.94
N VAL A 3518 -1.55 -31.25 -7.11
CA VAL A 3518 -2.06 -31.87 -8.32
C VAL A 3518 -2.78 -33.16 -7.95
N THR A 3519 -3.32 -33.82 -8.97
CA THR A 3519 -3.97 -35.11 -8.81
C THR A 3519 -3.98 -35.81 -10.16
N VAL A 3520 -3.39 -37.00 -10.23
CA VAL A 3520 -3.36 -37.80 -11.44
C VAL A 3520 -4.38 -38.92 -11.28
N ARG A 3521 -5.20 -39.13 -12.29
CA ARG A 3521 -6.20 -40.20 -12.26
C ARG A 3521 -6.47 -40.66 -13.68
N ALA A 3522 -7.37 -41.61 -13.80
CA ALA A 3522 -7.77 -42.14 -15.11
C ALA A 3522 -9.08 -41.47 -15.54
N SER A 3523 -9.08 -40.94 -16.77
CA SER A 3523 -10.31 -40.34 -17.29
C SER A 3523 -11.43 -41.35 -17.35
N ALA A 3524 -11.11 -42.62 -17.56
CA ALA A 3524 -12.08 -43.70 -17.46
C ALA A 3524 -12.35 -43.95 -15.98
N THR A 3525 -13.46 -43.40 -15.48
CA THR A 3525 -13.86 -43.49 -14.08
C THR A 3525 -12.86 -42.75 -13.19
N PRO A 3526 -13.31 -42.10 -12.11
CA PRO A 3526 -12.40 -41.29 -11.30
C PRO A 3526 -11.54 -42.07 -10.33
N THR A 3527 -11.47 -43.40 -10.45
CA THR A 3527 -10.69 -44.23 -9.56
C THR A 3527 -9.25 -44.35 -10.07
N THR A 3528 -8.44 -45.13 -9.36
CA THR A 3528 -7.09 -45.49 -9.79
C THR A 3528 -6.24 -44.24 -10.02
N THR A 3529 -6.03 -43.52 -8.93
CA THR A 3529 -5.05 -42.44 -8.91
C THR A 3529 -3.64 -43.00 -8.91
N ARG A 3530 -2.72 -42.25 -9.50
CA ARG A 3530 -1.30 -42.54 -9.41
C ARG A 3530 -0.67 -41.71 -8.30
N THR A 3531 0.38 -42.26 -7.69
CA THR A 3531 0.96 -41.67 -6.49
C THR A 3531 1.93 -40.56 -6.87
N VAL A 3532 1.70 -39.36 -6.35
CA VAL A 3532 2.58 -38.22 -6.55
C VAL A 3532 3.51 -38.11 -5.34
N SER A 3533 4.81 -38.06 -5.59
CA SER A 3533 5.80 -38.10 -4.53
C SER A 3533 6.85 -37.02 -4.73
N GLY A 3534 7.32 -36.47 -3.62
CA GLY A 3534 8.40 -35.51 -3.64
C GLY A 3534 7.92 -34.09 -3.86
N ALA A 3535 8.79 -33.15 -3.53
CA ALA A 3535 8.50 -31.73 -3.71
C ALA A 3535 8.74 -31.36 -5.18
N CYS A 3536 7.67 -31.09 -5.90
CA CYS A 3536 7.78 -30.66 -7.28
C CYS A 3536 8.34 -29.23 -7.36
N THR A 3537 8.97 -28.92 -8.49
CA THR A 3537 9.67 -27.65 -8.65
C THR A 3537 9.36 -27.07 -10.02
N VAL A 3538 9.56 -25.76 -10.15
CA VAL A 3538 9.19 -25.00 -11.34
C VAL A 3538 10.45 -24.49 -12.02
N ALA A 3539 10.58 -24.76 -13.31
CA ALA A 3539 11.70 -24.29 -14.12
C ALA A 3539 11.16 -23.57 -15.36
N SER A 3540 11.93 -22.60 -15.85
CA SER A 3540 11.46 -21.70 -16.89
C SER A 3540 12.42 -21.68 -18.06
N ASP A 3541 11.86 -21.48 -19.25
CA ASP A 3541 12.63 -21.34 -20.48
C ASP A 3541 11.85 -20.42 -21.42
N ALA A 3542 12.20 -20.44 -22.71
CA ALA A 3542 11.59 -19.51 -23.66
C ALA A 3542 10.09 -19.72 -23.78
N THR A 3543 9.64 -20.98 -23.85
CA THR A 3543 8.22 -21.25 -24.04
C THR A 3543 7.38 -20.87 -22.83
N GLY A 3544 7.96 -20.78 -21.64
CA GLY A 3544 7.23 -20.34 -20.47
C GLY A 3544 7.67 -21.09 -19.24
N TYR A 3545 6.82 -21.03 -18.21
CA TYR A 3545 7.10 -21.63 -16.90
C TYR A 3545 6.42 -22.98 -16.80
N TYR A 3546 7.16 -23.97 -16.29
CA TYR A 3546 6.72 -25.36 -16.26
C TYR A 3546 6.81 -25.92 -14.86
N LEU A 3547 5.94 -26.87 -14.57
CA LEU A 3547 5.94 -27.60 -13.31
C LEU A 3547 6.48 -29.00 -13.56
N VAL A 3548 7.46 -29.41 -12.75
CA VAL A 3548 8.12 -30.70 -12.91
C VAL A 3548 7.58 -31.60 -11.80
N VAL A 3549 6.60 -32.43 -12.15
CA VAL A 3549 5.93 -33.30 -11.20
C VAL A 3549 6.54 -34.68 -11.29
N THR A 3550 6.48 -35.42 -10.19
CA THR A 3550 7.11 -36.72 -10.08
C THR A 3550 6.12 -37.77 -9.61
N LEU A 3551 6.29 -38.98 -10.10
CA LEU A 3551 5.54 -40.14 -9.63
C LEU A 3551 6.45 -41.06 -8.82
N ALA A 3552 5.85 -41.83 -7.92
CA ALA A 3552 6.57 -42.86 -7.21
C ALA A 3552 6.99 -43.96 -8.16
N ALA A 3553 8.12 -44.60 -7.85
CA ALA A 3553 8.67 -45.61 -8.74
C ALA A 3553 7.71 -46.77 -8.97
N GLY A 3554 6.75 -46.97 -8.07
CA GLY A 3554 5.82 -48.09 -8.22
C GLY A 3554 4.66 -47.84 -9.16
N THR A 3555 4.36 -46.58 -9.47
CA THR A 3555 3.23 -46.22 -10.33
C THR A 3555 3.75 -45.41 -11.51
N PRO A 3556 4.01 -46.04 -12.64
CA PRO A 3556 4.37 -45.30 -13.86
C PRO A 3556 3.13 -44.72 -14.53
N PHE A 3557 3.38 -44.00 -15.62
CA PHE A 3557 2.31 -43.32 -16.35
C PHE A 3557 1.58 -44.27 -17.28
N VAL A 3558 0.26 -44.05 -17.43
CA VAL A 3558 -0.58 -44.82 -18.32
C VAL A 3558 -1.33 -43.87 -19.23
N SER A 3559 -1.60 -44.31 -20.46
CA SER A 3559 -2.24 -43.46 -21.45
C SER A 3559 -3.67 -43.14 -21.06
N GLY A 3560 -4.06 -41.87 -21.28
CA GLY A 3560 -5.41 -41.42 -21.01
C GLY A 3560 -5.61 -40.77 -19.66
N ASP A 3561 -4.60 -40.76 -18.79
CA ASP A 3561 -4.74 -40.13 -17.50
C ASP A 3561 -4.75 -38.61 -17.64
N GLU A 3562 -5.20 -37.94 -16.59
CA GLU A 3562 -5.38 -36.49 -16.59
C GLU A 3562 -4.91 -35.90 -15.27
N VAL A 3563 -4.46 -34.66 -15.34
CA VAL A 3563 -3.96 -33.91 -14.19
C VAL A 3563 -4.91 -32.75 -13.93
N LEU A 3564 -5.39 -32.63 -12.70
CA LEU A 3564 -6.25 -31.53 -12.31
C LEU A 3564 -5.77 -30.94 -11.00
N ILE A 3565 -5.93 -29.61 -10.88
CA ILE A 3565 -5.55 -28.93 -9.65
C ILE A 3565 -6.43 -29.43 -8.52
N LYS A 3566 -5.82 -29.72 -7.38
CA LYS A 3566 -6.54 -30.30 -6.26
C LYS A 3566 -7.08 -29.22 -5.34
N SER A 3567 -8.33 -29.39 -4.92
CA SER A 3567 -8.94 -28.47 -3.97
C SER A 3567 -8.11 -28.39 -2.70
N GLY A 3568 -7.81 -27.17 -2.28
CA GLY A 3568 -7.02 -26.94 -1.09
C GLY A 3568 -5.54 -26.68 -1.32
N ASN A 3569 -5.12 -26.45 -2.56
CA ASN A 3569 -3.72 -26.15 -2.82
C ASN A 3569 -3.32 -24.85 -2.14
N THR A 3570 -2.10 -24.82 -1.61
CA THR A 3570 -1.54 -23.60 -1.05
C THR A 3570 -0.09 -23.35 -1.41
N ALA A 3571 0.64 -24.33 -1.94
CA ALA A 3571 2.07 -24.18 -2.15
C ALA A 3571 2.40 -23.54 -3.49
N LEU A 3572 1.76 -23.99 -4.57
CA LEU A 3572 2.04 -23.47 -5.90
C LEU A 3572 1.33 -22.14 -6.09
N VAL A 3573 2.10 -21.09 -6.34
CA VAL A 3573 1.56 -19.74 -6.44
C VAL A 3573 2.07 -19.09 -7.72
N GLY A 3574 1.22 -18.25 -8.30
CA GLY A 3574 1.64 -17.29 -9.31
C GLY A 3574 1.91 -16.00 -8.57
N SER A 3575 0.98 -15.05 -8.66
CA SER A 3575 0.93 -14.00 -7.64
C SER A 3575 0.40 -14.55 -6.33
N ILE A 3576 -0.68 -15.34 -6.39
CA ILE A 3576 -1.26 -16.01 -5.23
C ILE A 3576 -1.64 -17.43 -5.66
N ALA A 3577 -2.17 -18.20 -4.71
CA ALA A 3577 -2.39 -19.61 -4.93
C ALA A 3577 -3.36 -19.87 -6.08
N TYR A 3578 -3.39 -21.12 -6.52
CA TYR A 3578 -4.25 -21.53 -7.62
C TYR A 3578 -5.63 -21.88 -7.13
N ALA A 3579 -6.64 -21.42 -7.86
CA ALA A 3579 -8.00 -21.87 -7.64
C ALA A 3579 -8.15 -23.30 -8.14
N SER A 3580 -9.37 -23.81 -8.11
CA SER A 3580 -9.65 -25.16 -8.59
C SER A 3580 -11.09 -25.23 -9.04
N GLY A 3581 -11.42 -26.30 -9.76
CA GLY A 3581 -12.78 -26.59 -10.16
C GLY A 3581 -13.21 -26.01 -11.48
N ALA A 3582 -12.38 -25.18 -12.11
CA ALA A 3582 -12.69 -24.68 -13.44
C ALA A 3582 -12.35 -25.74 -14.50
N ALA A 3583 -13.04 -25.66 -15.64
CA ALA A 3583 -12.82 -26.63 -16.70
C ALA A 3583 -11.42 -26.55 -17.28
N GLY A 3584 -10.71 -25.44 -17.09
CA GLY A 3584 -9.35 -25.32 -17.57
C GLY A 3584 -8.30 -25.97 -16.69
N ALA A 3585 -8.66 -26.35 -15.47
CA ALA A 3585 -7.71 -26.97 -14.57
C ALA A 3585 -7.43 -28.43 -14.90
N THR A 3586 -8.29 -29.07 -15.68
CA THR A 3586 -8.14 -30.48 -16.05
C THR A 3586 -7.62 -30.57 -17.47
N LYS A 3587 -6.56 -31.36 -17.67
CA LYS A 3587 -5.91 -31.48 -18.96
C LYS A 3587 -5.45 -32.92 -19.20
N PRO A 3588 -5.78 -33.52 -20.34
CA PRO A 3588 -5.28 -34.87 -20.62
C PRO A 3588 -3.79 -34.89 -20.91
N ILE A 3589 -3.15 -35.98 -20.52
CA ILE A 3589 -1.70 -36.12 -20.61
C ILE A 3589 -1.36 -36.88 -21.88
N TYR A 3590 -0.40 -36.36 -22.65
CA TYR A 3590 0.02 -36.96 -23.90
C TYR A 3590 1.53 -37.15 -23.90
N ALA A 3591 1.99 -38.13 -24.67
CA ALA A 3591 3.31 -38.70 -24.50
C ALA A 3591 4.36 -37.99 -25.35
N ASN A 3592 5.58 -37.98 -24.83
CA ASN A 3592 6.77 -37.63 -25.60
C ASN A 3592 7.79 -38.74 -25.40
N PHE A 3593 9.04 -38.53 -25.82
CA PHE A 3593 10.06 -39.58 -25.69
C PHE A 3593 10.99 -39.28 -24.53
N ASP A 3594 11.43 -40.35 -23.86
CA ASP A 3594 12.18 -40.22 -22.62
C ASP A 3594 13.55 -39.61 -22.84
N ASP A 3595 14.32 -40.13 -23.81
CA ASP A 3595 15.69 -39.66 -24.01
C ASP A 3595 16.14 -39.95 -25.43
N ALA A 3596 17.34 -39.50 -25.76
CA ALA A 3596 17.96 -39.74 -27.06
C ALA A 3596 19.47 -39.67 -26.91
N ILE A 3597 20.16 -40.75 -27.24
CA ILE A 3597 21.60 -40.88 -27.00
C ILE A 3597 22.26 -41.35 -28.29
N LEU A 3598 23.55 -41.03 -28.44
CA LEU A 3598 24.36 -41.52 -29.56
C LEU A 3598 25.21 -42.67 -29.06
N THR A 3599 24.68 -43.90 -29.20
CA THR A 3599 25.37 -45.07 -28.68
C THR A 3599 26.60 -45.43 -29.50
N ALA A 3600 26.59 -45.12 -30.80
CA ALA A 3600 27.68 -45.54 -31.68
C ALA A 3600 27.98 -44.41 -32.68
N PRO A 3601 28.99 -44.58 -33.54
CA PRO A 3601 29.28 -43.52 -34.52
C PRO A 3601 28.11 -43.22 -35.43
N THR A 3602 27.23 -44.19 -35.69
CA THR A 3602 26.07 -43.99 -36.54
C THR A 3602 24.80 -44.53 -35.91
N THR A 3603 24.72 -44.59 -34.59
CA THR A 3603 23.59 -45.18 -33.89
C THR A 3603 23.09 -44.24 -32.81
N VAL A 3604 21.78 -44.02 -32.79
CA VAL A 3604 21.12 -43.17 -31.80
C VAL A 3604 19.97 -43.96 -31.21
N LEU A 3605 19.96 -44.13 -29.90
CA LEU A 3605 18.92 -44.87 -29.20
C LEU A 3605 17.99 -43.88 -28.50
N VAL A 3606 16.70 -43.98 -28.81
CA VAL A 3606 15.69 -43.10 -28.24
C VAL A 3606 14.78 -43.95 -27.35
N THR A 3607 14.87 -43.73 -26.04
CA THR A 3607 14.02 -44.42 -25.08
C THR A 3607 12.66 -43.73 -25.02
N MET A 3608 11.61 -44.52 -24.81
CA MET A 3608 10.25 -44.03 -24.93
C MET A 3608 9.55 -44.06 -23.58
N ALA A 3609 8.64 -43.10 -23.37
CA ALA A 3609 7.93 -42.93 -22.11
C ALA A 3609 6.85 -44.00 -21.89
N ALA A 3610 6.70 -44.97 -22.79
CA ALA A 3610 5.80 -46.08 -22.57
C ALA A 3610 5.94 -47.05 -23.74
N VAL A 3611 5.37 -48.23 -23.57
CA VAL A 3611 5.39 -49.24 -24.63
C VAL A 3611 4.64 -48.68 -25.83
N THR A 3612 5.28 -48.74 -27.00
CA THR A 3612 4.80 -48.05 -28.20
C THR A 3612 4.40 -49.05 -29.28
N THR A 3613 3.32 -48.74 -29.98
CA THR A 3613 2.86 -49.52 -31.13
C THR A 3613 3.14 -48.70 -32.38
N VAL A 3614 4.31 -48.92 -32.99
CA VAL A 3614 4.70 -48.25 -34.22
C VAL A 3614 5.11 -49.30 -35.23
N SER A 3615 4.89 -48.99 -36.51
CA SER A 3615 5.31 -49.83 -37.62
C SER A 3615 6.25 -49.04 -38.49
N PHE A 3616 7.51 -49.49 -38.56
CA PHE A 3616 8.52 -48.88 -39.42
C PHE A 3616 8.86 -49.85 -40.54
N THR A 3617 8.88 -49.34 -41.77
CA THR A 3617 9.25 -50.15 -42.94
C THR A 3617 10.21 -49.46 -43.90
N SER A 3618 10.28 -48.14 -43.92
CA SER A 3618 11.08 -47.45 -44.92
C SER A 3618 11.42 -46.05 -44.40
N LYS A 3619 12.36 -45.41 -45.10
CA LYS A 3619 12.83 -44.09 -44.68
C LYS A 3619 11.68 -43.10 -44.55
N ALA A 3620 10.62 -43.28 -45.32
CA ALA A 3620 9.46 -42.40 -45.19
C ALA A 3620 8.86 -42.46 -43.79
N ASP A 3621 8.77 -43.66 -43.22
CA ASP A 3621 8.20 -43.78 -41.87
C ASP A 3621 9.05 -43.04 -40.85
N CYS A 3622 10.38 -43.18 -40.93
CA CYS A 3622 11.25 -42.50 -39.98
C CYS A 3622 11.08 -40.98 -40.05
N ASP A 3623 11.05 -40.43 -41.27
CA ASP A 3623 10.85 -39.00 -41.43
C ASP A 3623 9.44 -38.57 -41.03
N ALA A 3624 8.49 -39.50 -41.00
CA ALA A 3624 7.13 -39.14 -40.60
C ALA A 3624 7.06 -38.83 -39.11
N VAL A 3625 7.79 -39.57 -38.29
CA VAL A 3625 7.71 -39.42 -36.84
C VAL A 3625 8.78 -38.46 -36.33
N PHE A 3626 10.03 -38.67 -36.72
CA PHE A 3626 11.17 -37.97 -36.13
C PHE A 3626 11.71 -36.93 -37.08
N VAL A 3627 11.89 -35.71 -36.59
CA VAL A 3627 12.47 -34.60 -37.34
C VAL A 3627 13.74 -34.17 -36.62
N PHE A 3628 14.83 -34.08 -37.35
CA PHE A 3628 16.10 -33.66 -36.80
C PHE A 3628 16.25 -32.15 -36.93
N SER A 3629 17.25 -31.61 -36.25
CA SER A 3629 17.55 -30.18 -36.32
C SER A 3629 18.94 -29.95 -35.75
N GLY A 3630 19.37 -28.68 -35.77
CA GLY A 3630 20.70 -28.32 -35.38
C GLY A 3630 20.73 -27.42 -34.16
N ALA A 3631 21.96 -27.07 -33.77
CA ALA A 3631 22.17 -26.22 -32.61
C ALA A 3631 21.78 -24.78 -32.91
N GLY A 3632 21.10 -24.15 -31.96
CA GLY A 3632 20.60 -22.81 -32.16
C GLY A 3632 19.26 -22.73 -32.85
N ASN A 3633 18.51 -23.83 -32.89
CA ASN A 3633 17.19 -23.92 -33.50
C ASN A 3633 17.25 -23.87 -35.03
N THR A 3634 18.44 -23.87 -35.62
CA THR A 3634 18.54 -23.78 -37.06
C THR A 3634 18.04 -25.06 -37.73
N THR A 3635 17.84 -24.98 -39.04
CA THR A 3635 17.20 -26.04 -39.80
C THR A 3635 18.18 -26.63 -40.80
N LYS A 3636 18.21 -27.96 -40.89
CA LYS A 3636 19.05 -28.65 -41.85
C LYS A 3636 18.33 -28.79 -43.18
N THR A 3637 19.13 -28.78 -44.25
CA THR A 3637 18.56 -28.86 -45.59
C THR A 3637 18.06 -30.26 -45.94
N THR A 3638 18.75 -31.30 -45.46
CA THR A 3638 18.42 -32.68 -45.80
C THR A 3638 18.32 -33.51 -44.53
N SER A 3639 17.53 -34.58 -44.60
CA SER A 3639 17.38 -35.47 -43.45
C SER A 3639 18.60 -36.38 -43.34
N PRO A 3640 19.04 -36.70 -42.11
CA PRO A 3640 20.18 -37.60 -41.93
C PRO A 3640 19.85 -39.06 -41.70
N ILE A 3641 18.59 -39.44 -41.76
CA ILE A 3641 18.16 -40.77 -41.32
C ILE A 3641 18.27 -41.76 -42.47
N ALA A 3642 18.48 -43.02 -42.12
CA ALA A 3642 18.46 -44.12 -43.09
C ALA A 3642 17.33 -45.09 -42.82
N SER A 3643 17.27 -45.68 -41.63
CA SER A 3643 16.22 -46.63 -41.28
C SER A 3643 16.05 -46.66 -39.77
N CYS A 3644 14.93 -47.20 -39.32
CA CYS A 3644 14.58 -47.30 -37.91
C CYS A 3644 14.40 -48.76 -37.52
N ALA A 3645 14.22 -48.99 -36.23
CA ALA A 3645 14.03 -50.34 -35.71
C ALA A 3645 13.46 -50.25 -34.30
N LEU A 3646 12.31 -50.86 -34.07
CA LEU A 3646 11.69 -50.89 -32.76
C LEU A 3646 12.19 -52.10 -31.99
N ALA A 3647 12.42 -51.90 -30.69
CA ALA A 3647 12.90 -52.98 -29.84
C ALA A 3647 11.77 -54.00 -29.60
N PRO A 3648 12.12 -55.23 -29.23
CA PRO A 3648 11.07 -56.23 -29.00
C PRO A 3648 10.04 -55.81 -27.97
N ASP A 3649 10.47 -55.16 -26.89
CA ASP A 3649 9.57 -54.75 -25.82
C ASP A 3649 8.94 -53.39 -26.06
N GLY A 3650 9.26 -52.73 -27.18
CA GLY A 3650 8.62 -51.48 -27.53
C GLY A 3650 9.00 -50.31 -26.64
N LEU A 3651 10.22 -50.30 -26.12
CA LEU A 3651 10.68 -49.23 -25.23
C LEU A 3651 11.99 -48.60 -25.69
N SER A 3652 12.39 -48.81 -26.94
CA SER A 3652 13.59 -48.16 -27.45
C SER A 3652 13.65 -48.37 -28.96
N VAL A 3653 13.96 -47.29 -29.67
CA VAL A 3653 14.04 -47.31 -31.13
C VAL A 3653 15.45 -46.88 -31.51
N THR A 3654 16.14 -47.72 -32.26
CA THR A 3654 17.43 -47.34 -32.79
C THR A 3654 17.24 -46.50 -34.05
N ILE A 3655 18.17 -45.59 -34.28
CA ILE A 3655 18.15 -44.71 -35.44
C ILE A 3655 19.54 -44.70 -36.03
N THR A 3656 19.66 -45.17 -37.27
CA THR A 3656 20.94 -45.27 -37.95
C THR A 3656 21.05 -44.15 -38.97
N LEU A 3657 22.16 -43.42 -38.94
CA LEU A 3657 22.38 -42.34 -39.88
C LEU A 3657 22.94 -42.89 -41.19
N SER A 3658 22.83 -42.07 -42.24
CA SER A 3658 23.41 -42.46 -43.52
C SER A 3658 24.92 -42.61 -43.40
N SER A 3659 25.58 -41.70 -42.70
CA SER A 3659 27.03 -41.77 -42.50
C SER A 3659 27.38 -41.13 -41.17
N ALA A 3660 28.65 -41.28 -40.77
CA ALA A 3660 29.12 -40.72 -39.51
C ALA A 3660 29.33 -39.22 -39.58
N ASP A 3661 29.28 -38.63 -40.76
CA ASP A 3661 29.40 -37.17 -40.92
C ASP A 3661 28.06 -36.47 -40.84
N ALA A 3662 26.95 -37.21 -40.75
CA ALA A 3662 25.64 -36.57 -40.68
C ALA A 3662 25.35 -35.99 -39.31
N TYR A 3663 25.81 -36.64 -38.25
CA TYR A 3663 25.59 -36.14 -36.89
C TYR A 3663 26.54 -34.99 -36.64
N VAL A 3664 26.07 -33.78 -36.93
CA VAL A 3664 26.84 -32.58 -36.62
C VAL A 3664 26.68 -32.35 -35.11
N PRO A 3665 27.67 -31.78 -34.43
CA PRO A 3665 27.53 -31.57 -32.98
C PRO A 3665 26.35 -30.67 -32.65
N GLY A 3666 25.73 -30.95 -31.52
CA GLY A 3666 24.62 -30.13 -31.04
C GLY A 3666 23.29 -30.39 -31.70
N ASP A 3667 23.11 -31.55 -32.33
CA ASP A 3667 21.87 -31.82 -33.04
C ASP A 3667 20.82 -32.36 -32.08
N ALA A 3668 19.55 -32.19 -32.48
CA ALA A 3668 18.39 -32.50 -31.65
C ALA A 3668 17.49 -33.51 -32.36
N ILE A 3669 16.35 -33.80 -31.73
CA ILE A 3669 15.35 -34.68 -32.29
C ILE A 3669 14.02 -34.36 -31.63
N ASN A 3670 12.93 -34.65 -32.33
CA ASN A 3670 11.60 -34.33 -31.84
C ASN A 3670 10.58 -35.14 -32.61
N VAL A 3671 9.30 -34.87 -32.35
CA VAL A 3671 8.20 -35.50 -33.04
C VAL A 3671 7.52 -34.45 -33.91
N VAL A 3672 6.85 -34.91 -34.98
CA VAL A 3672 6.28 -34.03 -35.99
C VAL A 3672 4.84 -33.69 -35.63
N LYS A 3673 4.41 -32.53 -36.13
CA LYS A 3673 3.10 -31.98 -35.80
C LYS A 3673 1.98 -32.87 -36.36
N ASP A 3674 1.14 -33.39 -35.46
CA ASP A 3674 0.09 -34.36 -35.76
C ASP A 3674 0.58 -35.61 -36.49
N GLN A 3675 1.72 -36.18 -36.11
CA GLN A 3675 2.05 -37.50 -36.62
C GLN A 3675 1.07 -38.51 -36.06
N THR A 3676 0.47 -39.32 -36.94
CA THR A 3676 -0.59 -40.23 -36.56
C THR A 3676 -0.11 -41.68 -36.42
N SER A 3677 1.20 -41.92 -36.49
CA SER A 3677 1.71 -43.28 -36.55
C SER A 3677 1.98 -43.86 -35.16
N ALA A 3678 2.88 -43.24 -34.41
CA ALA A 3678 3.25 -43.77 -33.10
C ALA A 3678 2.08 -43.65 -32.13
N LYS A 3679 1.91 -44.66 -31.28
CA LYS A 3679 0.81 -44.71 -30.33
C LYS A 3679 1.31 -45.17 -28.99
N VAL A 3680 0.65 -44.70 -27.94
CA VAL A 3680 0.92 -45.10 -26.56
C VAL A 3680 -0.40 -45.60 -26.00
N GLY A 3681 -0.56 -46.92 -25.96
CA GLY A 3681 -1.81 -47.53 -25.59
C GLY A 3681 -2.39 -48.36 -26.71
N GLY A 3682 -1.53 -48.88 -27.57
CA GLY A 3682 -1.97 -49.71 -28.68
C GLY A 3682 -2.52 -48.91 -29.84
N VAL A 3683 -3.20 -49.63 -30.72
CA VAL A 3683 -3.79 -48.99 -31.90
C VAL A 3683 -4.84 -47.97 -31.48
N GLY A 3684 -5.64 -48.30 -30.46
CA GLY A 3684 -6.69 -47.44 -29.99
C GLY A 3684 -6.26 -46.38 -28.99
N GLY A 3685 -4.97 -46.26 -28.71
CA GLY A 3685 -4.47 -45.29 -27.76
C GLY A 3685 -4.38 -43.91 -28.35
N THR A 3686 -3.54 -43.08 -27.74
CA THR A 3686 -3.34 -41.69 -28.14
C THR A 3686 -1.93 -41.52 -28.69
N ASN A 3687 -1.82 -40.75 -29.76
CA ASN A 3687 -0.55 -40.60 -30.46
C ASN A 3687 0.48 -39.91 -29.56
N LEU A 3688 1.70 -39.81 -30.08
CA LEU A 3688 2.68 -38.91 -29.49
C LEU A 3688 2.35 -37.48 -29.89
N VAL A 3689 3.10 -36.53 -29.32
CA VAL A 3689 2.87 -35.12 -29.63
C VAL A 3689 4.21 -34.40 -29.67
N PRO A 3690 4.29 -33.33 -30.45
CA PRO A 3690 5.50 -32.50 -30.43
C PRO A 3690 5.73 -31.90 -29.05
N TYR A 3691 6.99 -31.74 -28.72
CA TYR A 3691 7.30 -31.09 -27.45
C TYR A 3691 7.73 -29.65 -27.70
N PRO A 3692 7.31 -28.70 -26.88
CA PRO A 3692 7.65 -27.29 -27.14
C PRO A 3692 9.12 -27.03 -27.41
N THR A 3693 10.01 -27.92 -27.01
CA THR A 3693 11.44 -27.74 -27.25
C THR A 3693 12.05 -29.04 -27.76
N ALA A 3694 13.08 -28.90 -28.60
CA ALA A 3694 13.78 -30.06 -29.14
C ALA A 3694 14.77 -30.61 -28.12
N THR A 3695 15.07 -31.90 -28.26
CA THR A 3695 15.85 -32.64 -27.29
C THR A 3695 17.20 -33.02 -27.88
N THR A 3696 18.28 -32.63 -27.22
CA THR A 3696 19.61 -32.91 -27.71
C THR A 3696 19.93 -34.40 -27.63
N ILE A 3697 20.89 -34.83 -28.46
CA ILE A 3697 21.36 -36.20 -28.47
C ILE A 3697 22.68 -36.24 -27.69
N SER A 3698 22.73 -37.07 -26.65
CA SER A 3698 23.86 -37.09 -25.73
C SER A 3698 24.85 -38.17 -26.16
N PRO A 3699 26.10 -37.84 -26.46
CA PRO A 3699 27.04 -38.87 -26.93
C PRO A 3699 27.84 -39.52 -25.80
N ARG A 3700 27.98 -40.84 -25.90
CA ARG A 3700 28.81 -41.63 -25.00
C ARG A 3700 30.21 -41.78 -25.56
N PRO A 3701 31.21 -42.07 -24.70
CA PRO A 3701 32.59 -42.27 -25.18
C PRO A 3701 32.89 -43.73 -25.51
N PHE A 3702 32.18 -44.26 -26.51
CA PHE A 3702 32.41 -45.63 -26.94
C PHE A 3702 33.86 -45.79 -27.39
N GLY A 3703 34.45 -46.95 -27.06
CA GLY A 3703 35.86 -47.16 -27.28
C GLY A 3703 36.75 -46.36 -26.36
N ALA A 3704 36.43 -46.31 -25.07
CA ALA A 3704 37.18 -45.51 -24.11
C ALA A 3704 38.12 -46.42 -23.31
N LYS A 3705 39.41 -46.12 -23.37
CA LYS A 3705 40.42 -46.88 -22.66
C LYS A 3705 41.32 -45.94 -21.86
N ALA A 3706 41.48 -46.23 -20.57
CA ALA A 3706 42.19 -45.36 -19.64
C ALA A 3706 43.49 -46.02 -19.24
N THR A 3707 44.60 -45.36 -19.58
CA THR A 3707 45.94 -45.92 -19.40
C THR A 3707 46.74 -44.96 -18.53
N LEU A 3708 47.89 -45.42 -18.07
CA LEU A 3708 48.69 -44.73 -17.06
C LEU A 3708 50.02 -44.34 -17.67
N VAL A 3709 50.27 -43.04 -17.77
CA VAL A 3709 51.44 -42.52 -18.48
C VAL A 3709 52.60 -42.27 -17.52
N ALA A 3710 52.32 -41.76 -16.33
CA ALA A 3710 53.34 -41.42 -15.35
C ALA A 3710 52.90 -41.93 -13.98
N PRO A 3711 53.72 -41.77 -12.94
CA PRO A 3711 53.27 -42.17 -11.60
C PRO A 3711 52.06 -41.39 -11.12
N THR A 3712 51.81 -40.20 -11.68
CA THR A 3712 50.77 -39.31 -11.18
C THR A 3712 49.81 -38.83 -12.26
N SER A 3713 49.90 -39.35 -13.48
CA SER A 3713 49.09 -38.88 -14.60
C SER A 3713 48.42 -40.05 -15.30
N VAL A 3714 47.23 -39.79 -15.85
CA VAL A 3714 46.44 -40.79 -16.55
C VAL A 3714 45.80 -40.16 -17.77
N ALA A 3715 45.74 -40.92 -18.86
CA ALA A 3715 45.04 -40.51 -20.07
C ALA A 3715 43.68 -41.19 -20.15
N PHE A 3716 42.78 -40.58 -20.93
CA PHE A 3716 41.43 -41.10 -21.08
C PHE A 3716 40.92 -40.57 -22.43
N SER A 3717 40.95 -41.43 -23.45
CA SER A 3717 40.67 -41.00 -24.81
C SER A 3717 39.17 -41.04 -25.11
N LEU A 3718 38.78 -40.24 -26.10
CA LEU A 3718 37.40 -39.96 -26.45
C LEU A 3718 37.19 -40.24 -27.93
N PRO A 3719 35.95 -40.49 -28.35
CA PRO A 3719 35.70 -40.95 -29.73
C PRO A 3719 35.76 -39.86 -30.79
N ALA A 3720 36.04 -38.60 -30.45
CA ALA A 3720 36.02 -37.55 -31.45
C ALA A 3720 36.68 -36.31 -30.89
N VAL A 3721 36.80 -35.30 -31.75
CA VAL A 3721 37.38 -34.02 -31.31
C VAL A 3721 36.48 -33.43 -30.25
N SER A 3722 37.04 -33.17 -29.07
CA SER A 3722 36.28 -32.73 -27.91
C SER A 3722 36.76 -31.37 -27.46
N SER A 3723 36.21 -30.89 -26.34
CA SER A 3723 36.57 -29.58 -25.84
C SER A 3723 36.24 -29.49 -24.36
N LEU A 3724 36.80 -28.47 -23.72
CA LEU A 3724 36.60 -28.16 -22.32
C LEU A 3724 36.36 -26.66 -22.18
N PRO A 3725 35.79 -26.22 -21.06
CA PRO A 3725 35.67 -24.78 -20.83
C PRO A 3725 37.04 -24.12 -20.83
N ALA A 3726 37.09 -22.88 -21.31
CA ALA A 3726 38.36 -22.16 -21.39
C ALA A 3726 38.98 -21.97 -20.01
N ALA A 3727 38.18 -21.57 -19.02
CA ALA A 3727 38.67 -21.32 -17.67
C ALA A 3727 38.38 -22.55 -16.80
N THR A 3728 39.24 -23.56 -16.97
CA THR A 3728 39.07 -24.81 -16.24
C THR A 3728 39.73 -24.73 -14.87
N ALA A 3729 39.03 -25.22 -13.85
CA ALA A 3729 39.52 -25.27 -12.49
C ALA A 3729 39.26 -26.66 -11.92
N ALA A 3730 39.85 -26.93 -10.76
CA ALA A 3730 39.75 -28.26 -10.17
C ALA A 3730 38.31 -28.65 -9.89
N ALA A 3731 37.43 -27.68 -9.63
CA ALA A 3731 36.03 -27.99 -9.42
C ALA A 3731 35.41 -28.58 -10.68
N ASP A 3732 35.74 -28.02 -11.84
CA ASP A 3732 35.21 -28.55 -13.10
C ASP A 3732 35.82 -29.90 -13.42
N CYS A 3733 37.11 -30.07 -13.13
CA CYS A 3733 37.79 -31.34 -13.39
C CYS A 3733 37.13 -32.48 -12.63
N ASN A 3734 36.94 -32.29 -11.32
CA ASN A 3734 36.41 -33.34 -10.45
C ASN A 3734 34.90 -33.49 -10.55
N ALA A 3735 34.21 -32.54 -11.18
CA ALA A 3735 32.80 -32.75 -11.47
C ALA A 3735 32.58 -33.61 -12.70
N ALA A 3736 33.63 -33.81 -13.50
CA ALA A 3736 33.51 -34.47 -14.80
C ALA A 3736 33.95 -35.92 -14.78
N VAL A 3737 35.01 -36.25 -14.04
CA VAL A 3737 35.60 -37.58 -14.05
C VAL A 3737 35.57 -38.15 -12.63
N ARG A 3738 35.64 -39.48 -12.55
CA ARG A 3738 35.53 -40.20 -11.30
C ARG A 3738 36.63 -41.26 -11.22
N TYR A 3739 37.06 -41.56 -9.98
CA TYR A 3739 38.14 -42.51 -9.74
C TYR A 3739 37.72 -43.44 -8.60
N THR A 3740 38.15 -44.70 -8.70
CA THR A 3740 37.76 -45.70 -7.72
C THR A 3740 38.88 -46.72 -7.59
N ASP A 3741 38.97 -47.34 -6.41
CA ASP A 3741 40.00 -48.31 -6.10
C ASP A 3741 39.46 -49.72 -6.34
N VAL A 3742 40.27 -50.72 -5.99
CA VAL A 3742 39.89 -52.11 -6.24
C VAL A 3742 38.63 -52.48 -5.46
N ALA A 3743 38.57 -52.09 -4.19
CA ALA A 3743 37.45 -52.51 -3.35
C ALA A 3743 36.11 -52.02 -3.86
N GLY A 3744 36.10 -50.89 -4.57
CA GLY A 3744 34.85 -50.30 -5.01
C GLY A 3744 34.35 -49.23 -4.05
N VAL A 3745 35.21 -48.26 -3.75
CA VAL A 3745 34.86 -47.12 -2.92
C VAL A 3745 35.43 -45.86 -3.57
N ASP A 3746 34.65 -44.79 -3.55
CA ASP A 3746 34.96 -43.61 -4.35
C ASP A 3746 36.13 -42.84 -3.78
N ALA A 3747 37.07 -42.47 -4.64
CA ALA A 3747 38.32 -41.84 -4.22
C ALA A 3747 38.14 -40.39 -3.78
N VAL A 3748 37.27 -39.64 -4.46
CA VAL A 3748 36.90 -38.30 -4.05
C VAL A 3748 38.00 -37.29 -4.35
N ASN A 3749 37.76 -36.42 -5.33
CA ASN A 3749 38.57 -35.23 -5.58
C ASN A 3749 40.07 -35.49 -5.62
N PRO A 3750 40.55 -36.33 -6.54
CA PRO A 3750 42.00 -36.44 -6.75
C PRO A 3750 42.55 -35.44 -7.76
N PHE A 3751 41.72 -35.02 -8.72
CA PHE A 3751 42.21 -34.37 -9.94
C PHE A 3751 42.36 -32.88 -9.72
N THR A 3752 43.62 -32.42 -9.64
CA THR A 3752 43.88 -31.00 -9.50
C THR A 3752 43.65 -30.26 -10.81
N SER A 3753 44.00 -30.87 -11.94
CA SER A 3753 43.92 -30.19 -13.24
C SER A 3753 43.72 -31.22 -14.34
N CYS A 3754 43.29 -30.73 -15.50
CA CYS A 3754 43.09 -31.56 -16.69
C CYS A 3754 43.20 -30.69 -17.93
N ALA A 3755 43.55 -31.33 -19.04
CA ALA A 3755 43.89 -30.60 -20.26
C ALA A 3755 43.49 -31.45 -21.47
N LEU A 3756 44.02 -31.12 -22.64
CA LEU A 3756 43.65 -31.75 -23.90
C LEU A 3756 44.85 -32.46 -24.51
N THR A 3757 44.58 -33.59 -25.17
CA THR A 3757 45.60 -34.33 -25.88
C THR A 3757 46.01 -33.61 -27.15
N PRO A 3758 47.21 -33.89 -27.67
CA PRO A 3758 47.64 -33.20 -28.90
C PRO A 3758 46.73 -33.46 -30.09
N ASP A 3759 46.19 -34.67 -30.22
CA ASP A 3759 45.21 -34.97 -31.24
C ASP A 3759 43.80 -34.54 -30.84
N THR A 3760 43.65 -33.93 -29.67
CA THR A 3760 42.38 -33.40 -29.20
C THR A 3760 41.28 -34.44 -29.23
N LYS A 3761 41.63 -35.68 -28.88
CA LYS A 3761 40.68 -36.78 -28.75
C LYS A 3761 40.83 -37.45 -27.39
N GLY A 3762 40.87 -36.65 -26.33
CA GLY A 3762 40.99 -37.21 -24.99
C GLY A 3762 41.36 -36.14 -24.00
N VAL A 3763 41.31 -36.55 -22.73
CA VAL A 3763 41.61 -35.69 -21.59
C VAL A 3763 42.77 -36.30 -20.81
N VAL A 3764 43.62 -35.44 -20.27
CA VAL A 3764 44.74 -35.85 -19.42
C VAL A 3764 44.48 -35.29 -18.03
N LEU A 3765 44.55 -36.16 -17.02
CA LEU A 3765 44.23 -35.80 -15.64
C LEU A 3765 45.44 -36.05 -14.75
N ASN A 3766 45.75 -35.10 -13.87
CA ASN A 3766 46.96 -35.12 -13.07
C ASN A 3766 46.62 -35.10 -11.58
N THR A 3767 47.54 -35.63 -10.78
CA THR A 3767 47.38 -35.71 -9.34
C THR A 3767 48.67 -35.27 -8.65
N ALA A 3768 48.53 -34.78 -7.42
CA ALA A 3768 49.70 -34.30 -6.68
C ALA A 3768 50.65 -35.43 -6.31
N SER A 3769 50.11 -36.57 -5.88
CA SER A 3769 50.92 -37.70 -5.45
C SER A 3769 50.39 -38.99 -6.07
N PRO A 3770 51.25 -39.98 -6.27
CA PRO A 3770 50.78 -41.26 -6.80
C PRO A 3770 49.79 -41.94 -5.87
N ILE A 3771 48.78 -42.57 -6.47
CA ILE A 3771 47.80 -43.36 -5.74
C ILE A 3771 47.54 -44.71 -6.38
N TYR A 3772 48.15 -44.99 -7.54
CA TYR A 3772 47.70 -46.09 -8.38
C TYR A 3772 47.80 -47.42 -7.65
N LYS A 3773 46.87 -48.32 -7.99
CA LYS A 3773 46.87 -49.68 -7.48
C LYS A 3773 46.40 -50.57 -8.62
N ALA A 3774 46.40 -51.88 -8.37
CA ALA A 3774 45.87 -52.84 -9.34
C ALA A 3774 44.39 -53.06 -9.07
N GLY A 3775 43.56 -52.70 -10.05
CA GLY A 3775 42.13 -52.85 -9.92
C GLY A 3775 41.38 -51.54 -9.99
N ASP A 3776 42.08 -50.47 -10.36
CA ASP A 3776 41.46 -49.16 -10.48
C ASP A 3776 40.61 -49.08 -11.73
N VAL A 3777 39.68 -48.14 -11.73
CA VAL A 3777 38.77 -47.91 -12.85
C VAL A 3777 38.50 -46.42 -12.97
N MET A 3778 37.88 -46.03 -14.07
CA MET A 3778 37.60 -44.62 -14.34
C MET A 3778 36.35 -44.52 -15.22
N ASN A 3779 35.76 -43.33 -15.25
CA ASN A 3779 34.52 -43.09 -15.97
C ASN A 3779 34.18 -41.62 -15.85
N ILE A 3780 33.27 -41.18 -16.71
CA ILE A 3780 32.68 -39.84 -16.58
C ILE A 3780 31.54 -39.92 -15.57
N LYS A 3781 31.39 -38.86 -14.78
CA LYS A 3781 30.34 -38.81 -13.77
C LYS A 3781 28.99 -38.54 -14.41
N SER A 3782 27.95 -38.47 -13.58
CA SER A 3782 26.60 -38.26 -14.06
C SER A 3782 26.19 -36.80 -14.10
N GLY A 3783 27.11 -35.89 -13.83
CA GLY A 3783 26.83 -34.47 -13.91
C GLY A 3783 27.79 -33.74 -14.83
N ASN A 3784 28.20 -34.40 -15.90
CA ASN A 3784 29.18 -33.82 -16.81
C ASN A 3784 28.66 -32.52 -17.40
N ALA A 3785 29.49 -31.48 -17.36
CA ALA A 3785 29.17 -30.25 -18.07
C ALA A 3785 30.41 -29.59 -18.69
N ALA A 3786 31.54 -30.30 -18.78
CA ALA A 3786 32.78 -29.71 -19.25
C ALA A 3786 33.32 -30.39 -20.51
N VAL A 3787 33.42 -31.71 -20.52
CA VAL A 3787 33.88 -32.43 -21.70
C VAL A 3787 32.75 -32.48 -22.71
N ARG A 3788 33.02 -32.05 -23.94
CA ARG A 3788 31.97 -31.88 -24.94
C ARG A 3788 32.45 -32.35 -26.30
N TRP A 3789 31.48 -32.57 -27.20
CA TRP A 3789 31.71 -32.95 -28.58
C TRP A 3789 31.63 -31.71 -29.44
N GLY A 3790 32.78 -31.22 -29.89
CA GLY A 3790 32.81 -30.09 -30.80
C GLY A 3790 32.98 -28.76 -30.08
N PRO A 3791 32.67 -27.67 -30.77
CA PRO A 3791 32.96 -26.34 -30.22
C PRO A 3791 32.31 -26.14 -28.86
N GLN A 3792 33.02 -25.41 -28.00
CA GLN A 3792 32.56 -25.21 -26.63
C GLN A 3792 31.19 -24.54 -26.62
N ALA A 3793 30.99 -23.53 -27.45
CA ALA A 3793 29.78 -22.72 -27.40
C ALA A 3793 28.56 -23.43 -27.98
N SER A 3794 28.71 -24.58 -28.63
CA SER A 3794 27.60 -25.20 -29.33
C SER A 3794 27.52 -26.72 -29.18
N GLY A 3795 28.44 -27.36 -28.46
CA GLY A 3795 28.49 -28.80 -28.40
C GLY A 3795 27.62 -29.39 -27.32
N ALA A 3796 27.75 -30.71 -27.14
CA ALA A 3796 27.02 -31.45 -26.13
C ALA A 3796 28.00 -32.15 -25.19
N ALA A 3797 27.71 -32.07 -23.89
CA ALA A 3797 28.54 -32.71 -22.89
C ALA A 3797 28.37 -34.23 -22.91
N TYR A 3798 29.48 -34.94 -22.76
CA TYR A 3798 29.47 -36.40 -22.82
C TYR A 3798 28.68 -36.99 -21.66
N TYR A 3799 27.98 -38.09 -21.94
CA TYR A 3799 27.38 -38.92 -20.92
C TYR A 3799 28.45 -39.79 -20.26
N PRO A 3800 28.07 -40.59 -19.27
CA PRO A 3800 29.00 -41.58 -18.73
C PRO A 3800 28.99 -42.86 -19.55
N ALA A 3801 30.16 -43.49 -19.63
CA ALA A 3801 30.28 -44.72 -20.38
C ALA A 3801 29.46 -45.83 -19.75
N ALA A 3802 29.05 -46.79 -20.60
CA ALA A 3802 28.24 -47.90 -20.11
C ALA A 3802 28.98 -48.74 -19.08
N ALA A 3803 30.27 -48.98 -19.31
CA ALA A 3803 31.09 -49.79 -18.43
C ALA A 3803 32.34 -49.03 -18.04
N ASP A 3804 32.80 -49.24 -16.81
CA ASP A 3804 33.98 -48.56 -16.32
C ASP A 3804 35.25 -49.16 -16.94
N VAL A 3805 36.29 -48.33 -16.99
CA VAL A 3805 37.48 -48.58 -17.81
C VAL A 3805 38.70 -48.79 -16.92
N PRO A 3806 39.07 -50.04 -16.60
CA PRO A 3806 40.20 -50.23 -15.68
C PRO A 3806 41.48 -49.63 -16.20
N VAL A 3807 42.31 -49.15 -15.28
CA VAL A 3807 43.54 -48.43 -15.59
C VAL A 3807 44.65 -49.45 -15.83
N PHE A 3808 45.59 -49.10 -16.70
CA PHE A 3808 46.65 -50.00 -17.13
C PHE A 3808 47.97 -49.24 -17.24
N ALA A 3809 49.05 -49.88 -16.82
CA ALA A 3809 50.36 -49.26 -16.85
C ALA A 3809 51.05 -49.49 -18.19
N THR A 3810 51.92 -48.55 -18.57
CA THR A 3810 52.69 -48.64 -19.80
C THR A 3810 54.13 -48.24 -19.49
N VAL A 3811 54.91 -48.00 -20.54
CA VAL A 3811 56.27 -47.51 -20.41
C VAL A 3811 56.25 -45.99 -20.54
N ALA A 3812 56.76 -45.30 -19.53
CA ALA A 3812 56.81 -43.85 -19.52
C ALA A 3812 58.10 -43.28 -20.08
N THR A 3813 59.21 -44.00 -19.93
CA THR A 3813 60.49 -43.50 -20.42
C THR A 3813 61.46 -44.67 -20.53
N ALA A 3814 62.41 -44.55 -21.45
CA ALA A 3814 63.44 -45.56 -21.69
C ALA A 3814 64.79 -44.87 -21.64
N THR A 3815 65.50 -45.03 -20.53
CA THR A 3815 66.79 -44.39 -20.30
C THR A 3815 67.89 -45.42 -20.53
N LEU A 3816 68.57 -45.30 -21.67
CA LEU A 3816 69.76 -46.10 -21.92
C LEU A 3816 70.87 -45.63 -21.01
N VAL A 3817 71.19 -46.43 -19.98
CA VAL A 3817 72.09 -45.97 -18.93
C VAL A 3817 73.56 -46.24 -19.23
N ASP A 3818 73.87 -47.12 -20.17
CA ASP A 3818 75.24 -47.37 -20.59
C ASP A 3818 75.20 -48.01 -21.97
N PRO A 3819 76.35 -48.07 -22.66
CA PRO A 3819 76.33 -48.43 -24.08
C PRO A 3819 75.72 -49.78 -24.40
N SER A 3820 75.44 -50.63 -23.42
CA SER A 3820 74.84 -51.93 -23.69
C SER A 3820 73.76 -52.29 -22.67
N THR A 3821 73.09 -51.31 -22.10
CA THR A 3821 72.10 -51.56 -21.07
C THR A 3821 70.99 -50.53 -21.16
N VAL A 3822 69.75 -51.01 -21.27
CA VAL A 3822 68.58 -50.13 -21.40
C VAL A 3822 67.71 -50.33 -20.16
N VAL A 3823 67.40 -49.24 -19.49
CA VAL A 3823 66.58 -49.24 -18.28
C VAL A 3823 65.22 -48.66 -18.65
N LEU A 3824 64.17 -49.48 -18.53
CA LEU A 3824 62.82 -49.02 -18.84
C LEU A 3824 62.22 -48.40 -17.58
N ASN A 3825 62.18 -47.07 -17.55
CA ASN A 3825 61.54 -46.37 -16.45
C ASN A 3825 60.11 -46.85 -16.30
N LEU A 3826 59.70 -47.09 -15.05
CA LEU A 3826 58.37 -47.63 -14.83
C LEU A 3826 57.58 -46.74 -13.88
N PRO A 3827 56.26 -46.66 -14.07
CA PRO A 3827 55.41 -45.84 -13.19
C PRO A 3827 54.78 -46.56 -12.02
N THR A 3828 55.16 -47.79 -11.69
CA THR A 3828 54.60 -48.46 -10.52
C THR A 3828 55.49 -49.65 -10.15
N VAL A 3829 55.10 -50.36 -9.10
CA VAL A 3829 55.79 -51.58 -8.71
C VAL A 3829 55.45 -52.68 -9.70
N SER A 3830 56.47 -53.31 -10.27
CA SER A 3830 56.30 -54.26 -11.35
C SER A 3830 56.90 -55.62 -10.98
N ALA A 3831 56.37 -56.66 -11.61
CA ALA A 3831 56.78 -58.04 -11.34
C ALA A 3831 57.03 -58.76 -12.64
N ILE A 3832 58.11 -59.54 -12.67
CA ILE A 3832 58.55 -60.21 -13.90
C ILE A 3832 58.36 -61.71 -13.73
N PRO A 3833 58.62 -62.51 -14.76
CA PRO A 3833 58.60 -63.96 -14.58
C PRO A 3833 59.58 -64.40 -13.50
N ASP A 3834 59.20 -65.43 -12.75
CA ASP A 3834 60.05 -65.93 -11.68
C ASP A 3834 61.45 -66.22 -12.20
N ASN A 3835 61.55 -66.79 -13.40
CA ASN A 3835 62.79 -66.83 -14.15
C ASN A 3835 62.56 -66.09 -15.45
N PHE A 3836 63.48 -65.19 -15.80
CA PHE A 3836 63.32 -64.29 -16.94
C PHE A 3836 64.42 -64.63 -17.95
N THR A 3837 64.03 -65.37 -18.99
CA THR A 3837 64.95 -65.80 -20.03
C THR A 3837 64.92 -64.83 -21.21
N VAL A 3838 65.87 -65.03 -22.13
CA VAL A 3838 65.89 -64.21 -23.35
C VAL A 3838 64.62 -64.40 -24.17
N PRO A 3839 64.12 -65.62 -24.39
CA PRO A 3839 62.84 -65.75 -25.11
C PRO A 3839 61.68 -65.03 -24.45
N ASP A 3840 61.60 -65.07 -23.11
CA ASP A 3840 60.43 -64.51 -22.43
C ASP A 3840 60.49 -62.99 -22.39
N CYS A 3841 61.68 -62.43 -22.30
CA CYS A 3841 61.83 -60.98 -22.36
C CYS A 3841 61.63 -60.47 -23.78
N LEU A 3842 61.91 -61.31 -24.79
CA LEU A 3842 61.66 -60.92 -26.17
C LEU A 3842 60.20 -61.04 -26.56
N ARG A 3843 59.35 -61.54 -25.66
CA ARG A 3843 57.92 -61.46 -25.85
C ARG A 3843 57.32 -60.14 -25.34
N ALA A 3844 58.14 -59.22 -24.81
CA ALA A 3844 57.60 -58.07 -24.11
C ALA A 3844 58.32 -56.76 -24.42
N ILE A 3845 59.05 -56.66 -25.52
CA ILE A 3845 59.61 -55.39 -25.97
C ILE A 3845 59.54 -55.33 -27.49
N GLU A 3846 59.95 -54.18 -28.03
CA GLU A 3846 60.06 -54.02 -29.47
C GLU A 3846 61.10 -52.92 -29.70
N PHE A 3847 62.33 -53.31 -30.02
CA PHE A 3847 63.32 -52.34 -30.45
C PHE A 3847 63.16 -52.07 -31.94
N LYS A 3848 63.38 -50.83 -32.34
CA LYS A 3848 62.90 -50.35 -33.62
C LYS A 3848 63.68 -49.11 -34.02
N THR A 3849 64.21 -49.10 -35.24
CA THR A 3849 65.00 -47.98 -35.71
C THR A 3849 64.13 -46.73 -35.80
N ALA A 3850 64.79 -45.60 -36.10
CA ALA A 3850 64.07 -44.34 -36.16
C ALA A 3850 62.99 -44.37 -37.23
N ALA A 3851 63.30 -44.94 -38.40
CA ALA A 3851 62.32 -45.02 -39.47
C ALA A 3851 61.20 -46.01 -39.17
N GLY A 3852 61.43 -46.97 -38.27
CA GLY A 3852 60.39 -47.92 -37.92
C GLY A 3852 60.63 -49.34 -38.38
N VAL A 3853 61.86 -49.81 -38.33
CA VAL A 3853 62.21 -51.18 -38.70
C VAL A 3853 62.69 -51.91 -37.45
N THR A 3854 62.01 -52.99 -37.09
CA THR A 3854 62.36 -53.74 -35.89
C THR A 3854 63.77 -54.29 -36.00
N LYS A 3855 64.48 -54.28 -34.87
CA LYS A 3855 65.82 -54.84 -34.78
C LYS A 3855 65.76 -56.20 -34.08
N ASN A 3856 66.57 -57.14 -34.54
CA ASN A 3856 66.40 -58.55 -34.17
C ASN A 3856 67.35 -59.01 -33.06
N GLY A 3857 68.65 -58.91 -33.27
CA GLY A 3857 69.57 -59.38 -32.25
C GLY A 3857 69.96 -58.30 -31.26
N THR A 3858 69.24 -58.26 -30.12
CA THR A 3858 69.49 -57.27 -29.08
C THR A 3858 69.69 -57.91 -27.71
N VAL A 3859 68.81 -58.82 -27.31
CA VAL A 3859 68.68 -59.22 -25.92
C VAL A 3859 69.76 -60.24 -25.57
N ALA A 3860 70.50 -59.97 -24.50
CA ALA A 3860 71.38 -60.95 -23.88
C ALA A 3860 70.83 -61.47 -22.55
N SER A 3861 70.08 -60.64 -21.83
CA SER A 3861 69.43 -61.03 -20.59
C SER A 3861 68.57 -59.87 -20.11
N CYS A 3862 67.58 -60.19 -19.29
CA CYS A 3862 66.71 -59.19 -18.68
C CYS A 3862 66.55 -59.49 -17.20
N MET A 3863 66.87 -58.51 -16.36
CA MET A 3863 66.77 -58.63 -14.90
C MET A 3863 65.94 -57.48 -14.36
N LEU A 3864 64.94 -57.80 -13.54
CA LEU A 3864 64.13 -56.76 -12.90
C LEU A 3864 64.92 -56.13 -11.76
N MET A 3865 64.78 -54.83 -11.62
CA MET A 3865 65.64 -54.06 -10.72
C MET A 3865 65.20 -54.25 -9.27
N PRO A 3866 66.06 -53.83 -8.33
CA PRO A 3866 65.68 -53.95 -6.91
C PRO A 3866 64.48 -53.10 -6.52
N ASP A 3867 64.45 -51.84 -6.98
CA ASP A 3867 63.40 -50.91 -6.57
C ASP A 3867 62.03 -51.26 -7.15
N ARG A 3868 61.96 -52.22 -8.06
CA ARG A 3868 60.71 -52.61 -8.72
C ARG A 3868 60.09 -51.45 -9.51
N LEU A 3869 60.91 -50.45 -9.87
CA LEU A 3869 60.47 -49.36 -10.73
C LEU A 3869 61.24 -49.31 -12.05
N GLY A 3870 62.07 -50.31 -12.34
CA GLY A 3870 62.83 -50.33 -13.57
C GLY A 3870 63.13 -51.74 -14.02
N LEU A 3871 63.43 -51.86 -15.30
CA LEU A 3871 63.82 -53.13 -15.92
C LEU A 3871 65.12 -52.93 -16.67
N GLN A 3872 66.12 -53.74 -16.37
CA GLN A 3872 67.43 -53.66 -17.02
C GLN A 3872 67.54 -54.79 -18.05
N VAL A 3873 67.61 -54.42 -19.31
CA VAL A 3873 67.78 -55.36 -20.41
C VAL A 3873 69.19 -55.16 -20.97
N LYS A 3874 70.08 -56.13 -20.75
CA LYS A 3874 71.43 -56.03 -21.23
C LYS A 3874 71.51 -56.41 -22.71
N LEU A 3875 72.54 -55.90 -23.38
CA LEU A 3875 72.66 -56.01 -24.83
C LEU A 3875 73.85 -56.89 -25.20
N LEU A 3876 73.81 -57.41 -26.43
CA LEU A 3876 74.91 -58.24 -26.92
C LEU A 3876 76.17 -57.41 -27.15
N SER A 3877 76.02 -56.16 -27.58
CA SER A 3877 77.16 -55.32 -27.90
C SER A 3877 76.71 -53.87 -27.90
N ALA A 3878 77.69 -52.97 -27.95
CA ALA A 3878 77.41 -51.54 -27.94
C ALA A 3878 76.79 -51.06 -29.24
N GLY A 3879 76.75 -51.89 -30.27
CA GLY A 3879 76.24 -51.46 -31.56
C GLY A 3879 74.75 -51.65 -31.76
N ASN A 3880 74.11 -52.50 -30.95
CA ASN A 3880 72.69 -52.78 -31.17
C ASN A 3880 71.79 -51.60 -30.85
N PHE A 3881 72.35 -50.45 -30.48
CA PHE A 3881 71.59 -49.21 -30.37
C PHE A 3881 72.19 -48.16 -31.28
N SER A 3882 71.33 -47.55 -32.09
CA SER A 3882 71.68 -46.41 -32.93
C SER A 3882 70.85 -45.21 -32.48
N ALA A 3883 71.20 -44.04 -33.02
CA ALA A 3883 70.53 -42.81 -32.61
C ALA A 3883 69.05 -42.87 -32.94
N GLY A 3884 68.22 -42.46 -31.98
CA GLY A 3884 66.80 -42.29 -32.20
C GLY A 3884 65.96 -43.53 -31.98
N ASP A 3885 66.57 -44.71 -31.91
CA ASP A 3885 65.80 -45.95 -31.84
C ASP A 3885 64.82 -45.91 -30.66
N THR A 3886 63.79 -46.74 -30.75
CA THR A 3886 62.60 -46.58 -29.92
C THR A 3886 62.17 -47.94 -29.37
N VAL A 3887 61.38 -47.90 -28.31
CA VAL A 3887 60.98 -49.08 -27.57
C VAL A 3887 59.51 -48.94 -27.16
N ASN A 3888 58.87 -50.07 -26.89
CA ASN A 3888 57.46 -50.11 -26.53
C ASN A 3888 57.15 -51.53 -26.05
N ILE A 3889 55.94 -51.74 -25.55
CA ILE A 3889 55.51 -53.02 -25.02
C ILE A 3889 54.84 -53.84 -26.13
N LYS A 3890 54.96 -55.18 -26.06
CA LYS A 3890 54.27 -56.03 -27.01
C LYS A 3890 52.88 -56.38 -26.48
N PRO A 3891 51.83 -56.23 -27.30
CA PRO A 3891 50.48 -56.41 -26.79
C PRO A 3891 50.19 -57.84 -26.41
N GLU A 3892 49.21 -58.00 -25.51
CA GLU A 3892 48.74 -59.31 -25.07
C GLU A 3892 49.88 -60.19 -24.58
N GLN A 3893 50.76 -59.61 -23.75
CA GLN A 3893 51.79 -60.35 -23.06
C GLN A 3893 51.44 -60.52 -21.60
N ALA A 3894 52.01 -61.55 -20.97
CA ALA A 3894 51.65 -61.91 -19.61
C ALA A 3894 52.82 -61.87 -18.65
N GLU A 3895 53.99 -61.38 -19.06
CA GLU A 3895 55.14 -61.37 -18.16
C GLU A 3895 55.16 -60.14 -17.27
N LEU A 3896 55.32 -58.95 -17.86
CA LEU A 3896 55.48 -57.73 -17.08
C LEU A 3896 54.11 -57.28 -16.60
N ARG A 3897 53.96 -57.11 -15.28
CA ARG A 3897 52.66 -56.84 -14.68
C ARG A 3897 52.80 -55.84 -13.55
N SER A 3898 51.68 -55.56 -12.90
CA SER A 3898 51.57 -54.49 -11.92
C SER A 3898 51.50 -55.10 -10.52
N SER A 3899 52.63 -55.08 -9.82
CA SER A 3899 52.79 -55.43 -8.42
C SER A 3899 52.79 -56.92 -8.16
N ALA A 3900 52.53 -57.76 -9.16
CA ALA A 3900 52.51 -59.20 -8.94
C ALA A 3900 52.38 -59.89 -10.29
N LEU A 3901 53.08 -61.02 -10.43
CA LEU A 3901 52.98 -61.82 -11.64
C LEU A 3901 51.71 -62.63 -11.70
N ALA A 3902 50.91 -62.64 -10.62
CA ALA A 3902 49.69 -63.45 -10.60
C ALA A 3902 48.46 -62.64 -11.01
N THR A 3903 48.12 -61.59 -10.26
CA THR A 3903 46.85 -60.90 -10.42
C THR A 3903 46.96 -59.50 -11.02
N GLY A 3904 48.08 -58.82 -10.84
CA GLY A 3904 48.26 -57.50 -11.40
C GLY A 3904 48.15 -57.51 -12.92
N PRO A 3905 47.39 -56.58 -13.49
CA PRO A 3905 47.30 -56.50 -14.96
C PRO A 3905 48.66 -56.27 -15.59
N SER A 3906 48.86 -56.85 -16.77
CA SER A 3906 50.09 -56.59 -17.50
C SER A 3906 50.07 -55.19 -18.10
N TYR A 3907 51.25 -54.72 -18.49
CA TYR A 3907 51.34 -53.44 -19.17
C TYR A 3907 50.69 -53.54 -20.55
N VAL A 3908 50.48 -52.38 -21.18
CA VAL A 3908 49.83 -52.31 -22.48
C VAL A 3908 50.62 -51.38 -23.41
N PRO A 3909 50.52 -51.56 -24.72
CA PRO A 3909 51.31 -50.72 -25.63
C PRO A 3909 50.87 -49.26 -25.59
N LYS A 3910 51.80 -48.38 -25.92
CA LYS A 3910 51.54 -46.94 -25.95
C LYS A 3910 51.05 -46.54 -27.33
N LEU A 3911 50.20 -45.50 -27.37
CA LEU A 3911 49.68 -45.02 -28.63
C LEU A 3911 50.81 -44.64 -29.58
N ALA A 3912 51.79 -43.90 -29.09
CA ALA A 3912 53.00 -43.61 -29.81
C ALA A 3912 54.16 -44.25 -29.07
N ALA A 3913 54.97 -45.03 -29.78
CA ALA A 3913 56.09 -45.72 -29.14
C ALA A 3913 56.99 -44.71 -28.45
N GLN A 3914 57.75 -45.21 -27.49
CA GLN A 3914 58.58 -44.37 -26.63
C GLN A 3914 59.94 -44.16 -27.25
N VAL A 3915 60.50 -42.98 -27.01
CA VAL A 3915 61.85 -42.67 -27.49
C VAL A 3915 62.86 -43.11 -26.44
N VAL A 3916 64.03 -43.55 -26.91
CA VAL A 3916 65.11 -44.01 -26.04
C VAL A 3916 66.02 -42.82 -25.77
N ASN A 3917 65.82 -42.18 -24.64
CA ASN A 3917 66.67 -41.05 -24.26
C ASN A 3917 68.06 -41.56 -23.90
N PRO A 3918 69.13 -40.95 -24.42
CA PRO A 3918 70.46 -41.34 -23.96
C PRO A 3918 70.86 -40.57 -22.70
N ALA A 3919 71.04 -41.30 -21.60
CA ALA A 3919 71.53 -40.66 -20.38
C ALA A 3919 72.98 -40.25 -20.55
N LEU A 3920 73.34 -39.14 -19.91
CA LEU A 3920 74.71 -38.62 -19.99
C LEU A 3920 75.60 -39.50 -19.13
N PHE A 3921 76.31 -40.42 -19.78
CA PHE A 3921 77.27 -41.27 -19.10
C PHE A 3921 78.60 -41.34 -19.83
N ALA A 3922 78.77 -40.62 -20.92
CA ALA A 3922 80.02 -40.67 -21.65
C ALA A 3922 81.13 -39.97 -20.88
N ASN A 3923 82.36 -40.13 -21.37
CA ASN A 3923 83.51 -39.54 -20.71
C ASN A 3923 83.33 -38.04 -20.58
N ALA A 3924 83.67 -37.52 -19.40
CA ALA A 3924 83.66 -36.08 -19.15
C ALA A 3924 84.98 -35.74 -18.45
N ASN A 3925 85.91 -35.18 -19.20
CA ASN A 3925 87.28 -34.95 -18.73
C ASN A 3925 87.52 -33.46 -18.55
N LEU A 3926 87.95 -33.09 -17.34
CA LEU A 3926 88.19 -31.69 -17.00
C LEU A 3926 89.30 -31.13 -17.89
N THR A 3927 88.95 -30.20 -18.77
CA THR A 3927 89.97 -29.58 -19.61
C THR A 3927 90.63 -28.39 -18.92
N SER A 3928 89.87 -27.65 -18.11
CA SER A 3928 90.39 -26.46 -17.46
C SER A 3928 89.55 -26.18 -16.22
N ALA A 3929 90.05 -25.26 -15.38
CA ALA A 3929 89.38 -24.93 -14.14
C ALA A 3929 88.00 -24.31 -14.38
N THR A 3930 87.73 -23.81 -15.58
CA THR A 3930 86.45 -23.20 -15.90
C THR A 3930 85.66 -23.95 -16.97
N ALA A 3931 86.30 -24.82 -17.75
CA ALA A 3931 85.65 -25.50 -18.86
C ALA A 3931 85.84 -27.00 -18.72
N ILE A 3932 84.74 -27.75 -18.87
CA ILE A 3932 84.76 -29.20 -18.87
C ILE A 3932 84.35 -29.68 -20.25
N THR A 3933 84.83 -30.86 -20.62
CA THR A 3933 84.55 -31.45 -21.93
C THR A 3933 83.80 -32.76 -21.76
N VAL A 3934 82.80 -32.98 -22.61
CA VAL A 3934 81.95 -34.16 -22.56
C VAL A 3934 81.87 -34.74 -23.97
N ARG A 3935 82.27 -36.00 -24.12
CA ARG A 3935 82.35 -36.65 -25.42
C ARG A 3935 81.11 -37.54 -25.62
N LEU A 3936 79.98 -36.89 -25.92
CA LEU A 3936 78.77 -37.63 -26.16
C LEU A 3936 78.96 -38.57 -27.36
N PRO A 3937 78.54 -39.83 -27.27
CA PRO A 3937 78.96 -40.80 -28.29
C PRO A 3937 78.21 -40.71 -29.61
N PHE A 3938 77.08 -40.01 -29.65
CA PHE A 3938 76.20 -40.02 -30.81
C PHE A 3938 76.11 -38.61 -31.41
N ALA A 3939 75.66 -38.56 -32.66
CA ALA A 3939 75.46 -37.27 -33.33
C ALA A 3939 74.35 -36.50 -32.65
N SER A 3940 74.61 -35.23 -32.33
CA SER A 3940 73.70 -34.44 -31.53
C SER A 3940 73.70 -32.99 -31.99
N ALA A 3941 72.59 -32.31 -31.72
CA ALA A 3941 72.44 -30.88 -31.95
C ALA A 3941 71.87 -30.23 -30.70
N LEU A 3942 72.22 -28.96 -30.51
CA LEU A 3942 71.89 -28.24 -29.28
C LEU A 3942 71.14 -26.96 -29.63
N ALA A 3943 70.21 -26.58 -28.76
CA ALA A 3943 69.37 -25.41 -29.00
C ALA A 3943 70.21 -24.14 -29.00
N THR A 3944 69.80 -23.18 -29.83
CA THR A 3944 70.48 -21.89 -29.92
C THR A 3944 69.82 -20.89 -28.99
N GLY A 3945 70.63 -20.20 -28.19
CA GLY A 3945 70.13 -19.18 -27.29
C GLY A 3945 69.49 -19.70 -26.03
N ALA A 3946 69.53 -21.00 -25.79
CA ALA A 3946 68.93 -21.56 -24.58
C ALA A 3946 69.75 -21.20 -23.35
N ASP A 3947 69.06 -21.07 -22.22
CA ASP A 3947 69.71 -20.77 -20.95
C ASP A 3947 70.38 -22.04 -20.42
N CYS A 3948 71.68 -21.96 -20.17
CA CYS A 3948 72.43 -23.12 -19.73
C CYS A 3948 71.98 -23.62 -18.36
N LYS A 3949 71.41 -22.75 -17.53
CA LYS A 3949 71.01 -23.16 -16.19
C LYS A 3949 69.96 -24.26 -16.20
N ALA A 3950 69.23 -24.41 -17.30
CA ALA A 3950 68.19 -25.41 -17.42
C ALA A 3950 68.65 -26.66 -18.17
N VAL A 3951 69.96 -26.82 -18.38
CA VAL A 3951 70.52 -27.91 -19.18
C VAL A 3951 71.53 -28.73 -18.39
N LEU A 3952 72.50 -28.06 -17.77
CA LEU A 3952 73.63 -28.72 -17.14
C LEU A 3952 73.77 -28.24 -15.70
N ALA A 3953 74.38 -29.09 -14.86
CA ALA A 3953 74.60 -28.77 -13.46
C ALA A 3953 75.79 -29.59 -12.95
N LEU A 3954 76.30 -29.17 -11.80
CA LEU A 3954 77.41 -29.85 -11.14
C LEU A 3954 76.99 -30.23 -9.72
N LEU A 3955 77.39 -31.43 -9.31
CA LEU A 3955 76.98 -32.01 -8.04
C LEU A 3955 78.20 -32.28 -7.17
N GLY A 3956 78.20 -31.74 -5.96
CA GLY A 3956 79.22 -32.01 -4.97
C GLY A 3956 78.79 -33.08 -3.99
N ALA A 3957 79.52 -33.16 -2.88
CA ALA A 3957 79.21 -34.15 -1.85
C ALA A 3957 77.85 -33.84 -1.23
N GLY A 3958 77.07 -34.90 -1.00
CA GLY A 3958 75.75 -34.76 -0.42
C GLY A 3958 74.67 -34.35 -1.39
N GLY A 3959 74.96 -34.30 -2.69
CA GLY A 3959 73.99 -33.91 -3.68
C GLY A 3959 73.78 -32.41 -3.82
N VAL A 3960 74.68 -31.60 -3.26
CA VAL A 3960 74.54 -30.15 -3.31
C VAL A 3960 74.88 -29.68 -4.72
N ALA A 3961 73.88 -29.16 -5.43
CA ALA A 3961 74.10 -28.68 -6.79
C ALA A 3961 74.92 -27.38 -6.76
N LYS A 3962 75.45 -27.03 -7.93
CA LYS A 3962 76.23 -25.81 -8.08
C LYS A 3962 75.85 -25.13 -9.39
N ASN A 3963 76.02 -23.81 -9.42
CA ASN A 3963 75.61 -23.02 -10.57
C ASN A 3963 76.56 -23.23 -11.74
N VAL A 3964 76.03 -23.01 -12.94
CA VAL A 3964 76.81 -23.03 -14.17
C VAL A 3964 76.63 -21.69 -14.86
N SER A 3965 77.68 -21.22 -15.54
CA SER A 3965 77.66 -19.92 -16.20
C SER A 3965 77.14 -20.01 -17.63
N SER A 3966 77.81 -20.78 -18.49
CA SER A 3966 77.43 -20.87 -19.89
C SER A 3966 77.67 -22.29 -20.38
N CYS A 3967 77.54 -22.50 -21.68
CA CYS A 3967 77.62 -23.82 -22.28
C CYS A 3967 77.53 -23.67 -23.80
N SER A 3968 78.06 -24.65 -24.52
CA SER A 3968 78.06 -24.60 -25.97
C SER A 3968 78.28 -26.00 -26.52
N LEU A 3969 78.01 -26.16 -27.82
CA LEU A 3969 78.23 -27.41 -28.54
C LEU A 3969 79.20 -27.15 -29.69
N GLY A 3970 80.09 -28.11 -29.93
CA GLY A 3970 81.10 -27.94 -30.96
C GLY A 3970 80.59 -28.24 -32.35
N ALA A 3971 81.45 -27.97 -33.33
CA ALA A 3971 81.08 -28.18 -34.73
C ALA A 3971 81.06 -29.67 -35.09
N ASP A 3972 81.86 -30.48 -34.39
CA ASP A 3972 81.91 -31.91 -34.69
C ASP A 3972 80.60 -32.62 -34.39
N GLY A 3973 79.69 -31.99 -33.65
CA GLY A 3973 78.40 -32.58 -33.36
C GLY A 3973 78.38 -33.55 -32.20
N VAL A 3974 79.50 -33.72 -31.48
CA VAL A 3974 79.58 -34.62 -30.34
C VAL A 3974 80.09 -33.90 -29.09
N THR A 3975 81.21 -33.20 -29.21
CA THR A 3975 81.87 -32.60 -28.05
C THR A 3975 81.04 -31.42 -27.53
N LEU A 3976 80.82 -31.41 -26.21
CA LEU A 3976 80.07 -30.34 -25.54
C LEU A 3976 80.92 -29.76 -24.44
N ALA A 3977 80.96 -28.43 -24.37
CA ALA A 3977 81.74 -27.70 -23.37
C ALA A 3977 80.82 -27.06 -22.35
N VAL A 3978 81.18 -27.18 -21.07
CA VAL A 3978 80.41 -26.62 -19.97
C VAL A 3978 81.27 -25.57 -19.28
N THR A 3979 80.76 -24.34 -19.22
CA THR A 3979 81.48 -23.22 -18.58
C THR A 3979 80.98 -23.12 -17.14
N ILE A 3980 81.67 -23.80 -16.24
CA ILE A 3980 81.36 -23.73 -14.81
C ILE A 3980 81.88 -22.41 -14.25
N PRO A 3981 81.29 -21.88 -13.19
CA PRO A 3981 81.88 -20.70 -12.54
C PRO A 3981 83.26 -21.01 -12.00
N ALA A 3982 84.13 -20.01 -12.05
CA ALA A 3982 85.52 -20.20 -11.67
C ALA A 3982 85.62 -20.65 -10.21
N ALA A 3983 86.45 -21.66 -9.96
CA ALA A 3983 86.78 -22.19 -8.64
C ALA A 3983 85.60 -22.86 -7.96
N SER A 3984 84.43 -22.93 -8.60
CA SER A 3984 83.29 -23.60 -7.99
C SER A 3984 83.45 -25.11 -7.97
N PHE A 3985 84.28 -25.66 -8.86
CA PHE A 3985 84.51 -27.09 -8.92
C PHE A 3985 85.69 -27.47 -8.06
N VAL A 3986 85.55 -28.58 -7.34
CA VAL A 3986 86.62 -29.15 -6.52
C VAL A 3986 86.78 -30.61 -6.90
N GLY A 3987 88.02 -31.07 -7.00
CA GLY A 3987 88.30 -32.44 -7.38
C GLY A 3987 87.46 -33.45 -6.63
N GLY A 3988 86.62 -34.18 -7.35
CA GLY A 3988 85.73 -35.16 -6.75
C GLY A 3988 84.29 -35.00 -7.19
N ASP A 3989 83.92 -33.77 -7.57
CA ASP A 3989 82.55 -33.51 -8.00
C ASP A 3989 82.29 -34.15 -9.36
N VAL A 3990 81.00 -34.30 -9.68
CA VAL A 3990 80.56 -35.02 -10.87
C VAL A 3990 79.53 -34.18 -11.60
N LEU A 3991 79.63 -34.17 -12.93
CA LEU A 3991 78.71 -33.43 -13.78
C LEU A 3991 77.43 -34.23 -14.01
N ASN A 3992 76.33 -33.52 -14.21
CA ASN A 3992 75.04 -34.16 -14.45
C ASN A 3992 74.18 -33.23 -15.30
N ILE A 3993 72.94 -33.66 -15.53
CA ILE A 3993 72.02 -32.97 -16.44
C ILE A 3993 70.82 -32.49 -15.63
N VAL A 3994 70.44 -31.24 -15.87
CA VAL A 3994 69.34 -30.62 -15.11
C VAL A 3994 68.05 -31.37 -15.38
N PRO A 3995 67.27 -31.74 -14.36
CA PRO A 3995 65.94 -32.28 -14.62
C PRO A 3995 65.08 -31.28 -15.38
N GLY A 3996 64.28 -31.80 -16.31
CA GLY A 3996 63.40 -30.95 -17.11
C GLY A 3996 64.07 -30.23 -18.24
N GLN A 3997 65.35 -30.52 -18.52
CA GLN A 3997 66.04 -29.85 -19.61
C GLN A 3997 65.46 -30.27 -20.96
N ARG A 3998 65.52 -29.35 -21.92
CA ARG A 3998 65.06 -29.65 -23.27
C ARG A 3998 65.96 -29.04 -24.34
N ALA A 3999 67.12 -28.50 -23.97
CA ALA A 3999 68.00 -27.86 -24.94
C ALA A 3999 68.90 -28.84 -25.67
N LEU A 4000 69.40 -29.85 -24.98
CA LEU A 4000 70.32 -30.82 -25.58
C LEU A 4000 69.52 -31.94 -26.22
N THR A 4001 69.81 -32.22 -27.48
CA THR A 4001 69.09 -33.24 -28.23
C THR A 4001 70.04 -33.91 -29.21
N LEU A 4002 69.62 -35.08 -29.70
CA LEU A 4002 70.39 -35.82 -30.69
C LEU A 4002 70.27 -35.13 -32.05
N ALA A 4003 70.81 -35.76 -33.09
CA ALA A 4003 70.76 -35.15 -34.41
C ALA A 4003 69.33 -34.96 -34.89
N ASP A 4004 68.46 -35.94 -34.63
CA ASP A 4004 67.07 -35.84 -35.10
C ASP A 4004 66.35 -34.65 -34.52
N GLY A 4005 66.82 -34.09 -33.41
CA GLY A 4005 66.21 -32.92 -32.82
C GLY A 4005 64.98 -33.20 -31.99
N THR A 4006 64.61 -34.47 -31.82
CA THR A 4006 63.43 -34.82 -31.04
C THR A 4006 63.73 -35.71 -29.84
N THR A 4007 64.97 -36.18 -29.68
CA THR A 4007 65.38 -36.97 -28.52
C THR A 4007 66.29 -36.12 -27.66
N ALA A 4008 66.07 -36.15 -26.34
CA ALA A 4008 66.76 -35.28 -25.40
C ALA A 4008 67.48 -36.09 -24.34
N TYR A 4009 68.66 -35.61 -23.93
CA TYR A 4009 69.43 -36.27 -22.90
C TYR A 4009 68.74 -36.15 -21.54
N VAL A 4010 69.23 -36.93 -20.59
CA VAL A 4010 68.68 -36.95 -19.23
C VAL A 4010 69.80 -37.24 -18.24
N PRO A 4011 69.62 -36.95 -16.95
CA PRO A 4011 70.69 -37.17 -15.98
C PRO A 4011 71.02 -38.65 -15.81
N SER A 4012 72.18 -38.89 -15.20
CA SER A 4012 72.67 -40.24 -14.91
C SER A 4012 72.84 -40.40 -13.40
N LYS A 4013 72.94 -41.65 -12.97
CA LYS A 4013 72.97 -41.94 -11.55
C LYS A 4013 74.17 -41.31 -10.87
N ALA A 4014 75.34 -41.40 -11.47
CA ALA A 4014 76.58 -40.92 -10.87
C ALA A 4014 77.28 -39.84 -11.69
N GLY A 4015 76.71 -39.43 -12.82
CA GLY A 4015 77.39 -38.44 -13.64
C GLY A 4015 78.72 -38.97 -14.10
N VAL A 4016 79.77 -38.17 -13.89
CA VAL A 4016 81.13 -38.55 -14.27
C VAL A 4016 82.08 -38.05 -13.19
N LEU A 4017 82.99 -38.93 -12.76
CA LEU A 4017 84.06 -38.53 -11.85
C LEU A 4017 85.12 -37.81 -12.68
N VAL A 4018 84.87 -36.52 -12.90
CA VAL A 4018 85.63 -35.76 -13.88
C VAL A 4018 87.12 -35.87 -13.57
N THR A 4019 87.91 -36.18 -14.59
CA THR A 4019 89.32 -36.45 -14.39
C THR A 4019 90.16 -35.22 -14.70
N PRO A 4020 91.35 -35.11 -14.11
CA PRO A 4020 92.22 -33.95 -14.37
C PRO A 4020 93.07 -34.12 -15.61
N ASN A 4021 93.18 -33.04 -16.37
CA ASN A 4021 94.09 -32.97 -17.52
C ASN A 4021 95.05 -31.80 -17.32
N ILE A 4022 96.35 -32.08 -17.41
CA ILE A 4022 97.35 -31.04 -17.23
C ILE A 4022 97.39 -30.13 -18.46
N VAL A 4023 97.76 -28.88 -18.24
CA VAL A 4023 97.79 -27.89 -19.31
C VAL A 4023 99.16 -27.92 -20.00
N SER A 4024 100.20 -27.62 -19.25
CA SER A 4024 101.56 -27.53 -19.80
C SER A 4024 102.52 -27.25 -18.65
N ALA A 4025 103.81 -27.17 -18.98
CA ALA A 4025 104.84 -26.78 -18.04
C ALA A 4025 105.70 -25.70 -18.67
N THR A 4026 106.25 -24.83 -17.83
CA THR A 4026 106.98 -23.65 -18.28
C THR A 4026 108.48 -23.83 -18.06
N LEU A 4027 109.25 -23.10 -18.84
CA LEU A 4027 110.71 -23.06 -18.71
C LEU A 4027 111.06 -22.23 -17.48
N THR A 4028 111.00 -22.88 -16.31
CA THR A 4028 111.32 -22.20 -15.07
C THR A 4028 112.82 -22.15 -14.83
N ASN A 4029 113.47 -23.30 -14.77
CA ASN A 4029 114.91 -23.37 -14.61
C ASN A 4029 115.39 -24.74 -15.10
N ALA A 4030 116.70 -24.93 -15.10
CA ALA A 4030 117.31 -26.05 -15.82
C ALA A 4030 117.14 -27.40 -15.12
N THR A 4031 116.80 -27.42 -13.83
CA THR A 4031 116.77 -28.67 -13.08
C THR A 4031 115.42 -28.98 -12.45
N ILE A 4032 114.55 -27.99 -12.26
CA ILE A 4032 113.25 -28.19 -11.61
C ILE A 4032 112.18 -27.57 -12.51
N VAL A 4033 111.11 -28.33 -12.74
CA VAL A 4033 110.02 -27.91 -13.62
C VAL A 4033 108.71 -28.00 -12.85
N THR A 4034 107.83 -27.05 -13.09
CA THR A 4034 106.50 -27.01 -12.48
C THR A 4034 105.46 -27.38 -13.52
N VAL A 4035 104.60 -28.34 -13.18
CA VAL A 4035 103.59 -28.86 -14.09
C VAL A 4035 102.24 -28.27 -13.74
N ALA A 4036 101.50 -27.83 -14.74
CA ALA A 4036 100.23 -27.14 -14.54
C ALA A 4036 99.14 -28.18 -14.33
N LEU A 4037 99.12 -28.72 -13.12
CA LEU A 4037 98.07 -29.66 -12.75
C LEU A 4037 96.74 -28.91 -12.61
N PRO A 4038 95.68 -29.36 -13.28
CA PRO A 4038 94.46 -28.53 -13.35
C PRO A 4038 93.84 -28.23 -11.99
N THR A 4039 93.92 -29.15 -11.03
CA THR A 4039 93.25 -28.97 -9.75
C THR A 4039 94.18 -29.48 -8.65
N ALA A 4040 93.71 -29.36 -7.41
CA ALA A 4040 94.49 -29.80 -6.27
C ALA A 4040 94.83 -31.28 -6.39
N SER A 4041 96.09 -31.63 -6.17
CA SER A 4041 96.55 -33.00 -6.25
C SER A 4041 97.82 -33.14 -5.43
N VAL A 4042 98.12 -34.38 -5.04
CA VAL A 4042 99.30 -34.68 -4.25
C VAL A 4042 99.75 -36.09 -4.57
N LEU A 4043 101.06 -36.32 -4.48
CA LEU A 4043 101.62 -37.63 -4.76
C LEU A 4043 101.52 -38.53 -3.54
N THR A 4044 100.98 -39.74 -3.74
CA THR A 4044 100.89 -40.70 -2.66
C THR A 4044 102.28 -41.09 -2.14
N SER A 4045 103.24 -41.28 -3.04
CA SER A 4045 104.61 -41.59 -2.68
C SER A 4045 105.54 -40.73 -3.52
N THR A 4046 106.74 -40.48 -2.98
CA THR A 4046 107.71 -39.62 -3.63
C THR A 4046 109.09 -40.28 -3.73
N ALA A 4047 109.15 -41.60 -3.71
CA ALA A 4047 110.43 -42.29 -3.89
C ALA A 4047 110.92 -42.12 -5.32
N ALA A 4048 112.23 -42.27 -5.50
CA ALA A 4048 112.82 -42.05 -6.82
C ALA A 4048 112.21 -43.00 -7.85
N ALA A 4049 112.07 -44.28 -7.50
CA ALA A 4049 111.47 -45.23 -8.43
C ALA A 4049 110.01 -44.89 -8.71
N ASP A 4050 109.29 -44.45 -7.68
CA ASP A 4050 107.87 -44.16 -7.85
C ASP A 4050 107.64 -42.96 -8.76
N CYS A 4051 108.52 -41.96 -8.70
CA CYS A 4051 108.33 -40.75 -9.51
C CYS A 4051 108.34 -41.07 -11.00
N ASN A 4052 109.28 -41.92 -11.43
CA ASN A 4052 109.42 -42.21 -12.85
C ASN A 4052 108.29 -43.07 -13.38
N ALA A 4053 107.55 -43.76 -12.51
CA ALA A 4053 106.45 -44.62 -12.94
C ALA A 4053 105.14 -43.86 -13.11
N ALA A 4054 105.12 -42.56 -12.85
CA ALA A 4054 103.88 -41.79 -12.91
C ALA A 4054 103.66 -41.11 -14.25
N VAL A 4055 104.73 -40.74 -14.95
CA VAL A 4055 104.61 -39.97 -16.18
C VAL A 4055 105.50 -40.59 -17.25
N VAL A 4056 105.16 -40.32 -18.52
CA VAL A 4056 105.95 -40.73 -19.68
C VAL A 4056 106.35 -39.48 -20.43
N ILE A 4057 107.66 -39.31 -20.64
CA ILE A 4057 108.21 -38.15 -21.32
C ILE A 4057 108.75 -38.60 -22.67
N ALA A 4058 108.29 -37.95 -23.74
CA ALA A 4058 108.66 -38.33 -25.10
C ALA A 4058 108.77 -37.08 -25.96
N ARG A 4059 109.35 -37.25 -27.14
CA ARG A 4059 109.50 -36.17 -28.10
C ARG A 4059 109.52 -36.77 -29.50
N ASN A 4060 108.57 -36.35 -30.34
CA ASN A 4060 108.45 -36.88 -31.70
C ASN A 4060 108.32 -38.40 -31.70
N GLY A 4061 107.57 -38.92 -30.73
CA GLY A 4061 107.27 -40.34 -30.69
C GLY A 4061 108.31 -41.21 -30.03
N SER A 4062 109.39 -40.63 -29.49
CA SER A 4062 110.45 -41.39 -28.84
C SER A 4062 110.44 -41.06 -27.35
N ALA A 4063 110.28 -42.10 -26.52
CA ALA A 4063 110.21 -41.92 -25.08
C ALA A 4063 111.60 -41.88 -24.46
N VAL A 4064 111.65 -41.45 -23.20
CA VAL A 4064 112.89 -41.34 -22.44
C VAL A 4064 112.72 -42.14 -21.15
N ALA A 4065 113.72 -42.97 -20.85
CA ALA A 4065 113.67 -43.84 -19.68
C ALA A 4065 114.21 -43.11 -18.46
N SER A 4066 113.48 -43.22 -17.35
CA SER A 4066 113.86 -42.59 -16.09
C SER A 4066 114.22 -41.12 -16.29
N PRO A 4067 113.32 -40.31 -16.85
CA PRO A 4067 113.64 -38.90 -17.12
C PRO A 4067 113.73 -38.04 -15.86
N LEU A 4068 113.50 -38.61 -14.67
CA LEU A 4068 113.47 -37.85 -13.45
C LEU A 4068 114.37 -38.51 -12.41
N SER A 4069 114.82 -37.71 -11.44
CA SER A 4069 115.55 -38.20 -10.28
C SER A 4069 114.75 -38.09 -8.99
N ALA A 4070 113.76 -37.20 -8.94
CA ALA A 4070 112.91 -37.05 -7.76
C ALA A 4070 111.62 -36.38 -8.20
N CYS A 4071 110.68 -36.26 -7.26
CA CYS A 4071 109.42 -35.58 -7.52
C CYS A 4071 108.88 -35.02 -6.22
N ALA A 4072 107.98 -34.03 -6.36
CA ALA A 4072 107.38 -33.36 -5.22
C ALA A 4072 106.14 -32.63 -5.70
N VAL A 4073 105.52 -31.85 -4.81
CA VAL A 4073 104.33 -31.08 -5.13
C VAL A 4073 104.44 -29.71 -4.45
N SER A 4074 103.75 -28.73 -5.03
CA SER A 4074 103.73 -27.40 -4.45
C SER A 4074 102.95 -27.39 -3.15
N ALA A 4075 103.16 -26.34 -2.35
CA ALA A 4075 102.50 -26.24 -1.05
C ALA A 4075 100.98 -26.22 -1.22
N ASP A 4076 100.48 -25.45 -2.18
CA ASP A 4076 99.04 -25.37 -2.41
C ASP A 4076 98.50 -26.56 -3.20
N GLY A 4077 99.37 -27.38 -3.79
CA GLY A 4077 98.93 -28.55 -4.52
C GLY A 4077 98.36 -28.29 -5.89
N LEU A 4078 98.46 -27.06 -6.40
CA LEU A 4078 97.93 -26.71 -7.71
C LEU A 4078 98.90 -26.99 -8.84
N SER A 4079 100.12 -27.41 -8.54
CA SER A 4079 101.10 -27.72 -9.57
C SER A 4079 102.05 -28.80 -9.04
N LEU A 4080 102.70 -29.49 -9.97
CA LEU A 4080 103.72 -30.47 -9.63
C LEU A 4080 105.08 -29.80 -9.54
N THR A 4081 106.03 -30.51 -8.92
CA THR A 4081 107.40 -30.05 -8.79
C THR A 4081 108.31 -31.25 -9.07
N LEU A 4082 108.68 -31.43 -10.33
CA LEU A 4082 109.47 -32.58 -10.76
C LEU A 4082 110.95 -32.22 -10.78
N THR A 4083 111.78 -33.18 -10.38
CA THR A 4083 113.22 -33.05 -10.46
C THR A 4083 113.72 -33.81 -11.68
N ALA A 4084 114.48 -33.11 -12.53
CA ALA A 4084 114.90 -33.66 -13.80
C ALA A 4084 116.06 -34.63 -13.63
N ALA A 4085 116.34 -35.38 -14.69
CA ALA A 4085 117.51 -36.23 -14.74
C ALA A 4085 118.72 -35.42 -15.18
N ALA A 4086 119.89 -36.07 -15.17
CA ALA A 4086 121.14 -35.42 -15.51
C ALA A 4086 121.53 -35.62 -16.97
N THR A 4087 120.65 -36.22 -17.78
CA THR A 4087 120.97 -36.58 -19.16
C THR A 4087 120.49 -35.56 -20.18
N TYR A 4088 119.91 -34.44 -19.74
CA TYR A 4088 119.40 -33.45 -20.69
C TYR A 4088 119.47 -32.07 -20.07
N LYS A 4089 119.36 -31.05 -20.92
CA LYS A 4089 119.46 -29.66 -20.54
C LYS A 4089 118.32 -28.89 -21.20
N PRO A 4090 117.95 -27.72 -20.65
CA PRO A 4090 116.80 -26.98 -21.20
C PRO A 4090 117.14 -26.32 -22.53
N MET A 4091 116.31 -26.59 -23.55
CA MET A 4091 116.49 -25.97 -24.85
C MET A 4091 115.14 -25.60 -25.48
N ALA A 4092 114.10 -25.43 -24.66
CA ALA A 4092 112.82 -24.79 -24.99
C ALA A 4092 111.79 -25.67 -25.69
N GLY A 4093 111.98 -26.98 -25.77
CA GLY A 4093 110.95 -27.84 -26.32
C GLY A 4093 110.84 -29.18 -25.62
N ASP A 4094 109.64 -29.71 -25.48
CA ASP A 4094 109.40 -31.02 -24.87
C ASP A 4094 107.89 -31.29 -24.86
N THR A 4095 107.53 -32.52 -24.49
CA THR A 4095 106.16 -32.90 -24.24
C THR A 4095 106.13 -33.97 -23.15
N VAL A 4096 104.98 -34.11 -22.50
CA VAL A 4096 104.84 -35.03 -21.37
C VAL A 4096 103.39 -35.49 -21.27
N ASP A 4097 103.21 -36.70 -20.74
CA ASP A 4097 101.88 -37.25 -20.47
C ASP A 4097 101.99 -38.11 -19.21
N VAL A 4098 100.90 -38.80 -18.87
CA VAL A 4098 100.85 -39.66 -17.70
C VAL A 4098 100.73 -41.11 -18.15
N ALA A 4099 101.33 -42.01 -17.38
CA ALA A 4099 101.31 -43.42 -17.71
C ALA A 4099 99.90 -43.98 -17.60
N VAL A 4100 99.61 -44.96 -18.45
CA VAL A 4100 98.26 -45.52 -18.52
C VAL A 4100 97.92 -46.22 -17.22
N SER A 4101 96.75 -45.91 -16.66
CA SER A 4101 96.23 -46.58 -15.48
C SER A 4101 97.16 -46.44 -14.28
N GLN A 4102 97.94 -45.37 -14.24
CA GLN A 4102 98.80 -45.12 -13.09
C GLN A 4102 97.97 -44.61 -11.92
N THR A 4103 98.47 -44.87 -10.71
CA THR A 4103 97.78 -44.47 -9.48
C THR A 4103 98.68 -43.69 -8.54
N VAL A 4104 99.91 -43.37 -8.94
CA VAL A 4104 100.81 -42.65 -8.05
C VAL A 4104 100.27 -41.25 -7.75
N LEU A 4105 99.78 -40.55 -8.78
CA LEU A 4105 99.27 -39.19 -8.65
C LEU A 4105 97.75 -39.22 -8.69
N ARG A 4106 97.12 -38.57 -7.72
CA ARG A 4106 95.66 -38.53 -7.61
C ARG A 4106 95.20 -37.10 -7.38
N ALA A 4107 94.21 -36.68 -8.16
CA ALA A 4107 93.56 -35.40 -7.93
C ALA A 4107 92.55 -35.51 -6.78
N GLY A 4108 92.10 -34.35 -6.30
CA GLY A 4108 91.27 -34.31 -5.12
C GLY A 4108 92.12 -34.38 -3.87
N SER A 4109 92.86 -35.47 -3.73
CA SER A 4109 93.82 -35.65 -2.64
C SER A 4109 94.66 -36.88 -2.97
N ALA A 4110 95.49 -37.30 -2.01
CA ALA A 4110 96.23 -38.55 -2.15
C ALA A 4110 95.30 -39.76 -2.17
N THR A 4111 94.03 -39.58 -1.78
CA THR A 4111 93.04 -40.65 -1.82
C THR A 4111 91.90 -40.35 -2.77
N GLY A 4112 92.01 -39.31 -3.59
CA GLY A 4112 90.96 -38.94 -4.51
C GLY A 4112 91.08 -39.67 -5.84
N PRO A 4113 90.26 -39.27 -6.82
CA PRO A 4113 90.33 -39.91 -8.13
C PRO A 4113 91.70 -39.74 -8.76
N ALA A 4114 92.12 -40.75 -9.50
CA ALA A 4114 93.47 -40.81 -10.06
C ALA A 4114 93.52 -40.13 -11.43
N TYR A 4115 94.74 -39.78 -11.84
CA TYR A 4115 94.96 -39.18 -13.14
C TYR A 4115 94.83 -40.23 -14.25
N VAL A 4116 94.51 -39.77 -15.45
CA VAL A 4116 94.41 -40.64 -16.62
C VAL A 4116 95.05 -39.95 -17.82
N PRO A 4117 95.44 -40.73 -18.82
CA PRO A 4117 96.11 -40.12 -19.99
C PRO A 4117 95.25 -39.08 -20.67
N ARG A 4118 95.88 -38.00 -21.11
CA ARG A 4118 95.22 -37.02 -21.94
C ARG A 4118 95.00 -37.57 -23.34
N PRO A 4119 94.11 -36.95 -24.11
CA PRO A 4119 93.99 -37.35 -25.53
C PRO A 4119 95.31 -37.28 -26.26
N SER A 4120 96.13 -36.28 -25.96
CA SER A 4120 97.47 -36.14 -26.49
C SER A 4120 98.37 -35.57 -25.40
N PRO A 4121 99.67 -35.80 -25.49
CA PRO A 4121 100.58 -35.26 -24.47
C PRO A 4121 100.51 -33.74 -24.40
N ALA A 4122 100.64 -33.21 -23.17
CA ALA A 4122 100.68 -31.78 -22.97
C ALA A 4122 102.07 -31.24 -23.31
N LEU A 4123 102.12 -29.93 -23.54
CA LEU A 4123 103.36 -29.29 -23.98
C LEU A 4123 104.22 -28.89 -22.79
N ILE A 4124 105.53 -29.04 -22.97
CA ILE A 4124 106.53 -28.53 -22.02
C ILE A 4124 107.62 -27.84 -22.84
N THR A 4125 107.96 -26.61 -22.47
CA THR A 4125 108.92 -25.81 -23.22
C THR A 4125 110.33 -25.96 -22.66
N VAL A 4126 110.83 -27.19 -22.53
CA VAL A 4126 112.16 -27.40 -21.95
C VAL A 4126 113.08 -28.40 -22.67
N PRO A 4127 113.32 -29.65 -22.17
CA PRO A 4127 114.48 -30.38 -22.73
C PRO A 4127 114.29 -31.19 -24.03
N SER A 4128 114.33 -30.51 -25.17
CA SER A 4128 114.40 -31.17 -26.47
C SER A 4128 114.60 -30.16 -27.59
N PRO A 4129 115.28 -30.53 -28.69
CA PRO A 4129 115.41 -29.63 -29.84
C PRO A 4129 114.06 -29.23 -30.44
#